data_7OTV
#
_entry.id   7OTV
#
loop_
_entity.id
_entity.type
_entity.pdbx_description
1 polymer 'DNA-dependent protein kinase catalytic subunit,DNA-dependent protein kinase catalytic subunit,DNA-PKcs'
2 non-polymer '(1S,6BR,9AS,11R,11BR)-9A,11B-DIMETHYL-1-[(METHYLOXY)METHYL]-3,6,9-TRIOXO-1,6,6B,7,8,9,9A,10,11,11B-DECAHYDRO-3H-FURO[4, 3,2-DE]INDENO[4,5-H][2]BENZOPYRAN-11-YL ACETATE'
#
_entity_poly.entity_id   1
_entity_poly.type   'polypeptide(L)'
_entity_poly.pdbx_seq_one_letter_code
;MAGSGAGVRCSLLRLQETLSAADRCGAALAGHQLIRGLGQECVLSSSPAVLALQTSLVFSRDFGLLVFVRKSLNSIEFRE
CREEILKFLCIFLEKMGQKIAPYSVEIKNTCTSVYTKDRAAKCKIPALDLLIKLLQTFRSSRLMDEFKIGELFSKFYGEL
ALKKKIPDTVLEKVYELLGLLGEVHPSEMINNAENLFRAFLGELKTQMTSAVREPKLPVLAGCLKGLSSLLCNFTKSMEE
DPQTSREIFNFVLKAIRPQIDLKRYAVPSAGLRLFALHASQFSTCLLDNYVSLFEVLLKWCAHTNVELKKAALSALESFL
KQVSNMVAKNAEMHKNKLQYFMEQFYGIIRNVDSNNKELSIAIRGYGLFAGPCKVINAKDVDFMYVELIQRCKQMFLTQT
DTGDDRVYQMPSFLQSVASVLLYLDTVPEVYTPVLEHLVVMQIDSFPQYSPKMQLVCCRAIVKVFLALAAKGPVLRNCIS
TVVHQGLIRICSKPVVLPKGPESESEDHRASGEVRTGKWKVPTYKDYVDLFRHLLSSDQMMDSILADEAFFSVNSSSESL
NHLLYDEFVKSVLKIVEKLDLTLEIQTVGEQENGDEAPGVWMIPTSDPAANLHPAKPKDFSAFINLVEFCREILPEKQAE
FFEPWVYSFSYELILQSTRLPLISGFYKLLSITVRNAKKIKYFEGVSPKSLKHSPEDPEKYSCFALFVKFGKEVAVKMKQ
YKDELLASCLTFLLSLPHNIIELDVRAYVPALQMAFKLGLSYTPLAEVGLNALEEWSIYIDRHVMQPYYKDILPCLDGYL
KTSALSDETKNNWEVSALSRAAQKGFNKVVLKHLKKTKNLSSNEAISLEEIRIRVVQMLGSLGGQINKNLLTVTSSDEMM
KSYVAWDREKRLSFAVPFREMKPVIFLDVFLPRVTELALTASDRQTKVAACELLHSMVMFMLGKATQMPEGGQGAPPMYQ
LYKRTFPVLLRLACDVDQVTRQLYEPLVMQLIHWFTNNKKFESQDTVALLEAILDGIVDPVDSTLRDFCGRCIREFLKWS
IKQITPQQQEKSPVNTKSLFKRLYSLALHPNAFKRLGASLAFNNIYREFREEESLVEQFVFEALVIYMESLALAHADEKS
LGTIQQCCDAIDHLCRIIEKKHVSLNKAKKRRLPRGFPPSASLCLLDLVKWLLAHCGRPQTECRHKSIELFYKFVPLLPG
NRSPNLWLKDVLKEEGVSFLINTFEGGGCGQPSGILAQPTLLYLRGPFSLQATLCWLDLLLAALECYNTFIGERTVGALQ
VLGTEAQSSLLKAVAFFLESIAMHDIIAAEKCFGTGAAGNRTSPQEGERYNYSKCTVVVRIMEFTTTLLNTSPEGWKLLK
KDLCNTHLMRVLVQTLCEPASIGFNIGDVQVMAHLPDVCVNLMKALKMSPYKDILETHLREKITAQSIEELCAVNLYGPD
AQVDRSRLAAVVSACKQLHRAGLLHNILPSQSTDLHHSVGTELLSLVYKGIAPGDERQCLPSLDLSCKQLASGLLELAFA
FGGLCERLVSLLLNPAVLSTASLGSSQGSVIHFSHGEYFYSLFSETINTELLKNLDLAVLELMQSSVDNTKMVSAVLNGM
LDQSFRERANQKHQGLKLATTILQHWKKCDSWWAKDSPLETKMAVLALLAKILQIDSSVSFNTSHGSFPEVFTTYISLLA
DTKLDLHLKGQAVTLLPFFTSLTGGSLEELRRVLEQLIVAHFPMQSREFPPGTPRFNNYVDCMKKFLDALELSQSPMLLE
LMTEVLCREQQHVMEELFQSSFRRIARRGSCVTQVGLLESVYEMFRKDDPRLSFTRQSFVDRSLLTLLWHCSLDALREFF
STIVVDAIDVLKSRFTKLNESTFDTQITKKMGYYKILDVMYSRLPKDDVHAKESKINQVFHGSCITEGNELTKTLIKLCY
DAFTENMAGENQLLERRRLYHCAAYNCAISVICCVFNELKFYQGFLFSEKPEKNLLIFENLIDLKRRYNFPVEVEVPMER
KKKYIEIRKEAREAANGDSDGPSYMSSLSYLADSTLSEEMSQFDFSTGVQSYSYSSQDPRPATGRFRRREQRDPTVHDDV
LELEMDELNRHECMAPLTALVKHMHRSLGPPQGEEDSVPRDLPSWMKFLHGKLGNPIVPLNIRLFLAKLVINTEEVFRPY
AKHWLSPLLQLAASENNGGEGIHYMVVEIVATILSWTGLATPTGVPKDEVLANRLLNFLMKHVFHPKRAVFRHNLEIIKT
LVECWKDCLSIPYRLIFEKFSGKDPNSKDNSVGIQLLGIVMANDLPPYDPQCGIQSSEYFQALVNNMSFVRYKEVYAAAA
EVLGLILRYVMERKNILEESLCELVAKQLKQHQNTMEDKFIVCLNKVTKSFPPLADRFMNAVFFLLPKFHGVLKTLCLEV
VLCRVEGMTELYFQLKSKDFVQVMRHRDDERQKVCLDIIYKMMPKLKPVELRELLNPVVEFVSHPSTTCREQMYNILMWI
HDNYRDPESETDNDSQEIFKLAKDVLIQGLIDENPGLQLIIRNFWSHETRLPSNTLDRLLALNSLYSPKIEVHFLSLATN
FLLEMTSMSPDYPNPMFEHPLSECEFQEYTIDSDWRFRSTVLTPMFVETQASQGTLQTRTQEGSLSARWPVAGQIRATQQ
QHDFTLTQTADGRSSFDWLTGSSTDPLVDHTSPSSDSLLFAHKRSERLQRAPLKSVGPDFGKKRLGLPGDEVDNKVKGAA
GRTDLLRLRRRFMRDQEKLSLMYARKGVAEQKREKEIKSELKMKQDAQVVLYRSYRHGDLPDIQIKHSSLITPLQAVAQR
DPIIAKQLFSSLFSGILKEMDKFKTLSEKNNITQKLLQDFNRFLNTTFSFFPPFVSCIQDISCQHAALLSLDPAAVSAGC
LASLQQPVGIRLLEEALLRLLPAELPAKRVRGKARLPPDVLRWVELAKLYRSIGEYDVLRGIFTSEIGTKQITQSALLAE
ARSDYSEAAKQYDEALNKQDWVDGEPTEAEKDFWELASLDCYNHLAEWKSLEYCSTASIDSENPPDLNKIWSEPFYQETY
LPYMIRSKLKLLLQGEADQSLLTFIDKAMHGELQKAILELHYSQELSLLYLLQDDVDRAKYYIQNGIQSFMQNYSSIDVL
LHQSRLTKLQSVQALTEIQEFISFISKQGNLSSQVPLKRLLNTWTNRYPDAKMDPMNIWDDIITNRCFFLSKIEEKLTPL
PEDNSMNVDQDGDPSDRMEVQEQEEDISSLIRSCKFSMKMKMIDSARKQNNFSLAMKLLKELHKESKTRDDWLVSWVQSY
CRLSHCRSRSQGCSEQVLTVLKTVSLLDENNVSSYLSKNILAFRDQNILLGTTYRIIANALSSEPACLAEIEEDKARRIL
ELSGSSSEDSEKVIAGLYQRAFQHLSEAVQAAEEEAQPPSWSCGPAAGVIDAYMTLADFCDQQLRKEEENASVIDSAELQ
AYPALVVEKMLKALKLNSNEARLKFPRLLQIIERYPEETLSLMTKEISSVPCWQFISWISHMVALLDKDQAVAVQHSVEE
ITDNYPQAIVYPFIISSESYSFKDTSTGHKNKEFVARIKSKLDQGGVIQDFINALDQLSNPELLFKDWSNDVRAELAKTP
VNKKNIEKMYERMYAALGDPKAPGLGAFRRKFIQTFGKEFDKHFGKGGSKLLRMKLSDFNDITNMLLLKMNKDSKPPGNL
KECSPWMSDFKVEFLRNELEIPGQYDGRGKPLPEYHVRIAGFDERVTVMASLRRPKRIIIRGHDEREHPFLVKGGEDLRQ
DQRVEQLFQVMNGILAQDSACSQRALQLRTYSVVPMTSRLGLIEWLENTVTLKDLLLNTMSQEEKAAYLSDPRAPPCEYK
DWLTKMSGKHDVGAYMLMYKGANRTETVTSFRKRESKVPADLLKRAFVRMSTSPEAFLALRSHFASSHALICISHWILGI
GDRHLNNFMVAMETGGVIGIDFGHAFGSATQFLPVPELMPFRLTRQFINLMLPMKETGLMYSIMVHALRAFRSDPGLLTN
TMDVFVKEPSFDWKNFEQKMLKKGGSWIQEINVAEKNWYPRQKICYAKRKLAGANPAVITCDELLLGHEKAPAFRDYVAV
ARGSKDHNIRAQEPESGLSEETQVKCLMDQATDPNILGRTWEGWEPWM(UNK)(UNK)(UNK)(UNK)(UNK)(UNK)
(UNK)(UNK)(UNK)(UNK)(UNK)(UNK)(UNK)(UNK)(UNK)(UNK)(UNK)(UNK)(UNK)(UNK)
;
_entity_poly.pdbx_strand_id   A
#
# COMPACT_ATOMS: atom_id res chain seq x y z
N ARG A 9 -11.83 -39.68 14.49
CA ARG A 9 -11.11 -40.94 14.27
C ARG A 9 -12.00 -41.94 13.54
N CYS A 10 -11.39 -42.74 12.67
CA CYS A 10 -12.11 -43.76 11.92
C CYS A 10 -12.14 -45.11 12.64
N SER A 11 -11.51 -45.21 13.82
CA SER A 11 -11.52 -46.46 14.55
C SER A 11 -12.85 -46.67 15.25
N LEU A 12 -13.22 -45.77 16.17
CA LEU A 12 -14.51 -45.89 16.85
C LEU A 12 -15.65 -45.79 15.85
N LEU A 13 -15.45 -45.03 14.77
CA LEU A 13 -16.47 -44.81 13.75
C LEU A 13 -17.10 -46.11 13.27
N ARG A 14 -16.38 -47.22 13.37
CA ARG A 14 -16.93 -48.52 13.08
C ARG A 14 -16.82 -49.50 14.23
N LEU A 15 -15.99 -49.21 15.24
CA LEU A 15 -15.98 -50.04 16.44
C LEU A 15 -17.34 -49.99 17.14
N GLN A 16 -17.98 -48.82 17.13
CA GLN A 16 -19.32 -48.73 17.69
C GLN A 16 -20.29 -49.66 16.96
N GLU A 17 -20.21 -49.71 15.63
CA GLU A 17 -21.07 -50.61 14.86
C GLU A 17 -20.73 -52.07 15.15
N THR A 18 -19.43 -52.38 15.26
CA THR A 18 -19.05 -53.76 15.56
C THR A 18 -19.60 -54.20 16.90
N LEU A 19 -19.54 -53.34 17.91
CA LEU A 19 -20.10 -53.73 19.21
C LEU A 19 -21.62 -53.77 19.17
N SER A 20 -22.25 -52.87 18.42
CA SER A 20 -23.70 -52.88 18.31
C SER A 20 -24.20 -54.12 17.59
N ALA A 21 -23.35 -54.72 16.76
CA ALA A 21 -23.68 -56.01 16.17
C ALA A 21 -23.31 -57.17 17.08
N ALA A 22 -22.22 -57.01 17.85
CA ALA A 22 -21.74 -58.11 18.69
C ALA A 22 -22.67 -58.38 19.86
N ASP A 23 -23.16 -57.34 20.52
CA ASP A 23 -24.11 -57.54 21.60
C ASP A 23 -25.41 -58.15 21.09
N ARG A 24 -25.74 -57.95 19.81
CA ARG A 24 -26.93 -58.56 19.22
C ARG A 24 -26.81 -60.07 19.09
N CYS A 25 -25.60 -60.61 19.16
CA CYS A 25 -25.39 -62.06 19.05
C CYS A 25 -25.73 -62.68 20.41
N GLY A 26 -27.03 -62.94 20.60
CA GLY A 26 -27.49 -63.52 21.85
C GLY A 26 -27.40 -62.51 22.99
N ALA A 27 -27.48 -63.05 24.20
CA ALA A 27 -27.37 -62.25 25.42
C ALA A 27 -26.18 -62.63 26.27
N ALA A 28 -26.00 -63.93 26.55
CA ALA A 28 -24.86 -64.37 27.34
C ALA A 28 -23.57 -64.17 26.56
N LEU A 29 -22.55 -63.64 27.24
CA LEU A 29 -21.21 -63.44 26.68
C LEU A 29 -21.21 -62.45 25.53
N ALA A 30 -22.38 -61.89 25.20
CA ALA A 30 -22.41 -60.86 24.16
C ALA A 30 -21.71 -59.59 24.62
N GLY A 31 -21.77 -59.29 25.91
CA GLY A 31 -21.07 -58.16 26.48
C GLY A 31 -20.45 -58.51 27.82
N HIS A 32 -20.07 -59.78 28.00
CA HIS A 32 -19.53 -60.22 29.27
C HIS A 32 -18.21 -59.51 29.58
N GLN A 33 -17.31 -59.45 28.60
CA GLN A 33 -16.05 -58.74 28.75
C GLN A 33 -16.02 -57.43 27.98
N LEU A 34 -16.99 -57.21 27.08
CA LEU A 34 -17.03 -56.01 26.25
C LEU A 34 -17.16 -54.73 27.07
N ILE A 35 -17.28 -54.82 28.39
CA ILE A 35 -17.16 -53.63 29.22
C ILE A 35 -15.84 -52.93 28.93
N ARG A 36 -14.76 -53.71 28.80
CA ARG A 36 -13.49 -53.13 28.38
C ARG A 36 -13.62 -52.49 27.01
N GLY A 37 -14.32 -53.15 26.09
CA GLY A 37 -14.60 -52.53 24.80
C GLY A 37 -15.32 -51.20 24.96
N LEU A 38 -16.19 -51.10 25.96
CA LEU A 38 -16.75 -49.79 26.31
C LEU A 38 -15.70 -48.92 26.96
N GLY A 39 -14.98 -49.47 27.94
CA GLY A 39 -14.04 -48.65 28.70
C GLY A 39 -12.94 -48.06 27.84
N GLN A 40 -12.29 -48.91 27.03
CA GLN A 40 -11.27 -48.41 26.12
C GLN A 40 -11.86 -47.49 25.06
N GLU A 41 -13.18 -47.50 24.89
CA GLU A 41 -13.82 -46.52 24.03
C GLU A 41 -13.61 -45.11 24.59
N CYS A 42 -13.78 -44.95 25.91
CA CYS A 42 -13.78 -43.60 26.49
C CYS A 42 -12.44 -42.91 26.27
N VAL A 43 -11.35 -43.61 26.56
CA VAL A 43 -10.03 -43.02 26.36
C VAL A 43 -9.79 -42.75 24.89
N LEU A 44 -10.45 -43.51 24.01
CA LEU A 44 -10.26 -43.28 22.58
C LEU A 44 -10.97 -42.00 22.14
N SER A 45 -12.11 -41.70 22.75
CA SER A 45 -12.83 -40.45 22.47
C SER A 45 -12.40 -39.34 23.42
N SER A 46 -11.10 -39.09 23.49
CA SER A 46 -10.54 -38.01 24.30
C SER A 46 -9.45 -37.34 23.46
N SER A 47 -9.84 -36.30 22.70
CA SER A 47 -8.96 -35.61 21.79
C SER A 47 -9.24 -34.12 21.87
N PRO A 48 -8.22 -33.30 22.11
CA PRO A 48 -8.46 -31.85 22.27
C PRO A 48 -8.70 -31.12 20.96
N ALA A 49 -8.44 -31.75 19.81
CA ALA A 49 -8.63 -31.08 18.53
C ALA A 49 -10.12 -30.93 18.23
N VAL A 50 -10.71 -29.80 18.61
CA VAL A 50 -12.15 -29.62 18.48
C VAL A 50 -12.58 -29.68 17.02
N LEU A 51 -11.70 -29.28 16.09
CA LEU A 51 -12.01 -29.43 14.68
C LEU A 51 -12.12 -30.90 14.28
N ALA A 52 -11.28 -31.76 14.84
CA ALA A 52 -11.39 -33.19 14.58
C ALA A 52 -12.66 -33.78 15.16
N LEU A 53 -13.26 -33.11 16.14
CA LEU A 53 -14.50 -33.59 16.75
C LEU A 53 -15.71 -33.44 15.84
N GLN A 54 -15.58 -32.73 14.71
CA GLN A 54 -16.74 -32.54 13.84
C GLN A 54 -17.29 -33.86 13.34
N THR A 55 -16.41 -34.79 12.96
CA THR A 55 -16.88 -36.12 12.59
C THR A 55 -17.44 -36.88 13.79
N SER A 56 -17.13 -36.45 15.00
CA SER A 56 -17.70 -37.07 16.19
C SER A 56 -19.08 -36.52 16.54
N LEU A 57 -19.49 -35.40 15.93
CA LEU A 57 -20.82 -34.85 16.18
C LEU A 57 -21.90 -35.79 15.63
N VAL A 58 -21.65 -36.40 14.47
CA VAL A 58 -22.67 -37.24 13.84
C VAL A 58 -22.98 -38.47 14.68
N PHE A 59 -22.05 -38.93 15.51
CA PHE A 59 -22.27 -40.13 16.30
C PHE A 59 -23.37 -39.95 17.34
N SER A 60 -23.73 -38.71 17.66
CA SER A 60 -24.70 -38.45 18.73
C SER A 60 -25.98 -39.24 18.50
N ARG A 61 -26.70 -38.93 17.42
CA ARG A 61 -27.87 -39.73 17.07
C ARG A 61 -27.48 -41.17 16.80
N ASP A 62 -26.28 -41.40 16.26
CA ASP A 62 -25.82 -42.77 16.03
C ASP A 62 -25.55 -43.51 17.33
N PHE A 63 -25.47 -42.80 18.45
CA PHE A 63 -25.43 -43.46 19.75
C PHE A 63 -26.80 -43.92 20.21
N GLY A 64 -27.87 -43.32 19.70
CA GLY A 64 -29.21 -43.73 20.08
C GLY A 64 -29.53 -45.15 19.71
N LEU A 65 -29.15 -45.56 18.49
CA LEU A 65 -29.33 -46.95 18.11
C LEU A 65 -28.55 -47.89 19.03
N LEU A 66 -27.54 -47.38 19.72
CA LEU A 66 -26.81 -48.20 20.68
C LEU A 66 -27.65 -48.55 21.90
N VAL A 67 -28.61 -47.69 22.25
CA VAL A 67 -29.34 -47.85 23.51
C VAL A 67 -30.73 -48.45 23.34
N PHE A 68 -31.32 -48.35 22.14
CA PHE A 68 -32.66 -48.91 21.95
C PHE A 68 -32.65 -50.44 22.07
N VAL A 69 -31.57 -51.09 21.63
CA VAL A 69 -31.43 -52.52 21.86
C VAL A 69 -31.40 -52.81 23.36
N ARG A 70 -30.89 -51.87 24.14
CA ARG A 70 -30.89 -51.98 25.60
C ARG A 70 -32.21 -51.54 26.23
N LYS A 71 -33.18 -51.12 25.41
CA LYS A 71 -34.49 -50.77 25.96
C LYS A 71 -35.15 -51.95 26.65
N SER A 72 -35.07 -53.13 26.04
CA SER A 72 -35.68 -54.34 26.57
C SER A 72 -34.66 -55.31 27.13
N LEU A 73 -33.63 -55.65 26.37
CA LEU A 73 -32.66 -56.65 26.79
C LEU A 73 -31.73 -56.06 27.84
N ASN A 74 -31.77 -56.63 29.05
CA ASN A 74 -30.87 -56.21 30.12
C ASN A 74 -30.85 -57.33 31.16
N SER A 75 -29.67 -57.85 31.45
CA SER A 75 -29.50 -58.96 32.37
C SER A 75 -28.67 -58.52 33.57
N ILE A 76 -28.33 -59.48 34.43
CA ILE A 76 -27.54 -59.18 35.62
C ILE A 76 -26.13 -58.74 35.23
N GLU A 77 -25.48 -59.50 34.34
CA GLU A 77 -24.14 -59.13 33.89
C GLU A 77 -24.16 -58.10 32.77
N PHE A 78 -25.32 -57.88 32.16
CA PHE A 78 -25.42 -56.95 31.04
C PHE A 78 -25.49 -55.50 31.48
N ARG A 79 -25.73 -55.25 32.77
CA ARG A 79 -25.82 -53.87 33.26
C ARG A 79 -24.46 -53.21 33.38
N GLU A 80 -23.37 -53.99 33.49
CA GLU A 80 -22.05 -53.40 33.59
C GLU A 80 -21.70 -52.62 32.32
N CYS A 81 -21.91 -53.23 31.16
CA CYS A 81 -21.84 -52.47 29.91
C CYS A 81 -22.83 -51.30 29.94
N ARG A 82 -23.99 -51.51 30.57
CA ARG A 82 -24.96 -50.45 30.71
C ARG A 82 -24.46 -49.31 31.59
N GLU A 83 -23.47 -49.56 32.44
CA GLU A 83 -23.04 -48.53 33.36
C GLU A 83 -22.15 -47.50 32.67
N GLU A 84 -21.00 -47.93 32.17
CA GLU A 84 -20.02 -47.00 31.64
C GLU A 84 -20.58 -46.19 30.48
N ILE A 85 -21.36 -46.83 29.61
CA ILE A 85 -21.92 -46.11 28.46
C ILE A 85 -22.71 -44.90 28.94
N LEU A 86 -23.39 -45.01 30.08
CA LEU A 86 -24.08 -43.85 30.62
C LEU A 86 -23.09 -42.84 31.17
N LYS A 87 -22.13 -43.30 31.98
CA LYS A 87 -21.16 -42.38 32.57
C LYS A 87 -20.35 -41.68 31.50
N PHE A 88 -19.89 -42.43 30.50
CA PHE A 88 -19.27 -41.84 29.32
C PHE A 88 -20.19 -40.79 28.71
N LEU A 89 -21.47 -41.15 28.52
CA LEU A 89 -22.42 -40.21 27.94
C LEU A 89 -22.47 -38.92 28.73
N CYS A 90 -22.18 -38.97 30.03
CA CYS A 90 -22.03 -37.74 30.81
C CYS A 90 -20.71 -37.07 30.48
N ILE A 91 -19.60 -37.77 30.69
CA ILE A 91 -18.28 -37.16 30.55
C ILE A 91 -18.05 -36.71 29.12
N PHE A 92 -18.31 -37.60 28.16
CA PHE A 92 -18.20 -37.23 26.75
C PHE A 92 -19.13 -36.09 26.39
N LEU A 93 -20.23 -35.91 27.13
CA LEU A 93 -21.06 -34.73 26.95
C LEU A 93 -20.23 -33.47 27.23
N GLU A 94 -19.57 -33.42 28.38
CA GLU A 94 -18.90 -32.19 28.79
C GLU A 94 -17.70 -31.87 27.89
N LYS A 95 -16.98 -32.88 27.42
CA LYS A 95 -15.90 -32.62 26.49
C LYS A 95 -16.41 -31.98 25.21
N MET A 96 -17.70 -32.14 24.90
CA MET A 96 -18.35 -31.35 23.88
C MET A 96 -19.21 -30.23 24.46
N GLY A 97 -19.87 -30.48 25.59
CA GLY A 97 -20.70 -29.48 26.21
C GLY A 97 -21.88 -29.10 25.34
N GLN A 98 -21.86 -27.86 24.82
CA GLN A 98 -22.93 -27.33 24.00
C GLN A 98 -22.50 -27.12 22.55
N LYS A 99 -21.75 -28.06 21.98
CA LYS A 99 -21.46 -28.01 20.55
C LYS A 99 -22.76 -27.95 19.75
N ILE A 100 -23.57 -29.00 19.87
CA ILE A 100 -24.91 -29.04 19.29
C ILE A 100 -25.82 -29.76 20.26
N ALA A 101 -27.11 -29.47 20.17
CA ALA A 101 -28.14 -30.17 20.95
C ALA A 101 -29.33 -30.52 20.07
N PRO A 102 -29.15 -31.42 19.09
CA PRO A 102 -30.31 -32.04 18.44
C PRO A 102 -30.67 -33.38 19.05
N TYR A 103 -29.84 -33.90 19.94
CA TYR A 103 -29.98 -35.22 20.53
C TYR A 103 -30.37 -35.15 22.01
N SER A 104 -30.76 -33.98 22.50
CA SER A 104 -31.07 -33.84 23.92
C SER A 104 -32.25 -34.70 24.34
N VAL A 105 -33.37 -34.57 23.63
CA VAL A 105 -34.57 -35.32 23.98
C VAL A 105 -34.34 -36.81 23.80
N GLU A 106 -33.48 -37.19 22.86
CA GLU A 106 -33.15 -38.59 22.66
C GLU A 106 -32.41 -39.19 23.85
N ILE A 107 -31.79 -38.35 24.68
CA ILE A 107 -31.26 -38.84 25.94
C ILE A 107 -32.28 -38.69 27.06
N LYS A 108 -33.10 -37.64 27.02
CA LYS A 108 -34.09 -37.42 28.06
C LYS A 108 -35.09 -38.57 28.13
N ASN A 109 -35.56 -39.05 26.99
CA ASN A 109 -36.52 -40.15 27.00
C ASN A 109 -35.84 -41.47 27.34
N THR A 110 -34.64 -41.70 26.80
CA THR A 110 -33.97 -42.97 27.03
C THR A 110 -33.55 -43.14 28.49
N CYS A 111 -33.09 -42.08 29.14
CA CYS A 111 -32.67 -42.19 30.53
C CYS A 111 -33.84 -42.55 31.43
N THR A 112 -35.02 -41.98 31.17
CA THR A 112 -36.20 -42.32 31.96
C THR A 112 -36.51 -43.80 31.85
N SER A 113 -36.43 -44.36 30.64
CA SER A 113 -36.69 -45.78 30.45
C SER A 113 -35.61 -46.64 31.12
N VAL A 114 -34.36 -46.18 31.06
CA VAL A 114 -33.26 -46.93 31.68
C VAL A 114 -33.47 -46.98 33.19
N TYR A 115 -34.00 -45.89 33.77
CA TYR A 115 -34.24 -45.85 35.21
C TYR A 115 -35.22 -46.93 35.66
N THR A 116 -36.04 -47.45 34.76
CA THR A 116 -37.05 -48.43 35.15
C THR A 116 -36.43 -49.69 35.73
N LYS A 117 -35.33 -50.16 35.14
CA LYS A 117 -34.68 -51.38 35.57
C LYS A 117 -33.57 -51.14 36.58
N ASP A 118 -33.62 -50.03 37.32
CA ASP A 118 -32.61 -49.74 38.34
C ASP A 118 -32.68 -50.75 39.47
N ALA A 127 -27.65 -49.62 39.90
CA ALA A 127 -26.83 -48.67 39.16
C ALA A 127 -27.36 -47.25 39.30
N LEU A 128 -26.63 -46.41 40.02
CA LEU A 128 -27.03 -45.04 40.28
C LEU A 128 -26.51 -44.07 39.23
N ASP A 129 -25.81 -44.55 38.21
CA ASP A 129 -25.14 -43.68 37.25
C ASP A 129 -26.08 -42.74 36.54
N LEU A 130 -27.39 -43.02 36.53
CA LEU A 130 -28.33 -42.18 35.82
C LEU A 130 -28.40 -40.77 36.40
N LEU A 131 -28.08 -40.62 37.68
CA LEU A 131 -28.27 -39.35 38.36
C LEU A 131 -27.46 -38.24 37.70
N ILE A 132 -26.17 -38.46 37.51
CA ILE A 132 -25.32 -37.36 37.06
C ILE A 132 -25.60 -37.02 35.61
N LYS A 133 -25.86 -38.00 34.75
CA LYS A 133 -26.22 -37.67 33.38
C LYS A 133 -27.56 -36.93 33.34
N LEU A 134 -28.52 -37.34 34.16
CA LEU A 134 -29.77 -36.58 34.27
C LEU A 134 -29.50 -35.13 34.58
N LEU A 135 -28.90 -34.85 35.74
CA LEU A 135 -28.75 -33.47 36.19
C LEU A 135 -27.90 -32.66 35.22
N GLN A 136 -26.81 -33.24 34.72
CA GLN A 136 -25.94 -32.52 33.80
C GLN A 136 -26.66 -32.20 32.51
N THR A 137 -27.41 -33.16 31.96
CA THR A 137 -28.15 -32.90 30.74
C THR A 137 -29.16 -31.78 30.92
N PHE A 138 -29.92 -31.81 32.03
CA PHE A 138 -30.86 -30.71 32.24
C PHE A 138 -30.13 -29.39 32.38
N ARG A 139 -29.15 -29.32 33.29
CA ARG A 139 -28.48 -28.06 33.59
C ARG A 139 -27.81 -27.49 32.35
N SER A 140 -27.33 -28.35 31.45
CA SER A 140 -26.69 -27.85 30.23
C SER A 140 -27.73 -27.45 29.19
N SER A 141 -28.54 -28.40 28.74
CA SER A 141 -29.43 -28.15 27.60
C SER A 141 -30.55 -27.18 27.93
N ARG A 142 -31.26 -27.39 29.03
CA ARG A 142 -32.52 -26.69 29.23
C ARG A 142 -32.34 -25.22 29.60
N LEU A 143 -31.11 -24.77 29.87
CA LEU A 143 -30.92 -23.41 30.37
C LEU A 143 -31.25 -22.35 29.34
N MET A 144 -31.02 -22.62 28.05
CA MET A 144 -31.24 -21.59 27.04
C MET A 144 -32.17 -22.02 25.92
N ASP A 145 -32.15 -23.29 25.50
CA ASP A 145 -32.95 -23.69 24.36
C ASP A 145 -34.44 -23.67 24.68
N GLU A 146 -34.81 -24.16 25.87
CA GLU A 146 -36.21 -24.30 26.28
C GLU A 146 -37.00 -25.06 25.21
N PHE A 147 -36.53 -26.27 24.92
CA PHE A 147 -37.15 -27.14 23.94
C PHE A 147 -38.41 -27.71 24.59
N LYS A 148 -39.39 -26.84 24.86
CA LYS A 148 -40.47 -27.18 25.78
C LYS A 148 -41.29 -28.37 25.29
N ILE A 149 -41.60 -28.41 23.99
CA ILE A 149 -42.33 -29.56 23.47
C ILE A 149 -41.51 -30.84 23.61
N GLY A 150 -40.18 -30.72 23.55
CA GLY A 150 -39.33 -31.83 23.91
C GLY A 150 -39.07 -31.97 25.39
N GLU A 151 -39.64 -31.09 26.21
CA GLU A 151 -39.44 -31.10 27.67
C GLU A 151 -40.81 -31.12 28.35
N LEU A 152 -41.38 -32.31 28.51
CA LEU A 152 -42.61 -32.48 29.28
C LEU A 152 -42.26 -32.79 30.72
N PHE A 153 -42.94 -32.10 31.64
CA PHE A 153 -42.50 -32.03 33.02
C PHE A 153 -43.37 -32.78 34.01
N SER A 154 -44.64 -33.07 33.67
CA SER A 154 -45.54 -33.72 34.63
C SER A 154 -45.09 -35.14 34.95
N LYS A 155 -44.43 -35.81 34.00
CA LYS A 155 -44.00 -37.18 34.24
C LYS A 155 -42.98 -37.27 35.36
N PHE A 156 -42.17 -36.23 35.56
CA PHE A 156 -41.26 -36.21 36.70
C PHE A 156 -42.03 -36.06 38.01
N TYR A 157 -43.09 -35.26 38.01
CA TYR A 157 -43.96 -35.20 39.18
C TYR A 157 -44.56 -36.57 39.48
N GLY A 158 -45.00 -37.28 38.44
CA GLY A 158 -45.51 -38.63 38.65
C GLY A 158 -44.45 -39.58 39.17
N GLU A 159 -43.23 -39.48 38.64
CA GLU A 159 -42.12 -40.27 39.13
C GLU A 159 -41.85 -39.99 40.61
N LEU A 160 -42.05 -38.75 41.03
CA LEU A 160 -41.87 -38.38 42.44
C LEU A 160 -42.73 -39.23 43.35
N ALA A 161 -43.93 -39.61 42.91
CA ALA A 161 -44.90 -40.24 43.81
C ALA A 161 -44.38 -41.55 44.38
N LEU A 162 -43.75 -42.38 43.55
CA LEU A 162 -43.26 -43.67 44.01
C LEU A 162 -42.02 -43.56 44.89
N LYS A 163 -41.42 -42.37 44.99
CA LYS A 163 -40.15 -42.19 45.66
C LYS A 163 -40.28 -42.04 47.17
N LYS A 164 -41.38 -42.49 47.76
CA LYS A 164 -41.57 -42.45 49.21
C LYS A 164 -41.12 -43.74 49.88
N LYS A 165 -40.54 -44.67 49.14
CA LYS A 165 -40.16 -45.96 49.71
C LYS A 165 -38.95 -45.83 50.63
N ILE A 166 -38.85 -46.78 51.57
CA ILE A 166 -37.66 -46.86 52.43
C ILE A 166 -36.39 -47.07 51.62
N PRO A 167 -36.35 -47.95 50.59
CA PRO A 167 -35.10 -48.12 49.83
C PRO A 167 -34.70 -46.89 49.03
N ASP A 168 -33.66 -47.03 48.21
CA ASP A 168 -32.99 -45.90 47.56
C ASP A 168 -32.34 -44.99 48.60
N THR A 169 -31.40 -45.59 49.35
CA THR A 169 -30.82 -44.91 50.50
C THR A 169 -30.08 -43.63 50.09
N VAL A 170 -29.33 -43.67 48.99
CA VAL A 170 -28.75 -42.44 48.47
C VAL A 170 -29.29 -42.19 47.07
N LEU A 171 -30.46 -41.56 47.01
CA LEU A 171 -31.07 -41.11 45.76
C LEU A 171 -31.73 -39.76 45.96
N GLU A 172 -31.32 -39.02 47.00
CA GLU A 172 -31.96 -37.77 47.36
C GLU A 172 -31.91 -36.73 46.26
N LYS A 173 -31.00 -36.88 45.30
CA LYS A 173 -30.89 -35.92 44.21
C LYS A 173 -32.06 -36.03 43.23
N VAL A 174 -32.93 -37.02 43.40
CA VAL A 174 -34.21 -36.98 42.71
C VAL A 174 -34.97 -35.72 43.10
N TYR A 175 -34.71 -35.20 44.30
CA TYR A 175 -35.22 -33.88 44.64
C TYR A 175 -34.53 -32.79 43.84
N GLU A 176 -33.24 -32.95 43.57
CA GLU A 176 -32.54 -31.97 42.76
C GLU A 176 -33.09 -31.89 41.35
N LEU A 177 -33.42 -33.04 40.75
CA LEU A 177 -33.70 -33.08 39.32
C LEU A 177 -34.92 -32.26 38.96
N LEU A 178 -35.96 -32.27 39.79
CA LEU A 178 -37.16 -31.54 39.43
C LEU A 178 -37.11 -30.07 39.79
N GLY A 179 -36.08 -29.63 40.53
CA GLY A 179 -35.94 -28.21 40.81
C GLY A 179 -35.49 -27.42 39.61
N LEU A 180 -34.82 -28.06 38.66
CA LEU A 180 -34.27 -27.34 37.51
C LEU A 180 -35.36 -26.75 36.64
N LEU A 181 -36.46 -27.49 36.43
CA LEU A 181 -37.49 -27.02 35.51
C LEU A 181 -38.06 -25.68 35.92
N GLY A 182 -38.08 -25.39 37.23
CA GLY A 182 -38.43 -24.05 37.66
C GLY A 182 -37.44 -23.01 37.17
N GLU A 183 -36.14 -23.34 37.22
CA GLU A 183 -35.14 -22.44 36.66
C GLU A 183 -35.18 -22.43 35.15
N VAL A 184 -35.59 -23.55 34.53
CA VAL A 184 -35.56 -23.66 33.08
C VAL A 184 -36.49 -22.63 32.44
N HIS A 185 -37.78 -22.75 32.70
CA HIS A 185 -38.76 -21.83 32.14
C HIS A 185 -40.03 -21.85 32.97
N PRO A 186 -40.17 -20.96 33.94
CA PRO A 186 -41.37 -20.96 34.77
C PRO A 186 -42.58 -20.43 34.00
N SER A 187 -43.44 -21.34 33.56
CA SER A 187 -44.70 -20.96 32.93
C SER A 187 -45.86 -21.86 33.33
N GLU A 188 -45.62 -22.90 34.13
CA GLU A 188 -46.66 -23.90 34.39
C GLU A 188 -46.78 -24.32 35.84
N MET A 189 -45.90 -23.88 36.74
CA MET A 189 -46.04 -24.17 38.16
C MET A 189 -46.88 -23.06 38.78
N ILE A 190 -48.16 -23.36 39.05
CA ILE A 190 -49.06 -22.40 39.67
C ILE A 190 -49.00 -22.59 41.18
N ASN A 191 -49.36 -23.78 41.64
CA ASN A 191 -49.33 -24.10 43.05
C ASN A 191 -48.61 -25.40 43.38
N ASN A 192 -48.37 -26.27 42.38
CA ASN A 192 -47.65 -27.51 42.63
C ASN A 192 -46.29 -27.24 43.25
N ALA A 193 -45.56 -26.26 42.72
CA ALA A 193 -44.27 -25.90 43.28
C ALA A 193 -44.38 -25.39 44.70
N GLU A 194 -45.58 -25.01 45.15
CA GLU A 194 -45.75 -24.54 46.51
C GLU A 194 -46.11 -25.68 47.46
N ASN A 195 -47.18 -26.41 47.18
CA ASN A 195 -47.62 -27.46 48.09
C ASN A 195 -46.69 -28.67 48.05
N LEU A 196 -46.30 -29.11 46.85
CA LEU A 196 -45.40 -30.25 46.77
C LEU A 196 -44.05 -29.94 47.42
N PHE A 197 -43.64 -28.69 47.40
CA PHE A 197 -42.32 -28.38 47.93
C PHE A 197 -42.35 -27.90 49.38
N ARG A 198 -43.51 -27.50 49.90
CA ARG A 198 -43.65 -27.50 51.35
C ARG A 198 -43.73 -28.93 51.88
N ALA A 199 -44.24 -29.86 51.08
CA ALA A 199 -44.10 -31.27 51.44
C ALA A 199 -42.64 -31.69 51.44
N PHE A 200 -41.87 -31.21 50.46
CA PHE A 200 -40.43 -31.37 50.49
C PHE A 200 -39.83 -30.79 51.77
N LEU A 201 -40.24 -29.59 52.15
CA LEU A 201 -39.74 -28.98 53.39
C LEU A 201 -40.10 -29.84 54.59
N GLY A 202 -41.29 -30.44 54.59
CA GLY A 202 -41.65 -31.36 55.64
C GLY A 202 -40.77 -32.59 55.68
N GLU A 203 -40.43 -33.12 54.50
CA GLU A 203 -39.49 -34.23 54.43
C GLU A 203 -38.15 -33.82 55.03
N LEU A 204 -37.71 -32.60 54.75
CA LEU A 204 -36.49 -32.09 55.38
C LEU A 204 -36.65 -32.02 56.89
N LYS A 205 -37.83 -31.60 57.35
CA LYS A 205 -38.10 -31.54 58.79
C LYS A 205 -38.00 -32.91 59.43
N THR A 206 -38.42 -33.95 58.71
CA THR A 206 -38.37 -35.29 59.26
C THR A 206 -36.94 -35.71 59.61
N GLN A 207 -36.00 -35.41 58.72
CA GLN A 207 -34.60 -35.71 59.01
C GLN A 207 -34.09 -34.79 60.11
N MET A 208 -33.46 -35.38 61.12
CA MET A 208 -32.94 -34.63 62.26
C MET A 208 -31.47 -34.26 62.04
N LEU A 217 -27.60 -41.56 56.26
CA LEU A 217 -28.82 -40.80 56.51
C LEU A 217 -28.58 -39.27 56.47
N PRO A 218 -27.46 -38.79 57.03
CA PRO A 218 -27.09 -37.38 56.76
C PRO A 218 -26.90 -37.09 55.28
N VAL A 219 -26.41 -38.05 54.51
CA VAL A 219 -26.24 -37.84 53.07
C VAL A 219 -27.58 -37.58 52.40
N LEU A 220 -28.67 -38.11 52.97
CA LEU A 220 -30.00 -37.79 52.46
C LEU A 220 -30.24 -36.29 52.52
N ALA A 221 -30.00 -35.67 53.68
CA ALA A 221 -30.11 -34.23 53.80
C ALA A 221 -29.03 -33.49 53.05
N GLY A 222 -27.95 -34.18 52.67
CA GLY A 222 -26.81 -33.50 52.05
C GLY A 222 -27.17 -32.80 50.77
N CYS A 223 -28.09 -33.37 49.98
CA CYS A 223 -28.44 -32.82 48.68
C CYS A 223 -29.87 -32.32 48.61
N LEU A 224 -30.63 -32.40 49.71
CA LEU A 224 -31.99 -31.86 49.71
C LEU A 224 -31.98 -30.37 49.44
N LYS A 225 -31.08 -29.64 50.10
CA LYS A 225 -31.15 -28.19 50.08
C LYS A 225 -30.90 -27.62 48.69
N GLY A 226 -30.27 -28.38 47.79
CA GLY A 226 -30.14 -27.91 46.42
C GLY A 226 -31.47 -27.64 45.77
N LEU A 227 -32.45 -28.53 46.01
CA LEU A 227 -33.77 -28.34 45.42
C LEU A 227 -34.40 -27.04 45.90
N SER A 228 -34.41 -26.82 47.22
CA SER A 228 -35.03 -25.60 47.74
C SER A 228 -34.24 -24.36 47.32
N SER A 229 -32.91 -24.47 47.25
CA SER A 229 -32.10 -23.34 46.82
C SER A 229 -32.43 -22.93 45.41
N LEU A 230 -32.59 -23.90 44.51
CA LEU A 230 -32.93 -23.55 43.14
C LEU A 230 -34.41 -23.17 43.02
N LEU A 231 -35.26 -23.72 43.88
CA LEU A 231 -36.65 -23.29 43.95
C LEU A 231 -36.75 -21.82 44.33
N CYS A 232 -35.82 -21.34 45.13
CA CYS A 232 -35.86 -19.93 45.49
C CYS A 232 -35.46 -19.03 44.33
N ASN A 233 -35.37 -19.54 43.10
CA ASN A 233 -35.12 -18.68 41.95
C ASN A 233 -36.23 -17.65 41.78
N PHE A 234 -37.48 -18.07 41.94
CA PHE A 234 -38.60 -17.13 41.98
C PHE A 234 -38.99 -16.87 43.44
N THR A 235 -39.64 -15.73 43.63
CA THR A 235 -39.73 -15.14 44.97
C THR A 235 -40.48 -16.03 45.95
N LYS A 236 -39.91 -16.14 47.16
CA LYS A 236 -40.63 -16.55 48.36
C LYS A 236 -39.95 -15.80 49.50
N SER A 237 -40.46 -14.61 49.80
CA SER A 237 -39.73 -13.63 50.60
C SER A 237 -40.31 -13.54 52.01
N MET A 238 -39.79 -12.58 52.77
CA MET A 238 -40.05 -12.51 54.21
C MET A 238 -41.53 -12.27 54.51
N GLU A 239 -42.32 -11.83 53.52
CA GLU A 239 -43.75 -11.64 53.76
C GLU A 239 -44.43 -12.91 54.23
N GLU A 240 -43.90 -14.07 53.90
CA GLU A 240 -44.47 -15.34 54.29
C GLU A 240 -43.87 -15.84 55.60
N ASP A 241 -44.48 -16.90 56.13
CA ASP A 241 -44.05 -17.55 57.36
C ASP A 241 -42.86 -18.51 57.17
N PRO A 242 -42.88 -19.42 56.19
CA PRO A 242 -41.92 -20.53 56.21
C PRO A 242 -40.46 -20.09 56.16
N GLN A 243 -40.17 -18.86 55.74
CA GLN A 243 -38.80 -18.38 55.75
C GLN A 243 -38.20 -18.51 57.14
N THR A 244 -38.99 -18.21 58.17
CA THR A 244 -38.51 -18.34 59.54
C THR A 244 -38.00 -19.75 59.80
N SER A 245 -38.67 -20.76 59.24
CA SER A 245 -38.17 -22.12 59.33
C SER A 245 -36.93 -22.30 58.45
N ARG A 246 -37.00 -21.83 57.20
CA ARG A 246 -35.90 -22.03 56.27
C ARG A 246 -34.59 -21.47 56.82
N GLU A 247 -34.62 -20.20 57.22
CA GLU A 247 -33.43 -19.59 57.80
C GLU A 247 -32.96 -20.34 59.02
N ILE A 248 -33.89 -20.90 59.80
CA ILE A 248 -33.49 -21.72 60.94
C ILE A 248 -32.76 -22.96 60.46
N PHE A 249 -33.31 -23.63 59.43
CA PHE A 249 -32.73 -24.88 58.98
C PHE A 249 -31.30 -24.69 58.51
N ASN A 250 -31.07 -23.74 57.61
CA ASN A 250 -29.72 -23.44 57.17
C ASN A 250 -28.81 -23.14 58.35
N PHE A 251 -29.34 -22.49 59.37
CA PHE A 251 -28.54 -22.20 60.56
C PHE A 251 -28.19 -23.49 61.28
N VAL A 252 -29.17 -24.39 61.45
CA VAL A 252 -28.98 -25.56 62.30
C VAL A 252 -28.13 -26.64 61.63
N LEU A 253 -27.93 -26.56 60.32
CA LEU A 253 -27.18 -27.59 59.61
C LEU A 253 -25.72 -27.24 59.39
N LYS A 254 -25.42 -26.00 59.02
CA LYS A 254 -24.06 -25.63 58.62
C LYS A 254 -23.13 -25.47 59.81
N ALA A 255 -23.65 -25.49 61.04
CA ALA A 255 -22.79 -25.52 62.22
C ALA A 255 -23.53 -26.33 63.29
N ILE A 256 -23.27 -27.63 63.30
CA ILE A 256 -23.76 -28.53 64.34
C ILE A 256 -22.58 -29.29 64.94
N ARG A 257 -21.69 -29.76 64.08
CA ARG A 257 -20.46 -30.42 64.51
C ARG A 257 -19.39 -30.23 63.45
N PRO A 258 -18.93 -28.98 63.26
CA PRO A 258 -17.99 -28.71 62.18
C PRO A 258 -16.56 -29.11 62.51
N GLN A 259 -16.17 -29.01 63.77
CA GLN A 259 -14.80 -29.25 64.19
C GLN A 259 -14.54 -30.69 64.61
N ILE A 260 -15.54 -31.57 64.54
CA ILE A 260 -15.42 -32.91 65.08
C ILE A 260 -15.11 -33.91 63.99
N ASP A 261 -16.03 -34.06 63.03
CA ASP A 261 -15.86 -35.07 62.00
C ASP A 261 -14.75 -34.70 61.02
N LEU A 262 -14.72 -33.45 60.57
CA LEU A 262 -13.80 -32.97 59.56
C LEU A 262 -13.87 -33.79 58.27
N LYS A 263 -14.94 -34.56 58.08
CA LYS A 263 -15.08 -35.42 56.91
C LYS A 263 -16.31 -35.07 56.08
N ARG A 264 -17.47 -34.95 56.69
CA ARG A 264 -18.69 -34.67 55.91
C ARG A 264 -18.65 -33.23 55.40
N TYR A 265 -18.80 -33.08 54.09
CA TYR A 265 -18.83 -31.77 53.47
C TYR A 265 -19.93 -31.71 52.43
N ALA A 266 -21.05 -32.34 52.73
CA ALA A 266 -22.22 -32.34 51.86
C ALA A 266 -23.33 -31.46 52.38
N VAL A 267 -23.74 -31.66 53.63
CA VAL A 267 -24.71 -30.74 54.25
C VAL A 267 -24.17 -29.31 54.37
N PRO A 268 -22.97 -29.08 54.90
CA PRO A 268 -22.61 -27.67 55.16
C PRO A 268 -22.34 -26.90 53.88
N SER A 269 -21.66 -27.49 52.91
CA SER A 269 -21.39 -26.80 51.66
C SER A 269 -22.68 -26.45 50.93
N ALA A 270 -23.62 -27.41 50.86
CA ALA A 270 -24.88 -27.14 50.17
C ALA A 270 -25.69 -26.07 50.89
N GLY A 271 -25.81 -26.17 52.21
CA GLY A 271 -26.55 -25.17 52.95
C GLY A 271 -25.93 -23.79 52.83
N LEU A 272 -24.60 -23.73 52.88
CA LEU A 272 -23.90 -22.47 52.80
C LEU A 272 -24.01 -21.85 51.40
N ARG A 273 -24.01 -22.69 50.37
CA ARG A 273 -24.25 -22.20 49.02
C ARG A 273 -25.65 -21.64 48.89
N LEU A 274 -26.65 -22.32 49.47
CA LEU A 274 -28.00 -21.76 49.51
C LEU A 274 -28.02 -20.42 50.20
N PHE A 275 -27.32 -20.32 51.33
CA PHE A 275 -27.25 -19.05 52.04
C PHE A 275 -26.65 -17.96 51.16
N ALA A 276 -25.60 -18.30 50.43
CA ALA A 276 -24.94 -17.33 49.56
C ALA A 276 -25.87 -16.84 48.46
N LEU A 277 -26.47 -17.77 47.72
CA LEU A 277 -27.24 -17.38 46.54
C LEU A 277 -28.53 -16.66 46.94
N HIS A 278 -29.25 -17.19 47.91
CA HIS A 278 -30.54 -16.64 48.33
C HIS A 278 -30.45 -16.26 49.79
N ALA A 279 -29.95 -15.05 50.06
CA ALA A 279 -30.04 -14.44 51.37
C ALA A 279 -30.86 -13.17 51.39
N SER A 280 -31.06 -12.53 50.24
CA SER A 280 -31.90 -11.34 50.18
C SER A 280 -33.34 -11.64 50.55
N GLN A 281 -33.76 -12.90 50.42
CA GLN A 281 -35.10 -13.27 50.85
C GLN A 281 -35.28 -13.13 52.35
N PHE A 282 -34.20 -13.28 53.12
CA PHE A 282 -34.27 -13.36 54.58
C PHE A 282 -33.98 -11.97 55.13
N SER A 283 -34.95 -11.07 54.97
CA SER A 283 -34.70 -9.66 55.23
C SER A 283 -34.85 -9.27 56.68
N THR A 284 -35.32 -10.17 57.54
CA THR A 284 -35.49 -9.80 58.95
C THR A 284 -34.83 -10.83 59.86
N CYS A 285 -34.80 -12.09 59.43
CA CYS A 285 -34.22 -13.13 60.26
C CYS A 285 -32.73 -12.92 60.48
N LEU A 286 -32.04 -12.29 59.53
CA LEU A 286 -30.61 -12.04 59.68
C LEU A 286 -30.29 -11.13 60.86
N LEU A 287 -31.20 -10.23 61.22
CA LEU A 287 -30.96 -9.34 62.35
C LEU A 287 -31.25 -9.99 63.69
N ASP A 288 -32.06 -11.06 63.71
CA ASP A 288 -32.42 -11.67 64.99
C ASP A 288 -31.19 -12.23 65.70
N ASN A 289 -30.31 -12.90 64.96
CA ASN A 289 -29.09 -13.46 65.52
C ASN A 289 -27.97 -13.27 64.49
N TYR A 290 -27.24 -12.17 64.62
CA TYR A 290 -26.13 -11.88 63.72
C TYR A 290 -24.79 -12.34 64.26
N VAL A 291 -24.58 -12.28 65.58
CA VAL A 291 -23.30 -12.72 66.13
C VAL A 291 -23.10 -14.21 65.89
N SER A 292 -24.12 -15.02 66.21
CA SER A 292 -24.02 -16.47 66.08
C SER A 292 -23.96 -16.90 64.62
N LEU A 293 -24.26 -16.01 63.69
CA LEU A 293 -24.11 -16.25 62.26
C LEU A 293 -22.81 -15.73 61.71
N PHE A 294 -22.43 -14.51 62.09
CA PHE A 294 -21.16 -13.95 61.64
C PHE A 294 -19.99 -14.80 62.11
N GLU A 295 -20.01 -15.26 63.36
CA GLU A 295 -18.89 -16.04 63.85
C GLU A 295 -18.76 -17.37 63.12
N VAL A 296 -19.88 -18.04 62.84
CA VAL A 296 -19.79 -19.35 62.19
C VAL A 296 -19.38 -19.20 60.73
N LEU A 297 -19.87 -18.18 60.03
CA LEU A 297 -19.39 -17.99 58.67
C LEU A 297 -17.92 -17.56 58.65
N LEU A 298 -17.47 -16.79 59.64
CA LEU A 298 -16.04 -16.49 59.72
C LEU A 298 -15.23 -17.77 59.91
N LYS A 299 -15.69 -18.65 60.80
CA LYS A 299 -14.98 -19.90 61.02
C LYS A 299 -14.94 -20.74 59.76
N TRP A 300 -16.06 -20.81 59.03
CA TRP A 300 -16.07 -21.56 57.79
C TRP A 300 -15.11 -20.96 56.76
N CYS A 301 -15.09 -19.63 56.65
CA CYS A 301 -14.13 -18.99 55.76
C CYS A 301 -12.69 -19.23 56.20
N ALA A 302 -12.47 -19.56 57.47
CA ALA A 302 -11.13 -19.87 57.95
C ALA A 302 -10.75 -21.33 57.76
N HIS A 303 -11.61 -22.16 57.19
CA HIS A 303 -11.35 -23.58 57.05
C HIS A 303 -10.78 -23.86 55.66
N THR A 304 -9.58 -24.45 55.62
CA THR A 304 -8.88 -24.72 54.37
C THR A 304 -9.52 -25.93 53.68
N ASN A 305 -10.40 -25.67 52.73
CA ASN A 305 -10.97 -26.72 51.89
C ASN A 305 -11.60 -26.13 50.64
N VAL A 306 -11.06 -26.47 49.47
CA VAL A 306 -11.66 -26.02 48.22
C VAL A 306 -13.07 -26.57 48.11
N GLU A 307 -13.94 -25.81 47.44
CA GLU A 307 -15.38 -26.04 47.35
C GLU A 307 -16.08 -25.84 48.69
N LEU A 308 -15.36 -25.37 49.69
CA LEU A 308 -15.93 -24.87 50.93
C LEU A 308 -15.50 -23.43 51.20
N LYS A 309 -14.27 -23.08 50.85
CA LYS A 309 -13.86 -21.68 50.94
C LYS A 309 -14.65 -20.80 50.00
N LYS A 310 -14.92 -21.29 48.78
CA LYS A 310 -15.69 -20.50 47.83
C LYS A 310 -17.10 -20.25 48.35
N ALA A 311 -17.75 -21.31 48.84
CA ALA A 311 -19.10 -21.17 49.37
C ALA A 311 -19.12 -20.25 50.59
N ALA A 312 -18.15 -20.42 51.49
CA ALA A 312 -18.11 -19.60 52.69
C ALA A 312 -17.89 -18.14 52.34
N LEU A 313 -16.99 -17.86 51.39
CA LEU A 313 -16.73 -16.49 51.00
C LEU A 313 -17.95 -15.86 50.36
N SER A 314 -18.61 -16.57 49.44
CA SER A 314 -19.81 -16.03 48.81
C SER A 314 -20.91 -15.79 49.83
N ALA A 315 -21.08 -16.73 50.77
CA ALA A 315 -22.11 -16.57 51.79
C ALA A 315 -21.82 -15.38 52.68
N LEU A 316 -20.56 -15.20 53.08
CA LEU A 316 -20.25 -14.06 53.93
C LEU A 316 -20.43 -12.76 53.18
N GLU A 317 -20.08 -12.73 51.89
CA GLU A 317 -20.30 -11.53 51.09
C GLU A 317 -21.78 -11.18 51.02
N SER A 318 -22.63 -12.18 50.75
CA SER A 318 -24.06 -11.91 50.65
C SER A 318 -24.65 -11.50 51.99
N PHE A 319 -24.21 -12.15 53.06
CA PHE A 319 -24.69 -11.79 54.39
C PHE A 319 -24.31 -10.36 54.74
N LEU A 320 -23.08 -9.96 54.43
CA LEU A 320 -22.67 -8.59 54.68
C LEU A 320 -23.46 -7.61 53.83
N LYS A 321 -23.71 -7.96 52.56
CA LYS A 321 -24.54 -7.11 51.71
C LYS A 321 -25.90 -6.86 52.36
N GLN A 322 -26.56 -7.93 52.79
CA GLN A 322 -27.91 -7.78 53.32
C GLN A 322 -27.90 -7.03 54.65
N VAL A 323 -26.92 -7.31 55.51
CA VAL A 323 -26.85 -6.57 56.78
C VAL A 323 -26.60 -5.10 56.52
N SER A 324 -25.75 -4.78 55.55
CA SER A 324 -25.50 -3.38 55.22
C SER A 324 -26.78 -2.71 54.72
N ASN A 325 -27.52 -3.39 53.84
CA ASN A 325 -28.76 -2.80 53.34
C ASN A 325 -29.74 -2.52 54.47
N MET A 326 -30.00 -3.52 55.31
CA MET A 326 -31.03 -3.36 56.33
C MET A 326 -30.53 -2.59 57.54
N VAL A 327 -29.24 -2.25 57.61
CA VAL A 327 -28.80 -1.26 58.57
C VAL A 327 -28.93 0.14 57.99
N ALA A 328 -28.55 0.32 56.72
CA ALA A 328 -28.66 1.61 56.08
C ALA A 328 -30.11 2.06 55.91
N LYS A 329 -31.07 1.13 55.96
CA LYS A 329 -32.47 1.53 55.93
C LYS A 329 -32.79 2.51 57.05
N ASN A 330 -32.18 2.32 58.22
CA ASN A 330 -32.36 3.25 59.34
C ASN A 330 -31.21 3.01 60.32
N ALA A 331 -30.44 4.06 60.60
CA ALA A 331 -29.16 3.88 61.26
C ALA A 331 -29.13 4.23 62.73
N GLU A 332 -30.06 5.06 63.22
CA GLU A 332 -30.04 5.41 64.63
C GLU A 332 -30.28 4.18 65.50
N MET A 333 -31.33 3.42 65.21
CA MET A 333 -31.44 2.07 65.71
C MET A 333 -30.57 1.14 64.86
N HIS A 334 -30.48 -0.11 65.29
CA HIS A 334 -29.45 -1.04 64.81
C HIS A 334 -28.05 -0.53 65.13
N LYS A 335 -27.94 0.36 66.12
CA LYS A 335 -26.65 0.92 66.48
C LYS A 335 -25.70 -0.17 67.00
N ASN A 336 -26.21 -1.03 67.87
CA ASN A 336 -25.34 -2.00 68.54
C ASN A 336 -24.78 -3.01 67.55
N LYS A 337 -25.60 -3.48 66.60
CA LYS A 337 -25.10 -4.48 65.66
C LYS A 337 -24.01 -3.90 64.76
N LEU A 338 -24.21 -2.70 64.23
CA LEU A 338 -23.16 -2.12 63.39
C LEU A 338 -21.94 -1.78 64.22
N GLN A 339 -22.13 -1.38 65.48
CA GLN A 339 -20.99 -1.12 66.34
C GLN A 339 -20.17 -2.38 66.56
N TYR A 340 -20.84 -3.51 66.80
CA TYR A 340 -20.14 -4.77 66.97
C TYR A 340 -19.41 -5.18 65.70
N PHE A 341 -20.09 -5.03 64.54
CA PHE A 341 -19.44 -5.37 63.28
C PHE A 341 -18.22 -4.50 63.02
N MET A 342 -18.33 -3.20 63.30
CA MET A 342 -17.20 -2.31 63.06
C MET A 342 -16.07 -2.58 64.04
N GLU A 343 -16.39 -2.98 65.27
CA GLU A 343 -15.34 -3.40 66.20
C GLU A 343 -14.64 -4.64 65.67
N GLN A 344 -15.39 -5.59 65.14
CA GLN A 344 -14.79 -6.79 64.55
C GLN A 344 -13.85 -6.42 63.40
N PHE A 345 -14.30 -5.51 62.53
CA PHE A 345 -13.46 -5.14 61.39
C PHE A 345 -12.24 -4.34 61.83
N TYR A 346 -12.40 -3.48 62.83
CA TYR A 346 -11.24 -2.81 63.41
C TYR A 346 -10.22 -3.83 63.89
N GLY A 347 -10.67 -4.83 64.64
CA GLY A 347 -9.76 -5.85 65.12
C GLY A 347 -9.08 -6.60 63.99
N ILE A 348 -9.85 -6.94 62.95
CA ILE A 348 -9.28 -7.71 61.85
C ILE A 348 -8.22 -6.91 61.11
N ILE A 349 -8.49 -5.63 60.84
CA ILE A 349 -7.62 -4.87 59.97
C ILE A 349 -6.49 -4.14 60.71
N ARG A 350 -6.59 -4.02 62.03
CA ARG A 350 -5.57 -3.25 62.73
C ARG A 350 -4.36 -4.09 63.12
N ASN A 351 -4.56 -5.35 63.49
CA ASN A 351 -3.42 -6.16 63.91
C ASN A 351 -2.63 -6.62 62.70
N VAL A 352 -1.40 -7.05 62.97
CA VAL A 352 -0.55 -7.66 61.93
C VAL A 352 -0.82 -9.16 62.00
N ASP A 353 -1.90 -9.56 61.34
CA ASP A 353 -2.34 -10.95 61.40
C ASP A 353 -1.45 -11.82 60.52
N SER A 354 -1.80 -13.10 60.42
CA SER A 354 -1.06 -14.06 59.61
C SER A 354 -1.90 -14.59 58.45
N ASN A 355 -2.95 -13.88 58.07
CA ASN A 355 -3.82 -14.31 56.98
C ASN A 355 -4.11 -13.15 56.05
N ASN A 356 -4.43 -13.49 54.81
CA ASN A 356 -4.72 -12.51 53.79
C ASN A 356 -6.11 -12.64 53.17
N LYS A 357 -6.77 -13.79 53.32
CA LYS A 357 -8.13 -13.91 52.85
C LYS A 357 -9.13 -13.29 53.82
N GLU A 358 -8.77 -13.20 55.10
CA GLU A 358 -9.63 -12.53 56.06
C GLU A 358 -9.39 -11.03 56.09
N LEU A 359 -8.46 -10.53 55.29
CA LEU A 359 -8.28 -9.09 55.18
C LEU A 359 -9.24 -8.50 54.15
N SER A 360 -9.49 -9.22 53.06
CA SER A 360 -10.50 -8.78 52.10
C SER A 360 -11.87 -8.72 52.74
N ILE A 361 -12.14 -9.58 53.72
CA ILE A 361 -13.41 -9.53 54.44
C ILE A 361 -13.54 -8.19 55.17
N ALA A 362 -12.49 -7.78 55.87
CA ALA A 362 -12.54 -6.51 56.57
C ALA A 362 -12.62 -5.35 55.61
N ILE A 363 -11.97 -5.45 54.45
CA ILE A 363 -12.04 -4.38 53.47
C ILE A 363 -13.46 -4.23 52.95
N ARG A 364 -14.11 -5.36 52.62
CA ARG A 364 -15.50 -5.29 52.18
C ARG A 364 -16.40 -4.78 53.30
N GLY A 365 -16.06 -5.09 54.55
CA GLY A 365 -16.83 -4.57 55.67
C GLY A 365 -16.74 -3.06 55.76
N TYR A 366 -15.54 -2.51 55.60
CA TYR A 366 -15.41 -1.06 55.55
C TYR A 366 -16.18 -0.48 54.38
N GLY A 367 -16.11 -1.14 53.22
CA GLY A 367 -16.79 -0.61 52.05
C GLY A 367 -18.30 -0.54 52.25
N LEU A 368 -18.89 -1.63 52.74
CA LEU A 368 -20.35 -1.68 52.87
C LEU A 368 -20.83 -0.83 54.05
N PHE A 369 -20.16 -0.92 55.19
CA PHE A 369 -20.59 -0.20 56.39
C PHE A 369 -20.01 1.20 56.43
N ALA A 370 -20.18 1.96 55.35
CA ALA A 370 -19.65 3.30 55.24
C ALA A 370 -20.70 4.35 55.60
N GLY A 371 -21.82 4.33 54.90
CA GLY A 371 -22.89 5.28 55.13
C GLY A 371 -23.44 5.25 56.55
N PRO A 372 -23.75 4.05 57.05
CA PRO A 372 -24.17 3.95 58.45
C PRO A 372 -23.18 4.54 59.42
N CYS A 373 -21.88 4.35 59.19
CA CYS A 373 -20.90 4.94 60.11
C CYS A 373 -20.92 6.45 60.05
N LYS A 374 -21.08 7.02 58.86
CA LYS A 374 -21.11 8.47 58.76
C LYS A 374 -22.35 9.05 59.42
N VAL A 375 -23.51 8.44 59.20
CA VAL A 375 -24.74 9.05 59.70
C VAL A 375 -24.95 8.77 61.18
N ILE A 376 -24.51 7.61 61.68
CA ILE A 376 -24.71 7.30 63.09
C ILE A 376 -23.72 8.02 63.99
N ASN A 377 -22.62 8.53 63.44
CA ASN A 377 -21.53 9.04 64.25
C ASN A 377 -21.02 10.34 63.66
N ALA A 378 -20.00 10.89 64.31
CA ALA A 378 -19.32 12.10 63.84
C ALA A 378 -18.34 11.71 62.74
N LYS A 379 -17.42 12.61 62.41
CA LYS A 379 -16.46 12.30 61.36
C LYS A 379 -15.46 11.26 61.85
N ASP A 380 -15.95 10.06 62.15
CA ASP A 380 -15.11 8.91 62.39
C ASP A 380 -14.90 8.09 61.13
N VAL A 381 -15.43 8.55 60.00
CA VAL A 381 -15.18 7.89 58.73
C VAL A 381 -13.79 8.24 58.19
N ASP A 382 -13.19 9.33 58.67
CA ASP A 382 -11.82 9.65 58.28
C ASP A 382 -10.86 8.55 58.72
N PHE A 383 -11.04 8.03 59.93
CA PHE A 383 -10.18 6.95 60.40
C PHE A 383 -10.28 5.75 59.49
N MET A 384 -11.50 5.42 59.06
CA MET A 384 -11.69 4.26 58.19
C MET A 384 -10.90 4.43 56.89
N TYR A 385 -11.04 5.60 56.26
CA TYR A 385 -10.36 5.84 54.99
C TYR A 385 -8.85 5.83 55.17
N VAL A 386 -8.35 6.45 56.23
CA VAL A 386 -6.91 6.48 56.47
C VAL A 386 -6.39 5.06 56.64
N GLU A 387 -7.07 4.25 57.45
CA GLU A 387 -6.60 2.89 57.69
C GLU A 387 -6.60 2.07 56.43
N LEU A 388 -7.69 2.13 55.66
CA LEU A 388 -7.76 1.27 54.48
C LEU A 388 -7.05 1.85 53.28
N ILE A 389 -6.45 3.02 53.39
CA ILE A 389 -5.56 3.47 52.31
C ILE A 389 -4.12 3.20 52.73
N GLN A 390 -3.84 3.25 54.03
CA GLN A 390 -2.52 2.81 54.49
C GLN A 390 -2.32 1.33 54.23
N ARG A 391 -3.35 0.53 54.44
CA ARG A 391 -3.25 -0.89 54.13
C ARG A 391 -3.07 -1.12 52.64
N CYS A 392 -3.77 -0.38 51.81
CA CYS A 392 -3.60 -0.52 50.37
C CYS A 392 -2.21 -0.10 49.92
N LYS A 393 -1.62 0.89 50.59
CA LYS A 393 -0.30 1.36 50.19
C LYS A 393 0.75 0.28 50.33
N GLN A 394 0.72 -0.48 51.42
CA GLN A 394 1.79 -1.43 51.72
C GLN A 394 1.53 -2.81 51.13
N MET A 395 0.45 -2.98 50.38
CA MET A 395 0.21 -4.24 49.70
C MET A 395 0.35 -4.16 48.20
N PHE A 396 0.13 -2.99 47.61
CA PHE A 396 0.17 -2.85 46.15
C PHE A 396 1.30 -1.95 45.68
N LEU A 397 1.38 -0.72 46.17
CA LEU A 397 2.34 0.23 45.61
C LEU A 397 3.77 -0.24 45.82
N THR A 398 4.07 -0.75 47.01
CA THR A 398 5.44 -1.08 47.39
C THR A 398 5.67 -2.59 47.31
N GLN A 399 5.14 -3.22 46.28
CA GLN A 399 5.43 -4.63 46.07
C GLN A 399 6.88 -4.86 45.71
N THR A 400 7.36 -6.05 46.03
CA THR A 400 8.69 -6.51 45.64
C THR A 400 8.60 -7.65 44.65
N ASP A 401 7.89 -8.73 45.00
CA ASP A 401 7.68 -9.85 44.11
C ASP A 401 6.32 -10.46 44.43
N THR A 402 6.07 -11.65 43.88
CA THR A 402 4.77 -12.29 44.01
C THR A 402 4.58 -12.87 45.40
N GLY A 403 3.33 -13.21 45.70
CA GLY A 403 2.96 -13.80 46.97
C GLY A 403 1.45 -13.93 47.09
N ASP A 404 0.90 -13.53 48.24
CA ASP A 404 -0.53 -13.47 48.44
C ASP A 404 -1.06 -12.04 48.41
N ASP A 405 -0.27 -11.08 47.93
CA ASP A 405 -0.71 -9.71 47.70
C ASP A 405 -1.12 -9.50 46.25
N ARG A 406 -1.76 -10.54 45.69
CA ARG A 406 -2.01 -10.62 44.26
C ARG A 406 -2.68 -9.36 43.73
N VAL A 407 -2.49 -9.11 42.45
CA VAL A 407 -3.17 -8.01 41.77
C VAL A 407 -4.62 -8.40 41.54
N TYR A 408 -4.99 -9.62 41.95
CA TYR A 408 -6.38 -10.03 41.88
C TYR A 408 -7.20 -9.40 43.01
N GLN A 409 -6.55 -9.06 44.12
CA GLN A 409 -7.25 -8.43 45.23
C GLN A 409 -7.47 -6.95 45.02
N MET A 410 -6.80 -6.35 44.03
CA MET A 410 -6.91 -4.90 43.84
C MET A 410 -8.32 -4.44 43.51
N PRO A 411 -9.05 -5.06 42.58
CA PRO A 411 -10.39 -4.53 42.26
C PRO A 411 -11.32 -4.49 43.44
N SER A 412 -11.12 -5.34 44.46
CA SER A 412 -11.92 -5.25 45.66
C SER A 412 -11.47 -4.09 46.53
N PHE A 413 -10.19 -4.07 46.90
CA PHE A 413 -9.68 -2.99 47.73
C PHE A 413 -9.99 -1.64 47.12
N LEU A 414 -9.62 -1.46 45.85
CA LEU A 414 -9.84 -0.18 45.18
C LEU A 414 -11.32 0.18 45.14
N GLN A 415 -12.20 -0.81 45.16
CA GLN A 415 -13.62 -0.52 45.27
C GLN A 415 -13.94 0.08 46.63
N SER A 416 -13.50 -0.59 47.70
CA SER A 416 -13.85 -0.14 49.04
C SER A 416 -13.04 1.08 49.47
N VAL A 417 -12.00 1.46 48.73
CA VAL A 417 -11.41 2.77 48.93
C VAL A 417 -12.36 3.84 48.43
N ALA A 418 -13.02 3.58 47.30
CA ALA A 418 -13.92 4.56 46.73
C ALA A 418 -15.21 4.67 47.55
N SER A 419 -15.77 3.54 47.97
CA SER A 419 -17.03 3.58 48.70
C SER A 419 -16.89 4.36 50.00
N VAL A 420 -15.79 4.17 50.72
CA VAL A 420 -15.59 4.96 51.91
C VAL A 420 -15.18 6.39 51.57
N LEU A 421 -14.62 6.59 50.38
CA LEU A 421 -14.26 7.95 49.97
C LEU A 421 -15.49 8.79 49.70
N LEU A 422 -16.58 8.18 49.25
CA LEU A 422 -17.77 8.92 48.88
C LEU A 422 -18.39 9.68 50.04
N TYR A 423 -18.11 9.27 51.27
CA TYR A 423 -18.74 9.86 52.43
C TYR A 423 -17.83 10.82 53.19
N LEU A 424 -16.58 10.97 52.78
CA LEU A 424 -15.73 11.97 53.41
C LEU A 424 -16.18 13.38 53.03
N ASP A 425 -15.97 14.31 53.96
CA ASP A 425 -16.19 15.72 53.68
C ASP A 425 -14.92 16.39 53.15
N THR A 426 -13.80 16.17 53.82
CA THR A 426 -12.51 16.69 53.40
C THR A 426 -11.53 15.54 53.27
N VAL A 427 -10.94 15.40 52.09
CA VAL A 427 -9.95 14.33 51.87
C VAL A 427 -8.60 14.81 52.40
N PRO A 428 -7.94 14.03 53.27
CA PRO A 428 -6.60 14.41 53.71
C PRO A 428 -5.65 14.54 52.53
N GLU A 429 -4.94 15.65 52.47
CA GLU A 429 -4.15 15.96 51.27
C GLU A 429 -3.04 14.95 51.06
N VAL A 430 -2.33 14.58 52.12
CA VAL A 430 -1.12 13.77 51.97
C VAL A 430 -1.42 12.42 51.34
N TYR A 431 -2.63 11.91 51.53
CA TYR A 431 -2.99 10.60 50.98
C TYR A 431 -3.58 10.68 49.59
N THR A 432 -3.80 11.88 49.05
CA THR A 432 -4.29 11.99 47.69
C THR A 432 -3.31 11.42 46.67
N PRO A 433 -2.01 11.77 46.68
CA PRO A 433 -1.11 11.17 45.68
C PRO A 433 -1.06 9.66 45.74
N VAL A 434 -1.10 9.08 46.93
CA VAL A 434 -1.09 7.62 47.05
C VAL A 434 -2.25 7.03 46.28
N LEU A 435 -3.44 7.59 46.42
CA LEU A 435 -4.59 7.11 45.67
C LEU A 435 -4.32 7.14 44.18
N GLU A 436 -3.64 8.18 43.69
CA GLU A 436 -3.37 8.28 42.27
C GLU A 436 -2.42 7.19 41.78
N HIS A 437 -1.63 6.60 42.66
CA HIS A 437 -0.83 5.47 42.26
C HIS A 437 -1.55 4.14 42.39
N LEU A 438 -2.72 4.10 43.03
CA LEU A 438 -3.51 2.88 42.93
C LEU A 438 -4.20 2.81 41.58
N VAL A 439 -5.04 3.79 41.27
CA VAL A 439 -5.84 3.74 40.05
C VAL A 439 -4.93 3.56 38.85
N VAL A 440 -3.86 4.36 38.76
CA VAL A 440 -2.93 4.22 37.65
C VAL A 440 -2.37 2.80 37.61
N MET A 441 -1.85 2.33 38.74
CA MET A 441 -1.30 0.98 38.75
C MET A 441 -2.41 -0.05 38.57
N GLN A 442 -3.65 0.33 38.86
CA GLN A 442 -4.77 -0.52 38.50
C GLN A 442 -4.88 -0.64 36.98
N ILE A 443 -4.92 0.50 36.29
CA ILE A 443 -5.07 0.51 34.84
C ILE A 443 -3.93 -0.28 34.21
N ASP A 444 -2.70 0.03 34.59
CA ASP A 444 -1.55 -0.68 34.06
C ASP A 444 -1.63 -2.18 34.30
N SER A 445 -2.24 -2.61 35.40
CA SER A 445 -2.43 -4.03 35.62
C SER A 445 -3.80 -4.48 35.14
N PHE A 446 -4.15 -4.09 33.92
CA PHE A 446 -5.39 -4.57 33.33
C PHE A 446 -5.27 -5.93 32.66
N PRO A 447 -4.27 -6.19 31.83
CA PRO A 447 -4.25 -7.45 31.07
C PRO A 447 -4.07 -8.69 31.94
N GLN A 448 -3.63 -8.56 33.19
CA GLN A 448 -3.49 -9.74 34.03
C GLN A 448 -4.81 -10.26 34.57
N TYR A 449 -5.94 -9.83 34.02
CA TYR A 449 -7.23 -10.17 34.57
C TYR A 449 -7.99 -11.11 33.63
N SER A 450 -8.68 -12.08 34.22
CA SER A 450 -9.56 -12.94 33.46
C SER A 450 -10.72 -12.13 32.90
N PRO A 451 -11.25 -12.52 31.74
CA PRO A 451 -12.27 -11.69 31.09
C PRO A 451 -13.51 -11.45 31.93
N LYS A 452 -13.81 -12.33 32.89
CA LYS A 452 -14.91 -12.06 33.80
C LYS A 452 -14.53 -11.05 34.88
N MET A 453 -13.24 -10.90 35.16
CA MET A 453 -12.77 -9.96 36.18
C MET A 453 -12.49 -8.57 35.62
N GLN A 454 -12.30 -8.45 34.31
CA GLN A 454 -12.05 -7.14 33.72
C GLN A 454 -13.26 -6.23 33.88
N LEU A 455 -14.47 -6.81 33.87
CA LEU A 455 -15.65 -6.02 34.13
C LEU A 455 -15.60 -5.41 35.53
N VAL A 456 -15.20 -6.20 36.52
CA VAL A 456 -15.06 -5.68 37.87
C VAL A 456 -13.98 -4.62 37.93
N CYS A 457 -12.88 -4.84 37.20
CA CYS A 457 -11.80 -3.87 37.20
C CYS A 457 -12.25 -2.51 36.68
N CYS A 458 -12.87 -2.50 35.50
CA CYS A 458 -13.33 -1.22 34.97
C CYS A 458 -14.48 -0.63 35.78
N ARG A 459 -15.33 -1.46 36.38
CA ARG A 459 -16.36 -0.92 37.26
C ARG A 459 -15.75 -0.25 38.48
N ALA A 460 -14.71 -0.84 39.05
CA ALA A 460 -14.05 -0.22 40.20
C ALA A 460 -13.37 1.09 39.80
N ILE A 461 -12.74 1.14 38.63
CA ILE A 461 -12.12 2.37 38.19
C ILE A 461 -13.16 3.46 37.99
N VAL A 462 -14.30 3.13 37.36
CA VAL A 462 -15.35 4.11 37.18
C VAL A 462 -15.88 4.57 38.53
N LYS A 463 -16.03 3.63 39.46
CA LYS A 463 -16.50 3.98 40.80
C LYS A 463 -15.58 4.99 41.45
N VAL A 464 -14.27 4.74 41.42
CA VAL A 464 -13.35 5.66 42.07
C VAL A 464 -13.29 6.99 41.34
N PHE A 465 -13.47 6.99 40.00
CA PHE A 465 -13.51 8.25 39.28
C PHE A 465 -14.69 9.09 39.71
N LEU A 466 -15.89 8.51 39.73
CA LEU A 466 -17.03 9.33 40.12
C LEU A 466 -17.05 9.59 41.62
N ALA A 467 -16.24 8.89 42.40
CA ALA A 467 -16.03 9.31 43.77
C ALA A 467 -15.12 10.53 43.83
N LEU A 468 -14.09 10.57 42.98
CA LEU A 468 -13.23 11.74 42.91
C LEU A 468 -13.94 12.93 42.30
N ALA A 469 -14.77 12.70 41.28
CA ALA A 469 -15.47 13.78 40.59
C ALA A 469 -16.66 14.27 41.42
N ALA A 470 -16.35 14.70 42.64
CA ALA A 470 -17.33 15.33 43.51
C ALA A 470 -16.71 16.48 44.29
N LYS A 471 -15.66 17.08 43.77
CA LYS A 471 -14.96 18.18 44.43
C LYS A 471 -14.42 19.13 43.38
N GLY A 472 -13.89 20.27 43.84
CA GLY A 472 -13.39 21.29 42.97
C GLY A 472 -11.99 21.01 42.42
N PRO A 473 -10.98 20.98 43.29
CA PRO A 473 -9.61 20.74 42.82
C PRO A 473 -9.26 19.27 42.69
N VAL A 474 -9.92 18.43 43.49
CA VAL A 474 -9.66 17.00 43.42
C VAL A 474 -10.04 16.46 42.04
N LEU A 475 -11.19 16.90 41.52
CA LEU A 475 -11.64 16.49 40.19
C LEU A 475 -10.50 16.55 39.18
N ARG A 476 -10.00 17.76 38.92
CA ARG A 476 -8.92 17.91 37.97
C ARG A 476 -7.68 17.17 38.43
N ASN A 477 -7.13 17.59 39.57
CA ASN A 477 -5.83 17.13 40.05
C ASN A 477 -5.72 15.61 40.11
N CYS A 478 -6.84 14.91 40.13
CA CYS A 478 -6.77 13.45 40.18
C CYS A 478 -7.22 12.79 38.89
N ILE A 479 -8.38 13.15 38.35
CA ILE A 479 -8.84 12.48 37.14
C ILE A 479 -7.88 12.75 35.99
N SER A 480 -7.50 14.01 35.79
CA SER A 480 -6.64 14.32 34.65
C SER A 480 -5.28 13.66 34.82
N THR A 481 -4.72 13.73 36.03
CA THR A 481 -3.41 13.11 36.26
C THR A 481 -3.46 11.60 36.07
N VAL A 482 -4.51 10.95 36.58
CA VAL A 482 -4.61 9.50 36.46
C VAL A 482 -4.75 9.10 34.99
N VAL A 483 -5.61 9.78 34.23
CA VAL A 483 -5.78 9.41 32.84
C VAL A 483 -4.50 9.65 32.06
N HIS A 484 -3.85 10.79 32.30
CA HIS A 484 -2.59 11.08 31.60
C HIS A 484 -1.53 10.04 31.93
N GLN A 485 -1.41 9.67 33.20
CA GLN A 485 -0.41 8.69 33.59
C GLN A 485 -0.73 7.31 33.01
N GLY A 486 -1.99 6.93 32.98
CA GLY A 486 -2.35 5.65 32.39
C GLY A 486 -2.03 5.61 30.91
N LEU A 487 -2.30 6.71 30.20
CA LEU A 487 -1.98 6.77 28.79
C LEU A 487 -0.48 6.70 28.57
N ILE A 488 0.30 7.39 29.41
CA ILE A 488 1.75 7.32 29.30
C ILE A 488 2.24 5.90 29.54
N ARG A 489 1.66 5.22 30.55
CA ARG A 489 2.04 3.84 30.82
C ARG A 489 1.77 2.95 29.63
N ILE A 490 0.58 3.09 29.02
CA ILE A 490 0.21 2.19 27.92
C ILE A 490 0.76 2.64 26.58
N CYS A 491 1.46 3.77 26.52
CA CYS A 491 2.26 4.07 25.35
C CYS A 491 3.66 3.49 25.42
N SER A 492 4.24 3.43 26.61
CA SER A 492 5.59 2.88 26.78
C SER A 492 5.65 1.37 26.61
N LYS A 493 4.50 0.69 26.54
CA LYS A 493 4.53 -0.74 26.30
C LYS A 493 5.21 -1.02 24.97
N PRO A 494 6.03 -2.07 24.88
CA PRO A 494 6.83 -2.30 23.67
C PRO A 494 5.96 -2.42 22.44
N VAL A 495 6.43 -1.82 21.34
CA VAL A 495 5.66 -1.81 20.10
C VAL A 495 5.70 -3.18 19.46
N VAL A 496 4.60 -3.55 18.81
CA VAL A 496 4.46 -4.85 18.17
C VAL A 496 4.43 -4.64 16.66
N LEU A 497 5.23 -5.45 15.95
CA LEU A 497 5.27 -5.44 14.50
C LEU A 497 5.20 -6.87 14.00
N PRO A 498 4.59 -7.09 12.81
CA PRO A 498 4.45 -8.44 12.25
C PRO A 498 5.79 -9.13 12.02
N TRP A 519 0.72 -12.85 34.03
CA TRP A 519 1.82 -11.91 34.12
C TRP A 519 2.49 -11.73 32.77
N LYS A 520 1.73 -11.98 31.70
CA LYS A 520 2.27 -11.86 30.35
C LYS A 520 2.61 -10.42 30.02
N VAL A 521 3.63 -10.24 29.21
CA VAL A 521 3.99 -8.89 28.77
C VAL A 521 2.89 -8.35 27.87
N PRO A 522 2.32 -7.20 28.17
CA PRO A 522 1.17 -6.72 27.41
C PRO A 522 1.56 -5.82 26.26
N THR A 523 0.57 -5.36 25.51
CA THR A 523 0.77 -4.36 24.47
C THR A 523 -0.47 -3.47 24.43
N TYR A 524 -0.43 -2.45 23.58
CA TYR A 524 -1.51 -1.48 23.56
C TYR A 524 -2.86 -2.10 23.18
N LYS A 525 -2.85 -3.29 22.57
CA LYS A 525 -4.11 -3.91 22.19
C LYS A 525 -4.90 -4.41 23.37
N ASP A 526 -4.25 -4.67 24.50
CA ASP A 526 -4.95 -5.22 25.65
C ASP A 526 -5.79 -4.17 26.38
N TYR A 527 -5.32 -2.92 26.41
CA TYR A 527 -5.98 -1.87 27.17
C TYR A 527 -7.11 -1.21 26.41
N VAL A 528 -7.33 -1.56 25.14
CA VAL A 528 -8.40 -0.92 24.38
C VAL A 528 -9.76 -1.23 25.01
N ASP A 529 -9.96 -2.48 25.43
CA ASP A 529 -11.23 -2.86 26.03
C ASP A 529 -11.50 -2.12 27.32
N LEU A 530 -10.46 -1.68 28.02
CA LEU A 530 -10.66 -0.91 29.24
C LEU A 530 -11.14 0.51 28.92
N PHE A 531 -10.49 1.17 27.97
CA PHE A 531 -10.87 2.54 27.67
C PHE A 531 -12.22 2.60 26.97
N ARG A 532 -12.58 1.56 26.20
CA ARG A 532 -13.91 1.52 25.62
C ARG A 532 -14.97 1.53 26.71
N HIS A 533 -14.77 0.74 27.78
CA HIS A 533 -15.71 0.75 28.89
C HIS A 533 -15.66 2.07 29.64
N LEU A 534 -14.47 2.62 29.86
CA LEU A 534 -14.35 3.87 30.60
C LEU A 534 -15.06 5.00 29.87
N LEU A 535 -15.11 4.96 28.54
CA LEU A 535 -15.80 5.98 27.78
C LEU A 535 -17.29 5.70 27.61
N SER A 536 -17.78 4.59 28.15
CA SER A 536 -19.20 4.24 28.13
C SER A 536 -19.68 3.95 29.54
N SER A 537 -19.27 4.77 30.50
CA SER A 537 -19.66 4.55 31.89
C SER A 537 -21.09 4.98 32.17
N ASP A 538 -21.64 5.90 31.38
CA ASP A 538 -23.01 6.36 31.58
C ASP A 538 -24.00 5.35 31.00
N GLN A 539 -23.83 4.12 31.45
CA GLN A 539 -24.55 2.95 30.97
C GLN A 539 -24.69 1.99 32.15
N MET A 540 -24.94 0.71 31.85
CA MET A 540 -25.15 -0.29 32.89
C MET A 540 -24.11 -0.20 34.01
N MET A 541 -22.92 0.31 33.70
CA MET A 541 -21.95 0.59 34.76
C MET A 541 -22.51 1.56 35.78
N ASP A 542 -23.02 2.70 35.31
CA ASP A 542 -23.57 3.69 36.23
C ASP A 542 -24.86 3.23 36.88
N SER A 543 -25.59 2.31 36.25
CA SER A 543 -26.78 1.76 36.88
C SER A 543 -26.42 0.82 38.02
N ILE A 544 -25.45 -0.07 37.79
CA ILE A 544 -25.07 -1.00 38.84
C ILE A 544 -24.25 -0.33 39.94
N LEU A 545 -23.62 0.80 39.65
CA LEU A 545 -23.00 1.56 40.73
C LEU A 545 -24.03 2.20 41.65
N ALA A 546 -25.30 2.20 41.27
CA ALA A 546 -26.38 2.66 42.13
C ALA A 546 -26.85 1.59 43.11
N ASP A 547 -26.07 0.53 43.30
CA ASP A 547 -26.44 -0.49 44.28
C ASP A 547 -26.52 0.12 45.68
N GLU A 548 -25.56 0.96 46.02
CA GLU A 548 -25.57 1.68 47.29
C GLU A 548 -26.05 3.11 47.08
N ALA A 549 -26.62 3.69 48.14
CA ALA A 549 -27.23 5.01 48.05
C ALA A 549 -26.16 6.09 47.89
N PHE A 550 -25.87 6.47 46.65
CA PHE A 550 -24.81 7.41 46.37
C PHE A 550 -25.31 8.78 45.92
N PHE A 551 -26.59 8.92 45.60
CA PHE A 551 -27.12 10.20 45.17
C PHE A 551 -27.39 11.06 46.40
N SER A 552 -28.14 12.16 46.22
CA SER A 552 -28.44 13.14 47.25
C SER A 552 -27.20 13.87 47.75
N VAL A 553 -26.10 13.81 46.99
CA VAL A 553 -24.90 14.58 47.26
C VAL A 553 -24.46 15.21 45.94
N ASN A 554 -23.64 16.25 46.05
CA ASN A 554 -23.21 16.98 44.86
C ASN A 554 -22.34 16.09 43.99
N SER A 555 -22.91 15.57 42.89
CA SER A 555 -22.25 14.57 42.08
C SER A 555 -22.40 14.91 40.60
N SER A 556 -21.35 14.65 39.84
CA SER A 556 -21.42 14.70 38.38
C SER A 556 -21.74 13.31 37.83
N SER A 557 -22.82 12.73 38.37
CA SER A 557 -23.28 11.40 37.99
C SER A 557 -24.09 11.38 36.70
N GLU A 558 -24.01 12.44 35.91
CA GLU A 558 -24.83 12.60 34.72
C GLU A 558 -24.09 12.34 33.42
N SER A 559 -22.88 12.86 33.27
CA SER A 559 -22.16 12.79 32.00
C SER A 559 -20.68 12.46 32.24
N LEU A 560 -20.44 11.45 33.07
CA LEU A 560 -19.06 11.03 33.31
C LEU A 560 -18.36 10.62 32.03
N ASN A 561 -19.10 10.06 31.07
CA ASN A 561 -18.50 9.70 29.79
C ASN A 561 -17.89 10.92 29.12
N HIS A 562 -18.60 12.04 29.13
CA HIS A 562 -18.09 13.25 28.50
C HIS A 562 -16.82 13.73 29.18
N LEU A 563 -16.78 13.69 30.51
CA LEU A 563 -15.60 14.14 31.24
C LEU A 563 -14.41 13.24 30.94
N LEU A 564 -14.61 11.92 30.94
CA LEU A 564 -13.51 11.02 30.62
C LEU A 564 -13.03 11.22 29.20
N TYR A 565 -13.94 11.43 28.26
CA TYR A 565 -13.52 11.65 26.88
C TYR A 565 -12.69 12.91 26.75
N ASP A 566 -13.12 13.99 27.40
CA ASP A 566 -12.35 15.23 27.35
C ASP A 566 -10.97 15.03 27.95
N GLU A 567 -10.90 14.34 29.10
CA GLU A 567 -9.61 14.10 29.73
C GLU A 567 -8.70 13.30 28.81
N PHE A 568 -9.24 12.27 28.17
CA PHE A 568 -8.43 11.44 27.29
C PHE A 568 -7.91 12.23 26.10
N VAL A 569 -8.76 13.04 25.48
CA VAL A 569 -8.33 13.78 24.30
C VAL A 569 -7.27 14.81 24.66
N LYS A 570 -7.50 15.57 25.74
CA LYS A 570 -6.49 16.55 26.08
C LYS A 570 -5.22 15.89 26.60
N SER A 571 -5.31 14.67 27.14
CA SER A 571 -4.10 13.93 27.48
C SER A 571 -3.33 13.52 26.23
N VAL A 572 -4.05 13.12 25.18
CA VAL A 572 -3.37 12.80 23.92
C VAL A 572 -2.66 14.04 23.39
N LEU A 573 -3.33 15.19 23.44
CA LEU A 573 -2.70 16.43 22.98
C LEU A 573 -1.45 16.74 23.81
N LYS A 574 -1.55 16.63 25.13
CA LYS A 574 -0.40 16.92 25.98
C LYS A 574 0.76 15.99 25.69
N ILE A 575 0.47 14.71 25.45
CA ILE A 575 1.53 13.77 25.13
C ILE A 575 2.18 14.13 23.80
N VAL A 576 1.36 14.41 22.78
CA VAL A 576 1.92 14.59 21.45
C VAL A 576 2.66 15.91 21.32
N GLU A 577 2.36 16.91 22.15
CA GLU A 577 3.04 18.19 21.99
C GLU A 577 4.33 18.28 22.79
N LYS A 578 4.70 17.24 23.56
CA LYS A 578 5.97 17.24 24.27
C LYS A 578 6.77 15.98 23.96
N LEU A 579 6.61 15.45 22.76
CA LEU A 579 7.42 14.33 22.28
C LEU A 579 8.47 14.87 21.32
N ASP A 580 9.72 14.51 21.53
CA ASP A 580 10.81 14.96 20.68
C ASP A 580 10.94 13.98 19.53
N LEU A 581 10.32 14.31 18.40
CA LEU A 581 10.34 13.47 17.20
C LEU A 581 11.31 13.97 16.15
N THR A 582 12.19 14.90 16.51
CA THR A 582 13.09 15.50 15.54
C THR A 582 13.99 14.45 14.91
N LEU A 583 14.16 14.55 13.59
CA LEU A 583 14.98 13.62 12.82
C LEU A 583 16.34 14.23 12.57
N GLU A 584 17.39 13.45 12.79
CA GLU A 584 18.76 13.90 12.60
C GLU A 584 19.42 13.14 11.47
N ILE A 585 20.33 13.80 10.79
CA ILE A 585 21.00 13.23 9.63
C ILE A 585 22.11 12.29 10.09
N GLN A 586 22.18 11.13 9.46
CA GLN A 586 23.22 10.16 9.78
C GLN A 586 24.60 10.73 9.50
N MET A 602 29.42 8.05 2.61
CA MET A 602 28.28 8.91 2.38
C MET A 602 28.01 9.07 0.89
N ILE A 603 26.74 9.05 0.50
CA ILE A 603 26.35 9.24 -0.89
C ILE A 603 25.21 10.26 -0.93
N PRO A 604 25.34 11.32 -1.73
CA PRO A 604 24.25 12.29 -1.83
C PRO A 604 22.96 11.64 -2.29
N THR A 605 21.86 12.02 -1.64
CA THR A 605 20.56 11.43 -1.91
C THR A 605 19.56 12.55 -2.21
N SER A 606 18.59 12.23 -3.05
CA SER A 606 17.57 13.19 -3.43
C SER A 606 16.24 12.98 -2.73
N ASP A 607 15.92 11.75 -2.34
CA ASP A 607 14.67 11.50 -1.63
C ASP A 607 14.82 12.00 -0.19
N PRO A 608 13.84 12.72 0.33
CA PRO A 608 13.99 13.28 1.68
C PRO A 608 13.61 12.31 2.76
N ALA A 609 14.05 11.06 2.64
CA ALA A 609 13.73 10.05 3.64
C ALA A 609 14.87 9.10 3.93
N ALA A 610 16.03 9.29 3.34
CA ALA A 610 17.16 8.39 3.54
C ALA A 610 18.24 9.08 4.37
N ASN A 611 19.08 8.27 5.00
CA ASN A 611 20.13 8.75 5.90
C ASN A 611 19.57 9.58 7.04
N LEU A 612 18.34 9.30 7.45
CA LEU A 612 17.69 9.99 8.55
C LEU A 612 17.37 9.00 9.66
N HIS A 613 17.78 9.34 10.87
CA HIS A 613 17.45 8.55 12.05
C HIS A 613 16.84 9.46 13.09
N PRO A 614 15.96 8.93 13.94
CA PRO A 614 15.36 9.76 14.98
C PRO A 614 16.40 10.22 16.00
N ALA A 615 16.17 11.40 16.57
CA ALA A 615 17.05 11.87 17.62
C ALA A 615 16.90 11.03 18.89
N LYS A 616 15.67 10.69 19.25
CA LYS A 616 15.39 9.81 20.38
C LYS A 616 14.61 8.60 19.88
N PRO A 617 15.26 7.47 19.63
CA PRO A 617 14.56 6.32 19.04
C PRO A 617 13.47 5.75 19.93
N LYS A 618 13.52 6.00 21.24
CA LYS A 618 12.52 5.46 22.15
C LYS A 618 11.28 6.34 22.25
N ASP A 619 11.22 7.44 21.51
CA ASP A 619 10.02 8.25 21.45
C ASP A 619 9.15 7.89 20.26
N PHE A 620 9.75 7.37 19.19
CA PHE A 620 8.93 6.97 18.05
C PHE A 620 8.08 5.75 18.37
N SER A 621 8.59 4.83 19.19
CA SER A 621 7.76 3.71 19.63
C SER A 621 6.56 4.22 20.41
N ALA A 622 6.78 5.18 21.31
CA ALA A 622 5.67 5.74 22.07
C ALA A 622 4.67 6.44 21.15
N PHE A 623 5.17 7.18 20.19
CA PHE A 623 4.26 7.87 19.28
C PHE A 623 3.46 6.89 18.44
N ILE A 624 4.09 5.82 17.96
CA ILE A 624 3.37 4.83 17.16
C ILE A 624 2.30 4.15 18.01
N ASN A 625 2.65 3.80 19.25
CA ASN A 625 1.65 3.20 20.13
C ASN A 625 0.49 4.17 20.36
N LEU A 626 0.79 5.45 20.56
CA LEU A 626 -0.26 6.43 20.79
C LEU A 626 -1.17 6.56 19.57
N VAL A 627 -0.60 6.56 18.37
CA VAL A 627 -1.42 6.67 17.17
C VAL A 627 -2.29 5.43 17.00
N GLU A 628 -1.71 4.24 17.19
CA GLU A 628 -2.49 3.02 17.03
C GLU A 628 -3.56 2.89 18.11
N PHE A 629 -3.36 3.54 19.26
CA PHE A 629 -4.38 3.53 20.30
C PHE A 629 -5.51 4.51 19.98
N CYS A 630 -5.15 5.73 19.57
CA CYS A 630 -6.17 6.71 19.21
C CYS A 630 -7.01 6.23 18.05
N ARG A 631 -6.38 5.54 17.08
CA ARG A 631 -7.16 5.01 15.96
C ARG A 631 -8.20 4.01 16.41
N GLU A 632 -8.04 3.42 17.60
CA GLU A 632 -8.98 2.44 18.11
C GLU A 632 -9.97 3.02 19.10
N ILE A 633 -9.65 4.15 19.74
CA ILE A 633 -10.50 4.74 20.75
C ILE A 633 -11.38 5.85 20.17
N LEU A 634 -10.76 6.83 19.50
CA LEU A 634 -11.48 8.02 19.06
C LEU A 634 -12.60 7.75 18.07
N PRO A 635 -12.39 7.04 16.95
CA PRO A 635 -13.41 7.10 15.89
C PRO A 635 -14.70 6.37 16.22
N GLU A 636 -14.61 5.16 16.77
CA GLU A 636 -15.82 4.38 17.02
C GLU A 636 -16.69 5.03 18.09
N LYS A 637 -16.06 5.69 19.06
CA LYS A 637 -16.83 6.38 20.09
C LYS A 637 -17.71 7.45 19.46
N GLN A 638 -18.89 7.66 20.04
CA GLN A 638 -19.85 8.58 19.47
C GLN A 638 -19.22 9.94 19.25
N ALA A 639 -19.45 10.51 18.07
CA ALA A 639 -18.76 11.71 17.66
C ALA A 639 -19.30 12.98 18.31
N GLU A 640 -20.51 12.93 18.89
CA GLU A 640 -21.09 14.14 19.46
C GLU A 640 -20.26 14.69 20.61
N PHE A 641 -19.38 13.88 21.19
CA PHE A 641 -18.40 14.41 22.13
C PHE A 641 -17.26 15.12 21.42
N PHE A 642 -16.94 14.69 20.20
CA PHE A 642 -15.79 15.20 19.48
C PHE A 642 -16.07 16.51 18.76
N GLU A 643 -17.29 17.00 18.78
CA GLU A 643 -17.61 18.21 18.02
C GLU A 643 -16.81 19.43 18.48
N PRO A 644 -16.69 19.75 19.77
CA PRO A 644 -15.93 20.95 20.15
C PRO A 644 -14.44 20.81 19.99
N TRP A 645 -13.91 19.60 19.79
CA TRP A 645 -12.48 19.40 19.73
C TRP A 645 -11.90 19.50 18.32
N VAL A 646 -12.75 19.44 17.30
CA VAL A 646 -12.24 19.28 15.93
C VAL A 646 -11.31 20.42 15.56
N TYR A 647 -11.69 21.65 15.86
CA TYR A 647 -10.79 22.76 15.55
C TYR A 647 -9.55 22.71 16.43
N SER A 648 -9.70 22.37 17.71
CA SER A 648 -8.55 22.34 18.59
C SER A 648 -7.65 21.16 18.26
N PHE A 649 -8.23 20.01 17.92
CA PHE A 649 -7.42 18.83 17.69
C PHE A 649 -6.72 18.88 16.33
N SER A 650 -7.38 19.42 15.31
CA SER A 650 -6.73 19.51 14.01
C SER A 650 -5.63 20.54 14.01
N TYR A 651 -5.90 21.73 14.54
CA TYR A 651 -4.94 22.81 14.44
C TYR A 651 -3.67 22.52 15.22
N GLU A 652 -3.76 21.77 16.31
CA GLU A 652 -2.57 21.41 17.06
C GLU A 652 -1.87 20.18 16.48
N LEU A 653 -2.41 19.58 15.44
CA LEU A 653 -1.73 18.54 14.69
C LEU A 653 -1.18 19.02 13.36
N ILE A 654 -1.96 19.80 12.61
CA ILE A 654 -1.44 20.39 11.38
C ILE A 654 -0.21 21.22 11.68
N LEU A 655 -0.28 22.05 12.73
CA LEU A 655 0.88 22.84 13.13
C LEU A 655 2.06 21.94 13.44
N GLN A 656 1.81 20.75 13.97
CA GLN A 656 2.89 19.79 14.15
C GLN A 656 3.29 19.15 12.84
N SER A 657 2.31 18.77 12.03
CA SER A 657 2.62 18.01 10.82
C SER A 657 3.40 18.84 9.82
N THR A 658 3.15 20.15 9.77
CA THR A 658 3.96 21.02 8.94
C THR A 658 5.42 20.98 9.39
N ARG A 659 5.65 20.95 10.69
CA ARG A 659 7.02 20.96 11.20
C ARG A 659 7.76 19.69 10.82
N LEU A 660 7.10 18.54 10.90
CA LEU A 660 7.73 17.24 10.67
C LEU A 660 6.90 16.47 9.63
N PRO A 661 6.99 16.86 8.36
CA PRO A 661 6.12 16.24 7.36
C PRO A 661 6.37 14.76 7.14
N LEU A 662 7.53 14.24 7.53
CA LEU A 662 7.87 12.86 7.25
C LEU A 662 7.32 11.88 8.26
N ILE A 663 6.72 12.34 9.35
CA ILE A 663 6.18 11.44 10.36
C ILE A 663 4.81 10.98 9.88
N SER A 664 4.71 9.69 9.53
CA SER A 664 3.45 9.17 9.01
C SER A 664 2.35 9.15 10.05
N GLY A 665 2.69 9.32 11.33
CA GLY A 665 1.68 9.25 12.36
C GLY A 665 0.67 10.39 12.27
N PHE A 666 1.14 11.59 11.99
CA PHE A 666 0.27 12.76 12.05
C PHE A 666 -0.81 12.77 10.98
N TYR A 667 -0.72 11.93 9.96
CA TYR A 667 -1.82 11.81 9.02
C TYR A 667 -2.80 10.72 9.43
N LYS A 668 -2.33 9.64 10.06
CA LYS A 668 -3.27 8.68 10.62
C LYS A 668 -4.00 9.25 11.81
N LEU A 669 -3.40 10.23 12.48
CA LEU A 669 -4.03 10.90 13.62
C LEU A 669 -4.92 12.06 13.18
N LEU A 670 -4.86 12.43 11.90
CA LEU A 670 -5.69 13.48 11.35
C LEU A 670 -6.82 12.94 10.49
N SER A 671 -6.64 11.76 9.90
CA SER A 671 -7.73 11.11 9.20
C SER A 671 -8.83 10.71 10.17
N ILE A 672 -8.49 10.35 11.41
CA ILE A 672 -9.55 10.03 12.35
C ILE A 672 -10.22 11.28 12.88
N THR A 673 -9.58 12.44 12.75
CA THR A 673 -10.28 13.70 13.01
C THR A 673 -11.25 14.00 11.87
N VAL A 674 -10.79 13.86 10.63
CA VAL A 674 -11.64 14.22 9.49
C VAL A 674 -12.82 13.25 9.36
N ARG A 675 -12.57 11.95 9.54
CA ARG A 675 -13.63 10.97 9.29
C ARG A 675 -14.80 11.13 10.23
N ASN A 676 -14.55 11.38 11.51
CA ASN A 676 -15.65 11.59 12.44
C ASN A 676 -15.99 13.06 12.61
N ALA A 677 -15.36 13.95 11.84
CA ALA A 677 -15.89 15.28 11.63
C ALA A 677 -16.88 15.32 10.47
N LYS A 678 -17.08 14.20 9.81
CA LYS A 678 -18.11 14.08 8.78
C LYS A 678 -19.34 13.35 9.27
N LYS A 679 -19.22 12.50 10.29
CA LYS A 679 -20.40 11.93 10.91
C LYS A 679 -21.26 13.02 11.53
N ILE A 680 -20.63 14.01 12.16
CA ILE A 680 -21.34 15.15 12.73
C ILE A 680 -21.92 16.06 11.66
N LYS A 681 -21.53 15.87 10.40
CA LYS A 681 -21.81 16.84 9.33
C LYS A 681 -21.28 18.22 9.73
N TYR A 682 -20.08 18.23 10.30
CA TYR A 682 -19.48 19.45 10.82
C TYR A 682 -19.12 20.44 9.73
N PHE A 683 -18.97 19.99 8.49
CA PHE A 683 -18.46 20.83 7.41
C PHE A 683 -19.52 21.29 6.44
N GLU A 684 -20.75 20.81 6.56
CA GLU A 684 -21.77 21.19 5.60
C GLU A 684 -22.18 22.65 5.79
N GLY A 685 -22.51 23.31 4.68
CA GLY A 685 -22.90 24.71 4.72
C GLY A 685 -21.79 25.63 5.18
N VAL A 686 -20.57 25.40 4.71
CA VAL A 686 -19.42 26.21 5.12
C VAL A 686 -18.63 26.78 3.95
N SER A 687 -18.80 26.26 2.74
CA SER A 687 -17.98 26.67 1.60
C SER A 687 -17.95 28.17 1.35
N PRO A 688 -19.07 28.92 1.39
CA PRO A 688 -18.92 30.36 1.16
C PRO A 688 -18.26 31.09 2.32
N ASP A 697 -20.53 30.96 12.35
CA ASP A 697 -19.55 30.70 13.39
C ASP A 697 -18.14 30.70 12.82
N PRO A 698 -17.32 31.68 13.23
CA PRO A 698 -15.96 31.79 12.68
C PRO A 698 -15.08 30.59 12.99
N GLU A 699 -15.40 29.80 14.01
CA GLU A 699 -14.61 28.62 14.29
C GLU A 699 -14.70 27.59 13.17
N LYS A 700 -15.92 27.36 12.67
CA LYS A 700 -16.11 26.45 11.54
C LYS A 700 -15.34 26.94 10.32
N TYR A 701 -15.43 28.24 10.03
CA TYR A 701 -14.79 28.77 8.84
C TYR A 701 -13.27 28.73 8.99
N SER A 702 -12.77 28.97 10.20
CA SER A 702 -11.33 28.87 10.42
C SER A 702 -10.84 27.45 10.21
N CYS A 703 -11.58 26.46 10.73
CA CYS A 703 -11.18 25.08 10.50
C CYS A 703 -11.23 24.72 9.02
N PHE A 704 -12.27 25.19 8.31
CA PHE A 704 -12.39 24.90 6.89
C PHE A 704 -11.24 25.50 6.10
N ALA A 705 -10.93 26.77 6.35
CA ALA A 705 -9.84 27.43 5.65
C ALA A 705 -8.49 26.86 6.06
N LEU A 706 -8.41 26.23 7.23
CA LEU A 706 -7.19 25.51 7.59
C LEU A 706 -7.06 24.24 6.77
N PHE A 707 -8.14 23.47 6.66
CA PHE A 707 -8.08 22.20 5.95
C PHE A 707 -7.85 22.40 4.46
N VAL A 708 -8.42 23.45 3.86
CA VAL A 708 -8.18 23.69 2.44
C VAL A 708 -6.69 23.91 2.19
N LYS A 709 -6.09 24.80 2.97
CA LYS A 709 -4.67 25.12 2.79
C LYS A 709 -3.80 23.90 3.05
N PHE A 710 -4.10 23.13 4.10
CA PHE A 710 -3.29 21.94 4.35
C PHE A 710 -3.49 20.88 3.28
N GLY A 711 -4.70 20.79 2.72
CA GLY A 711 -4.91 19.85 1.64
C GLY A 711 -4.06 20.18 0.43
N LYS A 712 -4.01 21.46 0.07
CA LYS A 712 -3.14 21.86 -1.04
C LYS A 712 -1.68 21.55 -0.73
N GLU A 713 -1.23 21.89 0.48
CA GLU A 713 0.17 21.65 0.83
C GLU A 713 0.52 20.18 0.75
N VAL A 714 -0.33 19.32 1.34
CA VAL A 714 0.01 17.90 1.37
C VAL A 714 -0.12 17.28 -0.01
N ALA A 715 -1.07 17.75 -0.83
CA ALA A 715 -1.18 17.22 -2.18
C ALA A 715 0.05 17.58 -3.01
N VAL A 716 0.64 18.74 -2.76
CA VAL A 716 1.89 19.06 -3.44
C VAL A 716 3.05 18.23 -2.89
N LYS A 717 3.11 18.07 -1.57
CA LYS A 717 4.26 17.41 -0.94
C LYS A 717 4.29 15.93 -1.25
N MET A 718 3.14 15.27 -1.28
CA MET A 718 3.08 13.82 -1.37
C MET A 718 3.60 13.25 -2.68
N LYS A 719 4.13 14.10 -3.55
CA LYS A 719 4.72 13.58 -4.78
C LYS A 719 5.97 12.75 -4.49
N GLN A 720 6.78 13.18 -3.51
CA GLN A 720 8.09 12.59 -3.27
C GLN A 720 8.08 11.44 -2.28
N TYR A 721 6.95 11.13 -1.65
CA TYR A 721 6.97 10.13 -0.60
C TYR A 721 6.96 8.73 -1.21
N LYS A 722 6.92 7.72 -0.34
CA LYS A 722 7.19 6.36 -0.78
C LYS A 722 6.33 5.41 0.05
N ASP A 723 6.71 4.12 0.05
CA ASP A 723 5.82 3.00 0.31
C ASP A 723 4.75 3.27 1.37
N GLU A 724 5.15 3.64 2.58
CA GLU A 724 4.20 3.72 3.67
C GLU A 724 3.72 5.13 3.98
N LEU A 725 4.63 6.11 3.98
CA LEU A 725 4.22 7.49 4.21
C LEU A 725 3.21 7.93 3.15
N LEU A 726 3.41 7.49 1.91
CA LEU A 726 2.45 7.81 0.85
C LEU A 726 1.10 7.18 1.13
N ALA A 727 1.09 5.97 1.68
CA ALA A 727 -0.17 5.30 2.00
C ALA A 727 -0.94 6.00 3.11
N SER A 728 -0.29 6.87 3.87
CA SER A 728 -0.99 7.68 4.87
C SER A 728 -1.39 9.03 4.32
N CYS A 729 -0.52 9.66 3.53
CA CYS A 729 -0.89 10.93 2.91
C CYS A 729 -2.11 10.75 2.01
N LEU A 730 -2.13 9.68 1.21
CA LEU A 730 -3.28 9.45 0.33
C LEU A 730 -4.54 9.14 1.12
N THR A 731 -4.42 8.33 2.17
CA THR A 731 -5.59 7.99 2.97
C THR A 731 -6.19 9.23 3.62
N PHE A 732 -5.34 10.14 4.09
CA PHE A 732 -5.86 11.40 4.61
C PHE A 732 -6.49 12.23 3.50
N LEU A 733 -5.78 12.39 2.38
CA LEU A 733 -6.21 13.32 1.35
C LEU A 733 -7.56 12.92 0.77
N LEU A 734 -7.75 11.64 0.47
CA LEU A 734 -8.99 11.21 -0.15
C LEU A 734 -10.15 11.17 0.83
N SER A 735 -9.91 11.38 2.12
CA SER A 735 -10.98 11.39 3.10
C SER A 735 -11.54 12.78 3.34
N LEU A 736 -11.00 13.81 2.69
CA LEU A 736 -11.47 15.17 2.90
C LEU A 736 -12.93 15.28 2.45
N PRO A 737 -13.72 16.13 3.10
CA PRO A 737 -15.12 16.26 2.72
C PRO A 737 -15.26 16.90 1.34
N HIS A 738 -16.39 16.61 0.69
CA HIS A 738 -16.58 17.06 -0.68
C HIS A 738 -16.70 18.57 -0.80
N ASN A 739 -16.92 19.30 0.29
CA ASN A 739 -16.87 20.76 0.21
C ASN A 739 -15.48 21.24 -0.19
N ILE A 740 -14.45 20.67 0.44
CA ILE A 740 -13.08 21.10 0.15
C ILE A 740 -12.65 20.65 -1.23
N ILE A 741 -13.00 19.43 -1.62
CA ILE A 741 -12.61 18.91 -2.92
C ILE A 741 -13.27 19.70 -4.04
N GLU A 742 -14.52 20.11 -3.82
CA GLU A 742 -15.31 20.75 -4.87
C GLU A 742 -14.62 22.00 -5.41
N LEU A 743 -13.78 22.64 -4.60
CA LEU A 743 -13.18 23.89 -5.03
C LEU A 743 -12.15 23.68 -6.13
N ASP A 744 -11.23 22.73 -5.93
CA ASP A 744 -10.06 22.62 -6.79
C ASP A 744 -9.76 21.16 -7.12
N VAL A 745 -10.78 20.44 -7.62
CA VAL A 745 -10.66 19.01 -7.91
C VAL A 745 -9.37 18.65 -8.62
N ARG A 746 -8.88 19.56 -9.48
CA ARG A 746 -7.71 19.25 -10.30
C ARG A 746 -6.49 18.93 -9.44
N ALA A 747 -6.36 19.55 -8.27
CA ALA A 747 -5.22 19.26 -7.42
C ALA A 747 -5.29 17.85 -6.85
N TYR A 748 -6.48 17.41 -6.46
CA TYR A 748 -6.63 16.12 -5.80
C TYR A 748 -6.82 14.97 -6.77
N VAL A 749 -7.02 15.23 -8.06
CA VAL A 749 -7.10 14.13 -9.03
C VAL A 749 -5.82 13.29 -9.05
N PRO A 750 -4.62 13.86 -9.07
CA PRO A 750 -3.42 13.01 -9.02
C PRO A 750 -3.38 12.11 -7.80
N ALA A 751 -3.89 12.58 -6.66
CA ALA A 751 -3.97 11.70 -5.49
C ALA A 751 -4.84 10.50 -5.78
N LEU A 752 -5.98 10.70 -6.44
CA LEU A 752 -6.86 9.59 -6.77
C LEU A 752 -6.19 8.62 -7.75
N GLN A 753 -5.54 9.16 -8.77
CA GLN A 753 -4.85 8.30 -9.72
C GLN A 753 -3.80 7.45 -9.03
N MET A 754 -3.02 8.07 -8.15
CA MET A 754 -1.94 7.32 -7.50
C MET A 754 -2.49 6.34 -6.49
N ALA A 755 -3.62 6.65 -5.85
CA ALA A 755 -4.25 5.69 -4.96
C ALA A 755 -4.70 4.46 -5.73
N PHE A 756 -5.30 4.67 -6.91
CA PHE A 756 -5.72 3.52 -7.70
C PHE A 756 -4.53 2.73 -8.23
N LYS A 757 -3.43 3.42 -8.58
CA LYS A 757 -2.24 2.71 -9.03
C LYS A 757 -1.64 1.87 -7.91
N LEU A 758 -1.62 2.38 -6.69
CA LEU A 758 -1.08 1.62 -5.56
C LEU A 758 -2.05 0.57 -5.06
N GLY A 759 -3.33 0.67 -5.40
CA GLY A 759 -4.31 -0.27 -4.88
C GLY A 759 -4.17 -1.68 -5.40
N LEU A 760 -3.52 -1.85 -6.56
CA LEU A 760 -3.38 -3.17 -7.14
C LEU A 760 -2.53 -4.10 -6.27
N SER A 761 -1.68 -3.54 -5.40
CA SER A 761 -0.85 -4.34 -4.52
C SER A 761 -1.12 -4.10 -3.04
N TYR A 762 -1.99 -3.15 -2.69
CA TYR A 762 -2.29 -2.83 -1.30
C TYR A 762 -3.77 -2.48 -1.24
N THR A 763 -4.60 -3.44 -0.86
CA THR A 763 -6.04 -3.29 -1.00
C THR A 763 -6.64 -2.10 -0.25
N PRO A 764 -6.28 -1.80 0.99
CA PRO A 764 -6.95 -0.68 1.68
C PRO A 764 -6.83 0.65 0.95
N LEU A 765 -5.75 0.87 0.22
CA LEU A 765 -5.67 2.07 -0.61
C LEU A 765 -6.71 2.05 -1.71
N ALA A 766 -6.94 0.89 -2.32
CA ALA A 766 -8.00 0.77 -3.31
C ALA A 766 -9.36 1.04 -2.68
N GLU A 767 -9.56 0.56 -1.46
CA GLU A 767 -10.82 0.84 -0.75
C GLU A 767 -11.01 2.34 -0.55
N VAL A 768 -9.95 3.02 -0.13
CA VAL A 768 -10.05 4.46 0.10
C VAL A 768 -10.35 5.18 -1.20
N GLY A 769 -9.63 4.83 -2.27
CA GLY A 769 -9.87 5.48 -3.55
C GLY A 769 -11.27 5.25 -4.06
N LEU A 770 -11.78 4.04 -3.89
CA LEU A 770 -13.12 3.73 -4.37
C LEU A 770 -14.19 4.45 -3.55
N ASN A 771 -14.03 4.50 -2.24
CA ASN A 771 -14.99 5.23 -1.42
C ASN A 771 -14.89 6.73 -1.63
N ALA A 772 -13.76 7.22 -2.13
CA ALA A 772 -13.68 8.63 -2.47
C ALA A 772 -14.33 8.93 -3.81
N LEU A 773 -14.15 8.04 -4.79
CA LEU A 773 -14.78 8.24 -6.08
C LEU A 773 -16.30 8.10 -5.98
N GLU A 774 -16.77 7.14 -5.20
CA GLU A 774 -18.22 6.95 -5.02
C GLU A 774 -18.88 8.11 -4.29
N GLU A 775 -18.09 8.98 -3.66
CA GLU A 775 -18.61 10.18 -3.03
C GLU A 775 -18.47 11.40 -3.92
N TRP A 776 -17.36 11.52 -4.64
CA TRP A 776 -17.19 12.61 -5.58
C TRP A 776 -18.24 12.54 -6.69
N SER A 777 -18.46 11.35 -7.24
CA SER A 777 -19.41 11.23 -8.35
C SER A 777 -20.84 11.52 -7.92
N ILE A 778 -21.14 11.43 -6.62
CA ILE A 778 -22.49 11.64 -6.14
C ILE A 778 -22.68 13.10 -5.75
N TYR A 779 -21.84 13.61 -4.86
CA TYR A 779 -22.14 14.90 -4.25
C TYR A 779 -21.64 16.06 -5.10
N ILE A 780 -20.49 15.93 -5.74
CA ILE A 780 -19.98 17.00 -6.58
C ILE A 780 -20.85 17.10 -7.83
N ASP A 781 -21.06 18.34 -8.29
CA ASP A 781 -21.91 18.57 -9.44
C ASP A 781 -21.37 17.85 -10.67
N ARG A 782 -22.29 17.39 -11.52
CA ARG A 782 -21.90 16.62 -12.71
C ARG A 782 -21.00 17.44 -13.62
N HIS A 783 -21.36 18.70 -13.86
CA HIS A 783 -20.60 19.54 -14.78
C HIS A 783 -19.22 19.87 -14.25
N VAL A 784 -19.00 19.74 -12.94
CA VAL A 784 -17.67 19.97 -12.39
C VAL A 784 -16.79 18.75 -12.60
N MET A 785 -17.29 17.57 -12.26
CA MET A 785 -16.49 16.36 -12.32
C MET A 785 -16.29 15.85 -13.74
N GLN A 786 -17.21 16.16 -14.64
CA GLN A 786 -17.21 15.52 -15.95
C GLN A 786 -15.88 15.58 -16.70
N PRO A 787 -15.16 16.71 -16.77
CA PRO A 787 -13.91 16.72 -17.54
C PRO A 787 -12.76 15.96 -16.91
N TYR A 788 -12.91 15.43 -15.71
CA TYR A 788 -11.82 14.70 -15.05
C TYR A 788 -12.00 13.19 -15.09
N TYR A 789 -13.11 12.72 -15.65
CA TYR A 789 -13.32 11.28 -15.69
C TYR A 789 -12.34 10.60 -16.63
N LYS A 790 -11.96 11.28 -17.72
CA LYS A 790 -10.99 10.67 -18.63
C LYS A 790 -9.61 10.54 -18.00
N ASP A 791 -9.38 11.20 -16.87
CA ASP A 791 -8.15 11.01 -16.10
C ASP A 791 -8.32 10.05 -14.94
N ILE A 792 -9.51 10.01 -14.33
CA ILE A 792 -9.72 9.12 -13.19
C ILE A 792 -9.94 7.69 -13.65
N LEU A 793 -10.90 7.48 -14.55
CA LEU A 793 -11.37 6.12 -14.85
C LEU A 793 -10.31 5.18 -15.41
N PRO A 794 -9.45 5.56 -16.36
CA PRO A 794 -8.51 4.58 -16.93
C PRO A 794 -7.66 3.85 -15.91
N CYS A 795 -7.58 4.39 -14.69
CA CYS A 795 -6.85 3.71 -13.64
C CYS A 795 -7.63 2.51 -13.11
N LEU A 796 -8.96 2.56 -13.16
CA LEU A 796 -9.77 1.43 -12.72
C LEU A 796 -9.64 0.21 -13.63
N ASP A 797 -9.02 0.36 -14.79
CA ASP A 797 -8.92 -0.76 -15.72
C ASP A 797 -8.13 -1.91 -15.13
N GLY A 798 -7.05 -1.61 -14.40
CA GLY A 798 -6.21 -2.65 -13.85
C GLY A 798 -6.91 -3.56 -12.86
N TYR A 799 -8.04 -3.12 -12.30
CA TYR A 799 -8.79 -3.98 -11.39
C TYR A 799 -9.61 -5.03 -12.11
N LEU A 800 -9.78 -4.90 -13.42
CA LEU A 800 -10.52 -5.87 -14.21
C LEU A 800 -9.61 -6.77 -15.04
N LYS A 801 -8.58 -6.21 -15.66
CA LYS A 801 -7.74 -6.98 -16.57
C LYS A 801 -6.84 -7.94 -15.81
N THR A 802 -5.94 -7.41 -14.98
CA THR A 802 -4.94 -8.26 -14.33
C THR A 802 -5.54 -9.09 -13.20
N SER A 803 -6.47 -8.48 -12.44
CA SER A 803 -6.94 -9.09 -11.20
C SER A 803 -7.69 -10.39 -11.40
N ALA A 804 -8.11 -10.72 -12.62
CA ALA A 804 -8.78 -11.99 -12.87
C ALA A 804 -7.80 -13.14 -13.00
N LEU A 805 -6.50 -12.88 -13.01
CA LEU A 805 -5.49 -13.92 -13.14
C LEU A 805 -5.42 -14.77 -11.88
N SER A 847 -9.54 -9.69 -0.24
CA SER A 847 -10.69 -8.80 -0.29
C SER A 847 -10.80 -8.14 -1.65
N LEU A 848 -9.84 -8.44 -2.53
CA LEU A 848 -9.81 -7.77 -3.83
C LEU A 848 -11.04 -8.12 -4.67
N GLU A 849 -11.66 -9.26 -4.42
CA GLU A 849 -12.85 -9.62 -5.17
C GLU A 849 -13.99 -8.65 -4.91
N GLU A 850 -14.19 -8.27 -3.65
CA GLU A 850 -15.20 -7.27 -3.34
C GLU A 850 -14.86 -5.93 -3.97
N ILE A 851 -13.57 -5.60 -4.02
CA ILE A 851 -13.16 -4.36 -4.68
C ILE A 851 -13.55 -4.39 -6.15
N ARG A 852 -13.30 -5.51 -6.83
CA ARG A 852 -13.65 -5.61 -8.24
C ARG A 852 -15.15 -5.54 -8.43
N ILE A 853 -15.93 -6.17 -7.55
CA ILE A 853 -17.38 -6.10 -7.69
C ILE A 853 -17.86 -4.67 -7.53
N ARG A 854 -17.30 -3.94 -6.57
CA ARG A 854 -17.72 -2.55 -6.41
C ARG A 854 -17.23 -1.69 -7.56
N VAL A 855 -16.10 -2.04 -8.18
CA VAL A 855 -15.65 -1.31 -9.37
C VAL A 855 -16.62 -1.50 -10.52
N VAL A 856 -17.08 -2.73 -10.74
CA VAL A 856 -18.04 -2.97 -11.80
C VAL A 856 -19.34 -2.24 -11.50
N GLN A 857 -19.80 -2.29 -10.25
CA GLN A 857 -21.02 -1.57 -9.89
C GLN A 857 -20.85 -0.06 -10.05
N MET A 858 -19.64 0.46 -9.82
CA MET A 858 -19.39 1.87 -10.04
C MET A 858 -19.46 2.21 -11.53
N LEU A 859 -18.76 1.42 -12.36
CA LEU A 859 -18.79 1.67 -13.80
C LEU A 859 -20.20 1.59 -14.35
N GLY A 860 -21.03 0.74 -13.77
CA GLY A 860 -22.43 0.72 -14.17
C GLY A 860 -23.21 1.89 -13.62
N SER A 861 -22.85 2.37 -12.42
CA SER A 861 -23.57 3.47 -11.82
C SER A 861 -23.41 4.74 -12.64
N LEU A 862 -22.19 5.04 -13.06
CA LEU A 862 -22.00 6.09 -14.04
C LEU A 862 -22.69 5.71 -15.33
N GLY A 863 -23.22 6.70 -16.02
CA GLY A 863 -23.98 6.44 -17.22
C GLY A 863 -23.16 5.73 -18.29
N GLY A 864 -23.84 5.41 -19.38
CA GLY A 864 -23.11 4.87 -20.51
C GLY A 864 -22.33 5.89 -21.30
N GLN A 865 -22.51 7.17 -20.98
CA GLN A 865 -21.79 8.24 -21.65
C GLN A 865 -20.56 8.70 -20.88
N ILE A 866 -20.26 8.06 -19.75
CA ILE A 866 -19.10 8.41 -18.95
C ILE A 866 -18.12 7.25 -18.83
N ASN A 867 -18.63 6.03 -18.65
CA ASN A 867 -17.73 4.89 -18.48
C ASN A 867 -16.97 4.56 -19.76
N LYS A 868 -17.35 5.15 -20.90
CA LYS A 868 -16.56 4.96 -22.12
C LYS A 868 -15.11 5.37 -21.89
N ASN A 869 -14.89 6.35 -21.01
CA ASN A 869 -13.55 6.82 -20.74
C ASN A 869 -12.66 5.76 -20.12
N LEU A 870 -13.23 4.65 -19.65
CA LEU A 870 -12.43 3.53 -19.20
C LEU A 870 -11.53 2.99 -20.31
N LEU A 871 -11.89 3.21 -21.58
CA LEU A 871 -11.12 2.73 -22.71
C LEU A 871 -10.27 3.82 -23.35
N THR A 872 -9.91 4.84 -22.58
CA THR A 872 -9.00 5.87 -23.04
C THR A 872 -7.54 5.47 -22.84
N VAL A 873 -7.28 4.15 -22.76
CA VAL A 873 -5.91 3.67 -22.61
C VAL A 873 -5.03 4.09 -23.79
N THR A 874 -5.64 4.47 -24.91
CA THR A 874 -4.87 4.94 -26.06
C THR A 874 -4.16 6.25 -25.77
N SER A 875 -4.49 6.93 -24.68
CA SER A 875 -3.80 8.15 -24.28
C SER A 875 -2.75 7.91 -23.20
N SER A 876 -2.87 6.84 -22.41
CA SER A 876 -1.91 6.60 -21.34
C SER A 876 -0.63 5.98 -21.88
N ASP A 877 -0.72 4.75 -22.39
CA ASP A 877 0.43 4.12 -23.06
C ASP A 877 0.31 4.30 -24.57
N GLU A 878 0.37 5.57 -24.98
CA GLU A 878 0.29 5.89 -26.40
C GLU A 878 1.48 5.30 -27.16
N MET A 879 2.68 5.38 -26.57
CA MET A 879 3.88 4.89 -27.22
C MET A 879 3.91 3.37 -27.36
N MET A 880 3.10 2.65 -26.58
CA MET A 880 2.83 1.22 -26.81
C MET A 880 4.11 0.39 -26.81
N LYS A 881 4.82 0.43 -25.69
CA LYS A 881 6.12 -0.24 -25.60
C LYS A 881 5.99 -1.75 -25.69
N SER A 882 4.99 -2.32 -25.03
CA SER A 882 4.93 -3.76 -24.90
C SER A 882 4.67 -4.49 -26.21
N TYR A 883 4.29 -3.78 -27.27
CA TYR A 883 4.00 -4.40 -28.55
C TYR A 883 4.94 -4.00 -29.68
N VAL A 884 5.66 -2.90 -29.54
CA VAL A 884 6.64 -2.49 -30.55
C VAL A 884 7.89 -3.34 -30.38
N ALA A 885 8.37 -3.90 -31.49
CA ALA A 885 9.58 -4.71 -31.45
C ALA A 885 10.77 -3.85 -31.06
N TRP A 886 11.64 -4.42 -30.23
CA TRP A 886 12.81 -3.68 -29.77
C TRP A 886 13.75 -3.35 -30.92
N ASP A 887 14.12 -4.36 -31.69
CA ASP A 887 14.97 -4.19 -32.85
C ASP A 887 14.24 -4.70 -34.09
N ARG A 888 14.36 -3.97 -35.19
CA ARG A 888 13.72 -4.36 -36.43
C ARG A 888 14.52 -5.41 -37.19
N GLU A 889 15.44 -6.09 -36.52
CA GLU A 889 16.26 -7.12 -37.14
C GLU A 889 16.80 -8.02 -36.03
N LYS A 890 16.63 -9.32 -36.18
CA LYS A 890 17.07 -10.25 -35.14
C LYS A 890 18.60 -10.29 -35.08
N ARG A 891 19.14 -10.15 -33.89
CA ARG A 891 20.59 -10.08 -33.70
C ARG A 891 21.15 -11.24 -32.91
N LEU A 892 20.59 -11.54 -31.74
CA LEU A 892 21.15 -12.56 -30.87
C LEU A 892 20.84 -13.96 -31.41
N SER A 893 21.68 -14.46 -32.29
CA SER A 893 21.49 -15.78 -32.88
C SER A 893 22.22 -16.80 -32.02
N PHE A 894 21.47 -17.51 -31.17
CA PHE A 894 22.01 -18.53 -30.30
C PHE A 894 21.77 -19.89 -30.93
N ALA A 895 22.82 -20.70 -31.00
CA ALA A 895 22.77 -22.01 -31.66
C ALA A 895 22.74 -23.08 -30.57
N VAL A 896 21.54 -23.56 -30.27
CA VAL A 896 21.38 -24.54 -29.18
C VAL A 896 22.14 -25.81 -29.54
N PRO A 897 22.97 -26.34 -28.66
CA PRO A 897 23.78 -27.51 -29.02
C PRO A 897 23.07 -28.83 -28.77
N PHE A 898 22.87 -29.63 -29.81
CA PHE A 898 22.42 -31.00 -29.67
C PHE A 898 23.56 -31.92 -30.10
N ARG A 899 23.29 -33.22 -30.11
CA ARG A 899 24.33 -34.18 -30.51
C ARG A 899 24.73 -33.99 -31.97
N GLU A 900 23.74 -33.80 -32.85
CA GLU A 900 23.98 -33.83 -34.29
C GLU A 900 23.49 -32.59 -35.02
N MET A 901 22.56 -31.84 -34.47
CA MET A 901 21.97 -30.69 -35.14
C MET A 901 22.04 -29.49 -34.22
N LYS A 902 22.09 -28.30 -34.80
CA LYS A 902 22.23 -27.06 -34.05
C LYS A 902 21.19 -26.07 -34.52
N PRO A 903 19.95 -26.18 -34.04
CA PRO A 903 18.94 -25.19 -34.36
C PRO A 903 19.30 -23.83 -33.78
N VAL A 904 18.84 -22.78 -34.45
CA VAL A 904 19.17 -21.41 -34.08
C VAL A 904 17.97 -20.79 -33.37
N ILE A 905 18.20 -20.29 -32.17
CA ILE A 905 17.19 -19.59 -31.38
C ILE A 905 17.57 -18.12 -31.32
N PHE A 906 16.64 -17.25 -31.69
CA PHE A 906 16.88 -15.81 -31.62
C PHE A 906 16.37 -15.30 -30.29
N LEU A 907 17.29 -15.00 -29.38
CA LEU A 907 16.92 -14.61 -28.02
C LEU A 907 16.20 -13.28 -27.94
N ASP A 908 16.22 -12.47 -29.01
CA ASP A 908 15.57 -11.17 -28.96
C ASP A 908 14.11 -11.28 -28.54
N VAL A 909 13.40 -12.29 -29.05
CA VAL A 909 11.98 -12.43 -28.75
C VAL A 909 11.70 -12.64 -27.28
N PHE A 910 12.70 -13.01 -26.49
CA PHE A 910 12.48 -13.14 -25.05
C PHE A 910 12.65 -11.82 -24.32
N LEU A 911 13.46 -10.91 -24.86
CA LEU A 911 13.77 -9.67 -24.14
C LEU A 911 12.56 -8.85 -23.74
N PRO A 912 11.59 -8.57 -24.61
CA PRO A 912 10.48 -7.69 -24.19
C PRO A 912 9.66 -8.26 -23.06
N ARG A 913 9.70 -9.57 -22.83
CA ARG A 913 8.96 -10.15 -21.72
C ARG A 913 9.83 -10.29 -20.48
N VAL A 914 11.01 -10.89 -20.62
CA VAL A 914 11.87 -11.16 -19.46
C VAL A 914 12.18 -9.88 -18.71
N THR A 915 12.54 -8.82 -19.44
CA THR A 915 12.81 -7.55 -18.77
C THR A 915 11.58 -7.05 -18.02
N GLU A 916 10.41 -7.18 -18.63
CA GLU A 916 9.19 -6.79 -17.92
C GLU A 916 8.93 -7.71 -16.75
N LEU A 917 9.39 -8.96 -16.83
CA LEU A 917 9.16 -9.91 -15.76
C LEU A 917 10.03 -9.57 -14.55
N ALA A 918 11.35 -9.56 -14.76
CA ALA A 918 12.28 -9.34 -13.66
C ALA A 918 12.02 -8.03 -12.92
N LEU A 919 11.54 -7.01 -13.63
CA LEU A 919 11.26 -5.74 -12.97
C LEU A 919 10.06 -5.85 -12.03
N THR A 920 9.01 -6.57 -12.45
CA THR A 920 7.72 -6.44 -11.79
C THR A 920 7.11 -7.75 -11.32
N ALA A 921 7.57 -8.90 -11.79
CA ALA A 921 6.91 -10.15 -11.44
C ALA A 921 6.97 -10.38 -9.94
N SER A 922 5.86 -10.86 -9.39
CA SER A 922 5.80 -11.30 -8.01
C SER A 922 6.27 -12.75 -7.94
N ASP A 923 5.99 -13.42 -6.82
CA ASP A 923 6.34 -14.80 -6.49
C ASP A 923 7.82 -14.86 -6.10
N ARG A 924 8.60 -13.81 -6.35
CA ARG A 924 9.94 -13.64 -5.80
C ARG A 924 10.86 -14.78 -6.22
N GLN A 925 10.34 -15.71 -7.00
CA GLN A 925 11.12 -16.80 -7.57
C GLN A 925 11.17 -16.74 -9.08
N THR A 926 10.03 -16.48 -9.73
CA THR A 926 10.06 -16.11 -11.13
C THR A 926 10.87 -14.84 -11.34
N LYS A 927 10.78 -13.91 -10.38
CA LYS A 927 11.57 -12.69 -10.47
C LYS A 927 13.06 -13.00 -10.47
N VAL A 928 13.50 -13.90 -9.59
CA VAL A 928 14.92 -14.22 -9.52
C VAL A 928 15.36 -15.00 -10.75
N ALA A 929 14.52 -15.92 -11.22
CA ALA A 929 14.87 -16.66 -12.43
C ALA A 929 14.98 -15.73 -13.64
N ALA A 930 14.06 -14.77 -13.75
CA ALA A 930 14.13 -13.80 -14.83
C ALA A 930 15.36 -12.92 -14.71
N CYS A 931 15.73 -12.53 -13.48
CA CYS A 931 16.96 -11.76 -13.30
C CYS A 931 18.17 -12.55 -13.77
N GLU A 932 18.21 -13.84 -13.42
CA GLU A 932 19.32 -14.69 -13.85
C GLU A 932 19.39 -14.77 -15.36
N LEU A 933 18.25 -15.03 -16.00
CA LEU A 933 18.23 -15.16 -17.45
C LEU A 933 18.62 -13.85 -18.12
N LEU A 934 18.15 -12.72 -17.59
CA LEU A 934 18.52 -11.44 -18.17
C LEU A 934 20.00 -11.16 -18.02
N HIS A 935 20.59 -11.56 -16.89
CA HIS A 935 22.05 -11.43 -16.73
C HIS A 935 22.78 -12.24 -17.79
N SER A 936 22.35 -13.48 -17.99
CA SER A 936 23.00 -14.32 -18.99
C SER A 936 22.84 -13.73 -20.39
N MET A 937 21.65 -13.21 -20.68
CA MET A 937 21.41 -12.64 -22.00
C MET A 937 22.20 -11.36 -22.22
N VAL A 938 22.44 -10.58 -21.16
CA VAL A 938 23.27 -9.39 -21.30
C VAL A 938 24.71 -9.78 -21.56
N MET A 939 25.21 -10.80 -20.86
CA MET A 939 26.55 -11.28 -21.18
C MET A 939 26.61 -11.78 -22.62
N PHE A 940 25.55 -12.43 -23.09
CA PHE A 940 25.52 -12.89 -24.47
C PHE A 940 25.56 -11.71 -25.44
N MET A 941 24.81 -10.65 -25.15
CA MET A 941 24.87 -9.45 -25.97
C MET A 941 26.28 -8.90 -26.03
N LEU A 942 26.94 -8.79 -24.88
CA LEU A 942 28.28 -8.23 -24.85
C LEU A 942 29.25 -9.10 -25.64
N GLY A 943 29.13 -10.41 -25.53
CA GLY A 943 30.01 -11.29 -26.27
C GLY A 943 29.72 -11.36 -27.74
N LYS A 944 28.49 -11.03 -28.15
CA LYS A 944 28.14 -11.09 -29.56
C LYS A 944 28.72 -9.91 -30.34
N ALA A 945 28.83 -8.74 -29.71
CA ALA A 945 29.37 -7.57 -30.40
C ALA A 945 30.85 -7.68 -30.70
N THR A 946 31.54 -8.67 -30.15
CA THR A 946 32.98 -8.83 -30.35
C THR A 946 33.28 -10.26 -30.78
N GLN A 947 32.52 -10.77 -31.75
CA GLN A 947 32.70 -12.13 -32.23
C GLN A 947 33.13 -12.20 -33.69
N MET A 948 32.72 -11.25 -34.53
CA MET A 948 33.08 -11.29 -35.94
C MET A 948 33.37 -9.89 -36.46
N GLY A 954 32.70 -6.76 -38.94
CA GLY A 954 31.34 -7.05 -39.36
C GLY A 954 30.44 -7.41 -38.20
N ALA A 955 30.81 -6.96 -37.00
CA ALA A 955 30.01 -7.26 -35.82
C ALA A 955 28.65 -6.57 -35.91
N PRO A 956 27.58 -7.22 -35.47
CA PRO A 956 26.26 -6.61 -35.54
C PRO A 956 26.17 -5.37 -34.68
N PRO A 957 25.52 -4.32 -35.15
CA PRO A 957 25.30 -3.15 -34.29
C PRO A 957 24.11 -3.34 -33.37
N MET A 958 24.38 -3.57 -32.09
CA MET A 958 23.31 -3.71 -31.10
C MET A 958 23.07 -2.41 -30.34
N TYR A 959 23.28 -1.27 -31.00
CA TYR A 959 22.96 0.00 -30.36
C TYR A 959 21.47 0.09 -30.06
N GLN A 960 20.63 -0.39 -30.98
CA GLN A 960 19.20 -0.34 -30.78
C GLN A 960 18.77 -1.20 -29.59
N LEU A 961 19.46 -2.31 -29.36
CA LEU A 961 19.14 -3.15 -28.20
C LEU A 961 19.65 -2.55 -26.91
N TYR A 962 20.86 -1.97 -26.95
CA TYR A 962 21.38 -1.31 -25.76
C TYR A 962 20.47 -0.18 -25.32
N LYS A 963 19.99 0.60 -26.29
CA LYS A 963 19.18 1.78 -25.98
C LYS A 963 17.98 1.44 -25.13
N ARG A 964 17.44 0.23 -25.25
CA ARG A 964 16.27 -0.17 -24.49
C ARG A 964 16.56 -1.25 -23.47
N THR A 965 17.79 -1.74 -23.39
CA THR A 965 18.17 -2.66 -22.32
C THR A 965 18.80 -1.96 -21.13
N PHE A 966 19.62 -0.95 -21.37
CA PHE A 966 20.28 -0.27 -20.25
C PHE A 966 19.33 0.30 -19.23
N PRO A 967 18.21 0.93 -19.58
CA PRO A 967 17.28 1.38 -18.53
C PRO A 967 16.83 0.25 -17.62
N VAL A 968 16.61 -0.94 -18.17
CA VAL A 968 16.19 -2.06 -17.34
C VAL A 968 17.29 -2.46 -16.37
N LEU A 969 18.54 -2.50 -16.84
CA LEU A 969 19.63 -2.83 -15.95
C LEU A 969 19.77 -1.79 -14.84
N LEU A 970 19.60 -0.52 -15.17
CA LEU A 970 19.68 0.51 -14.15
C LEU A 970 18.56 0.39 -13.14
N ARG A 971 17.34 0.09 -13.59
CA ARG A 971 16.23 -0.04 -12.66
C ARG A 971 16.30 -1.34 -11.87
N LEU A 972 17.07 -2.32 -12.34
CA LEU A 972 17.25 -3.55 -11.60
C LEU A 972 18.35 -3.45 -10.56
N ALA A 973 19.43 -2.71 -10.86
CA ALA A 973 20.54 -2.62 -9.94
C ALA A 973 20.17 -1.87 -8.66
N CYS A 974 19.10 -1.07 -8.69
CA CYS A 974 18.64 -0.36 -7.51
C CYS A 974 17.35 -0.94 -6.96
N ASP A 975 17.04 -2.19 -7.30
CA ASP A 975 15.78 -2.78 -6.92
C ASP A 975 15.75 -3.06 -5.42
N VAL A 976 14.54 -3.08 -4.87
CA VAL A 976 14.38 -3.27 -3.43
C VAL A 976 14.84 -4.65 -3.00
N ASP A 977 14.61 -5.65 -3.84
CA ASP A 977 15.05 -7.00 -3.53
C ASP A 977 16.57 -7.05 -3.36
N GLN A 978 17.06 -8.04 -2.63
CA GLN A 978 18.49 -8.09 -2.34
C GLN A 978 19.24 -8.99 -3.31
N VAL A 979 18.66 -10.11 -3.72
CA VAL A 979 19.33 -10.97 -4.69
C VAL A 979 19.48 -10.23 -6.01
N THR A 980 18.45 -9.54 -6.45
CA THR A 980 18.54 -8.77 -7.69
C THR A 980 19.60 -7.69 -7.59
N ARG A 981 19.64 -6.97 -6.47
CA ARG A 981 20.63 -5.91 -6.32
C ARG A 981 22.05 -6.48 -6.35
N GLN A 982 22.28 -7.57 -5.62
CA GLN A 982 23.60 -8.18 -5.62
C GLN A 982 23.97 -8.69 -7.00
N LEU A 983 23.00 -9.20 -7.74
CA LEU A 983 23.29 -9.66 -9.10
C LEU A 983 23.67 -8.52 -10.01
N TYR A 984 22.99 -7.38 -9.90
CA TYR A 984 23.03 -6.41 -10.99
C TYR A 984 23.88 -5.18 -10.71
N GLU A 985 23.96 -4.69 -9.48
CA GLU A 985 24.83 -3.53 -9.24
C GLU A 985 26.27 -3.81 -9.66
N PRO A 986 26.88 -4.96 -9.32
CA PRO A 986 28.17 -5.28 -9.93
C PRO A 986 28.11 -5.36 -11.43
N LEU A 987 26.99 -5.78 -12.02
CA LEU A 987 26.92 -5.82 -13.48
C LEU A 987 26.99 -4.43 -14.07
N VAL A 988 26.31 -3.46 -13.47
CA VAL A 988 26.36 -2.11 -14.01
C VAL A 988 27.75 -1.51 -13.82
N MET A 989 28.39 -1.78 -12.68
CA MET A 989 29.75 -1.30 -12.51
C MET A 989 30.70 -1.92 -13.52
N GLN A 990 30.52 -3.21 -13.82
CA GLN A 990 31.34 -3.86 -14.83
C GLN A 990 31.08 -3.28 -16.21
N LEU A 991 29.82 -2.99 -16.53
CA LEU A 991 29.50 -2.39 -17.81
C LEU A 991 30.18 -1.04 -17.95
N ILE A 992 30.17 -0.23 -16.89
CA ILE A 992 30.81 1.07 -16.96
C ILE A 992 32.32 0.93 -17.06
N HIS A 993 32.90 -0.08 -16.39
CA HIS A 993 34.33 -0.31 -16.52
C HIS A 993 34.70 -0.74 -17.92
N TRP A 994 33.83 -1.48 -18.60
CA TRP A 994 34.18 -1.99 -19.92
C TRP A 994 33.88 -1.02 -21.05
N PHE A 995 32.79 -0.27 -20.96
CA PHE A 995 32.41 0.61 -22.04
C PHE A 995 33.28 1.86 -22.13
N THR A 996 33.92 2.26 -21.04
CA THR A 996 34.83 3.39 -21.04
C THR A 996 36.25 2.95 -21.35
N ASN A 997 36.46 1.69 -21.70
CA ASN A 997 37.77 1.23 -22.11
C ASN A 997 38.19 1.94 -23.40
N ASN A 998 39.51 2.00 -23.61
CA ASN A 998 40.04 2.74 -24.76
C ASN A 998 39.65 2.10 -26.08
N LYS A 999 39.16 0.86 -26.06
CA LYS A 999 38.69 0.22 -27.29
C LYS A 999 37.24 0.56 -27.61
N LYS A 1000 36.52 1.21 -26.72
CA LYS A 1000 35.09 1.44 -26.88
C LYS A 1000 34.79 2.94 -26.84
N PHE A 1001 34.70 3.55 -28.02
CA PHE A 1001 34.22 4.91 -28.17
C PHE A 1001 33.06 5.00 -29.16
N GLU A 1002 32.44 3.87 -29.51
CA GLU A 1002 31.40 3.84 -30.51
C GLU A 1002 30.09 4.34 -29.92
N SER A 1003 29.06 4.41 -30.76
CA SER A 1003 27.74 4.81 -30.30
C SER A 1003 27.17 3.84 -29.29
N GLN A 1004 27.73 2.62 -29.21
CA GLN A 1004 27.33 1.71 -28.15
C GLN A 1004 27.73 2.24 -26.78
N ASP A 1005 28.80 3.01 -26.72
CA ASP A 1005 29.27 3.62 -25.48
C ASP A 1005 28.44 4.81 -25.06
N THR A 1006 27.34 5.09 -25.77
CA THR A 1006 26.39 6.08 -25.31
C THR A 1006 25.42 5.47 -24.31
N VAL A 1007 26.00 4.88 -23.25
CA VAL A 1007 25.27 4.63 -22.02
C VAL A 1007 25.18 5.90 -21.21
N ALA A 1008 26.09 6.85 -21.45
CA ALA A 1008 26.04 8.12 -20.75
C ALA A 1008 24.75 8.86 -21.02
N LEU A 1009 24.04 8.52 -22.09
CA LEU A 1009 22.69 9.03 -22.31
C LEU A 1009 21.62 8.15 -21.69
N LEU A 1010 21.98 7.00 -21.13
CA LEU A 1010 21.00 6.12 -20.50
C LEU A 1010 21.03 6.27 -18.99
N GLU A 1011 21.98 7.03 -18.46
CA GLU A 1011 21.97 7.52 -17.08
C GLU A 1011 21.47 8.95 -16.99
N ALA A 1012 22.04 9.83 -17.80
CA ALA A 1012 21.69 11.25 -17.77
C ALA A 1012 20.25 11.49 -18.20
N ILE A 1013 19.52 10.42 -18.55
CA ILE A 1013 18.07 10.53 -18.75
C ILE A 1013 17.37 9.81 -17.59
N LEU A 1014 18.01 8.80 -17.03
CA LEU A 1014 17.48 8.19 -15.82
C LEU A 1014 17.98 8.88 -14.56
N ASP A 1015 18.83 9.88 -14.70
CA ASP A 1015 19.19 10.79 -13.63
C ASP A 1015 18.36 12.06 -13.62
N GLY A 1016 17.45 12.20 -14.58
CA GLY A 1016 16.70 13.42 -14.74
C GLY A 1016 15.25 13.30 -14.36
N ILE A 1017 14.36 13.40 -15.36
CA ILE A 1017 12.95 13.66 -15.16
C ILE A 1017 12.22 12.54 -14.42
N VAL A 1018 12.93 11.47 -14.08
CA VAL A 1018 12.21 10.32 -13.56
C VAL A 1018 11.95 10.54 -12.08
N ASP A 1019 10.96 11.37 -11.77
CA ASP A 1019 10.45 11.51 -10.42
C ASP A 1019 9.47 10.42 -10.04
N PRO A 1020 8.34 10.26 -10.75
CA PRO A 1020 7.27 9.40 -10.23
C PRO A 1020 7.54 7.93 -10.38
N VAL A 1021 8.41 7.52 -11.30
CA VAL A 1021 8.76 6.12 -11.40
C VAL A 1021 9.45 5.65 -10.13
N ASP A 1022 10.46 6.39 -9.69
CA ASP A 1022 11.18 6.15 -8.45
C ASP A 1022 12.23 7.25 -8.28
N SER A 1023 12.70 7.40 -7.05
CA SER A 1023 13.78 8.33 -6.74
C SER A 1023 15.01 7.64 -6.17
N THR A 1024 14.97 6.33 -5.95
CA THR A 1024 16.19 5.60 -5.66
C THR A 1024 17.03 5.48 -6.91
N LEU A 1025 16.39 5.37 -8.06
CA LEU A 1025 17.11 5.34 -9.33
C LEU A 1025 17.87 6.64 -9.55
N ARG A 1026 17.27 7.77 -9.15
CA ARG A 1026 17.95 9.05 -9.30
C ARG A 1026 19.21 9.09 -8.46
N ASP A 1027 19.17 8.54 -7.25
CA ASP A 1027 20.37 8.50 -6.43
C ASP A 1027 21.40 7.56 -7.03
N PHE A 1028 20.97 6.40 -7.52
CA PHE A 1028 21.92 5.40 -8.01
C PHE A 1028 22.62 5.86 -9.29
N CYS A 1029 21.90 6.58 -10.15
CA CYS A 1029 22.52 7.10 -11.36
C CYS A 1029 23.66 8.05 -11.02
N GLY A 1030 23.61 8.69 -9.86
CA GLY A 1030 24.72 9.51 -9.44
C GLY A 1030 25.99 8.70 -9.21
N ARG A 1031 25.86 7.56 -8.53
CA ARG A 1031 27.01 6.68 -8.36
C ARG A 1031 27.50 6.18 -9.71
N CYS A 1032 26.58 5.86 -10.62
CA CYS A 1032 26.99 5.42 -11.94
C CYS A 1032 27.77 6.50 -12.69
N ILE A 1033 27.31 7.74 -12.64
CA ILE A 1033 28.01 8.80 -13.35
C ILE A 1033 29.36 9.07 -12.69
N ARG A 1034 29.46 8.93 -11.37
CA ARG A 1034 30.76 9.06 -10.72
C ARG A 1034 31.72 8.00 -11.21
N GLU A 1035 31.27 6.75 -11.29
CA GLU A 1035 32.11 5.68 -11.81
C GLU A 1035 32.52 5.96 -13.25
N PHE A 1036 31.57 6.44 -14.05
CA PHE A 1036 31.88 6.75 -15.45
C PHE A 1036 32.98 7.79 -15.56
N LEU A 1037 32.86 8.87 -14.80
CA LEU A 1037 33.87 9.92 -14.85
C LEU A 1037 35.21 9.41 -14.37
N LYS A 1038 35.22 8.68 -13.25
CA LYS A 1038 36.49 8.20 -12.70
C LYS A 1038 37.20 7.29 -13.67
N TRP A 1039 36.48 6.34 -14.26
CA TRP A 1039 37.14 5.39 -15.14
C TRP A 1039 37.47 5.98 -16.51
N SER A 1040 36.67 6.93 -17.01
CA SER A 1040 37.06 7.58 -18.25
C SER A 1040 38.27 8.47 -18.04
N ILE A 1041 38.45 8.99 -16.83
CA ILE A 1041 39.67 9.73 -16.54
C ILE A 1041 40.86 8.77 -16.45
N LYS A 1042 40.68 7.64 -15.77
CA LYS A 1042 41.83 6.76 -15.52
C LYS A 1042 42.26 6.03 -16.78
N GLN A 1043 41.29 5.49 -17.54
CA GLN A 1043 41.63 4.54 -18.61
C GLN A 1043 42.05 5.26 -19.88
N ILE A 1044 41.34 6.29 -20.29
CA ILE A 1044 41.58 6.92 -21.57
C ILE A 1044 42.87 7.72 -21.52
N THR A 1045 43.78 7.43 -22.44
CA THR A 1045 45.01 8.20 -22.53
C THR A 1045 44.69 9.62 -22.98
N PRO A 1046 45.37 10.63 -22.43
CA PRO A 1046 45.02 12.02 -22.76
C PRO A 1046 45.21 12.37 -24.22
N GLN A 1047 46.03 11.63 -24.96
CA GLN A 1047 46.28 11.97 -26.35
C GLN A 1047 45.00 11.90 -27.18
N GLN A 1048 44.19 10.87 -26.97
CA GLN A 1048 42.94 10.72 -27.71
C GLN A 1048 41.75 11.31 -26.97
N GLN A 1049 41.98 12.02 -25.85
CA GLN A 1049 40.90 12.68 -25.16
C GLN A 1049 40.29 13.80 -25.98
N GLU A 1050 40.98 14.27 -27.02
CA GLU A 1050 40.52 15.38 -27.85
C GLU A 1050 39.68 14.93 -29.03
N LYS A 1051 39.33 13.64 -29.11
CA LYS A 1051 38.51 13.14 -30.18
C LYS A 1051 37.38 12.23 -29.70
N SER A 1052 37.40 11.78 -28.46
CA SER A 1052 36.36 10.89 -27.98
C SER A 1052 35.02 11.62 -27.95
N PRO A 1053 33.95 11.00 -28.44
CA PRO A 1053 32.64 11.68 -28.44
C PRO A 1053 32.11 11.98 -27.05
N VAL A 1054 32.60 11.29 -26.02
CA VAL A 1054 32.06 11.44 -24.68
C VAL A 1054 33.18 11.80 -23.72
N ASN A 1055 34.21 12.47 -24.23
CA ASN A 1055 35.31 12.91 -23.39
C ASN A 1055 34.79 13.89 -22.33
N THR A 1056 35.65 14.17 -21.35
CA THR A 1056 35.23 14.88 -20.14
C THR A 1056 34.54 16.20 -20.47
N LYS A 1057 35.01 16.90 -21.50
CA LYS A 1057 34.37 18.14 -21.89
C LYS A 1057 32.92 17.90 -22.30
N SER A 1058 32.66 16.82 -23.03
CA SER A 1058 31.29 16.52 -23.46
C SER A 1058 30.42 16.16 -22.27
N LEU A 1059 30.95 15.41 -21.31
CA LEU A 1059 30.18 15.08 -20.12
C LEU A 1059 29.81 16.35 -19.36
N PHE A 1060 30.78 17.25 -19.18
CA PHE A 1060 30.48 18.48 -18.46
C PHE A 1060 29.52 19.38 -19.23
N LYS A 1061 29.59 19.37 -20.56
CA LYS A 1061 28.62 20.16 -21.30
C LYS A 1061 27.22 19.55 -21.22
N ARG A 1062 27.12 18.23 -21.13
CA ARG A 1062 25.81 17.63 -20.87
C ARG A 1062 25.29 18.07 -19.51
N LEU A 1063 26.15 18.07 -18.50
CA LEU A 1063 25.72 18.50 -17.17
C LEU A 1063 25.29 19.95 -17.18
N TYR A 1064 26.01 20.81 -17.92
CA TYR A 1064 25.63 22.21 -17.96
C TYR A 1064 24.35 22.44 -18.75
N SER A 1065 24.11 21.63 -19.77
CA SER A 1065 22.85 21.73 -20.50
C SER A 1065 21.68 21.28 -19.63
N LEU A 1066 21.90 20.29 -18.76
CA LEU A 1066 20.85 19.92 -17.81
C LEU A 1066 20.65 21.00 -16.76
N ALA A 1067 21.73 21.59 -16.27
CA ALA A 1067 21.66 22.49 -15.13
C ALA A 1067 20.97 23.81 -15.44
N LEU A 1068 20.71 24.12 -16.70
CA LEU A 1068 20.00 25.33 -17.07
C LEU A 1068 18.60 25.04 -17.61
N HIS A 1069 18.17 23.80 -17.55
CA HIS A 1069 16.86 23.43 -18.04
C HIS A 1069 15.78 24.07 -17.17
N PRO A 1070 14.69 24.55 -17.77
CA PRO A 1070 13.60 25.09 -16.97
C PRO A 1070 12.81 24.04 -16.21
N ASN A 1071 13.05 22.76 -16.48
CA ASN A 1071 12.41 21.70 -15.72
C ASN A 1071 12.92 21.70 -14.29
N ALA A 1072 12.09 21.22 -13.37
CA ALA A 1072 12.47 21.19 -11.97
C ALA A 1072 13.22 19.93 -11.59
N PHE A 1073 13.29 18.93 -12.47
CA PHE A 1073 14.04 17.72 -12.21
C PHE A 1073 15.30 17.60 -13.06
N LYS A 1074 15.30 18.18 -14.26
CA LYS A 1074 16.54 18.20 -15.03
C LYS A 1074 17.58 19.09 -14.41
N ARG A 1075 17.23 19.91 -13.43
CA ARG A 1075 18.17 20.69 -12.65
C ARG A 1075 18.57 19.99 -11.36
N LEU A 1076 17.61 19.31 -10.71
CA LEU A 1076 17.93 18.51 -9.54
C LEU A 1076 18.89 17.39 -9.91
N GLY A 1077 18.67 16.75 -11.04
CA GLY A 1077 19.56 15.72 -11.50
C GLY A 1077 20.84 16.21 -12.12
N ALA A 1078 21.01 17.51 -12.26
CA ALA A 1078 22.28 18.06 -12.70
C ALA A 1078 23.10 18.60 -11.53
N SER A 1079 22.46 18.99 -10.44
CA SER A 1079 23.21 19.26 -9.23
C SER A 1079 23.52 17.98 -8.46
N LEU A 1080 22.67 16.96 -8.60
CA LEU A 1080 22.94 15.68 -7.98
C LEU A 1080 24.10 14.97 -8.67
N ALA A 1081 24.35 15.27 -9.94
CA ALA A 1081 25.54 14.72 -10.59
C ALA A 1081 26.80 15.35 -10.04
N PHE A 1082 26.79 16.67 -9.82
CA PHE A 1082 28.00 17.31 -9.32
C PHE A 1082 28.21 17.05 -7.84
N ASN A 1083 27.16 16.79 -7.07
CA ASN A 1083 27.38 16.36 -5.70
C ASN A 1083 28.10 15.04 -5.63
N ASN A 1084 28.14 14.29 -6.73
CA ASN A 1084 28.84 13.02 -6.81
C ASN A 1084 30.21 13.14 -7.47
N ILE A 1085 30.29 13.85 -8.59
CA ILE A 1085 31.51 13.82 -9.39
C ILE A 1085 32.62 14.71 -8.85
N TYR A 1086 32.43 15.39 -7.74
CA TYR A 1086 33.60 15.94 -7.10
C TYR A 1086 34.29 14.82 -6.34
N ARG A 1087 35.43 15.11 -5.73
CA ARG A 1087 36.33 14.10 -5.16
C ARG A 1087 37.04 13.36 -6.29
N GLU A 1088 36.61 13.60 -7.51
CA GLU A 1088 37.30 13.21 -8.73
C GLU A 1088 37.57 14.38 -9.65
N PHE A 1089 36.61 15.28 -9.77
CA PHE A 1089 36.84 16.56 -10.45
C PHE A 1089 37.79 17.44 -9.65
N ARG A 1090 38.00 17.13 -8.38
CA ARG A 1090 38.91 17.91 -7.55
C ARG A 1090 40.35 17.49 -7.74
N GLU A 1091 40.61 16.18 -7.86
CA GLU A 1091 41.98 15.68 -7.90
C GLU A 1091 42.71 16.14 -9.16
N GLU A 1092 42.04 16.09 -10.31
CA GLU A 1092 42.69 16.42 -11.58
C GLU A 1092 42.87 17.92 -11.68
N GLU A 1093 44.13 18.37 -11.62
CA GLU A 1093 44.40 19.80 -11.65
C GLU A 1093 43.95 20.42 -12.97
N SER A 1094 44.19 19.72 -14.09
CA SER A 1094 43.80 20.26 -15.39
C SER A 1094 42.30 20.40 -15.53
N LEU A 1095 41.52 19.61 -14.80
CA LEU A 1095 40.07 19.75 -14.86
C LEU A 1095 39.59 20.91 -14.01
N VAL A 1096 40.01 20.96 -12.74
CA VAL A 1096 39.54 22.02 -11.85
C VAL A 1096 39.99 23.38 -12.36
N GLU A 1097 41.28 23.50 -12.69
CA GLU A 1097 41.83 24.78 -13.11
C GLU A 1097 41.10 25.34 -14.33
N GLN A 1098 40.58 24.47 -15.18
CA GLN A 1098 39.92 24.90 -16.40
C GLN A 1098 38.41 25.02 -16.27
N PHE A 1099 37.78 24.29 -15.35
CA PHE A 1099 36.33 24.21 -15.32
C PHE A 1099 35.69 24.81 -14.08
N VAL A 1100 36.44 25.20 -13.07
CA VAL A 1100 35.81 25.52 -11.79
C VAL A 1100 34.99 26.81 -11.90
N PHE A 1101 35.50 27.82 -12.60
CA PHE A 1101 34.74 29.06 -12.74
C PHE A 1101 33.46 28.83 -13.52
N GLU A 1102 33.54 28.07 -14.62
CA GLU A 1102 32.36 27.80 -15.41
C GLU A 1102 31.34 27.02 -14.61
N ALA A 1103 31.78 26.02 -13.84
CA ALA A 1103 30.85 25.26 -13.02
C ALA A 1103 30.21 26.13 -11.96
N LEU A 1104 30.99 27.02 -11.34
CA LEU A 1104 30.44 27.91 -10.33
C LEU A 1104 29.36 28.80 -10.92
N VAL A 1105 29.64 29.41 -12.07
CA VAL A 1105 28.65 30.30 -12.67
C VAL A 1105 27.42 29.53 -13.09
N ILE A 1106 27.61 28.33 -13.66
CA ILE A 1106 26.47 27.56 -14.14
C ILE A 1106 25.56 27.16 -12.98
N TYR A 1107 26.16 26.69 -11.88
CA TYR A 1107 25.31 26.27 -10.76
C TYR A 1107 24.71 27.46 -10.04
N MET A 1108 25.38 28.61 -10.05
CA MET A 1108 24.75 29.81 -9.54
C MET A 1108 23.50 30.16 -10.37
N GLU A 1109 23.61 30.07 -11.69
CA GLU A 1109 22.44 30.34 -12.52
C GLU A 1109 21.35 29.30 -12.32
N SER A 1110 21.72 28.04 -12.10
CA SER A 1110 20.72 27.03 -11.81
C SER A 1110 19.98 27.34 -10.51
N LEU A 1111 20.73 27.72 -9.48
CA LEU A 1111 20.10 28.08 -8.21
C LEU A 1111 19.18 29.28 -8.40
N ALA A 1112 19.60 30.25 -9.21
CA ALA A 1112 18.74 31.40 -9.48
C ALA A 1112 17.46 30.97 -10.18
N LEU A 1113 17.56 30.09 -11.17
CA LEU A 1113 16.37 29.56 -11.83
C LEU A 1113 15.46 28.82 -10.86
N ALA A 1114 16.03 28.23 -9.82
CA ALA A 1114 15.26 27.43 -8.89
C ALA A 1114 14.39 28.26 -7.95
N HIS A 1115 14.24 29.56 -8.21
CA HIS A 1115 13.47 30.40 -7.29
C HIS A 1115 11.99 30.07 -7.31
N ALA A 1116 11.44 29.74 -8.48
CA ALA A 1116 10.02 29.49 -8.59
C ALA A 1116 9.63 28.06 -8.21
N ASP A 1117 10.59 27.20 -7.92
CA ASP A 1117 10.29 25.81 -7.61
C ASP A 1117 9.70 25.68 -6.21
N GLU A 1118 8.93 24.61 -6.02
CA GLU A 1118 8.42 24.30 -4.70
C GLU A 1118 9.55 23.86 -3.78
N LYS A 1119 9.47 24.26 -2.52
CA LYS A 1119 10.53 23.92 -1.57
C LYS A 1119 10.54 22.43 -1.24
N SER A 1120 9.48 21.70 -1.59
CA SER A 1120 9.46 20.26 -1.33
C SER A 1120 10.57 19.55 -2.08
N LEU A 1121 10.79 19.93 -3.34
CA LEU A 1121 11.89 19.36 -4.10
C LEU A 1121 13.22 19.73 -3.47
N GLY A 1122 14.21 18.88 -3.67
CA GLY A 1122 15.52 19.14 -3.10
C GLY A 1122 16.37 20.00 -4.00
N THR A 1123 15.74 20.67 -4.97
CA THR A 1123 16.50 21.43 -5.96
C THR A 1123 17.35 22.50 -5.29
N ILE A 1124 16.75 23.32 -4.43
CA ILE A 1124 17.51 24.38 -3.77
C ILE A 1124 18.58 23.78 -2.88
N GLN A 1125 18.23 22.74 -2.13
CA GLN A 1125 19.20 22.14 -1.22
C GLN A 1125 20.38 21.54 -1.98
N GLN A 1126 20.09 20.82 -3.07
CA GLN A 1126 21.15 20.21 -3.85
C GLN A 1126 22.04 21.27 -4.49
N CYS A 1127 21.45 22.32 -5.04
CA CYS A 1127 22.25 23.37 -5.67
C CYS A 1127 23.11 24.09 -4.63
N CYS A 1128 22.56 24.34 -3.44
CA CYS A 1128 23.37 24.97 -2.40
C CYS A 1128 24.53 24.06 -1.99
N ASP A 1129 24.28 22.76 -1.91
CA ASP A 1129 25.38 21.85 -1.58
C ASP A 1129 26.45 21.85 -2.66
N ALA A 1130 26.04 21.85 -3.93
CA ALA A 1130 27.01 21.89 -5.01
C ALA A 1130 27.83 23.17 -4.98
N ILE A 1131 27.18 24.30 -4.74
CA ILE A 1131 27.91 25.55 -4.66
C ILE A 1131 28.83 25.57 -3.46
N ASP A 1132 28.43 24.96 -2.35
CA ASP A 1132 29.32 24.85 -1.19
C ASP A 1132 30.56 24.05 -1.54
N HIS A 1133 30.39 22.93 -2.23
CA HIS A 1133 31.54 22.14 -2.63
C HIS A 1133 32.46 22.92 -3.56
N LEU A 1134 31.88 23.67 -4.49
CA LEU A 1134 32.70 24.46 -5.40
C LEU A 1134 33.46 25.57 -4.68
N CYS A 1135 32.80 26.31 -3.80
CA CYS A 1135 33.51 27.36 -3.07
C CYS A 1135 34.43 26.79 -2.00
N ARG A 1136 34.34 25.51 -1.71
CA ARG A 1136 35.35 24.88 -0.86
C ARG A 1136 36.58 24.52 -1.67
N ILE A 1137 36.41 23.91 -2.84
CA ILE A 1137 37.57 23.55 -3.64
C ILE A 1137 38.22 24.76 -4.28
N ILE A 1138 37.55 25.90 -4.34
CA ILE A 1138 38.24 27.13 -4.75
C ILE A 1138 39.08 27.69 -3.62
N GLU A 1139 38.48 27.91 -2.45
CA GLU A 1139 39.23 28.47 -1.33
C GLU A 1139 40.29 27.52 -0.80
N LYS A 1140 40.26 26.24 -1.17
CA LYS A 1140 41.38 25.36 -0.84
C LYS A 1140 42.51 25.46 -1.85
N LYS A 1141 42.21 25.82 -3.09
CA LYS A 1141 43.23 25.94 -4.12
C LYS A 1141 43.28 27.36 -4.66
N HIS A 1142 43.24 28.35 -3.77
CA HIS A 1142 43.19 29.74 -4.21
C HIS A 1142 44.49 30.18 -4.87
N VAL A 1143 45.62 29.64 -4.44
CA VAL A 1143 46.91 30.16 -4.88
C VAL A 1143 47.10 29.97 -6.39
N SER A 1144 46.59 28.88 -6.94
CA SER A 1144 46.71 28.64 -8.37
C SER A 1144 45.75 29.50 -9.19
N LEU A 1145 44.61 29.88 -8.62
CA LEU A 1145 43.58 30.61 -9.34
C LEU A 1145 43.77 32.12 -9.29
N ASN A 1146 44.76 32.60 -8.55
CA ASN A 1146 44.99 34.04 -8.46
C ASN A 1146 45.78 34.60 -9.64
N LYS A 1147 46.33 33.75 -10.49
CA LYS A 1147 47.12 34.19 -11.63
C LYS A 1147 46.32 34.02 -12.91
N ALA A 1148 46.20 35.11 -13.67
CA ALA A 1148 45.40 35.08 -14.88
C ALA A 1148 46.04 34.18 -15.93
N LYS A 1149 45.26 33.26 -16.47
CA LYS A 1149 45.70 32.39 -17.55
C LYS A 1149 44.48 32.06 -18.40
N LYS A 1150 44.59 31.03 -19.23
CA LYS A 1150 43.50 30.67 -20.14
C LYS A 1150 42.56 29.71 -19.43
N ARG A 1151 41.28 30.07 -19.38
CA ARG A 1151 40.27 29.27 -18.72
C ARG A 1151 39.00 29.27 -19.57
N ARG A 1152 38.17 28.26 -19.35
CA ARG A 1152 36.88 28.21 -20.02
C ARG A 1152 36.03 29.40 -19.60
N LEU A 1153 35.46 30.09 -20.57
CA LEU A 1153 34.79 31.36 -20.33
C LEU A 1153 33.35 31.09 -19.91
N PRO A 1154 32.97 31.38 -18.67
CA PRO A 1154 31.59 31.15 -18.26
C PRO A 1154 30.63 32.09 -18.98
N ARG A 1155 29.38 31.65 -19.09
CA ARG A 1155 28.39 32.47 -19.79
C ARG A 1155 28.21 33.80 -19.08
N GLY A 1156 27.96 34.84 -19.87
CA GLY A 1156 27.83 36.18 -19.31
C GLY A 1156 29.14 36.83 -18.94
N PHE A 1157 30.21 36.53 -19.66
CA PHE A 1157 31.52 37.14 -19.43
C PHE A 1157 32.02 37.71 -20.75
N PRO A 1158 31.62 38.94 -21.09
CA PRO A 1158 32.08 39.56 -22.33
C PRO A 1158 33.59 39.61 -22.46
N PRO A 1159 34.33 39.89 -21.38
CA PRO A 1159 35.80 39.79 -21.49
C PRO A 1159 36.23 38.40 -21.90
N SER A 1160 37.18 38.33 -22.82
CA SER A 1160 37.58 37.06 -23.42
C SER A 1160 39.09 36.97 -23.54
N ALA A 1161 39.81 37.49 -22.55
CA ALA A 1161 41.27 37.46 -22.58
C ALA A 1161 41.83 36.43 -21.61
N SER A 1162 41.50 36.53 -20.34
CA SER A 1162 42.00 35.60 -19.32
C SER A 1162 41.19 35.74 -18.05
N LEU A 1163 40.75 34.63 -17.48
CA LEU A 1163 39.89 34.63 -16.31
C LEU A 1163 40.72 34.44 -15.05
N CYS A 1164 40.50 35.31 -14.08
CA CYS A 1164 41.16 35.23 -12.78
C CYS A 1164 40.11 35.37 -11.70
N LEU A 1165 40.49 34.97 -10.48
CA LEU A 1165 39.56 35.01 -9.36
C LEU A 1165 39.02 36.41 -9.11
N LEU A 1166 39.80 37.44 -9.43
CA LEU A 1166 39.33 38.81 -9.24
C LEU A 1166 38.12 39.10 -10.11
N ASP A 1167 38.13 38.62 -11.35
CA ASP A 1167 36.97 38.81 -12.22
C ASP A 1167 35.76 38.08 -11.67
N LEU A 1168 35.96 36.89 -11.10
CA LEU A 1168 34.86 36.17 -10.50
C LEU A 1168 34.27 36.94 -9.32
N VAL A 1169 35.14 37.52 -8.48
CA VAL A 1169 34.65 38.29 -7.35
C VAL A 1169 33.89 39.52 -7.82
N LYS A 1170 34.39 40.18 -8.86
CA LYS A 1170 33.67 41.33 -9.40
C LYS A 1170 32.31 40.91 -9.96
N TRP A 1171 32.25 39.74 -10.61
CA TRP A 1171 30.98 39.24 -11.10
C TRP A 1171 30.01 38.98 -9.94
N LEU A 1172 30.50 38.36 -8.87
CA LEU A 1172 29.67 38.11 -7.70
C LEU A 1172 29.13 39.40 -7.14
N LEU A 1173 30.00 40.40 -6.97
CA LEU A 1173 29.56 41.70 -6.49
C LEU A 1173 28.51 42.31 -7.39
N ALA A 1174 28.67 42.19 -8.71
CA ALA A 1174 27.69 42.77 -9.62
C ALA A 1174 26.38 42.01 -9.63
N HIS A 1175 26.38 40.74 -9.22
CA HIS A 1175 25.17 39.94 -9.21
C HIS A 1175 24.59 39.76 -7.82
N CYS A 1176 25.02 40.56 -6.85
CA CYS A 1176 24.56 40.43 -5.48
C CYS A 1176 23.30 41.24 -5.20
N GLY A 1177 22.55 41.60 -6.23
CA GLY A 1177 21.33 42.35 -6.03
C GLY A 1177 20.18 41.83 -6.86
N ARG A 1178 20.17 40.57 -7.10
CA ARG A 1178 19.17 40.01 -7.98
C ARG A 1178 17.93 39.57 -7.19
N PRO A 1179 16.76 39.59 -7.81
CA PRO A 1179 15.53 39.28 -7.08
C PRO A 1179 15.49 37.89 -6.49
N GLN A 1180 16.08 36.89 -7.13
CA GLN A 1180 16.01 35.51 -6.65
C GLN A 1180 16.73 35.41 -5.31
N THR A 1181 15.98 35.09 -4.26
CA THR A 1181 16.50 35.22 -2.90
C THR A 1181 17.65 34.28 -2.63
N GLU A 1182 17.49 33.00 -2.95
CA GLU A 1182 18.52 32.03 -2.59
C GLU A 1182 19.83 32.31 -3.32
N CYS A 1183 19.76 32.62 -4.62
CA CYS A 1183 20.97 32.96 -5.35
C CYS A 1183 21.60 34.23 -4.82
N ARG A 1184 20.79 35.18 -4.35
CA ARG A 1184 21.34 36.38 -3.77
C ARG A 1184 22.09 36.06 -2.47
N HIS A 1185 21.52 35.20 -1.64
CA HIS A 1185 22.21 34.82 -0.42
C HIS A 1185 23.54 34.15 -0.74
N LYS A 1186 23.53 33.23 -1.71
CA LYS A 1186 24.77 32.55 -2.05
C LYS A 1186 25.78 33.51 -2.65
N SER A 1187 25.32 34.46 -3.46
CA SER A 1187 26.24 35.43 -4.05
C SER A 1187 26.93 36.25 -2.97
N ILE A 1188 26.15 36.74 -2.00
CA ILE A 1188 26.75 37.54 -0.93
C ILE A 1188 27.70 36.71 -0.10
N GLU A 1189 27.29 35.48 0.24
CA GLU A 1189 28.14 34.64 1.07
C GLU A 1189 29.44 34.29 0.37
N LEU A 1190 29.37 33.99 -0.93
CA LEU A 1190 30.59 33.68 -1.66
C LEU A 1190 31.46 34.91 -1.85
N PHE A 1191 30.85 36.08 -2.01
CA PHE A 1191 31.65 37.31 -2.06
C PHE A 1191 32.44 37.48 -0.78
N TYR A 1192 31.78 37.31 0.37
CA TYR A 1192 32.48 37.48 1.64
C TYR A 1192 33.49 36.39 1.88
N LYS A 1193 33.28 35.20 1.33
CA LYS A 1193 34.26 34.14 1.48
C LYS A 1193 35.46 34.32 0.58
N PHE A 1194 35.28 34.90 -0.61
CA PHE A 1194 36.34 34.95 -1.61
C PHE A 1194 37.19 36.20 -1.51
N VAL A 1195 36.62 37.35 -1.13
CA VAL A 1195 37.40 38.57 -1.06
C VAL A 1195 38.63 38.43 -0.16
N PRO A 1196 38.54 37.86 1.05
CA PRO A 1196 39.73 37.79 1.92
C PRO A 1196 40.85 36.91 1.40
N LEU A 1197 40.72 36.32 0.22
CA LEU A 1197 41.80 35.49 -0.32
C LEU A 1197 42.21 35.93 -1.71
N LEU A 1198 41.90 37.16 -2.10
CA LEU A 1198 42.48 37.77 -3.28
C LEU A 1198 43.98 37.96 -3.04
N PRO A 1199 44.74 38.33 -4.08
CA PRO A 1199 46.19 38.53 -3.86
C PRO A 1199 46.53 39.50 -2.74
N GLY A 1200 45.74 40.56 -2.59
CA GLY A 1200 46.02 41.54 -1.54
C GLY A 1200 45.84 41.01 -0.13
N ASN A 1201 45.00 39.98 0.05
CA ASN A 1201 44.76 39.37 1.35
C ASN A 1201 44.15 40.36 2.34
N ARG A 1202 43.39 41.33 1.84
CA ARG A 1202 42.79 42.35 2.68
C ARG A 1202 41.31 42.05 2.89
N SER A 1203 40.80 42.47 4.04
CA SER A 1203 39.41 42.22 4.41
C SER A 1203 38.47 42.96 3.46
N PRO A 1204 37.23 42.49 3.33
CA PRO A 1204 36.33 43.06 2.32
C PRO A 1204 36.11 44.55 2.46
N ASN A 1205 36.14 45.08 3.67
CA ASN A 1205 35.93 46.52 3.86
C ASN A 1205 36.99 47.31 3.13
N LEU A 1206 38.26 46.94 3.30
CA LEU A 1206 39.34 47.66 2.63
C LEU A 1206 39.27 47.50 1.11
N TRP A 1207 38.96 46.29 0.65
CA TRP A 1207 38.89 46.05 -0.79
C TRP A 1207 37.80 46.91 -1.42
N LEU A 1208 36.62 46.94 -0.80
CA LEU A 1208 35.54 47.74 -1.36
C LEU A 1208 35.83 49.23 -1.21
N LYS A 1209 36.56 49.60 -0.16
CA LYS A 1209 36.99 51.00 -0.03
C LYS A 1209 37.86 51.40 -1.21
N ASP A 1210 38.82 50.55 -1.56
CA ASP A 1210 39.69 50.85 -2.71
C ASP A 1210 38.88 50.90 -3.99
N VAL A 1211 37.95 49.96 -4.18
CA VAL A 1211 37.14 49.93 -5.39
C VAL A 1211 36.31 51.20 -5.50
N LEU A 1212 35.66 51.60 -4.41
CA LEU A 1212 34.81 52.78 -4.42
C LEU A 1212 35.62 54.06 -4.51
N LYS A 1213 36.89 54.03 -4.10
CA LYS A 1213 37.75 55.18 -4.36
C LYS A 1213 38.08 55.27 -5.84
N GLU A 1214 38.38 54.14 -6.47
CA GLU A 1214 38.72 54.17 -7.90
C GLU A 1214 37.54 54.56 -8.76
N GLU A 1215 36.35 54.04 -8.45
CA GLU A 1215 35.17 54.28 -9.26
C GLU A 1215 34.06 54.85 -8.39
N GLY A 1216 33.21 55.66 -9.00
CA GLY A 1216 32.25 56.45 -8.24
C GLY A 1216 31.25 55.62 -7.46
N VAL A 1217 30.58 56.30 -6.52
CA VAL A 1217 29.62 55.65 -5.63
C VAL A 1217 28.39 55.18 -6.39
N SER A 1218 28.06 55.80 -7.53
CA SER A 1218 26.91 55.36 -8.31
C SER A 1218 27.04 53.92 -8.77
N PHE A 1219 28.27 53.38 -8.75
CA PHE A 1219 28.45 51.96 -8.99
C PHE A 1219 27.72 51.13 -7.95
N LEU A 1220 27.97 51.42 -6.67
CA LEU A 1220 27.41 50.59 -5.59
C LEU A 1220 25.89 50.53 -5.66
N ILE A 1221 25.25 51.70 -5.76
CA ILE A 1221 23.80 51.72 -5.90
C ILE A 1221 23.36 50.89 -7.10
N ASN A 1222 24.05 51.04 -8.23
CA ASN A 1222 23.69 50.25 -9.40
C ASN A 1222 23.87 48.76 -9.14
N THR A 1223 24.84 48.39 -8.31
CA THR A 1223 24.98 46.98 -7.96
C THR A 1223 23.85 46.51 -7.07
N PHE A 1224 23.29 47.41 -6.26
CA PHE A 1224 22.28 47.03 -5.28
C PHE A 1224 20.87 47.25 -5.83
N GLU A 1225 20.52 48.49 -6.19
CA GLU A 1225 19.19 48.75 -6.70
C GLU A 1225 18.95 48.14 -8.07
N GLY A 1226 19.99 47.73 -8.78
CA GLY A 1226 19.79 47.04 -10.04
C GLY A 1226 19.25 45.64 -9.85
N GLY A 1227 18.79 45.06 -10.94
CA GLY A 1227 18.25 43.71 -10.89
C GLY A 1227 19.27 42.67 -11.25
N GLY A 1228 20.55 43.03 -11.17
CA GLY A 1228 21.59 42.12 -11.56
C GLY A 1228 21.90 42.22 -13.04
N CYS A 1229 21.34 41.31 -13.83
CA CYS A 1229 21.57 41.33 -15.27
C CYS A 1229 20.88 42.55 -15.89
N GLY A 1230 21.63 43.29 -16.70
CA GLY A 1230 21.10 44.46 -17.36
C GLY A 1230 20.95 45.65 -16.43
N GLN A 1231 21.14 46.85 -16.94
CA GLN A 1231 21.01 48.04 -16.10
C GLN A 1231 19.55 48.38 -15.81
N PRO A 1232 18.70 48.61 -16.84
CA PRO A 1232 17.36 49.15 -16.55
C PRO A 1232 16.46 48.13 -15.88
N SER A 1233 16.78 47.78 -14.64
CA SER A 1233 15.96 46.86 -13.87
C SER A 1233 16.17 47.16 -12.39
N GLY A 1234 15.22 46.73 -11.58
CA GLY A 1234 15.27 46.99 -10.16
C GLY A 1234 14.55 48.25 -9.76
N ILE A 1235 14.52 48.50 -8.46
CA ILE A 1235 13.84 49.68 -7.95
C ILE A 1235 14.55 50.97 -8.33
N LEU A 1236 15.78 50.89 -8.82
CA LEU A 1236 16.42 52.09 -9.35
C LEU A 1236 15.66 52.59 -10.58
N ALA A 1237 15.27 51.68 -11.45
CA ALA A 1237 14.51 52.08 -12.63
C ALA A 1237 13.08 52.47 -12.26
N GLN A 1238 12.43 51.69 -11.41
CA GLN A 1238 11.05 51.95 -10.98
C GLN A 1238 10.99 52.01 -9.46
N PRO A 1239 11.32 53.17 -8.87
CA PRO A 1239 11.28 53.28 -7.41
C PRO A 1239 9.90 53.15 -6.81
N THR A 1240 8.86 52.92 -7.61
CA THR A 1240 7.51 52.82 -7.10
C THR A 1240 6.74 51.77 -7.87
N LEU A 1241 5.81 51.10 -7.19
CA LEU A 1241 4.90 50.18 -7.88
C LEU A 1241 4.08 50.90 -8.93
N LEU A 1242 3.93 52.21 -8.82
CA LEU A 1242 3.32 52.99 -9.88
C LEU A 1242 4.15 52.87 -11.15
N TYR A 1243 3.52 53.21 -12.28
CA TYR A 1243 4.08 53.03 -13.62
C TYR A 1243 4.76 51.66 -13.75
N LEU A 1244 3.96 50.62 -13.54
CA LEU A 1244 4.41 49.25 -13.78
C LEU A 1244 4.19 48.81 -15.22
N ARG A 1245 3.64 49.69 -16.06
CA ARG A 1245 3.49 49.46 -17.49
C ARG A 1245 2.63 48.22 -17.77
N GLY A 1246 1.37 48.32 -17.36
CA GLY A 1246 0.41 47.28 -17.62
C GLY A 1246 -0.76 47.30 -16.66
N PRO A 1247 -1.63 46.30 -16.76
CA PRO A 1247 -2.74 46.20 -15.82
C PRO A 1247 -2.27 45.89 -14.41
N PHE A 1248 -3.01 46.42 -13.43
CA PHE A 1248 -2.67 46.18 -12.04
C PHE A 1248 -2.88 44.72 -11.65
N SER A 1249 -3.87 44.06 -12.25
CA SER A 1249 -4.17 42.68 -11.90
C SER A 1249 -3.01 41.73 -12.18
N LEU A 1250 -2.07 42.14 -13.02
CA LEU A 1250 -0.90 41.32 -13.28
C LEU A 1250 -0.12 41.08 -11.99
N GLN A 1251 0.41 39.87 -11.85
CA GLN A 1251 1.23 39.53 -10.69
C GLN A 1251 2.68 39.92 -10.88
N ALA A 1252 2.96 40.88 -11.76
CA ALA A 1252 4.29 41.45 -11.84
C ALA A 1252 4.60 42.35 -10.64
N THR A 1253 3.60 42.65 -9.81
CA THR A 1253 3.85 43.42 -8.60
C THR A 1253 4.78 42.67 -7.66
N LEU A 1254 4.57 41.36 -7.53
CA LEU A 1254 5.49 40.55 -6.73
C LEU A 1254 6.92 40.69 -7.21
N CYS A 1255 7.11 40.89 -8.50
CA CYS A 1255 8.45 41.14 -9.01
C CYS A 1255 9.04 42.42 -8.44
N TRP A 1256 8.23 43.48 -8.38
CA TRP A 1256 8.71 44.72 -7.77
C TRP A 1256 9.01 44.52 -6.29
N LEU A 1257 8.15 43.74 -5.61
CA LEU A 1257 8.40 43.45 -4.19
C LEU A 1257 9.72 42.72 -4.02
N ASP A 1258 10.00 41.76 -4.90
CA ASP A 1258 11.27 41.04 -4.82
C ASP A 1258 12.45 41.96 -5.09
N LEU A 1259 12.31 42.89 -6.02
CA LEU A 1259 13.39 43.86 -6.26
C LEU A 1259 13.65 44.71 -5.01
N LEU A 1260 12.57 45.20 -4.39
CA LEU A 1260 12.70 45.98 -3.16
C LEU A 1260 13.35 45.16 -2.06
N LEU A 1261 12.93 43.90 -1.93
CA LEU A 1261 13.52 43.02 -0.95
C LEU A 1261 15.00 42.83 -1.21
N ALA A 1262 15.39 42.69 -2.47
CA ALA A 1262 16.81 42.52 -2.80
C ALA A 1262 17.61 43.75 -2.37
N ALA A 1263 17.10 44.94 -2.70
CA ALA A 1263 17.82 46.15 -2.31
C ALA A 1263 17.93 46.27 -0.80
N LEU A 1264 16.85 46.01 -0.08
CA LEU A 1264 16.86 46.12 1.37
C LEU A 1264 17.81 45.11 1.99
N GLU A 1265 17.68 43.84 1.60
CA GLU A 1265 18.49 42.78 2.19
C GLU A 1265 19.95 42.88 1.76
N CYS A 1266 20.25 43.67 0.74
CA CYS A 1266 21.65 43.87 0.41
C CYS A 1266 22.26 45.03 1.20
N TYR A 1267 21.53 46.15 1.32
CA TYR A 1267 21.97 47.19 2.24
C TYR A 1267 22.14 46.67 3.65
N ASN A 1268 21.19 45.86 4.12
CA ASN A 1268 21.24 45.38 5.50
C ASN A 1268 22.53 44.63 5.77
N THR A 1269 22.88 43.68 4.90
CA THR A 1269 24.07 42.87 5.13
C THR A 1269 25.35 43.56 4.71
N PHE A 1270 25.28 44.63 3.93
CA PHE A 1270 26.50 45.36 3.60
C PHE A 1270 26.78 46.51 4.57
N ILE A 1271 25.82 46.88 5.41
CA ILE A 1271 26.05 47.84 6.47
C ILE A 1271 26.31 47.15 7.79
N GLY A 1272 25.51 46.13 8.12
CA GLY A 1272 25.65 45.43 9.39
C GLY A 1272 26.98 44.75 9.58
N GLU A 1273 27.70 44.49 8.49
CA GLU A 1273 29.03 43.91 8.57
C GLU A 1273 30.12 44.96 8.54
N ARG A 1274 29.77 46.24 8.63
CA ARG A 1274 30.70 47.36 8.57
C ARG A 1274 31.48 47.41 7.27
N THR A 1275 31.03 46.68 6.24
CA THR A 1275 31.71 46.73 4.95
C THR A 1275 31.63 48.13 4.36
N VAL A 1276 30.47 48.77 4.46
CA VAL A 1276 30.25 50.10 3.93
C VAL A 1276 29.68 50.97 5.04
N GLY A 1277 30.23 52.15 5.22
CA GLY A 1277 29.63 53.09 6.16
C GLY A 1277 28.22 53.45 5.75
N ALA A 1278 27.34 53.62 6.75
CA ALA A 1278 25.94 53.88 6.46
C ALA A 1278 25.76 55.16 5.67
N LEU A 1279 26.51 56.21 6.03
CA LEU A 1279 26.41 57.47 5.30
C LEU A 1279 26.89 57.30 3.86
N GLN A 1280 27.97 56.55 3.64
CA GLN A 1280 28.66 56.56 2.36
C GLN A 1280 27.78 56.09 1.21
N VAL A 1281 26.68 55.40 1.49
CA VAL A 1281 25.77 54.96 0.43
C VAL A 1281 24.39 55.58 0.55
N LEU A 1282 24.10 56.30 1.62
CA LEU A 1282 22.80 56.96 1.78
C LEU A 1282 23.01 58.41 2.17
N GLY A 1283 22.40 59.32 1.42
CA GLY A 1283 22.49 60.73 1.74
C GLY A 1283 23.58 61.49 1.01
N THR A 1284 24.84 61.05 1.14
CA THR A 1284 25.94 61.83 0.57
C THR A 1284 26.12 61.58 -0.92
N GLU A 1285 25.01 61.68 -1.67
CA GLU A 1285 25.05 61.53 -3.11
C GLU A 1285 23.76 62.09 -3.68
N ALA A 1286 23.77 62.33 -4.99
CA ALA A 1286 22.61 62.87 -5.69
C ALA A 1286 21.74 61.80 -6.32
N GLN A 1287 22.07 60.52 -6.14
CA GLN A 1287 21.31 59.45 -6.78
C GLN A 1287 21.16 58.29 -5.81
N SER A 1288 19.93 58.08 -5.32
CA SER A 1288 19.55 56.88 -4.61
C SER A 1288 18.07 56.64 -4.84
N SER A 1289 17.65 55.40 -4.69
CA SER A 1289 16.25 55.07 -4.93
C SER A 1289 15.63 54.19 -3.86
N LEU A 1290 16.35 53.86 -2.80
CA LEU A 1290 15.78 53.00 -1.77
C LEU A 1290 14.73 53.72 -0.96
N LEU A 1291 15.13 54.79 -0.27
CA LEU A 1291 14.25 55.42 0.70
C LEU A 1291 12.94 55.89 0.07
N LYS A 1292 12.98 56.31 -1.18
CA LYS A 1292 11.75 56.65 -1.89
C LYS A 1292 10.84 55.44 -1.99
N ALA A 1293 11.39 54.29 -2.38
CA ALA A 1293 10.59 53.07 -2.50
C ALA A 1293 10.04 52.63 -1.15
N VAL A 1294 10.86 52.72 -0.10
CA VAL A 1294 10.40 52.33 1.23
C VAL A 1294 9.28 53.24 1.70
N ALA A 1295 9.43 54.55 1.48
CA ALA A 1295 8.38 55.49 1.85
C ALA A 1295 7.09 55.19 1.13
N PHE A 1296 7.18 54.88 -0.17
CA PHE A 1296 5.97 54.49 -0.89
C PHE A 1296 5.38 53.20 -0.34
N PHE A 1297 6.23 52.23 -0.01
CA PHE A 1297 5.74 50.94 0.45
C PHE A 1297 5.00 51.07 1.78
N LEU A 1298 5.53 51.89 2.69
CA LEU A 1298 4.96 51.99 4.03
C LEU A 1298 3.57 52.62 4.04
N GLU A 1299 3.01 52.95 2.87
CA GLU A 1299 1.62 53.32 2.75
C GLU A 1299 0.88 52.41 1.77
N SER A 1300 1.45 51.25 1.47
CA SER A 1300 0.80 50.25 0.63
C SER A 1300 0.56 48.94 1.38
N ILE A 1301 0.69 48.95 2.70
CA ILE A 1301 0.55 47.73 3.50
C ILE A 1301 -0.50 47.91 4.59
N ALA A 1302 -0.68 49.14 5.06
CA ALA A 1302 -1.69 49.44 6.06
C ALA A 1302 -2.88 50.17 5.49
N MET A 1303 -2.70 50.94 4.43
CA MET A 1303 -3.85 51.53 3.73
C MET A 1303 -4.74 50.45 3.15
N HIS A 1304 -4.14 49.40 2.59
CA HIS A 1304 -4.89 48.27 2.06
C HIS A 1304 -4.07 47.01 2.26
N ASP A 1305 -4.55 45.89 1.73
CA ASP A 1305 -3.84 44.63 1.75
C ASP A 1305 -3.43 44.19 0.35
N ILE A 1306 -4.40 44.03 -0.55
CA ILE A 1306 -4.11 43.71 -1.93
C ILE A 1306 -4.37 44.89 -2.86
N ILE A 1307 -5.27 45.79 -2.49
CA ILE A 1307 -5.67 46.89 -3.36
C ILE A 1307 -4.55 47.92 -3.42
N ALA A 1308 -3.79 47.91 -4.51
CA ALA A 1308 -2.84 48.97 -4.82
C ALA A 1308 -3.29 49.78 -6.02
N ALA A 1309 -3.49 49.11 -7.16
CA ALA A 1309 -4.13 49.66 -8.36
C ALA A 1309 -3.28 50.76 -9.00
N GLU A 1310 -2.20 51.16 -8.33
CA GLU A 1310 -1.23 52.17 -8.81
C GLU A 1310 -1.93 53.44 -9.33
N LYS A 1311 -3.21 53.62 -8.98
CA LYS A 1311 -3.99 54.77 -9.39
C LYS A 1311 -4.57 55.52 -8.21
N CYS A 1312 -5.20 54.81 -7.27
CA CYS A 1312 -5.79 55.41 -6.09
C CYS A 1312 -6.11 54.34 -5.05
N THR A 1315 -12.37 50.45 -7.40
CA THR A 1315 -12.50 50.30 -8.84
C THR A 1315 -13.61 49.31 -9.18
N GLY A 1316 -14.40 49.65 -10.20
CA GLY A 1316 -15.52 48.83 -10.60
C GLY A 1316 -15.15 47.42 -11.02
N ALA A 1317 -14.44 47.30 -12.15
CA ALA A 1317 -14.03 45.99 -12.65
C ALA A 1317 -12.67 46.17 -13.34
N ALA A 1318 -11.60 45.93 -12.58
CA ALA A 1318 -10.24 46.01 -13.13
C ALA A 1318 -9.38 44.86 -12.62
N GLY A 1319 -9.98 43.70 -12.39
CA GLY A 1319 -9.25 42.59 -11.80
C GLY A 1319 -9.88 42.12 -10.50
N ASN A 1320 -11.21 42.26 -10.39
CA ASN A 1320 -11.92 41.77 -9.21
C ASN A 1320 -11.80 40.26 -9.08
N ARG A 1321 -11.43 39.56 -10.15
CA ARG A 1321 -11.19 38.13 -10.09
C ARG A 1321 -9.80 37.85 -9.51
N THR A 1322 -9.54 38.45 -8.34
CA THR A 1322 -8.23 38.33 -7.71
C THR A 1322 -7.93 36.88 -7.31
N SER A 1323 -8.96 36.02 -7.24
CA SER A 1323 -8.78 34.61 -6.89
C SER A 1323 -8.06 34.48 -5.56
N PRO A 1324 -8.75 34.70 -4.44
CA PRO A 1324 -8.08 34.75 -3.13
C PRO A 1324 -7.16 33.57 -2.83
N GLN A 1325 -7.17 32.56 -3.70
CA GLN A 1325 -6.19 31.49 -3.60
C GLN A 1325 -4.76 32.02 -3.67
N GLU A 1326 -4.56 33.17 -4.30
CA GLU A 1326 -3.25 33.83 -4.31
C GLU A 1326 -3.25 35.17 -3.59
N GLY A 1327 -4.37 35.55 -2.97
CA GLY A 1327 -4.33 36.70 -2.07
C GLY A 1327 -3.33 36.50 -0.95
N GLU A 1328 -3.35 35.32 -0.33
CA GLU A 1328 -2.35 34.99 0.67
C GLU A 1328 -0.96 34.88 0.07
N ARG A 1329 -0.87 34.47 -1.20
CA ARG A 1329 0.42 34.43 -1.86
C ARG A 1329 1.03 35.82 -1.97
N TYR A 1330 0.19 36.81 -2.25
CA TYR A 1330 0.67 38.20 -2.22
C TYR A 1330 1.01 38.64 -0.80
N ASN A 1331 0.15 38.29 0.15
CA ASN A 1331 0.34 38.74 1.52
C ASN A 1331 1.63 38.19 2.12
N TYR A 1332 2.03 36.99 1.73
CA TYR A 1332 3.28 36.42 2.23
C TYR A 1332 4.46 37.30 1.84
N SER A 1333 4.54 37.67 0.56
CA SER A 1333 5.64 38.51 0.12
C SER A 1333 5.59 39.88 0.76
N LYS A 1334 4.37 40.43 0.91
CA LYS A 1334 4.26 41.75 1.53
C LYS A 1334 4.76 41.73 2.98
N CYS A 1335 4.37 40.71 3.74
CA CYS A 1335 4.84 40.60 5.12
C CYS A 1335 6.34 40.40 5.17
N THR A 1336 6.89 39.61 4.24
CA THR A 1336 8.34 39.43 4.20
C THR A 1336 9.05 40.75 3.99
N VAL A 1337 8.56 41.57 3.06
CA VAL A 1337 9.19 42.87 2.86
C VAL A 1337 9.07 43.72 4.12
N VAL A 1338 7.94 43.63 4.81
CA VAL A 1338 7.76 44.45 6.01
C VAL A 1338 8.79 44.07 7.08
N VAL A 1339 8.94 42.78 7.34
CA VAL A 1339 9.86 42.36 8.39
C VAL A 1339 11.30 42.71 8.00
N ARG A 1340 11.64 42.59 6.72
CA ARG A 1340 12.98 43.01 6.31
C ARG A 1340 13.17 44.51 6.48
N ILE A 1341 12.13 45.31 6.26
CA ILE A 1341 12.24 46.74 6.50
C ILE A 1341 12.54 47.03 7.96
N MET A 1342 11.83 46.35 8.85
CA MET A 1342 12.08 46.54 10.28
C MET A 1342 13.51 46.14 10.64
N GLU A 1343 13.98 45.00 10.12
CA GLU A 1343 15.35 44.58 10.41
C GLU A 1343 16.35 45.58 9.87
N PHE A 1344 16.13 46.11 8.67
CA PHE A 1344 17.04 47.08 8.09
C PHE A 1344 17.11 48.34 8.92
N THR A 1345 15.95 48.83 9.39
CA THR A 1345 15.96 50.02 10.23
C THR A 1345 16.67 49.76 11.55
N THR A 1346 16.51 48.56 12.10
CA THR A 1346 17.26 48.19 13.30
C THR A 1346 18.75 48.28 13.04
N THR A 1347 19.20 47.73 11.91
CA THR A 1347 20.62 47.75 11.58
C THR A 1347 21.12 49.17 11.36
N LEU A 1348 20.28 50.03 10.78
CA LEU A 1348 20.65 51.43 10.60
C LEU A 1348 20.84 52.12 11.93
N LEU A 1349 19.91 51.91 12.87
CA LEU A 1349 19.98 52.64 14.13
C LEU A 1349 21.10 52.13 15.02
N ASN A 1350 21.39 50.82 14.97
CA ASN A 1350 22.47 50.28 15.77
C ASN A 1350 23.85 50.78 15.34
N THR A 1351 23.95 51.32 14.12
CA THR A 1351 25.17 52.00 13.73
C THR A 1351 25.37 53.24 14.59
N SER A 1352 26.63 53.58 14.84
CA SER A 1352 26.97 54.60 15.83
C SER A 1352 26.26 55.93 15.64
N PRO A 1353 26.19 56.53 14.44
CA PRO A 1353 25.53 57.85 14.32
C PRO A 1353 24.02 57.72 14.35
N GLU A 1354 23.41 58.10 15.47
CA GLU A 1354 21.96 58.22 15.57
C GLU A 1354 21.49 59.66 15.40
N GLY A 1355 22.27 60.62 15.89
CA GLY A 1355 21.92 62.02 15.68
C GLY A 1355 22.00 62.40 14.21
N TRP A 1356 22.97 61.85 13.49
CA TRP A 1356 23.03 62.05 12.04
C TRP A 1356 21.80 61.46 11.36
N LYS A 1357 21.40 60.27 11.77
CA LYS A 1357 20.19 59.64 11.25
C LYS A 1357 18.92 60.37 11.67
N LEU A 1358 18.99 61.23 12.69
CA LEU A 1358 17.81 61.93 13.18
C LEU A 1358 17.18 62.79 12.10
N LEU A 1359 18.00 63.55 11.38
CA LEU A 1359 17.49 64.46 10.37
C LEU A 1359 17.52 63.88 8.96
N LYS A 1360 18.23 62.77 8.76
CA LYS A 1360 18.36 62.15 7.44
C LYS A 1360 17.56 60.87 7.31
N LYS A 1361 17.66 59.98 8.29
CA LYS A 1361 16.93 58.72 8.26
C LYS A 1361 15.57 58.86 8.91
N ASP A 1362 14.80 59.86 8.46
CA ASP A 1362 13.56 60.22 9.12
C ASP A 1362 12.43 60.49 8.14
N LEU A 1363 12.59 60.16 6.86
CA LEU A 1363 11.53 60.43 5.89
C LEU A 1363 10.30 59.56 6.11
N CYS A 1364 10.42 58.51 6.92
CA CYS A 1364 9.37 57.49 7.01
C CYS A 1364 8.92 57.22 8.44
N ASN A 1365 9.41 57.98 9.42
CA ASN A 1365 9.17 57.61 10.82
C ASN A 1365 7.69 57.63 11.15
N THR A 1366 6.95 58.63 10.68
CA THR A 1366 5.54 58.73 11.03
C THR A 1366 4.72 57.57 10.45
N HIS A 1367 5.26 56.83 9.49
CA HIS A 1367 4.62 55.65 8.95
C HIS A 1367 5.23 54.36 9.48
N LEU A 1368 6.56 54.33 9.64
CA LEU A 1368 7.20 53.15 10.20
C LEU A 1368 6.74 52.90 11.62
N MET A 1369 6.60 53.94 12.42
CA MET A 1369 6.11 53.77 13.79
C MET A 1369 4.71 53.19 13.78
N ARG A 1370 3.86 53.69 12.87
CA ARG A 1370 2.49 53.20 12.80
C ARG A 1370 2.45 51.73 12.43
N VAL A 1371 3.23 51.32 11.44
CA VAL A 1371 3.19 49.91 11.04
C VAL A 1371 3.80 49.03 12.13
N LEU A 1372 4.84 49.51 12.80
CA LEU A 1372 5.43 48.74 13.90
C LEU A 1372 4.42 48.51 15.00
N VAL A 1373 3.72 49.56 15.42
CA VAL A 1373 2.72 49.41 16.47
C VAL A 1373 1.59 48.50 16.01
N GLN A 1374 1.14 48.68 14.77
CA GLN A 1374 -0.01 47.93 14.30
C GLN A 1374 0.32 46.45 14.18
N THR A 1375 1.55 46.12 13.77
CA THR A 1375 1.97 44.72 13.74
C THR A 1375 2.30 44.18 15.11
N LEU A 1376 2.59 45.06 16.07
CA LEU A 1376 2.74 44.61 17.44
C LEU A 1376 1.43 44.18 18.03
N CYS A 1377 0.38 44.99 17.88
CA CYS A 1377 -0.87 44.67 18.56
C CYS A 1377 -1.61 43.53 17.87
N GLU A 1378 -2.02 43.71 16.62
CA GLU A 1378 -2.69 42.67 15.85
C GLU A 1378 -1.95 42.43 14.53
N PRO A 1379 -1.00 41.51 14.51
CA PRO A 1379 -0.31 41.20 13.24
C PRO A 1379 -1.22 40.58 12.21
N ALA A 1380 -2.34 39.99 12.62
CA ALA A 1380 -3.24 39.36 11.66
C ALA A 1380 -3.90 40.37 10.75
N SER A 1381 -3.88 41.65 11.10
CA SER A 1381 -4.53 42.66 10.28
C SER A 1381 -3.79 42.86 8.96
N ILE A 1382 -2.47 42.76 8.98
CA ILE A 1382 -1.67 43.01 7.78
C ILE A 1382 -1.22 41.70 7.14
N GLY A 1383 -1.93 40.60 7.39
CA GLY A 1383 -1.67 39.36 6.68
C GLY A 1383 -0.52 38.55 7.20
N PHE A 1384 -0.08 38.79 8.44
CA PHE A 1384 1.00 37.98 9.01
C PHE A 1384 0.51 36.57 9.36
N ASN A 1385 -0.68 36.47 9.93
CA ASN A 1385 -1.10 35.28 10.67
C ASN A 1385 -1.56 34.16 9.73
N ILE A 1386 -0.63 33.73 8.87
CA ILE A 1386 -0.87 32.61 7.98
C ILE A 1386 0.23 31.56 8.13
N GLY A 1387 1.49 31.99 8.06
CA GLY A 1387 2.58 31.04 8.18
C GLY A 1387 2.56 30.30 9.50
N ASP A 1388 2.42 31.03 10.60
CA ASP A 1388 2.05 30.49 11.91
C ASP A 1388 3.11 29.59 12.53
N VAL A 1389 4.18 29.30 11.79
CA VAL A 1389 5.21 28.39 12.26
C VAL A 1389 6.59 29.04 12.26
N GLN A 1390 6.95 29.75 11.20
CA GLN A 1390 8.24 30.39 11.11
C GLN A 1390 8.17 31.89 11.26
N VAL A 1391 7.15 32.53 10.69
CA VAL A 1391 7.12 33.99 10.66
C VAL A 1391 6.95 34.56 12.07
N MET A 1392 6.04 34.01 12.86
CA MET A 1392 5.90 34.44 14.25
C MET A 1392 6.91 33.78 15.19
N ALA A 1393 7.73 32.86 14.68
CA ALA A 1393 8.94 32.51 15.41
C ALA A 1393 10.02 33.56 15.21
N HIS A 1394 9.86 34.42 14.21
CA HIS A 1394 10.83 35.45 13.88
C HIS A 1394 10.34 36.86 14.15
N LEU A 1395 9.03 37.08 14.02
CA LEU A 1395 8.49 38.44 14.11
C LEU A 1395 8.68 39.08 15.49
N PRO A 1396 8.36 38.42 16.62
CA PRO A 1396 8.57 39.10 17.90
C PRO A 1396 10.00 39.49 18.16
N ASP A 1397 10.96 38.68 17.70
CA ASP A 1397 12.35 38.98 17.98
C ASP A 1397 12.92 40.07 17.07
N VAL A 1398 12.19 40.48 16.04
CA VAL A 1398 12.60 41.65 15.27
C VAL A 1398 11.87 42.87 15.82
N CYS A 1399 10.63 42.67 16.28
CA CYS A 1399 9.88 43.79 16.87
C CYS A 1399 10.57 44.30 18.14
N VAL A 1400 10.88 43.38 19.06
CA VAL A 1400 11.47 43.82 20.33
C VAL A 1400 12.86 44.38 20.09
N ASN A 1401 13.61 43.82 19.14
CA ASN A 1401 14.94 44.34 18.85
C ASN A 1401 14.86 45.73 18.24
N LEU A 1402 13.90 45.95 17.35
CA LEU A 1402 13.72 47.28 16.78
C LEU A 1402 13.35 48.28 17.86
N MET A 1403 12.48 47.89 18.79
CA MET A 1403 12.12 48.80 19.87
C MET A 1403 13.30 49.09 20.79
N LYS A 1404 14.12 48.07 21.07
CA LYS A 1404 15.31 48.32 21.88
C LYS A 1404 16.25 49.29 21.17
N ALA A 1405 16.38 49.16 19.86
CA ALA A 1405 17.18 50.12 19.10
C ALA A 1405 16.59 51.52 19.17
N LEU A 1406 15.27 51.62 19.00
CA LEU A 1406 14.60 52.91 18.95
C LEU A 1406 14.68 53.63 20.28
N LYS A 1407 14.55 52.89 21.39
CA LYS A 1407 14.54 53.52 22.71
C LYS A 1407 15.82 54.31 22.95
N MET A 1408 16.96 53.74 22.58
CA MET A 1408 18.21 54.48 22.71
C MET A 1408 18.26 55.67 21.75
N SER A 1409 17.68 55.52 20.57
CA SER A 1409 17.67 56.58 19.59
C SER A 1409 16.75 57.72 20.05
N PRO A 1410 16.97 58.93 19.54
CA PRO A 1410 16.12 60.04 19.94
C PRO A 1410 14.76 60.05 19.26
N TYR A 1411 14.38 58.96 18.62
CA TYR A 1411 13.01 58.75 18.16
C TYR A 1411 12.12 58.16 19.25
N LYS A 1412 12.61 58.14 20.49
CA LYS A 1412 11.90 57.43 21.55
C LYS A 1412 10.53 58.03 21.81
N ASP A 1413 10.43 59.37 21.78
CA ASP A 1413 9.17 60.02 22.15
C ASP A 1413 8.05 59.71 21.16
N ILE A 1414 8.34 59.73 19.85
CA ILE A 1414 7.29 59.44 18.88
C ILE A 1414 6.84 58.00 19.00
N LEU A 1415 7.78 57.07 19.22
CA LEU A 1415 7.42 55.68 19.42
C LEU A 1415 6.54 55.51 20.65
N GLU A 1416 6.92 56.16 21.75
CA GLU A 1416 6.12 56.06 22.98
C GLU A 1416 4.74 56.64 22.79
N THR A 1417 4.62 57.75 22.07
CA THR A 1417 3.30 58.31 21.81
C THR A 1417 2.44 57.35 20.99
N HIS A 1418 3.03 56.74 19.96
CA HIS A 1418 2.27 55.80 19.14
C HIS A 1418 1.87 54.58 19.92
N LEU A 1419 2.73 54.11 20.82
CA LEU A 1419 2.38 52.97 21.66
C LEU A 1419 1.26 53.34 22.62
N ARG A 1420 1.38 54.50 23.27
CA ARG A 1420 0.43 54.91 24.29
C ARG A 1420 -0.96 55.14 23.69
N GLU A 1421 -1.03 55.73 22.49
CA GLU A 1421 -2.32 56.00 21.91
C GLU A 1421 -3.09 54.75 21.53
N LYS A 1422 -2.45 53.58 21.54
CA LYS A 1422 -3.12 52.33 21.22
C LYS A 1422 -3.20 51.37 22.40
N ILE A 1423 -2.21 51.39 23.30
CA ILE A 1423 -2.21 50.55 24.49
C ILE A 1423 -2.21 51.46 25.71
N THR A 1424 -3.21 51.29 26.58
CA THR A 1424 -3.33 52.09 27.77
C THR A 1424 -4.10 51.30 28.82
N ALA A 1425 -4.03 51.79 30.06
CA ALA A 1425 -4.73 51.12 31.16
C ALA A 1425 -6.23 51.05 30.89
N GLN A 1426 -6.79 52.10 30.29
CA GLN A 1426 -8.22 52.10 29.97
C GLN A 1426 -8.58 50.97 29.01
N SER A 1427 -7.77 50.77 27.98
CA SER A 1427 -8.06 49.75 26.99
C SER A 1427 -8.06 48.36 27.61
N ILE A 1428 -6.97 48.02 28.32
CA ILE A 1428 -6.91 46.73 28.97
C ILE A 1428 -8.06 46.58 29.96
N GLU A 1429 -8.40 47.65 30.66
CA GLU A 1429 -9.49 47.59 31.63
C GLU A 1429 -10.80 47.21 30.95
N GLU A 1430 -11.14 47.88 29.86
CA GLU A 1430 -12.46 47.68 29.27
C GLU A 1430 -12.51 46.53 28.26
N LEU A 1431 -11.37 45.92 27.92
CA LEU A 1431 -11.40 44.68 27.15
C LEU A 1431 -11.59 43.44 28.00
N CYS A 1432 -11.57 43.56 29.32
CA CYS A 1432 -11.65 42.40 30.20
C CYS A 1432 -12.99 42.22 30.88
N ALA A 1433 -13.62 43.29 31.36
CA ALA A 1433 -14.87 43.15 32.09
C ALA A 1433 -15.99 42.53 31.27
N VAL A 1434 -15.89 42.56 29.94
CA VAL A 1434 -16.94 42.01 29.11
C VAL A 1434 -17.02 40.49 29.27
N ASN A 1435 -15.88 39.82 29.36
CA ASN A 1435 -15.86 38.36 29.33
C ASN A 1435 -16.27 37.78 30.68
N LEU A 1436 -16.82 36.56 30.62
CA LEU A 1436 -17.15 35.79 31.81
C LEU A 1436 -16.52 34.40 31.77
N TYR A 1437 -15.52 34.21 30.90
CA TYR A 1437 -14.94 32.91 30.61
C TYR A 1437 -15.98 31.93 30.05
N GLY A 1438 -17.11 32.44 29.59
CA GLY A 1438 -18.20 31.60 29.15
C GLY A 1438 -18.07 31.20 27.70
N PRO A 1439 -19.04 30.39 27.25
CA PRO A 1439 -19.01 29.91 25.86
C PRO A 1439 -19.35 30.97 24.82
N ASP A 1440 -19.50 32.23 25.24
CA ASP A 1440 -19.70 33.35 24.32
C ASP A 1440 -18.46 34.23 24.31
N ALA A 1441 -18.50 35.28 23.50
CA ALA A 1441 -17.46 36.31 23.47
C ALA A 1441 -16.08 35.72 23.15
N GLN A 1442 -16.04 34.75 22.24
CA GLN A 1442 -14.76 34.24 21.77
C GLN A 1442 -13.94 35.32 21.09
N VAL A 1443 -14.61 36.27 20.42
CA VAL A 1443 -13.88 37.36 19.78
C VAL A 1443 -13.17 38.21 20.81
N ASP A 1444 -13.84 38.54 21.92
CA ASP A 1444 -13.22 39.35 22.96
C ASP A 1444 -12.04 38.65 23.59
N ARG A 1445 -12.10 37.32 23.70
CA ARG A 1445 -11.02 36.58 24.29
C ARG A 1445 -9.75 36.69 23.45
N SER A 1446 -9.89 36.55 22.13
CA SER A 1446 -8.74 36.79 21.25
C SER A 1446 -8.29 38.24 21.30
N ARG A 1447 -9.24 39.17 21.42
CA ARG A 1447 -8.89 40.59 21.53
C ARG A 1447 -7.98 40.83 22.72
N LEU A 1448 -8.28 40.20 23.85
CA LEU A 1448 -7.43 40.34 25.02
C LEU A 1448 -6.12 39.60 24.88
N ALA A 1449 -6.13 38.43 24.23
CA ALA A 1449 -4.89 37.68 24.03
C ALA A 1449 -3.89 38.48 23.22
N ALA A 1450 -4.35 39.18 22.19
CA ALA A 1450 -3.44 40.00 21.40
C ALA A 1450 -2.81 41.08 22.27
N VAL A 1451 -3.60 41.72 23.13
CA VAL A 1451 -3.08 42.78 23.99
C VAL A 1451 -2.04 42.23 24.95
N VAL A 1452 -2.30 41.06 25.55
CA VAL A 1452 -1.35 40.52 26.51
C VAL A 1452 -0.06 40.10 25.81
N SER A 1453 -0.16 39.58 24.59
CA SER A 1453 1.06 39.27 23.85
C SER A 1453 1.87 40.53 23.54
N ALA A 1454 1.18 41.60 23.14
CA ALA A 1454 1.88 42.85 22.88
C ALA A 1454 2.56 43.38 24.13
N CYS A 1455 1.87 43.31 25.28
CA CYS A 1455 2.48 43.77 26.52
C CYS A 1455 3.65 42.90 26.94
N LYS A 1456 3.58 41.60 26.67
CA LYS A 1456 4.74 40.74 26.95
C LYS A 1456 5.93 41.14 26.10
N GLN A 1457 5.71 41.40 24.81
CA GLN A 1457 6.81 41.88 23.97
C GLN A 1457 7.35 43.21 24.48
N LEU A 1458 6.46 44.10 24.90
CA LEU A 1458 6.90 45.38 25.44
C LEU A 1458 7.77 45.20 26.67
N HIS A 1459 7.37 44.29 27.56
CA HIS A 1459 8.18 44.02 28.74
C HIS A 1459 9.55 43.49 28.35
N ARG A 1460 9.59 42.60 27.35
CA ARG A 1460 10.90 42.13 26.88
C ARG A 1460 11.73 43.29 26.34
N ALA A 1461 11.09 44.27 25.71
CA ALA A 1461 11.83 45.42 25.21
C ALA A 1461 12.29 46.32 26.34
N GLY A 1462 11.43 46.57 27.32
CA GLY A 1462 11.76 47.43 28.45
C GLY A 1462 10.88 48.64 28.61
N LEU A 1463 9.84 48.82 27.79
CA LEU A 1463 9.00 50.01 27.84
C LEU A 1463 7.67 49.77 28.54
N LEU A 1464 7.45 48.58 29.11
CA LEU A 1464 6.15 48.30 29.72
C LEU A 1464 5.88 49.24 30.90
N HIS A 1465 6.89 49.47 31.73
CA HIS A 1465 6.74 50.45 32.80
C HIS A 1465 6.69 51.87 32.28
N ASN A 1466 6.98 52.10 31.00
CA ASN A 1466 7.06 53.44 30.45
C ASN A 1466 5.82 53.87 29.69
N ILE A 1467 4.95 52.92 29.31
CA ILE A 1467 3.68 53.27 28.69
C ILE A 1467 2.49 52.92 29.57
N LEU A 1468 2.69 52.18 30.66
CA LEU A 1468 1.65 51.86 31.62
C LEU A 1468 2.16 52.24 33.00
N PRO A 1469 2.31 53.53 33.27
CA PRO A 1469 2.86 53.94 34.57
C PRO A 1469 1.91 53.61 35.70
N SER A 1470 2.50 53.29 36.85
CA SER A 1470 1.72 52.92 38.03
C SER A 1470 1.05 54.15 38.63
N GLN A 1471 -0.22 54.01 38.98
CA GLN A 1471 -0.97 55.07 39.63
C GLN A 1471 -0.97 54.95 41.14
N SER A 1472 -0.32 53.93 41.70
CA SER A 1472 -0.25 53.72 43.13
C SER A 1472 1.11 54.16 43.65
N THR A 1473 1.37 53.88 44.93
CA THR A 1473 2.60 54.29 45.60
C THR A 1473 3.56 53.16 45.89
N ASP A 1474 3.06 51.97 46.24
CA ASP A 1474 3.92 50.84 46.59
C ASP A 1474 3.91 49.76 45.52
N LEU A 1475 2.74 49.23 45.17
CA LEU A 1475 2.63 48.27 44.10
C LEU A 1475 2.27 48.98 42.80
N HIS A 1476 2.27 48.23 41.71
CA HIS A 1476 1.83 48.75 40.43
C HIS A 1476 0.32 48.59 40.30
N HIS A 1477 -0.38 49.66 39.98
CA HIS A 1477 -1.84 49.60 39.94
C HIS A 1477 -2.32 48.65 38.86
N SER A 1478 -1.68 48.64 37.71
CA SER A 1478 -2.18 47.84 36.60
C SER A 1478 -1.94 46.34 36.78
N VAL A 1479 -1.45 45.90 37.93
CA VAL A 1479 -1.37 44.48 38.23
C VAL A 1479 -2.14 44.17 39.50
N GLY A 1480 -2.24 45.16 40.39
CA GLY A 1480 -3.13 45.01 41.52
C GLY A 1480 -4.56 44.80 41.09
N THR A 1481 -4.89 45.16 39.85
CA THR A 1481 -6.20 44.91 39.27
C THR A 1481 -6.23 43.60 38.49
N GLU A 1482 -5.21 43.36 37.66
CA GLU A 1482 -5.22 42.19 36.79
C GLU A 1482 -5.22 40.90 37.61
N LEU A 1483 -4.32 40.80 38.58
CA LEU A 1483 -4.27 39.61 39.41
C LEU A 1483 -5.57 39.42 40.17
N LEU A 1484 -6.07 40.47 40.80
CA LEU A 1484 -7.23 40.33 41.67
C LEU A 1484 -8.54 40.38 40.88
N SER A 1485 -8.82 41.51 40.24
CA SER A 1485 -10.13 41.73 39.66
C SER A 1485 -10.41 40.84 38.46
N LEU A 1486 -9.40 40.16 37.93
CA LEU A 1486 -9.59 39.37 36.73
C LEU A 1486 -9.36 37.87 36.94
N VAL A 1487 -8.26 37.50 37.57
CA VAL A 1487 -7.86 36.10 37.64
C VAL A 1487 -8.25 35.45 38.96
N TYR A 1488 -7.84 36.04 40.08
CA TYR A 1488 -8.14 35.43 41.37
C TYR A 1488 -9.64 35.36 41.61
N LYS A 1489 -10.36 36.43 41.32
CA LYS A 1489 -11.81 36.43 41.44
C LYS A 1489 -12.52 35.93 40.19
N GLY A 1490 -11.81 35.81 39.08
CA GLY A 1490 -12.44 35.39 37.85
C GLY A 1490 -12.66 33.91 37.72
N ILE A 1491 -12.11 33.12 38.64
CA ILE A 1491 -12.31 31.67 38.59
C ILE A 1491 -13.59 31.25 39.29
N ALA A 1492 -14.02 31.99 40.31
CA ALA A 1492 -15.24 31.69 41.05
C ALA A 1492 -16.07 32.96 41.21
N PRO A 1493 -16.79 33.36 40.17
CA PRO A 1493 -17.62 34.57 40.25
C PRO A 1493 -19.02 34.31 40.79
N GLY A 1494 -19.43 35.14 41.73
CA GLY A 1494 -20.77 35.09 42.28
C GLY A 1494 -20.95 33.97 43.29
N ASP A 1495 -21.98 34.12 44.12
CA ASP A 1495 -22.34 33.10 45.09
C ASP A 1495 -23.30 32.05 44.53
N GLU A 1496 -23.82 32.26 43.32
CA GLU A 1496 -24.62 31.26 42.62
C GLU A 1496 -23.81 30.74 41.43
N ARG A 1497 -23.82 29.43 41.26
CA ARG A 1497 -22.86 28.76 40.39
C ARG A 1497 -23.48 28.47 39.03
N GLN A 1498 -23.08 29.24 38.03
CA GLN A 1498 -23.48 29.00 36.65
C GLN A 1498 -22.30 28.92 35.69
N CYS A 1499 -21.28 29.77 35.88
CA CYS A 1499 -20.14 29.84 34.98
C CYS A 1499 -18.83 29.50 35.67
N LEU A 1500 -18.91 28.77 36.78
CA LEU A 1500 -17.70 28.32 37.48
C LEU A 1500 -16.72 27.56 36.59
N PRO A 1501 -17.14 26.61 35.75
CA PRO A 1501 -16.16 25.93 34.88
C PRO A 1501 -15.42 26.90 33.99
N SER A 1502 -14.10 26.80 34.01
CA SER A 1502 -13.23 27.70 33.27
C SER A 1502 -12.23 27.00 32.38
N LEU A 1503 -11.70 25.84 32.80
CA LEU A 1503 -10.62 25.20 32.07
C LEU A 1503 -11.06 24.78 30.68
N ASP A 1504 -10.49 25.44 29.66
CA ASP A 1504 -10.82 25.16 28.28
C ASP A 1504 -9.60 24.94 27.40
N LEU A 1505 -8.39 25.07 27.95
CA LEU A 1505 -7.13 24.97 27.22
C LEU A 1505 -7.00 26.09 26.19
N SER A 1506 -7.99 26.97 26.13
CA SER A 1506 -7.88 28.19 25.34
C SER A 1506 -8.18 29.38 26.24
N CYS A 1507 -9.15 29.22 27.13
CA CYS A 1507 -9.46 30.22 28.13
C CYS A 1507 -8.53 30.12 29.33
N LYS A 1508 -8.25 28.91 29.78
CA LYS A 1508 -7.30 28.72 30.87
C LYS A 1508 -5.92 29.21 30.46
N GLN A 1509 -5.53 28.96 29.22
CA GLN A 1509 -4.25 29.46 28.74
C GLN A 1509 -4.22 30.99 28.73
N LEU A 1510 -5.34 31.61 28.36
CA LEU A 1510 -5.40 33.07 28.40
C LEU A 1510 -5.31 33.60 29.82
N ALA A 1511 -5.98 32.94 30.76
CA ALA A 1511 -5.86 33.35 32.15
C ALA A 1511 -4.43 33.21 32.63
N SER A 1512 -3.75 32.15 32.22
CA SER A 1512 -2.34 31.99 32.56
C SER A 1512 -1.51 33.11 31.96
N GLY A 1513 -1.80 33.49 30.73
CA GLY A 1513 -1.08 34.60 30.11
C GLY A 1513 -1.30 35.90 30.85
N LEU A 1514 -2.55 36.17 31.25
CA LEU A 1514 -2.84 37.36 32.05
C LEU A 1514 -2.06 37.33 33.35
N LEU A 1515 -2.02 36.18 34.01
CA LEU A 1515 -1.28 36.06 35.25
C LEU A 1515 0.19 36.34 35.04
N GLU A 1516 0.76 35.80 33.96
CA GLU A 1516 2.16 36.04 33.65
C GLU A 1516 2.42 37.51 33.40
N LEU A 1517 1.50 38.17 32.67
CA LEU A 1517 1.64 39.60 32.43
C LEU A 1517 1.61 40.37 33.73
N ALA A 1518 0.72 40.00 34.65
CA ALA A 1518 0.63 40.69 35.94
C ALA A 1518 1.91 40.55 36.74
N PHE A 1519 2.74 39.55 36.45
CA PHE A 1519 4.03 39.41 37.10
C PHE A 1519 5.16 40.09 36.33
N ALA A 1520 4.88 40.59 35.14
CA ALA A 1520 5.88 41.34 34.38
C ALA A 1520 6.09 42.75 34.92
N PHE A 1521 5.54 43.03 36.09
CA PHE A 1521 5.63 44.31 36.77
C PHE A 1521 6.38 44.09 38.08
N GLY A 1522 6.30 45.08 38.96
CA GLY A 1522 7.08 45.06 40.18
C GLY A 1522 6.78 43.93 41.15
N GLY A 1523 7.17 44.11 42.41
CA GLY A 1523 7.22 43.00 43.35
C GLY A 1523 5.88 42.49 43.78
N LEU A 1524 5.17 41.83 42.87
CA LEU A 1524 3.88 41.23 43.18
C LEU A 1524 3.99 39.89 43.90
N CYS A 1525 5.19 39.31 43.98
CA CYS A 1525 5.33 38.01 44.64
C CYS A 1525 4.96 38.09 46.11
N GLU A 1526 5.40 39.16 46.79
CA GLU A 1526 5.10 39.31 48.21
C GLU A 1526 3.61 39.25 48.47
N ARG A 1527 2.82 39.90 47.61
CA ARG A 1527 1.38 39.90 47.84
C ARG A 1527 0.71 38.69 47.21
N LEU A 1528 1.34 38.11 46.19
CA LEU A 1528 0.83 36.86 45.63
C LEU A 1528 0.84 35.76 46.68
N VAL A 1529 1.91 35.66 47.47
CA VAL A 1529 1.97 34.65 48.52
C VAL A 1529 0.84 34.85 49.51
N SER A 1530 0.62 36.09 49.95
CA SER A 1530 -0.46 36.37 50.88
C SER A 1530 -1.80 36.02 50.29
N LEU A 1531 -2.00 36.29 49.00
CA LEU A 1531 -3.23 35.90 48.33
C LEU A 1531 -3.39 34.39 48.29
N LEU A 1532 -2.28 33.66 48.19
CA LEU A 1532 -2.32 32.23 48.00
C LEU A 1532 -2.67 31.50 49.29
N LEU A 1533 -2.24 32.03 50.45
CA LEU A 1533 -2.55 31.45 51.75
C LEU A 1533 -3.75 32.10 52.40
N ASN A 1534 -4.72 32.56 51.62
CA ASN A 1534 -5.87 33.26 52.18
C ASN A 1534 -7.03 32.30 52.33
N PRO A 1535 -7.48 32.02 53.56
CA PRO A 1535 -8.59 31.07 53.74
C PRO A 1535 -9.92 31.71 53.40
N ALA A 1536 -10.51 31.28 52.28
CA ALA A 1536 -11.82 31.78 51.86
C ALA A 1536 -12.52 30.65 51.10
N VAL A 1537 -13.42 29.94 51.78
CA VAL A 1537 -14.11 28.84 51.12
C VAL A 1537 -15.04 29.38 50.04
N LEU A 1538 -15.45 28.47 49.15
CA LEU A 1538 -16.26 28.86 48.00
C LEU A 1538 -17.66 28.30 48.01
N SER A 1539 -17.89 27.13 48.62
CA SER A 1539 -19.23 26.61 48.87
C SER A 1539 -20.06 26.53 47.58
N THR A 1540 -19.60 25.66 46.69
CA THR A 1540 -20.28 25.45 45.43
C THR A 1540 -21.14 24.19 45.49
N ALA A 1541 -22.26 24.24 44.78
CA ALA A 1541 -23.21 23.12 44.78
C ALA A 1541 -23.40 22.57 43.37
N SER A 1549 -24.30 17.72 48.58
CA SER A 1549 -25.09 18.80 48.03
C SER A 1549 -24.24 20.04 47.82
N VAL A 1550 -23.63 20.52 48.89
CA VAL A 1550 -22.74 21.68 48.86
C VAL A 1550 -21.38 21.25 49.37
N ILE A 1551 -20.32 21.64 48.65
CA ILE A 1551 -18.96 21.27 49.00
C ILE A 1551 -18.13 22.53 49.11
N HIS A 1552 -17.24 22.56 50.10
CA HIS A 1552 -16.38 23.70 50.35
C HIS A 1552 -14.95 23.33 49.97
N PHE A 1553 -14.33 24.16 49.15
CA PHE A 1553 -12.91 24.05 48.86
C PHE A 1553 -12.28 25.42 48.94
N SER A 1554 -11.06 25.48 49.49
CA SER A 1554 -10.39 26.75 49.68
C SER A 1554 -10.17 27.44 48.35
N HIS A 1555 -10.49 28.74 48.30
CA HIS A 1555 -10.31 29.49 47.07
C HIS A 1555 -8.85 29.51 46.65
N GLY A 1556 -7.95 29.70 47.61
CA GLY A 1556 -6.54 29.66 47.29
C GLY A 1556 -6.13 28.33 46.68
N GLU A 1557 -6.69 27.23 47.19
CA GLU A 1557 -6.28 25.92 46.69
C GLU A 1557 -6.76 25.70 45.27
N TYR A 1558 -8.00 26.08 44.98
CA TYR A 1558 -8.49 26.02 43.60
C TYR A 1558 -7.62 26.88 42.70
N PHE A 1559 -7.29 28.09 43.15
CA PHE A 1559 -6.47 29.00 42.37
C PHE A 1559 -5.13 28.38 42.04
N TYR A 1560 -4.44 27.85 43.05
CA TYR A 1560 -3.15 27.23 42.82
C TYR A 1560 -3.26 26.01 41.94
N SER A 1561 -4.32 25.22 42.13
CA SER A 1561 -4.48 24.01 41.34
C SER A 1561 -4.63 24.33 39.87
N LEU A 1562 -5.35 25.40 39.55
CA LEU A 1562 -5.52 25.78 38.15
C LEU A 1562 -4.19 26.21 37.54
N PHE A 1563 -3.59 27.26 38.08
CA PHE A 1563 -2.36 27.83 37.52
C PHE A 1563 -1.16 27.32 38.30
N SER A 1564 -0.89 26.04 38.14
CA SER A 1564 0.25 25.44 38.81
C SER A 1564 1.57 25.88 38.17
N GLU A 1565 1.65 25.86 36.85
CA GLU A 1565 2.91 26.11 36.16
C GLU A 1565 3.23 27.58 35.97
N THR A 1566 2.35 28.48 36.37
CA THR A 1566 2.61 29.91 36.24
C THR A 1566 2.89 30.60 37.56
N ILE A 1567 2.30 30.14 38.65
CA ILE A 1567 2.52 30.77 39.94
C ILE A 1567 3.89 30.40 40.49
N ASN A 1568 4.19 29.11 40.55
CA ASN A 1568 5.46 28.69 41.13
C ASN A 1568 6.64 29.11 40.27
N THR A 1569 6.44 29.37 38.98
CA THR A 1569 7.50 29.95 38.17
C THR A 1569 7.90 31.31 38.72
N GLU A 1570 6.91 32.18 38.95
CA GLU A 1570 7.20 33.48 39.54
C GLU A 1570 7.79 33.34 40.93
N LEU A 1571 7.27 32.39 41.71
CA LEU A 1571 7.80 32.20 43.05
C LEU A 1571 9.27 31.78 43.00
N LEU A 1572 9.63 30.91 42.06
CA LEU A 1572 11.02 30.51 41.88
C LEU A 1572 11.88 31.67 41.40
N LYS A 1573 11.32 32.57 40.59
CA LYS A 1573 12.10 33.68 40.06
C LYS A 1573 12.74 34.49 41.19
N ASN A 1574 11.94 34.92 42.16
CA ASN A 1574 12.45 35.56 43.37
C ASN A 1574 12.05 34.72 44.59
N LEU A 1575 12.87 33.71 44.87
CA LEU A 1575 12.57 32.76 45.93
C LEU A 1575 13.11 33.18 47.28
N ASP A 1576 14.15 34.01 47.32
CA ASP A 1576 14.73 34.42 48.59
C ASP A 1576 13.73 35.17 49.46
N LEU A 1577 12.66 35.70 48.87
CA LEU A 1577 11.58 36.32 49.61
C LEU A 1577 10.34 35.45 49.67
N ALA A 1578 10.02 34.73 48.58
CA ALA A 1578 8.83 33.90 48.57
C ALA A 1578 8.93 32.76 49.57
N VAL A 1579 10.10 32.12 49.65
CA VAL A 1579 10.26 31.02 50.61
C VAL A 1579 10.17 31.54 52.03
N LEU A 1580 10.77 32.69 52.31
CA LEU A 1580 10.67 33.26 53.65
C LEU A 1580 9.22 33.56 54.00
N GLU A 1581 8.49 34.19 53.07
CA GLU A 1581 7.10 34.54 53.33
C GLU A 1581 6.25 33.30 53.53
N LEU A 1582 6.50 32.25 52.75
CA LEU A 1582 5.79 30.99 52.93
C LEU A 1582 6.07 30.40 54.30
N MET A 1583 7.33 30.05 54.56
CA MET A 1583 7.68 29.33 55.77
C MET A 1583 7.49 30.15 57.04
N GLN A 1584 7.34 31.47 56.92
CA GLN A 1584 6.99 32.26 58.11
C GLN A 1584 5.60 31.91 58.60
N SER A 1585 4.70 31.52 57.70
CA SER A 1585 3.34 31.11 58.04
C SER A 1585 3.17 29.61 57.94
N SER A 1586 4.19 28.84 58.32
CA SER A 1586 4.16 27.39 58.24
C SER A 1586 3.67 26.73 59.51
N VAL A 1587 3.17 27.50 60.47
CA VAL A 1587 2.67 26.95 61.72
C VAL A 1587 1.15 26.99 61.80
N ASP A 1588 0.50 27.97 61.16
CA ASP A 1588 -0.95 28.13 61.28
C ASP A 1588 -1.74 27.57 60.12
N ASN A 1589 -1.10 27.33 58.97
CA ASN A 1589 -1.77 26.78 57.81
C ASN A 1589 -1.33 25.35 57.51
N THR A 1590 -0.04 25.14 57.28
CA THR A 1590 0.58 23.81 57.26
C THR A 1590 -0.03 22.89 56.22
N LYS A 1591 -1.00 23.39 55.44
CA LYS A 1591 -1.58 22.63 54.34
C LYS A 1591 -1.31 23.30 53.01
N MET A 1592 -1.42 24.63 52.95
CA MET A 1592 -0.99 25.34 51.77
C MET A 1592 0.52 25.47 51.69
N VAL A 1593 1.20 25.62 52.83
CA VAL A 1593 2.65 25.71 52.79
C VAL A 1593 3.24 24.43 52.22
N SER A 1594 2.75 23.28 52.65
CA SER A 1594 3.24 22.02 52.11
C SER A 1594 2.97 21.90 50.62
N ALA A 1595 1.75 22.25 50.20
CA ALA A 1595 1.40 22.10 48.79
C ALA A 1595 2.25 23.02 47.91
N VAL A 1596 2.41 24.27 48.33
CA VAL A 1596 3.19 25.21 47.53
C VAL A 1596 4.65 24.80 47.50
N LEU A 1597 5.20 24.36 48.64
CA LEU A 1597 6.59 23.94 48.65
C LEU A 1597 6.80 22.73 47.75
N ASN A 1598 5.87 21.78 47.78
CA ASN A 1598 5.99 20.63 46.91
C ASN A 1598 5.88 21.03 45.45
N GLY A 1599 4.99 21.97 45.14
CA GLY A 1599 4.88 22.43 43.76
C GLY A 1599 6.15 23.11 43.28
N MET A 1600 6.73 23.97 44.12
CA MET A 1600 7.96 24.65 43.75
C MET A 1600 9.09 23.64 43.55
N LEU A 1601 9.22 22.69 44.48
CA LEU A 1601 10.29 21.71 44.37
C LEU A 1601 10.12 20.84 43.14
N ASP A 1602 8.88 20.45 42.84
CA ASP A 1602 8.63 19.63 41.66
C ASP A 1602 8.97 20.38 40.39
N GLN A 1603 8.46 21.61 40.24
CA GLN A 1603 8.75 22.37 39.04
C GLN A 1603 10.22 22.71 38.94
N SER A 1604 10.94 22.72 40.05
CA SER A 1604 12.39 22.81 39.98
C SER A 1604 12.99 21.51 39.46
N PHE A 1605 12.43 20.38 39.87
CA PHE A 1605 12.94 19.08 39.44
C PHE A 1605 12.56 18.77 38.00
N ARG A 1606 11.45 19.33 37.52
CA ARG A 1606 11.06 19.12 36.13
C ARG A 1606 12.08 19.70 35.17
N GLU A 1607 12.82 20.72 35.59
CA GLU A 1607 13.70 21.47 34.72
C GLU A 1607 15.12 21.50 35.28
N ARG A 1608 15.62 20.32 35.66
CA ARG A 1608 17.01 20.25 36.11
C ARG A 1608 18.01 20.26 34.97
N ALA A 1609 17.56 20.57 33.76
CA ALA A 1609 18.43 20.80 32.61
C ALA A 1609 18.38 22.28 32.28
N ASN A 1610 19.54 22.92 32.29
CA ASN A 1610 19.77 24.35 32.06
C ASN A 1610 19.46 25.18 33.29
N GLN A 1611 18.97 24.59 34.37
CA GLN A 1611 18.68 25.32 35.60
C GLN A 1611 19.19 24.54 36.79
N LYS A 1612 20.42 24.03 36.69
CA LYS A 1612 20.98 23.23 37.77
C LYS A 1612 21.11 24.03 39.06
N HIS A 1613 21.60 25.28 38.96
CA HIS A 1613 21.84 26.05 40.17
C HIS A 1613 20.56 26.48 40.85
N GLN A 1614 19.46 26.61 40.11
CA GLN A 1614 18.21 27.06 40.71
C GLN A 1614 17.68 26.04 41.71
N GLY A 1615 17.76 24.75 41.37
CA GLY A 1615 17.32 23.73 42.31
C GLY A 1615 18.16 23.71 43.58
N LEU A 1616 19.49 23.83 43.43
CA LEU A 1616 20.35 23.89 44.60
C LEU A 1616 20.01 25.09 45.46
N LYS A 1617 19.76 26.24 44.82
CA LYS A 1617 19.38 27.44 45.58
C LYS A 1617 18.09 27.22 46.33
N LEU A 1618 17.10 26.58 45.69
CA LEU A 1618 15.82 26.35 46.36
C LEU A 1618 15.99 25.43 47.56
N ALA A 1619 16.71 24.32 47.37
CA ALA A 1619 16.92 23.40 48.50
C ALA A 1619 17.65 24.09 49.63
N THR A 1620 18.71 24.84 49.31
CA THR A 1620 19.48 25.51 50.34
C THR A 1620 18.65 26.53 51.09
N THR A 1621 17.84 27.32 50.37
CA THR A 1621 17.08 28.35 51.05
C THR A 1621 15.93 27.77 51.86
N ILE A 1622 15.41 26.60 51.46
CA ILE A 1622 14.40 25.96 52.31
C ILE A 1622 15.04 25.41 53.56
N LEU A 1623 16.19 24.75 53.43
CA LEU A 1623 16.85 24.20 54.61
C LEU A 1623 17.34 25.29 55.54
N GLN A 1624 17.64 26.47 55.00
CA GLN A 1624 18.10 27.57 55.83
C GLN A 1624 17.02 28.00 56.82
N HIS A 1625 15.75 27.97 56.39
CA HIS A 1625 14.64 28.33 57.23
C HIS A 1625 13.96 27.12 57.86
N TRP A 1626 14.68 26.01 58.00
CA TRP A 1626 14.09 24.80 58.54
C TRP A 1626 13.71 24.94 60.00
N LYS A 1627 14.21 25.97 60.69
CA LYS A 1627 13.85 26.17 62.08
C LYS A 1627 12.36 26.45 62.24
N LYS A 1628 11.73 27.03 61.23
CA LYS A 1628 10.30 27.35 61.30
C LYS A 1628 9.41 26.14 61.06
N CYS A 1629 9.98 25.02 60.62
CA CYS A 1629 9.23 23.80 60.39
C CYS A 1629 9.25 22.85 61.58
N ASP A 1630 9.88 23.25 62.68
CA ASP A 1630 9.94 22.37 63.85
C ASP A 1630 8.57 22.13 64.46
N SER A 1631 7.65 23.07 64.28
CA SER A 1631 6.29 22.86 64.78
C SER A 1631 5.57 21.75 64.04
N TRP A 1632 6.04 21.39 62.85
CA TRP A 1632 5.37 20.34 62.08
C TRP A 1632 5.58 18.98 62.71
N TRP A 1633 6.81 18.65 63.07
CA TRP A 1633 7.13 17.35 63.66
C TRP A 1633 7.36 17.51 65.14
N ALA A 1634 6.64 16.71 65.93
CA ALA A 1634 6.76 16.74 67.38
C ALA A 1634 6.16 15.45 67.92
N LYS A 1635 6.35 15.24 69.23
CA LYS A 1635 5.88 14.00 69.85
C LYS A 1635 4.37 13.91 69.92
N ASP A 1636 3.64 14.90 69.41
CA ASP A 1636 2.18 14.88 69.44
C ASP A 1636 1.54 15.25 68.12
N SER A 1637 2.32 15.62 67.10
CA SER A 1637 1.76 16.05 65.83
C SER A 1637 1.04 14.89 65.14
N PRO A 1638 -0.03 15.18 64.39
CA PRO A 1638 -0.74 14.11 63.68
C PRO A 1638 0.15 13.45 62.64
N LEU A 1639 -0.16 12.19 62.34
CA LEU A 1639 0.67 11.42 61.40
C LEU A 1639 0.80 12.13 60.06
N GLU A 1640 -0.24 12.85 59.64
CA GLU A 1640 -0.19 13.50 58.33
C GLU A 1640 0.93 14.52 58.26
N THR A 1641 1.12 15.30 59.32
CA THR A 1641 2.18 16.31 59.29
C THR A 1641 3.56 15.66 59.26
N LYS A 1642 3.75 14.58 60.01
CA LYS A 1642 5.03 13.87 59.95
C LYS A 1642 5.28 13.30 58.56
N MET A 1643 4.24 12.73 57.94
CA MET A 1643 4.40 12.22 56.59
C MET A 1643 4.74 13.34 55.62
N ALA A 1644 4.11 14.50 55.79
CA ALA A 1644 4.42 15.64 54.92
C ALA A 1644 5.88 16.09 55.11
N VAL A 1645 6.34 16.13 56.35
CA VAL A 1645 7.74 16.50 56.61
C VAL A 1645 8.67 15.50 55.97
N LEU A 1646 8.36 14.22 56.08
CA LEU A 1646 9.21 13.19 55.48
C LEU A 1646 9.27 13.33 53.96
N ALA A 1647 8.11 13.53 53.34
CA ALA A 1647 8.07 13.70 51.88
C ALA A 1647 8.84 14.94 51.45
N LEU A 1648 8.65 16.04 52.18
CA LEU A 1648 9.38 17.27 51.85
C LEU A 1648 10.88 17.06 52.02
N LEU A 1649 11.29 16.36 53.07
CA LEU A 1649 12.71 16.10 53.29
C LEU A 1649 13.29 15.26 52.17
N ALA A 1650 12.56 14.23 51.73
CA ALA A 1650 13.06 13.41 50.64
C ALA A 1650 13.18 14.23 49.35
N LYS A 1651 12.17 15.05 49.07
CA LYS A 1651 12.24 15.90 47.89
C LYS A 1651 13.42 16.86 47.95
N ILE A 1652 13.65 17.45 49.12
CA ILE A 1652 14.74 18.40 49.26
C ILE A 1652 16.08 17.71 49.10
N LEU A 1653 16.25 16.56 49.73
CA LEU A 1653 17.53 15.88 49.66
C LEU A 1653 17.79 15.28 48.29
N GLN A 1654 16.76 15.05 47.48
CA GLN A 1654 16.99 14.51 46.15
C GLN A 1654 17.07 15.57 45.07
N ILE A 1655 16.43 16.73 45.26
CA ILE A 1655 16.45 17.75 44.21
C ILE A 1655 17.88 18.20 43.95
N ASP A 1656 18.66 18.36 45.01
CA ASP A 1656 20.10 18.57 44.90
C ASP A 1656 20.80 17.30 45.34
N SER A 1657 21.88 16.95 44.65
CA SER A 1657 22.67 15.79 45.04
C SER A 1657 23.40 16.13 46.34
N SER A 1658 24.25 15.21 46.80
CA SER A 1658 25.01 15.49 48.01
C SER A 1658 26.10 16.51 47.70
N VAL A 1659 25.68 17.74 47.37
CA VAL A 1659 26.60 18.78 46.92
C VAL A 1659 26.53 19.96 47.88
N SER A 1660 25.41 20.12 48.57
CA SER A 1660 25.25 21.18 49.55
C SER A 1660 24.81 20.68 50.91
N PHE A 1661 24.40 19.43 51.04
CA PHE A 1661 24.03 18.84 52.33
C PHE A 1661 24.90 17.61 52.54
N ASN A 1662 26.10 17.83 53.07
CA ASN A 1662 27.00 16.72 53.38
C ASN A 1662 27.25 16.61 54.88
N THR A 1663 27.78 17.66 55.51
CA THR A 1663 27.92 17.73 56.96
C THR A 1663 28.29 19.14 57.39
N SER A 1664 27.56 19.69 58.36
CA SER A 1664 27.83 21.00 58.93
C SER A 1664 27.97 22.07 57.85
N HIS A 1665 27.14 21.96 56.81
CA HIS A 1665 27.23 22.90 55.69
C HIS A 1665 25.88 23.44 55.23
N GLY A 1666 24.77 22.76 55.52
CA GLY A 1666 23.47 23.20 55.07
C GLY A 1666 22.46 23.24 56.19
N SER A 1667 22.89 23.71 57.36
CA SER A 1667 22.11 23.61 58.60
C SER A 1667 21.89 22.15 58.95
N PHE A 1668 22.98 21.39 58.94
CA PHE A 1668 22.91 19.94 59.13
C PHE A 1668 22.31 19.51 60.46
N PRO A 1669 22.66 20.11 61.61
CA PRO A 1669 22.12 19.56 62.87
C PRO A 1669 20.61 19.49 62.93
N GLU A 1670 19.89 20.52 62.45
CA GLU A 1670 18.44 20.48 62.51
C GLU A 1670 17.88 19.38 61.63
N VAL A 1671 18.41 19.24 60.42
CA VAL A 1671 17.93 18.20 59.51
C VAL A 1671 18.19 16.82 60.11
N PHE A 1672 19.38 16.62 60.69
CA PHE A 1672 19.68 15.32 61.27
C PHE A 1672 18.81 15.01 62.48
N THR A 1673 18.55 16.01 63.32
CA THR A 1673 17.67 15.77 64.46
C THR A 1673 16.27 15.44 64.00
N THR A 1674 15.78 16.13 62.97
CA THR A 1674 14.46 15.80 62.42
C THR A 1674 14.43 14.38 61.88
N TYR A 1675 15.48 13.99 61.15
CA TYR A 1675 15.53 12.65 60.60
C TYR A 1675 15.55 11.60 61.71
N ILE A 1676 16.32 11.82 62.76
CA ILE A 1676 16.38 10.88 63.86
C ILE A 1676 15.03 10.79 64.55
N SER A 1677 14.39 11.94 64.79
CA SER A 1677 13.09 11.92 65.45
C SER A 1677 12.06 11.18 64.61
N LEU A 1678 12.11 11.34 63.29
CA LEU A 1678 11.19 10.61 62.43
C LEU A 1678 11.50 9.13 62.41
N LEU A 1679 12.78 8.77 62.47
CA LEU A 1679 13.16 7.36 62.39
C LEU A 1679 12.87 6.61 63.69
N ALA A 1680 12.90 7.31 64.83
CA ALA A 1680 12.72 6.68 66.12
C ALA A 1680 11.32 6.88 66.70
N ASP A 1681 10.38 7.39 65.91
CA ASP A 1681 9.03 7.65 66.38
C ASP A 1681 8.23 6.36 66.31
N THR A 1682 7.94 5.78 67.47
CA THR A 1682 7.23 4.50 67.50
C THR A 1682 5.78 4.61 67.06
N LYS A 1683 5.25 5.82 66.93
CA LYS A 1683 3.88 5.97 66.46
C LYS A 1683 3.74 5.67 64.97
N LEU A 1684 4.82 5.74 64.22
CA LEU A 1684 4.76 5.53 62.78
C LEU A 1684 4.69 4.06 62.43
N ASP A 1685 4.05 3.77 61.30
CA ASP A 1685 3.98 2.41 60.78
C ASP A 1685 5.34 2.00 60.22
N LEU A 1686 5.45 0.71 59.89
CA LEU A 1686 6.71 0.19 59.37
C LEU A 1686 7.02 0.76 57.98
N HIS A 1687 5.99 0.92 57.14
CA HIS A 1687 6.26 1.37 55.78
C HIS A 1687 6.82 2.78 55.74
N LEU A 1688 6.36 3.65 56.66
CA LEU A 1688 6.95 4.98 56.70
C LEU A 1688 8.37 4.94 57.22
N LYS A 1689 8.67 4.04 58.15
CA LYS A 1689 10.06 3.83 58.54
C LYS A 1689 10.89 3.41 57.33
N GLY A 1690 10.35 2.53 56.50
CA GLY A 1690 11.05 2.14 55.28
C GLY A 1690 11.22 3.29 54.31
N GLN A 1691 10.25 4.19 54.27
CA GLN A 1691 10.40 5.38 53.44
C GLN A 1691 11.51 6.28 53.98
N ALA A 1692 11.62 6.37 55.30
CA ALA A 1692 12.68 7.19 55.90
C ALA A 1692 14.05 6.58 55.66
N VAL A 1693 14.17 5.26 55.73
CA VAL A 1693 15.47 4.61 55.60
C VAL A 1693 15.92 4.62 54.15
N THR A 1694 15.10 5.20 53.26
CA THR A 1694 15.54 5.40 51.90
C THR A 1694 16.54 6.55 51.80
N LEU A 1695 16.50 7.49 52.74
CA LEU A 1695 17.38 8.64 52.75
C LEU A 1695 18.71 8.35 53.44
N LEU A 1696 18.94 7.12 53.87
CA LEU A 1696 20.20 6.80 54.54
C LEU A 1696 21.45 7.16 53.75
N PRO A 1697 21.51 6.99 52.42
CA PRO A 1697 22.75 7.33 51.70
C PRO A 1697 23.23 8.74 51.95
N PHE A 1698 22.31 9.70 52.14
CA PHE A 1698 22.74 11.07 52.39
C PHE A 1698 23.32 11.26 53.79
N PHE A 1699 23.04 10.34 54.71
CA PHE A 1699 23.47 10.49 56.09
C PHE A 1699 24.59 9.53 56.50
N THR A 1700 25.05 8.66 55.60
CA THR A 1700 26.10 7.72 55.96
C THR A 1700 27.49 8.27 55.68
N SER A 1701 27.62 9.44 55.06
CA SER A 1701 28.89 10.15 55.00
C SER A 1701 28.99 11.13 56.16
N LEU A 1702 28.76 10.63 57.37
CA LEU A 1702 28.63 11.44 58.57
C LEU A 1702 29.40 10.79 59.71
N THR A 1703 30.65 10.43 59.45
CA THR A 1703 31.44 9.77 60.47
C THR A 1703 31.74 10.71 61.63
N GLY A 1704 31.84 10.13 62.82
CA GLY A 1704 32.34 10.86 63.97
C GLY A 1704 31.27 11.40 64.90
N GLY A 1705 31.05 10.74 66.02
CA GLY A 1705 30.24 11.26 67.11
C GLY A 1705 28.76 11.41 66.80
N SER A 1706 28.39 11.35 65.53
CA SER A 1706 27.00 11.44 65.11
C SER A 1706 26.50 10.16 64.45
N LEU A 1707 27.41 9.32 63.96
CA LEU A 1707 26.99 8.11 63.28
C LEU A 1707 26.46 7.06 64.26
N GLU A 1708 27.06 6.98 65.45
CA GLU A 1708 26.69 5.93 66.39
C GLU A 1708 25.25 6.08 66.88
N GLU A 1709 24.77 7.30 67.05
CA GLU A 1709 23.38 7.49 67.46
C GLU A 1709 22.44 6.94 66.40
N LEU A 1710 22.72 7.25 65.13
CA LEU A 1710 21.94 6.66 64.05
C LEU A 1710 22.07 5.14 64.06
N ARG A 1711 23.24 4.63 64.42
CA ARG A 1711 23.43 3.19 64.52
C ARG A 1711 22.54 2.59 65.60
N ARG A 1712 22.47 3.25 66.75
CA ARG A 1712 21.61 2.77 67.82
C ARG A 1712 20.14 2.80 67.39
N VAL A 1713 19.74 3.87 66.70
CA VAL A 1713 18.36 3.97 66.23
C VAL A 1713 18.05 2.85 65.25
N LEU A 1714 18.97 2.59 64.31
CA LEU A 1714 18.75 1.53 63.32
C LEU A 1714 18.68 0.16 63.98
N GLU A 1715 19.57 -0.11 64.94
CA GLU A 1715 19.53 -1.40 65.60
C GLU A 1715 18.26 -1.56 66.41
N GLN A 1716 17.79 -0.49 67.06
CA GLN A 1716 16.52 -0.57 67.75
C GLN A 1716 15.38 -0.83 66.79
N LEU A 1717 15.39 -0.17 65.62
CA LEU A 1717 14.33 -0.39 64.65
C LEU A 1717 14.31 -1.84 64.15
N ILE A 1718 15.48 -2.40 63.85
CA ILE A 1718 15.49 -3.76 63.31
C ILE A 1718 15.09 -4.75 64.40
N VAL A 1719 15.53 -4.55 65.64
CA VAL A 1719 15.11 -5.46 66.69
C VAL A 1719 13.67 -5.24 67.11
N ALA A 1720 13.05 -4.15 66.68
CA ALA A 1720 11.64 -3.92 67.00
C ALA A 1720 10.68 -4.37 65.92
N HIS A 1721 11.09 -4.37 64.64
CA HIS A 1721 10.18 -4.69 63.56
C HIS A 1721 10.57 -5.91 62.73
N PHE A 1722 11.54 -6.71 63.18
CA PHE A 1722 11.99 -7.86 62.41
C PHE A 1722 11.83 -9.13 63.20
N PRO A 1723 11.74 -10.28 62.53
CA PRO A 1723 11.63 -11.55 63.26
C PRO A 1723 12.97 -11.98 63.84
N MET A 1724 12.99 -13.15 64.47
CA MET A 1724 14.23 -13.68 65.02
C MET A 1724 14.93 -14.62 64.05
N GLN A 1725 14.26 -15.68 63.63
CA GLN A 1725 14.85 -16.65 62.71
C GLN A 1725 14.35 -16.47 61.28
N SER A 1726 13.58 -15.41 61.01
CA SER A 1726 13.15 -15.04 59.67
C SER A 1726 12.32 -16.11 58.99
N ARG A 1727 11.59 -16.91 59.77
CA ARG A 1727 10.78 -17.99 59.20
C ARG A 1727 9.38 -18.08 59.76
N GLU A 1728 9.09 -17.55 60.95
CA GLU A 1728 7.76 -17.70 61.52
C GLU A 1728 6.72 -16.89 60.79
N PHE A 1729 7.13 -15.95 59.93
CA PHE A 1729 6.16 -15.26 59.09
C PHE A 1729 5.87 -16.15 57.89
N PRO A 1730 4.64 -16.62 57.75
CA PRO A 1730 4.32 -17.51 56.62
C PRO A 1730 4.35 -16.74 55.32
N PRO A 1731 4.92 -17.31 54.26
CA PRO A 1731 4.98 -16.61 52.98
C PRO A 1731 3.57 -16.27 52.49
N GLY A 1732 3.44 -15.06 51.95
CA GLY A 1732 2.16 -14.55 51.52
C GLY A 1732 1.45 -13.69 52.53
N THR A 1733 1.76 -13.84 53.82
CA THR A 1733 1.18 -12.98 54.83
C THR A 1733 1.67 -11.55 54.61
N PRO A 1734 0.79 -10.55 54.77
CA PRO A 1734 1.25 -9.15 54.62
C PRO A 1734 2.36 -8.79 55.58
N ARG A 1735 2.44 -9.44 56.75
CA ARG A 1735 3.58 -9.25 57.63
C ARG A 1735 4.87 -9.66 56.92
N PHE A 1736 4.85 -10.81 56.27
CA PHE A 1736 6.03 -11.28 55.55
C PHE A 1736 6.38 -10.34 54.40
N ASN A 1737 5.38 -9.84 53.69
CA ASN A 1737 5.65 -8.91 52.60
C ASN A 1737 6.28 -7.63 53.12
N ASN A 1738 5.78 -7.12 54.24
CA ASN A 1738 6.37 -5.92 54.83
C ASN A 1738 7.81 -6.17 55.24
N TYR A 1739 8.08 -7.31 55.86
CA TYR A 1739 9.45 -7.61 56.27
C TYR A 1739 10.38 -7.70 55.07
N VAL A 1740 9.93 -8.39 54.02
CA VAL A 1740 10.77 -8.54 52.83
C VAL A 1740 11.04 -7.20 52.20
N ASP A 1741 10.02 -6.34 52.11
CA ASP A 1741 10.24 -5.05 51.48
C ASP A 1741 11.14 -4.17 52.33
N CYS A 1742 11.02 -4.25 53.65
CA CYS A 1742 11.91 -3.47 54.50
C CYS A 1742 13.36 -3.89 54.30
N MET A 1743 13.62 -5.20 54.24
CA MET A 1743 14.99 -5.62 54.01
C MET A 1743 15.46 -5.24 52.61
N LYS A 1744 14.57 -5.25 51.64
CA LYS A 1744 14.95 -4.81 50.30
C LYS A 1744 15.35 -3.35 50.29
N LYS A 1745 14.63 -2.51 51.02
CA LYS A 1745 14.99 -1.10 51.08
C LYS A 1745 16.30 -0.89 51.84
N PHE A 1746 16.53 -1.66 52.90
CA PHE A 1746 17.83 -1.59 53.57
C PHE A 1746 18.96 -1.98 52.63
N LEU A 1747 18.76 -3.03 51.83
CA LEU A 1747 19.79 -3.43 50.88
C LEU A 1747 19.99 -2.36 49.82
N ASP A 1748 18.92 -1.69 49.40
CA ASP A 1748 19.06 -0.60 48.44
C ASP A 1748 19.90 0.53 49.01
N ALA A 1749 19.64 0.92 50.26
CA ALA A 1749 20.44 1.93 50.91
C ALA A 1749 21.90 1.50 51.02
N LEU A 1750 22.12 0.22 51.33
CA LEU A 1750 23.47 -0.30 51.41
C LEU A 1750 24.18 -0.22 50.06
N GLU A 1751 23.48 -0.57 48.98
CA GLU A 1751 24.11 -0.55 47.67
C GLU A 1751 24.51 0.86 47.29
N LEU A 1752 23.64 1.84 47.52
CA LEU A 1752 24.01 3.21 47.15
C LEU A 1752 24.92 3.88 48.17
N SER A 1753 25.09 3.33 49.36
CA SER A 1753 25.85 4.02 50.40
C SER A 1753 27.26 3.50 50.59
N GLN A 1754 27.49 2.20 50.45
CA GLN A 1754 28.79 1.59 50.72
C GLN A 1754 29.26 1.90 52.13
N SER A 1755 28.35 1.84 53.07
CA SER A 1755 28.74 2.23 54.42
C SER A 1755 29.15 1.02 55.24
N PRO A 1756 30.29 1.07 55.95
CA PRO A 1756 30.60 0.01 56.91
C PRO A 1756 29.53 -0.15 57.96
N MET A 1757 28.91 0.96 58.36
CA MET A 1757 27.73 0.90 59.23
C MET A 1757 26.70 -0.07 58.70
N LEU A 1758 26.07 0.29 57.58
CA LEU A 1758 24.93 -0.47 57.08
C LEU A 1758 25.34 -1.87 56.68
N LEU A 1759 26.53 -2.03 56.11
CA LEU A 1759 26.96 -3.36 55.70
C LEU A 1759 27.20 -4.25 56.90
N GLU A 1760 27.75 -3.69 57.98
CA GLU A 1760 27.88 -4.46 59.21
C GLU A 1760 26.53 -4.85 59.76
N LEU A 1761 25.56 -3.93 59.74
CA LEU A 1761 24.23 -4.26 60.23
C LEU A 1761 23.57 -5.35 59.40
N MET A 1762 23.67 -5.26 58.08
CA MET A 1762 23.10 -6.28 57.22
C MET A 1762 23.80 -7.63 57.39
N THR A 1763 25.11 -7.62 57.56
CA THR A 1763 25.82 -8.87 57.82
C THR A 1763 25.39 -9.46 59.15
N GLU A 1764 25.17 -8.62 60.17
CA GLU A 1764 24.70 -9.12 61.44
C GLU A 1764 23.31 -9.74 61.33
N VAL A 1765 22.43 -9.12 60.54
CA VAL A 1765 21.09 -9.67 60.37
C VAL A 1765 21.13 -10.97 59.58
N LEU A 1766 21.87 -10.97 58.48
CA LEU A 1766 21.91 -12.13 57.60
C LEU A 1766 22.47 -13.35 58.30
N CYS A 1767 23.55 -13.17 59.07
CA CYS A 1767 24.24 -14.28 59.70
C CYS A 1767 23.59 -14.71 61.02
N ARG A 1768 22.35 -14.31 61.27
CA ARG A 1768 21.69 -14.76 62.49
C ARG A 1768 21.35 -16.24 62.42
N GLU A 1769 20.98 -16.74 61.25
CA GLU A 1769 20.65 -18.15 61.06
C GLU A 1769 21.27 -18.61 59.75
N GLN A 1770 20.99 -19.85 59.37
CA GLN A 1770 21.54 -20.45 58.17
C GLN A 1770 20.48 -20.49 57.07
N GLN A 1771 20.91 -20.22 55.85
CA GLN A 1771 20.03 -20.19 54.68
C GLN A 1771 18.85 -19.25 54.90
N HIS A 1772 19.19 -17.98 55.04
CA HIS A 1772 18.17 -16.94 55.19
C HIS A 1772 17.27 -16.90 53.96
N VAL A 1773 16.03 -16.46 54.17
CA VAL A 1773 15.06 -16.43 53.07
C VAL A 1773 15.54 -15.52 51.95
N MET A 1774 16.17 -14.41 52.31
CA MET A 1774 16.54 -13.36 51.37
C MET A 1774 17.98 -13.49 50.90
N GLU A 1775 18.55 -14.70 50.96
CA GLU A 1775 20.00 -14.84 50.78
C GLU A 1775 20.44 -14.41 49.39
N GLU A 1776 19.65 -14.72 48.36
CA GLU A 1776 20.07 -14.39 47.01
C GLU A 1776 20.20 -12.88 46.82
N LEU A 1777 19.25 -12.12 47.34
CA LEU A 1777 19.35 -10.66 47.23
C LEU A 1777 20.48 -10.11 48.09
N PHE A 1778 20.75 -10.72 49.23
CA PHE A 1778 21.91 -10.30 50.02
C PHE A 1778 23.20 -10.48 49.22
N GLN A 1779 23.34 -11.64 48.57
CA GLN A 1779 24.55 -11.87 47.79
C GLN A 1779 24.63 -10.93 46.61
N SER A 1780 23.50 -10.64 45.96
CA SER A 1780 23.53 -9.69 44.86
C SER A 1780 23.94 -8.31 45.34
N SER A 1781 23.43 -7.88 46.50
CA SER A 1781 23.83 -6.59 47.06
C SER A 1781 25.32 -6.56 47.37
N PHE A 1782 25.85 -7.64 47.96
CA PHE A 1782 27.27 -7.65 48.30
C PHE A 1782 28.13 -7.61 47.03
N ARG A 1783 27.73 -8.36 46.01
CA ARG A 1783 28.48 -8.33 44.75
C ARG A 1783 28.45 -6.94 44.14
N ARG A 1784 27.30 -6.27 44.18
CA ARG A 1784 27.22 -4.93 43.59
C ARG A 1784 27.87 -3.86 44.45
N ILE A 1785 28.08 -4.13 45.74
CA ILE A 1785 28.74 -3.15 46.59
C ILE A 1785 30.26 -3.33 46.59
N ALA A 1786 30.75 -4.52 46.28
CA ALA A 1786 32.19 -4.77 46.24
C ALA A 1786 32.79 -4.49 44.87
N ARG A 1787 32.09 -3.78 44.00
CA ARG A 1787 32.56 -3.54 42.64
C ARG A 1787 32.33 -2.11 42.18
N ARG A 1788 31.98 -1.20 43.08
CA ARG A 1788 31.56 0.13 42.68
C ARG A 1788 32.48 1.23 43.19
N GLY A 1789 32.73 1.27 44.49
CA GLY A 1789 33.45 2.38 45.07
C GLY A 1789 34.94 2.34 44.79
N SER A 1790 35.62 3.38 45.25
CA SER A 1790 37.07 3.46 45.14
C SER A 1790 37.73 2.49 46.11
N CYS A 1791 39.01 2.22 45.89
CA CYS A 1791 39.72 1.18 46.64
C CYS A 1791 39.66 1.44 48.13
N VAL A 1792 39.68 2.71 48.54
CA VAL A 1792 39.61 3.03 49.96
C VAL A 1792 38.28 2.58 50.56
N THR A 1793 37.18 2.81 49.83
CA THR A 1793 35.88 2.38 50.34
C THR A 1793 35.80 0.86 50.42
N GLN A 1794 36.30 0.17 49.40
CA GLN A 1794 36.25 -1.29 49.40
C GLN A 1794 37.05 -1.87 50.55
N VAL A 1795 38.26 -1.34 50.77
CA VAL A 1795 39.05 -1.83 51.88
C VAL A 1795 38.41 -1.45 53.20
N GLY A 1796 37.68 -0.34 53.25
CA GLY A 1796 36.95 0.00 54.45
C GLY A 1796 35.88 -1.03 54.78
N LEU A 1797 35.10 -1.42 53.77
CA LEU A 1797 34.08 -2.44 53.97
C LEU A 1797 34.72 -3.76 54.44
N LEU A 1798 35.78 -4.16 53.75
CA LEU A 1798 36.44 -5.41 54.09
C LEU A 1798 36.99 -5.36 55.51
N GLU A 1799 37.58 -4.23 55.90
CA GLU A 1799 38.09 -4.08 57.25
C GLU A 1799 36.97 -4.14 58.27
N SER A 1800 35.83 -3.53 57.97
CA SER A 1800 34.71 -3.57 58.89
C SER A 1800 34.26 -5.00 59.14
N VAL A 1801 34.05 -5.75 58.06
CA VAL A 1801 33.59 -7.14 58.22
C VAL A 1801 34.64 -7.96 58.93
N TYR A 1802 35.92 -7.78 58.56
CA TYR A 1802 36.98 -8.57 59.16
C TYR A 1802 37.13 -8.28 60.65
N GLU A 1803 37.05 -7.01 61.04
CA GLU A 1803 37.17 -6.65 62.44
C GLU A 1803 35.96 -7.12 63.23
N MET A 1804 34.77 -7.15 62.60
CA MET A 1804 33.64 -7.78 63.26
C MET A 1804 33.88 -9.26 63.47
N PHE A 1805 34.49 -9.92 62.48
CA PHE A 1805 34.65 -11.37 62.52
C PHE A 1805 35.56 -11.81 63.66
N ARG A 1806 36.70 -11.15 63.83
CA ARG A 1806 37.71 -11.58 64.78
C ARG A 1806 37.60 -10.88 66.13
N LYS A 1807 36.38 -10.54 66.54
CA LYS A 1807 36.17 -9.81 67.78
C LYS A 1807 35.60 -10.71 68.87
N ASP A 1808 35.52 -10.16 70.06
CA ASP A 1808 35.00 -10.85 71.24
C ASP A 1808 33.50 -10.58 71.35
N ASP A 1809 32.93 -10.81 72.54
CA ASP A 1809 31.49 -10.90 72.78
C ASP A 1809 30.95 -12.09 72.01
N PRO A 1810 31.29 -13.30 72.43
CA PRO A 1810 30.97 -14.50 71.63
C PRO A 1810 29.46 -14.63 71.42
N ARG A 1811 29.11 -14.95 70.18
CA ARG A 1811 27.72 -15.04 69.74
C ARG A 1811 27.51 -16.30 68.90
N LEU A 1812 27.80 -17.46 69.52
CA LEU A 1812 27.51 -18.76 68.92
C LEU A 1812 28.36 -19.01 67.69
N SER A 1813 29.63 -19.35 67.91
CA SER A 1813 30.69 -19.41 66.91
C SER A 1813 30.26 -19.98 65.57
N PHE A 1814 29.28 -20.90 65.56
CA PHE A 1814 28.68 -21.29 64.29
C PHE A 1814 28.23 -20.05 63.51
N THR A 1815 27.68 -19.06 64.21
CA THR A 1815 27.37 -17.79 63.57
C THR A 1815 28.63 -17.11 63.06
N ARG A 1816 29.68 -17.10 63.90
CA ARG A 1816 30.91 -16.40 63.53
C ARG A 1816 31.48 -16.91 62.21
N GLN A 1817 31.30 -18.20 61.93
CA GLN A 1817 31.77 -18.75 60.67
C GLN A 1817 31.08 -18.08 59.48
N SER A 1818 29.78 -17.81 59.62
CA SER A 1818 29.02 -17.27 58.50
C SER A 1818 29.52 -15.89 58.08
N PHE A 1819 30.16 -15.14 58.98
CA PHE A 1819 30.69 -13.83 58.61
C PHE A 1819 31.72 -13.95 57.50
N VAL A 1820 32.62 -14.93 57.62
CA VAL A 1820 33.63 -15.18 56.59
C VAL A 1820 33.16 -16.21 55.57
N ASP A 1821 31.99 -16.79 55.77
CA ASP A 1821 31.48 -17.80 54.84
C ASP A 1821 30.59 -17.19 53.77
N ARG A 1822 29.58 -16.41 54.17
CA ARG A 1822 28.58 -15.90 53.24
C ARG A 1822 28.82 -14.46 52.83
N SER A 1823 29.47 -13.66 53.66
CA SER A 1823 29.63 -12.24 53.41
C SER A 1823 31.04 -11.88 52.97
N LEU A 1824 32.07 -12.27 53.71
CA LEU A 1824 33.42 -11.80 53.43
C LEU A 1824 33.90 -12.28 52.07
N LEU A 1825 33.69 -13.57 51.75
CA LEU A 1825 34.15 -14.07 50.46
C LEU A 1825 33.44 -13.40 49.30
N THR A 1826 32.14 -13.14 49.45
CA THR A 1826 31.42 -12.49 48.38
C THR A 1826 32.05 -11.15 48.04
N LEU A 1827 32.50 -10.41 49.05
CA LEU A 1827 33.25 -9.19 48.81
C LEU A 1827 34.60 -9.49 48.17
N LEU A 1828 35.35 -10.43 48.77
CA LEU A 1828 36.70 -10.73 48.29
C LEU A 1828 36.69 -11.28 46.87
N TRP A 1829 35.62 -11.95 46.48
CA TRP A 1829 35.56 -12.49 45.13
C TRP A 1829 35.22 -11.43 44.09
N HIS A 1830 34.89 -10.20 44.50
CA HIS A 1830 34.53 -9.17 43.56
C HIS A 1830 35.21 -7.83 43.80
N CYS A 1831 35.92 -7.66 44.91
CA CYS A 1831 36.73 -6.46 45.10
C CYS A 1831 38.07 -6.65 44.41
N SER A 1832 38.03 -7.02 43.14
CA SER A 1832 39.20 -7.56 42.45
C SER A 1832 40.21 -6.50 42.05
N LEU A 1833 39.88 -5.21 42.13
CA LEU A 1833 40.72 -4.23 41.48
C LEU A 1833 42.06 -4.06 42.20
N ASP A 1834 42.04 -3.51 43.41
CA ASP A 1834 43.29 -3.35 44.14
C ASP A 1834 43.21 -3.67 45.62
N ALA A 1835 42.02 -3.66 46.23
CA ALA A 1835 41.93 -3.85 47.67
C ALA A 1835 42.37 -5.23 48.11
N LEU A 1836 42.53 -6.17 47.17
CA LEU A 1836 43.01 -7.50 47.51
C LEU A 1836 44.35 -7.43 48.23
N ARG A 1837 45.36 -6.89 47.54
CA ARG A 1837 46.70 -6.82 48.12
C ARG A 1837 46.75 -5.90 49.33
N GLU A 1838 45.95 -4.83 49.33
CA GLU A 1838 45.94 -3.92 50.47
C GLU A 1838 45.43 -4.63 51.72
N PHE A 1839 44.29 -5.33 51.60
CA PHE A 1839 43.75 -6.07 52.72
C PHE A 1839 44.69 -7.20 53.14
N PHE A 1840 45.33 -7.86 52.16
CA PHE A 1840 46.27 -8.91 52.50
C PHE A 1840 47.44 -8.37 53.30
N SER A 1841 47.98 -7.22 52.89
CA SER A 1841 49.06 -6.59 53.64
C SER A 1841 48.59 -6.20 55.02
N THR A 1842 47.34 -5.73 55.13
CA THR A 1842 46.79 -5.35 56.42
C THR A 1842 46.71 -6.55 57.36
N ILE A 1843 46.34 -7.70 56.85
CA ILE A 1843 46.03 -8.83 57.73
C ILE A 1843 47.22 -9.77 57.96
N VAL A 1844 48.09 -9.94 56.97
CA VAL A 1844 49.01 -11.07 56.96
C VAL A 1844 49.93 -11.08 58.18
N VAL A 1845 50.25 -9.91 58.72
CA VAL A 1845 51.22 -9.83 59.80
C VAL A 1845 50.73 -10.59 61.03
N ASP A 1846 49.41 -10.66 61.21
CA ASP A 1846 48.84 -11.28 62.39
C ASP A 1846 47.85 -12.40 62.10
N ALA A 1847 47.42 -12.55 60.85
CA ALA A 1847 46.53 -13.65 60.50
C ALA A 1847 47.22 -14.99 60.70
N ILE A 1848 48.48 -15.10 60.27
CA ILE A 1848 49.22 -16.35 60.40
C ILE A 1848 49.35 -16.74 61.88
N ASP A 1849 49.32 -15.76 62.77
CA ASP A 1849 49.51 -16.05 64.19
C ASP A 1849 48.41 -16.95 64.74
N VAL A 1850 47.16 -16.69 64.35
CA VAL A 1850 46.08 -17.59 64.74
C VAL A 1850 46.30 -18.98 64.17
N LEU A 1851 46.86 -19.06 62.96
CA LEU A 1851 47.21 -20.34 62.36
C LEU A 1851 48.46 -20.97 62.95
N LYS A 1852 49.18 -20.28 63.82
CA LYS A 1852 50.54 -20.72 64.14
C LYS A 1852 50.54 -21.85 65.17
N SER A 1853 50.18 -21.56 66.41
CA SER A 1853 50.30 -22.58 67.44
C SER A 1853 49.25 -22.52 68.55
N ARG A 1854 48.28 -21.62 68.52
CA ARG A 1854 47.39 -21.52 69.66
C ARG A 1854 46.31 -22.59 69.57
N PHE A 1855 46.60 -23.74 70.21
CA PHE A 1855 45.65 -24.84 70.37
C PHE A 1855 45.12 -24.89 71.79
N THR A 1856 45.14 -23.75 72.47
CA THR A 1856 44.84 -23.66 73.88
C THR A 1856 43.38 -24.05 74.15
N LYS A 1857 43.11 -24.47 75.38
CA LYS A 1857 41.78 -24.85 75.83
C LYS A 1857 41.24 -26.04 75.07
N LEU A 1858 42.12 -26.94 74.65
CA LEU A 1858 41.68 -28.17 74.00
C LEU A 1858 40.82 -29.00 74.95
N ASN A 1859 41.02 -28.86 76.26
CA ASN A 1859 40.24 -29.59 77.25
C ASN A 1859 39.13 -28.74 77.87
N GLU A 1860 38.98 -27.48 77.45
CA GLU A 1860 37.92 -26.63 77.97
C GLU A 1860 36.66 -26.67 77.12
N SER A 1861 36.71 -27.31 75.95
CA SER A 1861 35.59 -27.48 75.01
C SER A 1861 35.13 -26.17 74.40
N THR A 1862 35.72 -25.04 74.76
CA THR A 1862 35.39 -23.75 74.16
C THR A 1862 36.49 -23.28 73.20
N PHE A 1863 37.33 -24.22 72.77
CA PHE A 1863 38.37 -23.91 71.79
C PHE A 1863 37.86 -23.94 70.36
N ASP A 1864 36.59 -24.29 70.16
CA ASP A 1864 36.01 -24.26 68.83
C ASP A 1864 36.06 -22.86 68.22
N THR A 1865 36.15 -21.82 69.05
CA THR A 1865 36.36 -20.48 68.52
C THR A 1865 37.71 -20.38 67.81
N GLN A 1866 38.75 -20.98 68.39
CA GLN A 1866 40.06 -20.95 67.76
C GLN A 1866 40.01 -21.56 66.38
N ILE A 1867 39.45 -22.77 66.26
CA ILE A 1867 39.41 -23.44 64.97
C ILE A 1867 38.46 -22.72 64.02
N THR A 1868 37.41 -22.10 64.53
CA THR A 1868 36.52 -21.32 63.67
C THR A 1868 37.26 -20.16 63.03
N LYS A 1869 38.02 -19.42 63.84
CA LYS A 1869 38.85 -18.34 63.28
C LYS A 1869 39.88 -18.90 62.32
N LYS A 1870 40.42 -20.09 62.62
CA LYS A 1870 41.40 -20.68 61.73
C LYS A 1870 40.79 -21.02 60.37
N MET A 1871 39.58 -21.58 60.36
CA MET A 1871 38.88 -21.82 59.10
C MET A 1871 38.64 -20.52 58.36
N GLY A 1872 38.25 -19.47 59.09
CA GLY A 1872 38.03 -18.18 58.45
C GLY A 1872 39.29 -17.67 57.76
N TYR A 1873 40.41 -17.73 58.47
CA TYR A 1873 41.66 -17.26 57.89
C TYR A 1873 42.06 -18.13 56.70
N TYR A 1874 41.79 -19.44 56.79
CA TYR A 1874 42.12 -20.32 55.67
C TYR A 1874 41.32 -19.97 54.42
N LYS A 1875 40.02 -19.72 54.59
CA LYS A 1875 39.20 -19.33 53.44
C LYS A 1875 39.64 -17.97 52.89
N ILE A 1876 39.97 -17.03 53.78
CA ILE A 1876 40.42 -15.72 53.32
C ILE A 1876 41.69 -15.85 52.50
N LEU A 1877 42.65 -16.63 53.00
CA LEU A 1877 43.90 -16.83 52.26
C LEU A 1877 43.66 -17.59 50.97
N ASP A 1878 42.71 -18.53 50.96
CA ASP A 1878 42.35 -19.23 49.74
C ASP A 1878 41.90 -18.25 48.67
N VAL A 1879 41.02 -17.32 49.05
CA VAL A 1879 40.56 -16.34 48.08
C VAL A 1879 41.70 -15.39 47.70
N MET A 1880 42.55 -15.04 48.66
CA MET A 1880 43.60 -14.05 48.40
C MET A 1880 44.62 -14.60 47.41
N TYR A 1881 45.13 -15.80 47.66
CA TYR A 1881 46.15 -16.36 46.78
C TYR A 1881 45.61 -16.65 45.40
N SER A 1882 44.29 -16.76 45.24
CA SER A 1882 43.68 -16.82 43.93
C SER A 1882 43.51 -15.40 43.39
N ARG A 1883 43.61 -15.28 42.07
CA ARG A 1883 43.45 -14.02 41.35
C ARG A 1883 44.58 -13.04 41.62
N LEU A 1884 45.50 -13.39 42.52
CA LEU A 1884 46.70 -12.58 42.68
C LEU A 1884 47.84 -13.21 41.91
N PRO A 1885 48.52 -12.46 41.05
CA PRO A 1885 49.66 -13.04 40.32
C PRO A 1885 50.75 -13.47 41.27
N LYS A 1886 51.48 -14.52 40.87
CA LYS A 1886 52.53 -15.05 41.73
C LYS A 1886 53.61 -14.01 42.02
N ASP A 1887 53.73 -12.98 41.19
CA ASP A 1887 54.67 -11.91 41.49
C ASP A 1887 54.34 -11.22 42.79
N ASP A 1888 53.06 -10.92 43.03
CA ASP A 1888 52.66 -10.19 44.22
C ASP A 1888 52.82 -11.00 45.49
N VAL A 1889 53.00 -12.32 45.39
CA VAL A 1889 53.16 -13.18 46.56
C VAL A 1889 54.51 -13.87 46.58
N HIS A 1890 55.01 -14.30 45.41
CA HIS A 1890 56.24 -15.06 45.30
C HIS A 1890 57.18 -14.34 44.35
N ALA A 1891 57.97 -13.41 44.88
CA ALA A 1891 58.97 -12.69 44.10
C ALA A 1891 59.94 -12.02 45.06
N LYS A 1892 61.19 -11.87 44.62
CA LYS A 1892 62.17 -11.17 45.44
C LYS A 1892 61.73 -9.74 45.69
N GLU A 1893 61.22 -9.07 44.66
CA GLU A 1893 60.56 -7.77 44.83
C GLU A 1893 59.06 -8.03 44.97
N SER A 1894 58.56 -7.89 46.20
CA SER A 1894 57.16 -8.17 46.50
C SER A 1894 56.85 -7.56 47.86
N LYS A 1895 55.80 -6.75 47.92
CA LYS A 1895 55.43 -6.08 49.16
C LYS A 1895 54.81 -7.11 50.10
N ILE A 1896 55.69 -7.81 50.82
CA ILE A 1896 55.29 -8.72 51.87
C ILE A 1896 56.19 -8.53 53.07
N ASN A 1897 55.58 -8.37 54.24
CA ASN A 1897 56.29 -8.25 55.49
C ASN A 1897 55.89 -9.41 56.40
N GLN A 1898 56.77 -9.72 57.35
CA GLN A 1898 56.48 -10.77 58.31
C GLN A 1898 57.38 -10.58 59.52
N VAL A 1899 57.05 -11.28 60.59
CA VAL A 1899 57.68 -11.06 61.90
C VAL A 1899 59.20 -11.26 61.85
N PHE A 1900 59.69 -12.06 60.89
CA PHE A 1900 61.10 -12.40 60.87
C PHE A 1900 61.98 -11.16 60.74
N HIS A 1901 61.83 -10.40 59.65
CA HIS A 1901 62.62 -9.21 59.42
C HIS A 1901 61.81 -8.10 58.76
N GLY A 1902 60.51 -8.04 59.04
CA GLY A 1902 59.67 -7.09 58.33
C GLY A 1902 59.63 -7.39 56.84
N SER A 1903 59.76 -6.34 56.04
CA SER A 1903 59.77 -6.48 54.58
C SER A 1903 61.04 -5.95 53.94
N CYS A 1904 62.06 -5.63 54.75
CA CYS A 1904 63.30 -5.11 54.18
C CYS A 1904 63.98 -6.15 53.29
N ILE A 1905 64.00 -7.40 53.73
CA ILE A 1905 64.57 -8.50 52.96
C ILE A 1905 63.53 -9.61 52.85
N THR A 1906 63.44 -10.22 51.67
CA THR A 1906 62.46 -11.27 51.41
C THR A 1906 63.08 -12.60 51.02
N GLU A 1907 64.42 -12.67 50.94
CA GLU A 1907 65.16 -13.89 50.56
C GLU A 1907 64.45 -14.66 49.46
N GLY A 1908 64.09 -13.96 48.40
CA GLY A 1908 63.29 -14.55 47.35
C GLY A 1908 61.83 -14.56 47.74
N ASN A 1909 61.47 -15.42 48.69
CA ASN A 1909 60.14 -15.42 49.26
C ASN A 1909 60.15 -16.22 50.55
N GLU A 1910 59.32 -15.81 51.52
CA GLU A 1910 59.38 -16.43 52.84
C GLU A 1910 58.02 -16.83 53.38
N LEU A 1911 56.94 -16.15 53.00
CA LEU A 1911 55.66 -16.49 53.61
C LEU A 1911 55.10 -17.78 53.04
N THR A 1912 55.42 -18.11 51.79
CA THR A 1912 54.89 -19.32 51.19
C THR A 1912 55.37 -20.57 51.94
N LYS A 1913 56.64 -20.57 52.36
CA LYS A 1913 57.15 -21.73 53.10
C LYS A 1913 56.36 -21.93 54.39
N THR A 1914 56.18 -20.85 55.15
CA THR A 1914 55.42 -20.95 56.40
C THR A 1914 53.97 -21.35 56.13
N LEU A 1915 53.38 -20.81 55.07
CA LEU A 1915 52.00 -21.12 54.75
C LEU A 1915 51.83 -22.58 54.36
N ILE A 1916 52.73 -23.10 53.54
CA ILE A 1916 52.66 -24.51 53.16
C ILE A 1916 52.84 -25.40 54.37
N LYS A 1917 53.78 -25.06 55.26
CA LYS A 1917 53.94 -25.85 56.47
C LYS A 1917 52.68 -25.82 57.32
N LEU A 1918 52.10 -24.62 57.50
CA LEU A 1918 50.93 -24.46 58.34
C LEU A 1918 49.67 -25.05 57.71
N CYS A 1919 49.67 -25.24 56.40
CA CYS A 1919 48.57 -25.95 55.76
C CYS A 1919 48.75 -27.45 55.87
N TYR A 1920 49.96 -27.94 55.57
CA TYR A 1920 50.18 -29.39 55.55
C TYR A 1920 50.01 -29.98 56.94
N ASP A 1921 50.56 -29.33 57.97
CA ASP A 1921 50.41 -29.91 59.30
C ASP A 1921 48.97 -29.87 59.79
N ALA A 1922 48.13 -29.04 59.17
CA ALA A 1922 46.76 -28.88 59.65
C ALA A 1922 45.92 -30.13 59.43
N PHE A 1923 45.96 -30.68 58.21
CA PHE A 1923 45.10 -31.80 57.86
C PHE A 1923 45.81 -33.14 57.87
N THR A 1924 47.13 -33.17 58.09
CA THR A 1924 47.89 -34.41 58.03
C THR A 1924 48.13 -35.00 59.41
N GLU A 1925 47.18 -34.85 60.33
CA GLU A 1925 47.30 -35.45 61.64
C GLU A 1925 45.93 -35.49 62.31
N ASN A 1926 45.53 -36.66 62.75
CA ASN A 1926 44.29 -36.80 63.51
C ASN A 1926 44.45 -37.56 64.81
N MET A 1927 45.31 -38.58 64.83
CA MET A 1927 45.46 -39.46 66.00
C MET A 1927 44.10 -40.02 66.43
N ALA A 1928 43.28 -40.37 65.44
CA ALA A 1928 41.92 -40.86 65.62
C ALA A 1928 41.02 -39.87 66.34
N GLY A 1929 41.47 -38.62 66.49
CA GLY A 1929 40.68 -37.62 67.19
C GLY A 1929 40.58 -37.92 68.67
N GLU A 1930 39.77 -37.11 69.35
CA GLU A 1930 39.52 -37.30 70.77
C GLU A 1930 38.06 -37.06 71.13
N ASN A 1931 37.14 -37.23 70.17
CA ASN A 1931 35.70 -37.21 70.31
C ASN A 1931 35.15 -35.96 70.99
N GLN A 1932 35.96 -34.91 71.14
CA GLN A 1932 35.41 -33.63 71.61
C GLN A 1932 34.45 -33.05 70.58
N LEU A 1933 34.91 -32.95 69.34
CA LEU A 1933 34.11 -32.48 68.21
C LEU A 1933 34.89 -32.77 66.93
N LEU A 1934 34.24 -33.38 65.95
CA LEU A 1934 34.96 -33.83 64.75
C LEU A 1934 34.47 -33.16 63.49
N GLU A 1935 33.16 -33.08 63.27
CA GLU A 1935 32.66 -32.49 62.04
C GLU A 1935 33.11 -31.04 61.91
N ARG A 1936 33.14 -30.31 63.03
CA ARG A 1936 33.74 -29.00 63.03
C ARG A 1936 35.22 -29.09 62.64
N ARG A 1937 35.96 -30.01 63.26
CA ARG A 1937 37.34 -30.23 62.84
C ARG A 1937 37.43 -30.70 61.40
N ARG A 1938 36.43 -31.46 60.93
CA ARG A 1938 36.45 -31.89 59.55
C ARG A 1938 36.36 -30.71 58.61
N LEU A 1939 35.48 -29.74 58.92
CA LEU A 1939 35.43 -28.52 58.13
C LEU A 1939 36.75 -27.78 58.20
N TYR A 1940 37.37 -27.75 59.39
CA TYR A 1940 38.67 -27.11 59.54
C TYR A 1940 39.69 -27.74 58.59
N HIS A 1941 39.75 -29.07 58.58
CA HIS A 1941 40.71 -29.77 57.73
C HIS A 1941 40.43 -29.53 56.26
N CYS A 1942 39.16 -29.58 55.87
CA CYS A 1942 38.81 -29.36 54.47
C CYS A 1942 39.19 -27.95 54.03
N ALA A 1943 38.93 -26.96 54.88
CA ALA A 1943 39.32 -25.59 54.55
C ALA A 1943 40.83 -25.47 54.42
N ALA A 1944 41.57 -26.12 55.32
CA ALA A 1944 43.03 -26.09 55.23
C ALA A 1944 43.51 -26.70 53.92
N TYR A 1945 42.92 -27.82 53.54
CA TYR A 1945 43.35 -28.48 52.30
C TYR A 1945 43.02 -27.61 51.09
N ASN A 1946 41.85 -26.96 51.12
CA ASN A 1946 41.49 -26.06 50.02
C ASN A 1946 42.48 -24.91 49.93
N CYS A 1947 42.89 -24.35 51.08
CA CYS A 1947 43.89 -23.29 51.07
C CYS A 1947 45.20 -23.79 50.48
N ALA A 1948 45.60 -25.01 50.84
CA ALA A 1948 46.82 -25.58 50.28
C ALA A 1948 46.74 -25.71 48.78
N ILE A 1949 45.60 -26.21 48.27
CA ILE A 1949 45.42 -26.32 46.83
C ILE A 1949 45.51 -24.95 46.16
N SER A 1950 44.83 -23.97 46.75
CA SER A 1950 44.79 -22.64 46.13
C SER A 1950 46.17 -22.02 46.08
N VAL A 1951 46.94 -22.12 47.16
CA VAL A 1951 48.27 -21.51 47.18
C VAL A 1951 49.21 -22.26 46.24
N ILE A 1952 49.13 -23.60 46.22
CA ILE A 1952 50.07 -24.37 45.41
C ILE A 1952 49.80 -24.17 43.92
N CYS A 1953 48.52 -24.13 43.54
CA CYS A 1953 48.19 -23.98 42.12
C CYS A 1953 48.64 -22.65 41.55
N CYS A 1954 48.93 -21.66 42.39
CA CYS A 1954 49.33 -20.34 41.93
C CYS A 1954 50.81 -20.07 42.09
N VAL A 1955 51.38 -20.37 43.26
CA VAL A 1955 52.77 -20.01 43.53
C VAL A 1955 53.71 -20.77 42.59
N PHE A 1956 53.48 -22.07 42.44
CA PHE A 1956 54.37 -22.92 41.65
C PHE A 1956 53.92 -22.97 40.21
N ASN A 1957 54.84 -23.36 39.33
CA ASN A 1957 54.61 -23.39 37.89
C ASN A 1957 54.73 -24.78 37.29
N GLU A 1958 55.77 -25.53 37.64
CA GLU A 1958 55.96 -26.87 37.11
C GLU A 1958 55.48 -27.91 38.12
N LEU A 1959 54.89 -28.99 37.59
CA LEU A 1959 54.26 -29.98 38.45
C LEU A 1959 55.30 -30.86 39.16
N LYS A 1960 55.81 -30.36 40.29
CA LYS A 1960 56.64 -31.14 41.17
C LYS A 1960 55.98 -31.37 42.51
N PHE A 1961 54.76 -30.87 42.71
CA PHE A 1961 54.12 -30.82 44.02
C PHE A 1961 53.27 -32.06 44.24
N TYR A 1962 53.71 -32.92 45.14
CA TYR A 1962 52.89 -34.01 45.64
C TYR A 1962 53.46 -34.44 46.98
N GLN A 1963 52.64 -34.37 48.03
CA GLN A 1963 53.03 -34.84 49.34
C GLN A 1963 52.40 -36.18 49.60
N GLY A 1964 51.26 -36.20 50.29
CA GLY A 1964 50.55 -37.43 50.59
C GLY A 1964 51.31 -38.44 51.40
N PHE A 1965 51.44 -38.24 52.70
CA PHE A 1965 52.20 -39.20 53.51
C PHE A 1965 51.39 -40.41 53.95
N LEU A 1966 52.00 -41.27 54.77
CA LEU A 1966 51.33 -42.49 55.21
C LEU A 1966 51.37 -42.84 56.70
N PHE A 1967 52.24 -42.21 57.47
CA PHE A 1967 52.28 -42.51 58.88
C PHE A 1967 51.29 -41.61 59.59
N SER A 1968 51.04 -41.87 60.88
CA SER A 1968 49.88 -41.29 61.57
C SER A 1968 48.63 -41.41 60.73
N GLU A 1969 48.31 -40.37 59.95
CA GLU A 1969 47.15 -40.41 59.08
C GLU A 1969 47.42 -39.87 57.69
N LYS A 1970 46.60 -40.33 56.76
CA LYS A 1970 46.74 -39.87 55.40
C LYS A 1970 45.87 -38.64 55.24
N PRO A 1971 46.15 -37.83 54.24
CA PRO A 1971 45.34 -36.59 54.16
C PRO A 1971 43.87 -36.85 53.92
N GLU A 1972 43.51 -37.87 53.14
CA GLU A 1972 42.14 -38.02 52.68
C GLU A 1972 41.28 -38.85 53.61
N LYS A 1973 41.85 -39.41 54.68
CA LYS A 1973 41.02 -40.00 55.71
C LYS A 1973 40.42 -38.92 56.60
N ASN A 1974 41.19 -37.87 56.89
CA ASN A 1974 40.73 -36.84 57.82
C ASN A 1974 39.55 -36.07 57.25
N LEU A 1975 39.61 -35.71 55.96
CA LEU A 1975 38.70 -34.73 55.38
C LEU A 1975 37.50 -35.37 54.70
N LEU A 1976 37.07 -36.55 55.14
CA LEU A 1976 35.78 -37.11 54.77
C LEU A 1976 35.10 -37.68 56.00
N ILE A 1977 33.78 -37.71 55.97
CA ILE A 1977 32.99 -38.33 57.01
C ILE A 1977 32.86 -39.81 56.69
N PHE A 1978 32.58 -40.62 57.71
CA PHE A 1978 32.47 -42.06 57.55
C PHE A 1978 31.05 -42.56 57.79
N GLU A 1979 30.05 -41.69 57.69
CA GLU A 1979 28.66 -42.07 57.86
C GLU A 1979 27.83 -41.23 56.89
N ASN A 1980 27.49 -41.80 55.73
CA ASN A 1980 26.74 -41.06 54.73
C ASN A 1980 25.36 -41.66 54.45
N LEU A 1981 25.29 -42.93 54.04
CA LEU A 1981 24.04 -43.57 53.63
C LEU A 1981 23.29 -42.71 52.60
N ILE A 1982 23.93 -42.58 51.44
CA ILE A 1982 23.57 -41.58 50.44
C ILE A 1982 23.39 -42.24 49.07
N ASP A 1983 23.27 -41.40 48.03
CA ASP A 1983 23.31 -41.84 46.64
C ASP A 1983 22.14 -42.72 46.22
N LEU A 1984 20.93 -42.16 46.22
CA LEU A 1984 19.77 -42.78 45.60
C LEU A 1984 19.45 -42.03 44.31
N LYS A 1985 19.05 -42.77 43.29
CA LYS A 1985 18.86 -42.22 41.94
C LYS A 1985 17.79 -41.15 41.89
N MET A 2085 22.39 -34.27 44.70
CA MET A 2085 23.64 -35.00 44.91
C MET A 2085 24.32 -34.51 46.18
N ASP A 2086 25.02 -35.43 46.85
CA ASP A 2086 25.70 -35.11 48.10
C ASP A 2086 27.21 -35.10 48.00
N GLU A 2087 27.79 -35.73 46.97
CA GLU A 2087 29.23 -35.77 46.82
C GLU A 2087 29.72 -34.64 45.92
N LEU A 2088 29.23 -34.58 44.68
CA LEU A 2088 29.64 -33.50 43.78
C LEU A 2088 29.32 -32.14 44.40
N ASN A 2089 28.05 -31.87 44.60
CA ASN A 2089 27.66 -30.73 45.41
C ASN A 2089 27.87 -31.06 46.89
N ARG A 2090 27.68 -30.05 47.73
CA ARG A 2090 27.61 -30.19 49.18
C ARG A 2090 28.86 -30.81 49.79
N HIS A 2091 29.94 -30.96 49.02
CA HIS A 2091 31.22 -31.36 49.56
C HIS A 2091 32.26 -30.34 49.13
N GLU A 2092 32.98 -29.80 50.11
CA GLU A 2092 33.74 -28.57 49.95
C GLU A 2092 35.18 -28.79 49.49
N CYS A 2093 35.53 -29.99 49.04
CA CYS A 2093 36.81 -30.19 48.36
C CYS A 2093 36.64 -30.80 46.98
N MET A 2094 35.41 -30.99 46.50
CA MET A 2094 35.22 -31.42 45.11
C MET A 2094 35.76 -30.39 44.15
N ALA A 2095 35.14 -29.20 44.13
CA ALA A 2095 35.54 -28.17 43.17
C ALA A 2095 37.02 -27.82 43.24
N PRO A 2096 37.63 -27.65 44.43
CA PRO A 2096 39.08 -27.42 44.43
C PRO A 2096 39.88 -28.56 43.83
N LEU A 2097 39.55 -29.81 44.18
CA LEU A 2097 40.29 -30.93 43.62
C LEU A 2097 40.06 -31.05 42.12
N THR A 2098 38.82 -30.82 41.67
CA THR A 2098 38.54 -30.86 40.24
C THR A 2098 39.35 -29.81 39.50
N ALA A 2099 39.41 -28.60 40.04
CA ALA A 2099 40.24 -27.56 39.43
C ALA A 2099 41.71 -27.97 39.44
N LEU A 2100 42.15 -28.59 40.53
CA LEU A 2100 43.54 -29.02 40.64
C LEU A 2100 43.90 -30.00 39.54
N VAL A 2101 43.09 -31.04 39.37
CA VAL A 2101 43.42 -32.06 38.38
C VAL A 2101 43.26 -31.51 36.96
N LYS A 2102 42.23 -30.71 36.72
CA LYS A 2102 42.08 -30.12 35.40
C LYS A 2102 43.18 -29.12 35.09
N HIS A 2103 43.88 -28.61 36.11
CA HIS A 2103 45.03 -27.76 35.87
C HIS A 2103 46.29 -28.58 35.66
N MET A 2104 46.48 -29.63 36.45
CA MET A 2104 47.63 -30.50 36.26
C MET A 2104 47.60 -31.22 34.91
N HIS A 2105 46.41 -31.37 34.34
CA HIS A 2105 46.32 -31.89 32.97
C HIS A 2105 47.00 -30.95 32.00
N ARG A 2106 46.76 -29.64 32.14
CA ARG A 2106 47.32 -28.64 31.25
C ARG A 2106 48.63 -28.06 31.75
N SER A 2107 49.19 -28.64 32.80
CA SER A 2107 50.48 -28.21 33.32
C SER A 2107 51.66 -28.81 32.56
N LEU A 2108 51.44 -29.26 31.33
CA LEU A 2108 52.51 -29.79 30.50
C LEU A 2108 53.14 -28.69 29.65
N PRO A 2119 52.27 -47.80 26.40
CA PRO A 2119 53.21 -46.75 26.00
C PRO A 2119 53.09 -45.50 26.86
N ARG A 2120 52.30 -45.58 27.93
CA ARG A 2120 52.07 -44.45 28.82
C ARG A 2120 52.52 -44.81 30.22
N ASP A 2121 53.25 -43.88 30.85
CA ASP A 2121 53.69 -44.06 32.23
C ASP A 2121 52.51 -43.82 33.17
N LEU A 2122 52.80 -43.81 34.47
CA LEU A 2122 51.77 -43.67 35.50
C LEU A 2122 52.28 -42.71 36.57
N PRO A 2123 51.92 -41.43 36.49
CA PRO A 2123 52.49 -40.43 37.41
C PRO A 2123 52.19 -40.75 38.86
N SER A 2124 53.16 -40.42 39.72
CA SER A 2124 53.07 -40.78 41.14
C SER A 2124 51.87 -40.14 41.83
N TRP A 2125 51.54 -38.90 41.45
CA TRP A 2125 50.42 -38.23 42.10
C TRP A 2125 49.13 -38.99 41.91
N MET A 2126 48.88 -39.47 40.69
CA MET A 2126 47.72 -40.31 40.46
C MET A 2126 47.96 -41.76 40.87
N LYS A 2127 49.21 -42.18 41.02
CA LYS A 2127 49.49 -43.44 41.69
C LYS A 2127 48.89 -43.44 43.09
N PHE A 2128 49.02 -42.32 43.79
CA PHE A 2128 48.46 -42.24 45.13
C PHE A 2128 46.95 -42.44 45.11
N LEU A 2129 46.26 -41.83 44.16
CA LEU A 2129 44.82 -42.03 44.04
C LEU A 2129 44.48 -43.47 43.72
N HIS A 2130 45.13 -44.03 42.69
CA HIS A 2130 44.83 -45.37 42.25
C HIS A 2130 45.07 -46.40 43.35
N GLY A 2131 46.07 -46.17 44.18
CA GLY A 2131 46.35 -47.11 45.25
C GLY A 2131 45.19 -47.27 46.21
N LYS A 2132 44.58 -46.16 46.61
CA LYS A 2132 43.42 -46.22 47.50
C LYS A 2132 42.16 -46.64 46.76
N LEU A 2133 42.03 -46.25 45.48
CA LEU A 2133 40.81 -46.57 44.75
C LEU A 2133 40.71 -48.07 44.47
N GLY A 2134 41.81 -48.69 44.03
CA GLY A 2134 41.77 -50.11 43.73
C GLY A 2134 41.76 -51.01 44.94
N ASN A 2135 42.24 -50.52 46.07
CA ASN A 2135 42.31 -51.34 47.28
C ASN A 2135 40.91 -51.51 47.87
N PRO A 2136 40.42 -52.74 48.02
CA PRO A 2136 39.12 -52.92 48.69
C PRO A 2136 39.26 -53.00 50.20
N ILE A 2137 40.06 -52.13 50.78
CA ILE A 2137 40.15 -52.00 52.22
C ILE A 2137 39.88 -50.58 52.71
N VAL A 2138 40.08 -49.57 51.87
CA VAL A 2138 39.71 -48.20 52.24
C VAL A 2138 38.21 -48.14 52.44
N PRO A 2139 37.70 -47.43 53.45
CA PRO A 2139 36.25 -47.32 53.61
C PRO A 2139 35.61 -46.71 52.37
N LEU A 2140 34.41 -47.19 52.04
CA LEU A 2140 33.85 -46.93 50.72
C LEU A 2140 33.55 -45.46 50.50
N ASN A 2141 33.56 -44.64 51.56
CA ASN A 2141 33.36 -43.20 51.36
C ASN A 2141 34.50 -42.60 50.55
N ILE A 2142 35.74 -42.96 50.87
CA ILE A 2142 36.89 -42.45 50.13
C ILE A 2142 36.86 -42.95 48.69
N ARG A 2143 36.53 -44.22 48.50
CA ARG A 2143 36.45 -44.77 47.16
C ARG A 2143 35.38 -44.08 46.34
N LEU A 2144 34.21 -43.83 46.95
CA LEU A 2144 33.16 -43.11 46.25
C LEU A 2144 33.62 -41.70 45.90
N PHE A 2145 34.29 -41.03 46.83
CA PHE A 2145 34.77 -39.68 46.58
C PHE A 2145 35.74 -39.65 45.40
N LEU A 2146 36.71 -40.57 45.41
CA LEU A 2146 37.70 -40.59 44.34
C LEU A 2146 37.07 -40.98 43.01
N ALA A 2147 36.11 -41.91 43.03
CA ALA A 2147 35.42 -42.28 41.80
C ALA A 2147 34.64 -41.11 41.25
N LYS A 2148 33.97 -40.34 42.11
CA LYS A 2148 33.26 -39.17 41.65
C LYS A 2148 34.22 -38.13 41.08
N LEU A 2149 35.39 -38.00 41.69
CA LEU A 2149 36.41 -37.12 41.14
C LEU A 2149 36.80 -37.55 39.74
N VAL A 2150 37.05 -38.85 39.55
CA VAL A 2150 37.44 -39.37 38.24
C VAL A 2150 36.33 -39.11 37.23
N ILE A 2151 35.08 -39.37 37.61
CA ILE A 2151 33.97 -39.18 36.68
C ILE A 2151 33.85 -37.71 36.31
N ASN A 2152 33.92 -36.81 37.31
CA ASN A 2152 33.82 -35.39 37.03
C ASN A 2152 34.98 -34.88 36.18
N THR A 2153 36.11 -35.58 36.19
CA THR A 2153 37.24 -35.17 35.36
C THR A 2153 37.67 -36.33 34.46
N GLU A 2154 36.70 -36.96 33.80
CA GLU A 2154 37.02 -38.07 32.91
C GLU A 2154 37.98 -37.67 31.81
N GLU A 2155 37.94 -36.41 31.39
CA GLU A 2155 38.81 -35.95 30.30
C GLU A 2155 40.29 -35.99 30.66
N VAL A 2156 40.63 -36.16 31.94
CA VAL A 2156 42.02 -36.21 32.34
C VAL A 2156 42.54 -37.63 32.35
N PHE A 2157 41.74 -38.59 32.81
CA PHE A 2157 42.22 -39.94 33.06
C PHE A 2157 42.22 -40.84 31.84
N ARG A 2158 41.74 -40.36 30.69
CA ARG A 2158 41.70 -41.20 29.49
C ARG A 2158 43.05 -41.80 29.13
N PRO A 2159 44.16 -41.06 29.11
CA PRO A 2159 45.45 -41.69 28.76
C PRO A 2159 45.90 -42.76 29.74
N TYR A 2160 45.14 -43.02 30.80
CA TYR A 2160 45.45 -44.12 31.71
C TYR A 2160 44.28 -45.09 31.85
N ALA A 2161 43.40 -45.13 30.83
CA ALA A 2161 42.25 -46.01 30.89
C ALA A 2161 42.64 -47.46 31.08
N LYS A 2162 43.85 -47.83 30.67
CA LYS A 2162 44.32 -49.20 30.86
C LYS A 2162 44.37 -49.55 32.34
N HIS A 2163 44.83 -48.63 33.18
CA HIS A 2163 45.01 -48.89 34.59
C HIS A 2163 43.82 -48.47 35.44
N TRP A 2164 42.96 -47.60 34.93
CA TRP A 2164 41.81 -47.13 35.69
C TRP A 2164 40.58 -48.02 35.55
N LEU A 2165 40.58 -48.95 34.59
CA LEU A 2165 39.38 -49.73 34.37
C LEU A 2165 39.13 -50.71 35.51
N SER A 2166 40.17 -51.44 35.92
CA SER A 2166 40.00 -52.42 36.98
C SER A 2166 39.54 -51.81 38.31
N PRO A 2167 40.09 -50.70 38.81
CA PRO A 2167 39.61 -50.17 40.10
C PRO A 2167 38.19 -49.66 40.04
N LEU A 2168 37.89 -48.80 39.06
CA LEU A 2168 36.52 -48.29 38.92
C LEU A 2168 35.54 -49.43 38.81
N LEU A 2169 35.79 -50.36 37.89
CA LEU A 2169 34.92 -51.51 37.75
C LEU A 2169 34.89 -52.36 39.01
N GLN A 2170 35.98 -52.36 39.79
CA GLN A 2170 35.95 -53.02 41.08
C GLN A 2170 34.95 -52.35 42.01
N LEU A 2171 34.90 -51.02 42.01
CA LEU A 2171 33.92 -50.33 42.83
C LEU A 2171 32.50 -50.57 42.31
N ALA A 2172 32.32 -50.50 41.00
CA ALA A 2172 31.01 -50.73 40.39
C ALA A 2172 30.62 -52.20 40.38
N ALA A 2173 31.36 -53.06 41.09
CA ALA A 2173 31.04 -54.47 41.15
C ALA A 2173 29.78 -54.67 42.00
N SER A 2174 29.44 -55.94 42.23
CA SER A 2174 28.15 -56.26 42.84
C SER A 2174 28.06 -55.78 44.28
N GLU A 2175 29.15 -55.87 45.04
CA GLU A 2175 29.08 -55.77 46.49
C GLU A 2175 29.58 -54.42 46.99
N ASN A 2176 28.85 -53.86 47.96
CA ASN A 2176 29.32 -52.76 48.80
C ASN A 2176 29.66 -51.52 47.97
N ASN A 2177 28.64 -50.95 47.34
CA ASN A 2177 28.77 -49.68 46.64
C ASN A 2177 27.86 -48.61 47.19
N GLY A 2178 27.21 -48.87 48.33
CA GLY A 2178 26.33 -47.88 48.93
C GLY A 2178 24.97 -47.81 48.27
N GLY A 2179 23.94 -47.56 49.06
CA GLY A 2179 22.60 -47.52 48.49
C GLY A 2179 22.11 -48.91 48.12
N GLU A 2180 21.10 -48.93 47.25
CA GLU A 2180 20.49 -50.17 46.80
C GLU A 2180 20.09 -50.06 45.35
N GLY A 2181 19.93 -51.21 44.70
CA GLY A 2181 19.52 -51.23 43.31
C GLY A 2181 20.60 -50.66 42.41
N ILE A 2182 20.17 -50.09 41.29
CA ILE A 2182 21.06 -49.42 40.35
C ILE A 2182 20.90 -47.92 40.61
N HIS A 2183 21.73 -47.40 41.52
CA HIS A 2183 21.69 -45.99 41.85
C HIS A 2183 22.52 -45.20 40.84
N TYR A 2184 22.37 -43.88 40.87
CA TYR A 2184 22.97 -43.05 39.83
C TYR A 2184 24.49 -43.13 39.83
N MET A 2185 25.10 -43.53 40.96
CA MET A 2185 26.54 -43.76 40.95
C MET A 2185 26.91 -44.88 39.99
N VAL A 2186 26.17 -45.98 40.04
CA VAL A 2186 26.46 -47.10 39.14
C VAL A 2186 26.25 -46.68 37.69
N VAL A 2187 25.15 -45.99 37.41
CA VAL A 2187 24.89 -45.55 36.04
C VAL A 2187 26.01 -44.65 35.54
N GLU A 2188 26.42 -43.70 36.38
CA GLU A 2188 27.44 -42.74 35.95
C GLU A 2188 28.80 -43.41 35.74
N ILE A 2189 29.20 -44.29 36.67
CA ILE A 2189 30.48 -44.96 36.52
C ILE A 2189 30.47 -45.92 35.33
N VAL A 2190 29.34 -46.57 35.07
CA VAL A 2190 29.26 -47.48 33.94
C VAL A 2190 29.30 -46.70 32.62
N ALA A 2191 28.62 -45.56 32.57
CA ALA A 2191 28.72 -44.72 31.39
C ALA A 2191 30.15 -44.27 31.17
N THR A 2192 30.85 -43.90 32.25
CA THR A 2192 32.24 -43.48 32.12
C THR A 2192 33.10 -44.61 31.56
N ILE A 2193 33.03 -45.79 32.17
CA ILE A 2193 33.90 -46.89 31.73
C ILE A 2193 33.48 -47.48 30.40
N LEU A 2194 32.27 -47.19 29.93
CA LEU A 2194 31.87 -47.60 28.59
C LEU A 2194 32.20 -46.58 27.53
N SER A 2195 32.36 -45.31 27.90
CA SER A 2195 32.86 -44.32 26.95
C SER A 2195 34.32 -44.55 26.60
N TRP A 2196 35.02 -45.41 27.35
CA TRP A 2196 36.42 -45.71 27.11
C TRP A 2196 36.62 -46.93 26.24
N THR A 2197 35.56 -47.56 25.74
CA THR A 2197 35.72 -48.72 24.89
C THR A 2197 36.46 -48.33 23.61
N GLY A 2198 37.26 -49.27 23.11
CA GLY A 2198 38.19 -48.97 22.05
C GLY A 2198 39.49 -48.37 22.51
N LEU A 2199 39.62 -48.08 23.80
CA LEU A 2199 40.85 -47.63 24.43
C LEU A 2199 41.35 -48.60 25.48
N ALA A 2200 40.45 -49.13 26.31
CA ALA A 2200 40.81 -50.15 27.28
C ALA A 2200 39.54 -50.92 27.63
N THR A 2201 39.61 -52.24 27.50
CA THR A 2201 38.48 -53.11 27.74
C THR A 2201 38.90 -54.25 28.65
N PRO A 2202 37.95 -54.87 29.37
CA PRO A 2202 38.33 -55.90 30.36
C PRO A 2202 39.01 -57.11 29.76
N THR A 2203 39.20 -57.20 28.44
CA THR A 2203 39.92 -58.33 27.88
C THR A 2203 41.39 -58.29 28.29
N GLY A 2204 41.98 -59.46 28.44
CA GLY A 2204 43.37 -59.60 28.83
C GLY A 2204 43.57 -59.84 30.31
N VAL A 2205 42.69 -59.31 31.15
CA VAL A 2205 42.79 -59.47 32.60
C VAL A 2205 41.69 -60.44 33.02
N PRO A 2206 42.03 -61.63 33.52
CA PRO A 2206 40.98 -62.63 33.81
C PRO A 2206 39.98 -62.18 34.84
N LYS A 2207 40.44 -61.76 36.03
CA LYS A 2207 39.53 -61.32 37.06
C LYS A 2207 38.70 -60.13 36.62
N ASP A 2208 39.19 -59.35 35.65
CA ASP A 2208 38.39 -58.27 35.11
C ASP A 2208 37.11 -58.81 34.47
N GLU A 2209 37.20 -59.89 33.70
CA GLU A 2209 35.97 -60.51 33.20
C GLU A 2209 35.21 -61.17 34.33
N VAL A 2210 35.91 -61.79 35.27
CA VAL A 2210 35.24 -62.49 36.37
C VAL A 2210 34.35 -61.55 37.15
N LEU A 2211 34.72 -60.26 37.22
CA LEU A 2211 33.85 -59.28 37.86
C LEU A 2211 33.00 -58.49 36.87
N ALA A 2212 33.36 -58.44 35.59
CA ALA A 2212 32.53 -57.76 34.61
C ALA A 2212 31.25 -58.53 34.34
N ASN A 2213 31.34 -59.86 34.24
CA ASN A 2213 30.13 -60.64 34.06
C ASN A 2213 29.24 -60.57 35.29
N ARG A 2214 29.83 -60.46 36.48
CA ARG A 2214 28.99 -60.31 37.66
C ARG A 2214 28.41 -58.90 37.75
N LEU A 2215 29.10 -57.90 37.18
CA LEU A 2215 28.49 -56.59 37.02
C LEU A 2215 27.27 -56.69 36.12
N LEU A 2216 27.40 -57.42 35.02
CA LEU A 2216 26.27 -57.61 34.12
C LEU A 2216 25.12 -58.33 34.82
N ASN A 2217 25.43 -59.34 35.62
CA ASN A 2217 24.41 -60.04 36.38
C ASN A 2217 23.72 -59.12 37.38
N PHE A 2218 24.51 -58.27 38.05
CA PHE A 2218 23.92 -57.31 38.99
C PHE A 2218 23.00 -56.34 38.26
N LEU A 2219 23.39 -55.89 37.08
CA LEU A 2219 22.52 -55.03 36.28
C LEU A 2219 21.24 -55.77 35.90
N MET A 2220 21.38 -57.02 35.47
CA MET A 2220 20.20 -57.81 35.10
C MET A 2220 19.26 -57.98 36.27
N LYS A 2221 19.79 -58.08 37.49
CA LYS A 2221 18.96 -58.36 38.65
C LYS A 2221 17.99 -57.23 38.93
N HIS A 2222 18.44 -55.99 38.80
CA HIS A 2222 17.69 -54.83 39.25
C HIS A 2222 17.32 -53.91 38.09
N VAL A 2223 16.87 -54.50 36.98
CA VAL A 2223 16.46 -53.69 35.84
C VAL A 2223 15.15 -52.97 36.14
N PHE A 2224 14.19 -53.67 36.72
CA PHE A 2224 12.82 -53.17 36.75
C PHE A 2224 12.69 -52.00 37.71
N HIS A 2225 12.11 -50.92 37.22
CA HIS A 2225 11.70 -49.79 38.03
C HIS A 2225 10.30 -49.38 37.63
N PRO A 2226 9.45 -49.00 38.59
CA PRO A 2226 8.07 -48.63 38.24
C PRO A 2226 7.98 -47.47 37.25
N LYS A 2227 8.91 -46.53 37.30
CA LYS A 2227 8.91 -45.44 36.34
C LYS A 2227 9.38 -45.93 34.97
N ARG A 2228 8.59 -45.64 33.93
CA ARG A 2228 8.92 -46.13 32.61
C ARG A 2228 10.20 -45.47 32.07
N ALA A 2229 10.37 -44.17 32.33
CA ALA A 2229 11.49 -43.45 31.74
C ALA A 2229 12.82 -44.03 32.17
N VAL A 2230 12.97 -44.30 33.47
CA VAL A 2230 14.23 -44.86 33.95
C VAL A 2230 14.41 -46.30 33.47
N PHE A 2231 13.31 -47.05 33.33
CA PHE A 2231 13.42 -48.43 32.86
C PHE A 2231 14.02 -48.48 31.46
N ARG A 2232 13.54 -47.61 30.56
CA ARG A 2232 14.15 -47.48 29.25
C ARG A 2232 15.64 -47.25 29.36
N HIS A 2233 16.06 -46.42 30.32
CA HIS A 2233 17.47 -46.08 30.44
C HIS A 2233 18.28 -47.26 30.95
N ASN A 2234 17.74 -48.03 31.89
CA ASN A 2234 18.45 -49.23 32.33
C ASN A 2234 18.61 -50.22 31.19
N LEU A 2235 17.57 -50.38 30.37
CA LEU A 2235 17.70 -51.23 29.19
C LEU A 2235 18.77 -50.69 28.25
N GLU A 2236 18.83 -49.38 28.06
CA GLU A 2236 19.85 -48.81 27.18
C GLU A 2236 21.25 -49.08 27.71
N ILE A 2237 21.45 -48.93 29.02
CA ILE A 2237 22.76 -49.19 29.61
C ILE A 2237 23.14 -50.65 29.43
N ILE A 2238 22.21 -51.56 29.70
CA ILE A 2238 22.52 -52.98 29.55
C ILE A 2238 22.85 -53.30 28.10
N LYS A 2239 22.10 -52.70 27.16
CA LYS A 2239 22.35 -52.97 25.75
C LYS A 2239 23.74 -52.49 25.33
N THR A 2240 24.11 -51.28 25.74
CA THR A 2240 25.43 -50.78 25.39
C THR A 2240 26.52 -51.61 26.05
N LEU A 2241 26.26 -52.09 27.27
CA LEU A 2241 27.24 -52.92 27.95
C LEU A 2241 27.48 -54.22 27.19
N VAL A 2242 26.41 -54.94 26.86
CA VAL A 2242 26.59 -56.19 26.14
C VAL A 2242 27.08 -55.94 24.72
N GLU A 2243 26.86 -54.74 24.18
CA GLU A 2243 27.39 -54.43 22.86
C GLU A 2243 28.90 -54.24 22.89
N CYS A 2244 29.40 -53.50 23.89
CA CYS A 2244 30.82 -53.21 23.93
C CYS A 2244 31.64 -54.42 24.34
N TRP A 2245 31.17 -55.17 25.34
CA TRP A 2245 31.94 -56.26 25.91
C TRP A 2245 31.33 -57.63 25.60
N LYS A 2246 30.73 -57.79 24.42
CA LYS A 2246 30.21 -59.10 24.04
C LYS A 2246 31.32 -60.14 23.98
N ASP A 2247 32.56 -59.70 23.75
CA ASP A 2247 33.70 -60.60 23.67
C ASP A 2247 34.29 -60.91 25.04
N CYS A 2248 33.77 -60.33 26.12
CA CYS A 2248 34.31 -60.54 27.45
C CYS A 2248 33.27 -61.00 28.46
N LEU A 2249 32.01 -61.13 28.06
CA LEU A 2249 30.93 -61.42 28.98
C LEU A 2249 30.43 -62.85 28.76
N SER A 2250 29.37 -63.19 29.50
CA SER A 2250 28.70 -64.48 29.35
C SER A 2250 27.26 -64.26 29.80
N ILE A 2251 26.35 -64.14 28.84
CA ILE A 2251 24.95 -63.84 29.17
C ILE A 2251 24.41 -64.94 30.07
N PRO A 2252 23.64 -64.61 31.11
CA PRO A 2252 23.15 -65.65 32.02
C PRO A 2252 22.36 -66.75 31.33
N TYR A 2253 21.31 -66.36 30.62
CA TYR A 2253 20.35 -67.26 29.98
C TYR A 2253 19.55 -68.01 31.02
N ARG A 2254 19.89 -67.83 32.29
CA ARG A 2254 19.14 -68.38 33.41
C ARG A 2254 18.38 -67.31 34.16
N LEU A 2255 19.07 -66.22 34.53
CA LEU A 2255 18.41 -65.12 35.21
C LEU A 2255 17.28 -64.54 34.37
N ILE A 2256 17.48 -64.46 33.05
CA ILE A 2256 16.42 -63.99 32.17
C ILE A 2256 15.19 -64.89 32.30
N PHE A 2257 15.41 -66.20 32.44
CA PHE A 2257 14.31 -67.15 32.43
C PHE A 2257 13.35 -66.88 33.58
N GLU A 2258 13.88 -66.66 34.78
CA GLU A 2258 13.00 -66.44 35.93
C GLU A 2258 12.28 -65.11 35.84
N LYS A 2259 12.73 -64.20 34.98
CA LYS A 2259 12.07 -62.91 34.88
C LYS A 2259 10.73 -63.01 34.16
N PHE A 2260 10.67 -63.77 33.07
CA PHE A 2260 9.44 -63.88 32.29
C PHE A 2260 8.67 -65.17 32.54
N SER A 2261 9.22 -66.10 33.31
CA SER A 2261 8.52 -67.34 33.63
C SER A 2261 7.51 -67.08 34.73
N GLY A 2262 6.94 -68.14 35.28
CA GLY A 2262 5.99 -68.01 36.37
C GLY A 2262 4.58 -67.79 35.89
N LYS A 2263 3.66 -68.66 36.34
CA LYS A 2263 2.26 -68.56 35.93
C LYS A 2263 1.59 -67.45 36.71
N ASP A 2264 1.06 -66.46 36.00
CA ASP A 2264 0.35 -65.35 36.62
C ASP A 2264 -0.92 -65.05 35.82
N PRO A 2265 -1.98 -64.59 36.49
CA PRO A 2265 -3.19 -64.21 35.74
C PRO A 2265 -3.00 -62.93 34.95
N ASN A 2266 -2.54 -61.87 35.62
CA ASN A 2266 -2.36 -60.57 34.98
C ASN A 2266 -1.35 -59.77 35.79
N SER A 2267 -0.12 -59.68 35.27
CA SER A 2267 0.91 -58.88 35.91
C SER A 2267 2.00 -58.58 34.90
N LYS A 2268 2.55 -57.36 34.96
CA LYS A 2268 3.65 -56.96 34.11
C LYS A 2268 4.99 -57.47 34.60
N ASP A 2269 5.01 -58.44 35.51
CA ASP A 2269 6.26 -58.93 36.05
C ASP A 2269 7.11 -59.59 34.97
N ASN A 2270 6.49 -60.28 34.03
CA ASN A 2270 7.22 -60.96 32.97
C ASN A 2270 7.76 -60.02 31.92
N SER A 2271 7.38 -58.73 31.96
CA SER A 2271 7.81 -57.80 30.93
C SER A 2271 9.33 -57.67 30.90
N VAL A 2272 9.97 -57.67 32.06
CA VAL A 2272 11.41 -57.44 32.12
C VAL A 2272 12.16 -58.55 31.42
N GLY A 2273 11.71 -59.79 31.58
CA GLY A 2273 12.34 -60.89 30.87
C GLY A 2273 12.22 -60.74 29.36
N ILE A 2274 11.04 -60.33 28.89
CA ILE A 2274 10.84 -60.14 27.46
C ILE A 2274 11.77 -59.07 26.93
N GLN A 2275 11.84 -57.93 27.62
CA GLN A 2275 12.72 -56.86 27.17
C GLN A 2275 14.19 -57.29 27.19
N LEU A 2276 14.60 -58.00 28.24
CA LEU A 2276 15.98 -58.46 28.34
C LEU A 2276 16.31 -59.40 27.19
N LEU A 2277 15.41 -60.32 26.88
CA LEU A 2277 15.62 -61.18 25.73
C LEU A 2277 15.65 -60.36 24.44
N GLY A 2278 14.92 -59.25 24.40
CA GLY A 2278 15.00 -58.36 23.26
C GLY A 2278 16.38 -57.73 23.12
N ILE A 2279 17.01 -57.41 24.24
CA ILE A 2279 18.34 -56.82 24.22
C ILE A 2279 19.36 -57.82 23.68
N VAL A 2280 19.31 -59.06 24.18
CA VAL A 2280 20.33 -60.05 23.83
C VAL A 2280 20.29 -60.43 22.36
N MET A 2281 19.25 -60.04 21.63
CA MET A 2281 19.17 -60.34 20.20
C MET A 2281 19.58 -59.18 19.31
N ALA A 2282 19.46 -57.94 19.79
CA ALA A 2282 19.95 -56.82 18.99
C ALA A 2282 21.45 -56.88 18.79
N ASN A 2283 22.15 -57.68 19.59
CA ASN A 2283 23.59 -57.86 19.48
C ASN A 2283 23.98 -59.17 18.83
N ASP A 2284 22.99 -59.91 18.31
CA ASP A 2284 23.23 -61.20 17.66
C ASP A 2284 23.91 -62.19 18.59
N LEU A 2285 23.19 -62.53 19.67
CA LEU A 2285 23.68 -63.54 20.59
C LEU A 2285 22.72 -64.73 20.61
N PRO A 2286 23.24 -65.95 20.61
CA PRO A 2286 22.38 -67.13 20.56
C PRO A 2286 21.63 -67.32 21.86
N PRO A 2287 20.29 -67.31 21.83
CA PRO A 2287 19.54 -67.58 23.05
C PRO A 2287 19.75 -69.01 23.53
N TYR A 2288 19.93 -69.15 24.84
CA TYR A 2288 20.05 -70.46 25.50
C TYR A 2288 21.14 -71.30 24.85
N ASP A 2289 22.28 -70.66 24.59
CA ASP A 2289 23.42 -71.36 23.99
C ASP A 2289 23.95 -72.50 24.87
N PRO A 2290 24.23 -72.31 26.16
CA PRO A 2290 24.84 -73.42 26.92
C PRO A 2290 23.86 -74.55 27.20
N GLN A 2291 22.64 -74.23 27.63
CA GLN A 2291 21.69 -75.17 28.20
C GLN A 2291 22.40 -76.16 29.11
N CYS A 2292 23.35 -75.67 29.90
CA CYS A 2292 24.18 -76.52 30.73
C CYS A 2292 23.35 -77.12 31.86
N GLY A 2293 23.22 -78.44 31.87
CA GLY A 2293 22.51 -79.14 32.92
C GLY A 2293 21.01 -79.01 32.88
N ILE A 2294 20.44 -78.46 31.81
CA ILE A 2294 19.00 -78.22 31.74
C ILE A 2294 18.61 -78.07 30.28
N GLN A 2295 17.49 -78.68 29.90
CA GLN A 2295 17.02 -78.63 28.53
C GLN A 2295 16.46 -77.25 28.21
N SER A 2296 16.83 -76.73 27.04
CA SER A 2296 16.31 -75.44 26.61
C SER A 2296 14.84 -75.51 26.22
N SER A 2297 14.31 -76.72 26.03
CA SER A 2297 12.90 -76.85 25.63
C SER A 2297 11.96 -76.30 26.71
N GLU A 2298 12.30 -76.51 27.97
CA GLU A 2298 11.43 -76.01 29.05
C GLU A 2298 11.41 -74.50 29.08
N TYR A 2299 12.53 -73.85 28.75
CA TYR A 2299 12.54 -72.39 28.69
C TYR A 2299 11.65 -71.88 27.57
N PHE A 2300 11.70 -72.50 26.40
CA PHE A 2300 10.95 -71.98 25.27
C PHE A 2300 9.46 -72.11 25.47
N GLN A 2301 9.00 -73.22 26.06
CA GLN A 2301 7.58 -73.36 26.34
C GLN A 2301 7.11 -72.29 27.32
N ALA A 2302 7.88 -72.05 28.37
CA ALA A 2302 7.51 -71.02 29.34
C ALA A 2302 7.49 -69.65 28.69
N LEU A 2303 8.43 -69.38 27.79
CA LEU A 2303 8.43 -68.12 27.06
C LEU A 2303 7.17 -67.97 26.20
N VAL A 2304 6.89 -68.98 25.38
CA VAL A 2304 5.75 -68.89 24.47
C VAL A 2304 4.42 -68.95 25.19
N ASN A 2305 4.41 -69.33 26.47
CA ASN A 2305 3.17 -69.19 27.24
C ASN A 2305 2.78 -67.74 27.43
N ASN A 2306 3.67 -66.79 27.11
CA ASN A 2306 3.38 -65.39 27.38
C ASN A 2306 2.23 -64.87 26.53
N MET A 2307 2.10 -65.31 25.27
CA MET A 2307 0.96 -64.84 24.48
C MET A 2307 -0.37 -65.29 25.05
N SER A 2308 -0.38 -66.29 25.94
CA SER A 2308 -1.62 -66.62 26.64
C SER A 2308 -2.09 -65.45 27.49
N PHE A 2309 -1.16 -64.64 27.99
CA PHE A 2309 -1.52 -63.45 28.75
C PHE A 2309 -2.24 -62.46 27.84
N VAL A 2310 -3.32 -61.88 28.34
CA VAL A 2310 -4.18 -61.01 27.54
C VAL A 2310 -4.34 -59.63 28.17
N ARG A 2311 -4.54 -59.57 29.49
CA ARG A 2311 -5.02 -58.35 30.13
C ARG A 2311 -4.16 -57.14 29.83
N TYR A 2312 -2.86 -57.34 29.62
CA TYR A 2312 -1.94 -56.24 29.36
C TYR A 2312 -1.35 -56.41 27.97
N LYS A 2313 -1.40 -55.33 27.18
CA LYS A 2313 -0.96 -55.41 25.79
C LYS A 2313 0.52 -55.77 25.69
N GLU A 2314 1.35 -55.15 26.52
CA GLU A 2314 2.79 -55.28 26.36
C GLU A 2314 3.24 -56.73 26.55
N VAL A 2315 2.72 -57.40 27.58
CA VAL A 2315 3.30 -58.68 27.97
C VAL A 2315 3.17 -59.72 26.88
N TYR A 2316 2.13 -59.63 26.04
CA TYR A 2316 2.00 -60.57 24.93
C TYR A 2316 2.48 -60.01 23.61
N ALA A 2317 2.30 -58.71 23.37
CA ALA A 2317 2.79 -58.14 22.11
C ALA A 2317 4.31 -58.25 22.02
N ALA A 2318 5.01 -57.80 23.07
CA ALA A 2318 6.46 -57.90 23.05
C ALA A 2318 6.91 -59.35 23.01
N ALA A 2319 6.18 -60.25 23.66
CA ALA A 2319 6.53 -61.66 23.61
C ALA A 2319 6.42 -62.20 22.19
N ALA A 2320 5.36 -61.81 21.48
CA ALA A 2320 5.22 -62.23 20.08
C ALA A 2320 6.37 -61.69 19.24
N GLU A 2321 6.73 -60.42 19.44
CA GLU A 2321 7.83 -59.84 18.66
C GLU A 2321 9.13 -60.57 18.93
N VAL A 2322 9.40 -60.89 20.19
CA VAL A 2322 10.62 -61.61 20.54
C VAL A 2322 10.61 -63.00 19.94
N LEU A 2323 9.45 -63.66 19.93
CA LEU A 2323 9.35 -64.97 19.26
C LEU A 2323 9.68 -64.83 17.77
N GLY A 2324 9.17 -63.78 17.14
CA GLY A 2324 9.50 -63.56 15.75
C GLY A 2324 10.99 -63.43 15.53
N LEU A 2325 11.66 -62.65 16.40
CA LEU A 2325 13.10 -62.53 16.28
C LEU A 2325 13.81 -63.85 16.52
N ILE A 2326 13.32 -64.66 17.45
CA ILE A 2326 13.93 -65.96 17.72
C ILE A 2326 13.87 -66.83 16.48
N LEU A 2327 12.69 -66.89 15.86
CA LEU A 2327 12.53 -67.70 14.65
C LEU A 2327 13.42 -67.18 13.53
N ARG A 2328 13.47 -65.85 13.36
CA ARG A 2328 14.32 -65.30 12.31
C ARG A 2328 15.78 -65.65 12.54
N TYR A 2329 16.25 -65.56 13.78
CA TYR A 2329 17.65 -65.90 14.04
C TYR A 2329 17.91 -67.38 13.82
N VAL A 2330 16.98 -68.24 14.24
CA VAL A 2330 17.23 -69.67 14.10
C VAL A 2330 17.12 -70.10 12.64
N MET A 2331 16.52 -69.28 11.77
CA MET A 2331 16.55 -69.58 10.33
C MET A 2331 17.96 -69.81 9.82
N GLU A 2332 18.90 -68.94 10.17
CA GLU A 2332 20.22 -69.01 9.54
C GLU A 2332 20.92 -70.33 9.85
N ARG A 2333 20.84 -70.80 11.09
CA ARG A 2333 21.35 -72.11 11.54
C ARG A 2333 20.35 -72.67 12.55
N LYS A 2334 19.38 -73.44 12.06
CA LYS A 2334 18.43 -74.12 12.95
C LYS A 2334 18.98 -75.45 13.46
N ASN A 2335 19.12 -76.43 12.56
CA ASN A 2335 19.88 -77.65 12.71
C ASN A 2335 19.41 -78.60 13.81
N ILE A 2336 18.55 -78.15 14.73
CA ILE A 2336 18.08 -79.10 15.73
C ILE A 2336 16.62 -78.91 16.14
N LEU A 2337 16.10 -77.68 16.04
CA LEU A 2337 14.95 -77.35 16.85
C LEU A 2337 13.90 -76.44 16.21
N GLU A 2338 14.05 -76.07 14.94
CA GLU A 2338 13.14 -75.08 14.38
C GLU A 2338 11.71 -75.60 14.28
N GLU A 2339 11.55 -76.83 13.79
CA GLU A 2339 10.21 -77.34 13.54
C GLU A 2339 9.41 -77.45 14.84
N SER A 2340 10.05 -77.90 15.92
CA SER A 2340 9.34 -78.01 17.20
C SER A 2340 8.90 -76.64 17.70
N LEU A 2341 9.79 -75.65 17.63
CA LEU A 2341 9.44 -74.32 18.08
C LEU A 2341 8.32 -73.72 17.25
N CYS A 2342 8.40 -73.91 15.92
CA CYS A 2342 7.35 -73.38 15.06
C CYS A 2342 6.01 -74.04 15.34
N GLU A 2343 6.01 -75.36 15.55
CA GLU A 2343 4.77 -76.05 15.89
C GLU A 2343 4.19 -75.53 17.19
N LEU A 2344 5.05 -75.32 18.18
CA LEU A 2344 4.58 -74.84 19.48
C LEU A 2344 4.01 -73.43 19.38
N VAL A 2345 4.70 -72.54 18.66
CA VAL A 2345 4.20 -71.18 18.49
C VAL A 2345 2.88 -71.19 17.74
N ALA A 2346 2.78 -72.00 16.68
CA ALA A 2346 1.55 -72.08 15.91
C ALA A 2346 0.40 -72.59 16.76
N LYS A 2347 0.64 -73.62 17.57
CA LYS A 2347 -0.41 -74.13 18.45
C LYS A 2347 -0.85 -73.05 19.43
N GLN A 2348 0.12 -72.39 20.07
CA GLN A 2348 -0.21 -71.36 21.04
C GLN A 2348 -1.02 -70.24 20.41
N LEU A 2349 -0.70 -69.89 19.16
CA LEU A 2349 -1.52 -68.96 18.42
C LEU A 2349 -2.93 -69.52 18.22
N LYS A 2350 -3.02 -70.82 17.91
CA LYS A 2350 -4.28 -71.39 17.48
C LYS A 2350 -5.29 -71.48 18.62
N GLN A 2351 -4.85 -71.71 19.86
CA GLN A 2351 -5.83 -71.81 20.95
C GLN A 2351 -6.70 -70.56 21.05
N HIS A 2352 -6.11 -69.37 21.00
CA HIS A 2352 -6.94 -68.17 21.04
C HIS A 2352 -7.27 -67.65 19.65
N GLN A 2353 -7.09 -68.47 18.62
CA GLN A 2353 -7.65 -68.15 17.31
C GLN A 2353 -9.17 -68.31 17.31
N ASN A 2354 -9.68 -69.23 18.12
CA ASN A 2354 -11.11 -69.55 18.15
C ASN A 2354 -11.80 -68.97 19.39
N THR A 2355 -11.18 -68.00 20.06
CA THR A 2355 -11.74 -67.42 21.27
C THR A 2355 -12.16 -65.97 21.08
N MET A 2356 -11.23 -65.10 20.68
CA MET A 2356 -11.57 -63.68 20.57
C MET A 2356 -11.16 -63.12 19.21
N GLU A 2357 -10.10 -63.69 18.62
CA GLU A 2357 -9.55 -63.30 17.32
C GLU A 2357 -8.97 -61.90 17.33
N ASP A 2358 -9.06 -61.15 18.43
CA ASP A 2358 -8.56 -59.79 18.46
C ASP A 2358 -7.11 -59.74 18.91
N LYS A 2359 -6.74 -60.57 19.89
CA LYS A 2359 -5.35 -60.73 20.26
C LYS A 2359 -4.62 -61.70 19.34
N PHE A 2360 -5.35 -62.44 18.50
CA PHE A 2360 -4.71 -63.37 17.58
C PHE A 2360 -4.06 -62.64 16.42
N ILE A 2361 -4.74 -61.65 15.84
CA ILE A 2361 -4.20 -60.97 14.67
C ILE A 2361 -2.97 -60.16 15.04
N VAL A 2362 -3.01 -59.46 16.17
CA VAL A 2362 -1.85 -58.67 16.56
C VAL A 2362 -0.66 -59.57 16.85
N CYS A 2363 -0.90 -60.72 17.49
CA CYS A 2363 0.18 -61.67 17.72
C CYS A 2363 0.73 -62.21 16.41
N LEU A 2364 -0.15 -62.53 15.46
CA LEU A 2364 0.32 -63.06 14.18
C LEU A 2364 1.12 -62.02 13.42
N ASN A 2365 0.68 -60.77 13.44
CA ASN A 2365 1.45 -59.72 12.78
C ASN A 2365 2.81 -59.56 13.43
N LYS A 2366 2.86 -59.48 14.76
CA LYS A 2366 4.13 -59.27 15.44
C LYS A 2366 5.09 -60.42 15.18
N VAL A 2367 4.61 -61.66 15.23
CA VAL A 2367 5.49 -62.79 14.97
C VAL A 2367 5.87 -62.83 13.50
N THR A 2368 5.02 -62.31 12.61
CA THR A 2368 5.31 -62.28 11.19
C THR A 2368 5.99 -60.97 10.78
N LYS A 2369 6.12 -60.03 11.70
CA LYS A 2369 6.87 -58.82 11.40
C LYS A 2369 8.30 -59.15 10.99
N SER A 2370 8.89 -60.17 11.59
CA SER A 2370 10.27 -60.56 11.31
C SER A 2370 10.40 -62.03 10.90
N PHE A 2371 9.30 -62.72 10.65
CA PHE A 2371 9.35 -64.13 10.24
C PHE A 2371 8.10 -64.47 9.47
N PRO A 2372 8.14 -64.32 8.14
CA PRO A 2372 6.96 -64.62 7.32
C PRO A 2372 6.55 -66.09 7.37
N PRO A 2373 7.48 -67.07 7.15
CA PRO A 2373 7.03 -68.44 6.84
C PRO A 2373 6.06 -69.07 7.83
N LEU A 2374 5.81 -68.42 8.97
CA LEU A 2374 4.76 -68.89 9.85
C LEU A 2374 3.37 -68.54 9.31
N ALA A 2375 3.27 -67.46 8.53
CA ALA A 2375 1.98 -67.03 8.01
C ALA A 2375 1.39 -67.99 7.00
N ASP A 2376 2.16 -68.96 6.51
CA ASP A 2376 1.62 -69.89 5.53
C ASP A 2376 0.47 -70.72 6.09
N ARG A 2377 0.59 -71.14 7.34
CA ARG A 2377 -0.40 -72.03 7.93
C ARG A 2377 -1.70 -71.32 8.30
N PHE A 2378 -1.69 -69.98 8.38
CA PHE A 2378 -2.85 -69.25 8.88
C PHE A 2378 -3.45 -68.32 7.85
N MET A 2379 -3.14 -68.49 6.57
CA MET A 2379 -3.71 -67.62 5.55
C MET A 2379 -5.22 -67.78 5.47
N ASN A 2380 -5.71 -69.01 5.59
CA ASN A 2380 -7.16 -69.22 5.56
C ASN A 2380 -7.85 -68.48 6.70
N ALA A 2381 -7.26 -68.51 7.89
CA ALA A 2381 -7.89 -67.86 9.03
C ALA A 2381 -7.95 -66.34 8.84
N VAL A 2382 -6.86 -65.73 8.40
CA VAL A 2382 -6.88 -64.27 8.23
C VAL A 2382 -7.80 -63.88 7.08
N PHE A 2383 -7.86 -64.69 6.02
CA PHE A 2383 -8.80 -64.41 4.95
C PHE A 2383 -10.23 -64.46 5.45
N PHE A 2384 -10.56 -65.51 6.21
CA PHE A 2384 -11.91 -65.63 6.76
C PHE A 2384 -12.23 -64.52 7.73
N LEU A 2385 -11.22 -64.01 8.41
CA LEU A 2385 -11.40 -63.04 9.47
C LEU A 2385 -11.34 -61.60 8.99
N LEU A 2386 -11.00 -61.37 7.72
CA LEU A 2386 -10.80 -60.00 7.24
C LEU A 2386 -12.03 -59.12 7.38
N PRO A 2387 -13.23 -59.52 6.96
CA PRO A 2387 -14.37 -58.59 7.04
C PRO A 2387 -14.92 -58.39 8.43
N LYS A 2388 -14.38 -59.07 9.45
CA LYS A 2388 -14.94 -58.98 10.79
C LYS A 2388 -14.76 -57.59 11.38
N PHE A 2389 -13.57 -57.00 11.23
CA PHE A 2389 -13.25 -55.71 11.82
C PHE A 2389 -13.31 -54.61 10.78
N HIS A 2390 -13.29 -53.37 11.27
CA HIS A 2390 -13.24 -52.21 10.39
C HIS A 2390 -12.33 -51.12 10.93
N GLY A 2391 -11.40 -51.47 11.82
CA GLY A 2391 -10.51 -50.47 12.39
C GLY A 2391 -9.05 -50.74 12.08
N VAL A 2392 -8.18 -50.51 13.06
CA VAL A 2392 -6.76 -50.76 12.86
C VAL A 2392 -6.49 -52.24 12.61
N LEU A 2393 -7.35 -53.11 13.13
CA LEU A 2393 -7.15 -54.54 12.93
C LEU A 2393 -7.19 -54.90 11.44
N LYS A 2394 -7.94 -54.15 10.64
CA LYS A 2394 -7.94 -54.39 9.20
C LYS A 2394 -6.54 -54.18 8.63
N THR A 2395 -5.87 -53.10 9.03
CA THR A 2395 -4.50 -52.86 8.60
C THR A 2395 -3.58 -53.95 9.13
N LEU A 2396 -3.78 -54.37 10.37
CA LEU A 2396 -2.95 -55.43 10.96
C LEU A 2396 -3.06 -56.71 10.16
N CYS A 2397 -4.26 -57.05 9.70
CA CYS A 2397 -4.46 -58.26 8.91
C CYS A 2397 -3.95 -58.10 7.49
N LEU A 2398 -4.18 -56.93 6.87
CA LEU A 2398 -3.68 -56.72 5.53
C LEU A 2398 -2.17 -56.78 5.47
N GLU A 2399 -1.49 -56.33 6.53
CA GLU A 2399 -0.04 -56.38 6.52
C GLU A 2399 0.46 -57.83 6.51
N VAL A 2400 -0.15 -58.70 7.32
CA VAL A 2400 0.30 -60.08 7.33
C VAL A 2400 -0.08 -60.78 6.03
N VAL A 2401 -1.15 -60.32 5.37
CA VAL A 2401 -1.43 -60.80 4.02
C VAL A 2401 -0.31 -60.39 3.08
N LEU A 2402 0.13 -59.14 3.18
CA LEU A 2402 1.22 -58.64 2.34
C LEU A 2402 2.52 -59.37 2.60
N CYS A 2403 2.69 -59.90 3.82
CA CYS A 2403 3.98 -60.49 4.19
C CYS A 2403 4.36 -61.65 3.29
N ARG A 2404 3.36 -62.38 2.79
CA ARG A 2404 3.62 -63.53 1.91
C ARG A 2404 2.61 -63.50 0.76
N VAL A 2405 3.00 -62.85 -0.34
CA VAL A 2405 2.18 -62.76 -1.53
C VAL A 2405 2.75 -63.61 -2.66
N GLU A 2406 4.06 -63.59 -2.84
CA GLU A 2406 4.68 -64.35 -3.93
C GLU A 2406 4.46 -65.84 -3.78
N GLY A 2407 4.40 -66.33 -2.53
CA GLY A 2407 4.34 -67.75 -2.31
C GLY A 2407 3.08 -68.39 -2.87
N MET A 2408 1.94 -67.76 -2.65
CA MET A 2408 0.65 -68.33 -3.01
C MET A 2408 0.10 -67.68 -4.27
N THR A 2409 -0.45 -68.50 -5.16
CA THR A 2409 -0.88 -68.06 -6.48
C THR A 2409 -2.38 -67.88 -6.61
N GLU A 2410 -3.19 -68.67 -5.91
CA GLU A 2410 -4.65 -68.57 -6.00
C GLU A 2410 -5.07 -67.32 -5.25
N LEU A 2411 -4.91 -66.17 -5.91
CA LEU A 2411 -5.13 -64.88 -5.27
C LEU A 2411 -5.91 -63.98 -6.22
N TYR A 2412 -6.43 -62.88 -5.65
CA TYR A 2412 -7.40 -61.99 -6.25
C TYR A 2412 -8.75 -62.69 -6.37
N PHE A 2413 -8.78 -63.98 -6.08
CA PHE A 2413 -10.04 -64.67 -5.84
C PHE A 2413 -10.41 -64.62 -4.36
N GLN A 2414 -9.46 -65.00 -3.49
CA GLN A 2414 -9.65 -64.82 -2.07
C GLN A 2414 -9.94 -63.38 -1.72
N LEU A 2415 -9.19 -62.44 -2.28
CA LEU A 2415 -9.35 -61.03 -1.96
C LEU A 2415 -10.67 -60.47 -2.51
N LYS A 2416 -10.98 -60.70 -3.78
CA LYS A 2416 -12.20 -60.14 -4.33
C LYS A 2416 -13.43 -60.78 -3.71
N SER A 2417 -13.32 -62.04 -3.27
CA SER A 2417 -14.41 -62.62 -2.49
C SER A 2417 -14.57 -61.91 -1.16
N LYS A 2418 -13.45 -61.51 -0.53
CA LYS A 2418 -13.47 -60.74 0.70
C LYS A 2418 -13.62 -59.25 0.46
N ASP A 2419 -14.07 -58.85 -0.73
CA ASP A 2419 -14.38 -57.46 -1.05
C ASP A 2419 -13.14 -56.57 -0.87
N PHE A 2420 -12.15 -56.84 -1.73
CA PHE A 2420 -10.87 -56.15 -1.63
C PHE A 2420 -10.86 -54.81 -2.37
N VAL A 2421 -11.54 -54.72 -3.50
CA VAL A 2421 -11.53 -53.46 -4.25
C VAL A 2421 -12.19 -52.35 -3.44
N GLN A 2422 -13.20 -52.69 -2.65
CA GLN A 2422 -13.84 -51.68 -1.81
C GLN A 2422 -12.94 -51.26 -0.65
N VAL A 2423 -12.04 -52.14 -0.20
CA VAL A 2423 -11.18 -51.82 0.93
C VAL A 2423 -10.29 -50.63 0.60
N MET A 2424 -9.67 -50.65 -0.58
CA MET A 2424 -8.70 -49.62 -0.94
C MET A 2424 -9.35 -48.32 -1.37
N ARG A 2425 -10.68 -48.28 -1.45
CA ARG A 2425 -11.41 -47.06 -1.81
C ARG A 2425 -11.92 -46.32 -0.58
N HIS A 2426 -11.53 -46.74 0.61
CA HIS A 2426 -11.93 -46.10 1.85
C HIS A 2426 -10.80 -45.20 2.31
N ARG A 2427 -11.14 -43.93 2.60
CA ARG A 2427 -10.12 -42.93 2.89
C ARG A 2427 -9.29 -43.27 4.11
N ASP A 2428 -8.03 -43.60 3.89
CA ASP A 2428 -7.05 -43.88 4.94
C ASP A 2428 -5.69 -43.98 4.28
N ASP A 2429 -4.65 -43.56 5.01
CA ASP A 2429 -3.32 -43.54 4.42
C ASP A 2429 -2.66 -44.91 4.45
N GLU A 2430 -2.46 -45.46 5.65
CA GLU A 2430 -1.72 -46.72 5.76
C GLU A 2430 -2.52 -47.89 5.19
N ARG A 2431 -3.83 -47.92 5.44
CA ARG A 2431 -4.64 -49.02 4.93
C ARG A 2431 -4.73 -49.03 3.42
N GLN A 2432 -4.52 -47.89 2.77
CA GLN A 2432 -4.47 -47.87 1.32
C GLN A 2432 -3.07 -48.13 0.79
N LYS A 2433 -2.04 -47.68 1.50
CA LYS A 2433 -0.68 -47.97 1.08
C LYS A 2433 -0.41 -49.46 1.12
N VAL A 2434 -0.90 -50.16 2.14
CA VAL A 2434 -0.70 -51.60 2.20
C VAL A 2434 -1.46 -52.29 1.06
N CYS A 2435 -2.65 -51.79 0.72
CA CYS A 2435 -3.39 -52.37 -0.39
C CYS A 2435 -2.63 -52.20 -1.70
N LEU A 2436 -2.10 -51.00 -1.93
CA LEU A 2436 -1.34 -50.76 -3.15
C LEU A 2436 -0.09 -51.63 -3.19
N ASP A 2437 0.56 -51.84 -2.03
CA ASP A 2437 1.73 -52.70 -2.03
C ASP A 2437 1.35 -54.15 -2.33
N ILE A 2438 0.22 -54.61 -1.80
CA ILE A 2438 -0.25 -55.95 -2.14
C ILE A 2438 -0.46 -56.06 -3.64
N ILE A 2439 -1.09 -55.05 -4.23
CA ILE A 2439 -1.33 -55.07 -5.67
C ILE A 2439 -0.02 -55.13 -6.42
N TYR A 2440 0.96 -54.32 -6.00
CA TYR A 2440 2.24 -54.28 -6.69
C TYR A 2440 2.91 -55.65 -6.66
N LYS A 2441 2.93 -56.29 -5.49
CA LYS A 2441 3.56 -57.60 -5.40
C LYS A 2441 2.74 -58.67 -6.10
N MET A 2442 1.45 -58.42 -6.32
CA MET A 2442 0.58 -59.41 -6.95
C MET A 2442 0.59 -59.35 -8.47
N MET A 2443 0.88 -58.19 -9.06
CA MET A 2443 0.76 -58.04 -10.51
C MET A 2443 1.52 -59.07 -11.33
N PRO A 2444 2.82 -59.32 -11.12
CA PRO A 2444 3.53 -60.19 -12.07
C PRO A 2444 3.20 -61.65 -11.86
N LYS A 2445 1.93 -61.91 -11.57
CA LYS A 2445 1.36 -63.25 -11.66
C LYS A 2445 -0.09 -63.20 -12.14
N LEU A 2446 -0.60 -62.04 -12.51
CA LEU A 2446 -2.02 -61.80 -12.59
C LEU A 2446 -2.47 -61.69 -14.05
N LYS A 2447 -3.65 -62.25 -14.34
CA LYS A 2447 -4.18 -62.27 -15.70
C LYS A 2447 -4.65 -60.87 -16.11
N PRO A 2448 -4.54 -60.52 -17.39
CA PRO A 2448 -5.01 -59.20 -17.84
C PRO A 2448 -6.48 -58.96 -17.58
N VAL A 2449 -7.32 -60.01 -17.64
CA VAL A 2449 -8.75 -59.84 -17.43
C VAL A 2449 -9.03 -59.32 -16.03
N GLU A 2450 -8.21 -59.74 -15.06
CA GLU A 2450 -8.40 -59.30 -13.68
C GLU A 2450 -7.66 -57.99 -13.40
N LEU A 2451 -6.48 -57.81 -14.01
CA LEU A 2451 -5.77 -56.57 -13.85
C LEU A 2451 -6.56 -55.41 -14.41
N ARG A 2452 -7.34 -55.64 -15.46
CA ARG A 2452 -8.21 -54.60 -15.99
C ARG A 2452 -9.19 -54.12 -14.93
N GLU A 2453 -9.71 -55.04 -14.11
CA GLU A 2453 -10.63 -54.65 -13.06
C GLU A 2453 -9.91 -53.96 -11.91
N LEU A 2454 -8.74 -54.48 -11.51
CA LEU A 2454 -8.00 -53.86 -10.42
C LEU A 2454 -7.50 -52.47 -10.78
N LEU A 2455 -7.31 -52.20 -12.07
CA LEU A 2455 -6.69 -50.94 -12.46
C LEU A 2455 -7.67 -49.77 -12.42
N ASN A 2456 -8.96 -50.04 -12.33
CA ASN A 2456 -9.93 -48.95 -12.27
C ASN A 2456 -9.97 -48.27 -10.90
N PRO A 2457 -9.88 -49.00 -9.78
CA PRO A 2457 -9.74 -48.30 -8.49
C PRO A 2457 -8.32 -47.88 -8.16
N VAL A 2458 -7.31 -48.43 -8.85
CA VAL A 2458 -5.95 -47.95 -8.63
C VAL A 2458 -5.80 -46.53 -9.13
N VAL A 2459 -6.29 -46.25 -10.34
CA VAL A 2459 -6.03 -44.96 -10.98
C VAL A 2459 -6.76 -43.80 -10.31
N GLU A 2460 -7.73 -44.07 -9.45
CA GLU A 2460 -8.39 -42.96 -8.77
C GLU A 2460 -7.49 -42.32 -7.72
N PHE A 2461 -6.34 -42.91 -7.43
CA PHE A 2461 -5.44 -42.36 -6.42
C PHE A 2461 -4.75 -41.09 -6.89
N VAL A 2462 -4.88 -40.72 -8.15
CA VAL A 2462 -4.51 -39.36 -8.54
C VAL A 2462 -5.39 -38.41 -7.74
N SER A 2463 -4.78 -37.32 -7.27
CA SER A 2463 -5.41 -36.34 -6.40
C SER A 2463 -5.72 -36.89 -5.02
N HIS A 2464 -5.21 -38.06 -4.67
CA HIS A 2464 -5.26 -38.52 -3.29
C HIS A 2464 -4.20 -37.77 -2.50
N PRO A 2465 -4.56 -37.01 -1.49
CA PRO A 2465 -3.56 -36.19 -0.78
C PRO A 2465 -2.68 -37.00 0.16
N SER A 2466 -1.91 -37.90 -0.42
CA SER A 2466 -1.06 -38.81 0.34
C SER A 2466 0.42 -38.57 0.15
N THR A 2467 0.86 -38.38 -1.10
CA THR A 2467 2.26 -38.11 -1.45
C THR A 2467 3.10 -39.37 -1.22
N THR A 2468 2.50 -40.41 -0.66
CA THR A 2468 3.15 -41.71 -0.57
C THR A 2468 2.30 -42.85 -1.07
N CYS A 2469 0.98 -42.72 -1.13
CA CYS A 2469 0.17 -43.68 -1.87
C CYS A 2469 0.28 -43.40 -3.37
N ARG A 2470 0.31 -42.12 -3.75
CA ARG A 2470 0.54 -41.77 -5.15
C ARG A 2470 1.88 -42.29 -5.62
N GLU A 2471 2.90 -42.20 -4.77
CA GLU A 2471 4.23 -42.67 -5.15
C GLU A 2471 4.27 -44.18 -5.35
N GLN A 2472 3.29 -44.91 -4.85
CA GLN A 2472 3.21 -46.34 -5.12
C GLN A 2472 2.32 -46.62 -6.33
N MET A 2473 1.26 -45.84 -6.51
CA MET A 2473 0.45 -45.99 -7.70
C MET A 2473 1.28 -45.75 -8.95
N TYR A 2474 2.17 -44.77 -8.90
CA TYR A 2474 3.00 -44.51 -10.07
C TYR A 2474 3.99 -45.64 -10.30
N ASN A 2475 4.46 -46.30 -9.25
CA ASN A 2475 5.29 -47.48 -9.46
C ASN A 2475 4.50 -48.59 -10.15
N ILE A 2476 3.26 -48.79 -9.72
CA ILE A 2476 2.41 -49.80 -10.34
C ILE A 2476 2.21 -49.49 -11.82
N LEU A 2477 1.89 -48.23 -12.13
CA LEU A 2477 1.63 -47.85 -13.51
C LEU A 2477 2.90 -47.90 -14.35
N MET A 2478 4.05 -47.58 -13.76
CA MET A 2478 5.29 -47.72 -14.51
C MET A 2478 5.57 -49.17 -14.85
N TRP A 2479 5.29 -50.08 -13.93
CA TRP A 2479 5.45 -51.50 -14.25
C TRP A 2479 4.50 -51.89 -15.39
N ILE A 2480 3.24 -51.45 -15.31
CA ILE A 2480 2.28 -51.83 -16.33
C ILE A 2480 2.71 -51.30 -17.69
N HIS A 2481 3.14 -50.05 -17.75
CA HIS A 2481 3.58 -49.48 -19.01
C HIS A 2481 4.81 -50.20 -19.55
N ASP A 2482 5.71 -50.62 -18.65
CA ASP A 2482 6.88 -51.36 -19.12
C ASP A 2482 6.49 -52.70 -19.73
N ASN A 2483 5.50 -53.39 -19.14
CA ASN A 2483 5.24 -54.77 -19.55
C ASN A 2483 4.14 -54.92 -20.59
N TYR A 2484 3.11 -54.09 -20.57
CA TYR A 2484 2.03 -54.19 -21.56
C TYR A 2484 2.29 -53.23 -22.72
N ARG A 2485 3.44 -53.38 -23.36
CA ARG A 2485 3.87 -52.44 -24.39
C ARG A 2485 4.02 -53.13 -25.73
N ASP A 2486 3.01 -53.93 -26.12
CA ASP A 2486 3.03 -54.59 -27.41
C ASP A 2486 1.65 -54.55 -28.03
N PRO A 2487 1.50 -53.94 -29.22
CA PRO A 2487 0.17 -53.81 -29.82
C PRO A 2487 -0.28 -55.06 -30.57
N GLU A 2488 0.65 -55.98 -30.84
CA GLU A 2488 0.31 -57.18 -31.59
C GLU A 2488 0.80 -58.45 -30.90
N SER A 2489 1.28 -58.36 -29.67
CA SER A 2489 1.64 -59.54 -28.88
C SER A 2489 0.63 -59.66 -27.74
N GLU A 2490 -0.02 -60.82 -27.67
CA GLU A 2490 -1.07 -61.08 -26.68
C GLU A 2490 -2.20 -60.04 -26.78
N THR A 2491 -2.56 -59.68 -28.01
CA THR A 2491 -3.66 -58.76 -28.24
C THR A 2491 -4.96 -59.35 -27.74
N ASP A 2492 -5.66 -58.64 -26.85
CA ASP A 2492 -6.90 -59.13 -26.31
C ASP A 2492 -7.97 -58.04 -26.17
N ASN A 2493 -7.77 -56.87 -26.78
CA ASN A 2493 -8.73 -55.79 -26.79
C ASN A 2493 -8.95 -55.19 -25.40
N ASP A 2494 -8.31 -55.78 -24.39
CA ASP A 2494 -8.23 -55.20 -23.06
C ASP A 2494 -6.81 -55.07 -22.55
N SER A 2495 -5.89 -55.91 -23.03
CA SER A 2495 -4.48 -55.64 -22.80
C SER A 2495 -4.03 -54.36 -23.48
N GLN A 2496 -4.84 -53.85 -24.42
CA GLN A 2496 -4.60 -52.51 -24.96
C GLN A 2496 -5.27 -51.44 -24.11
N GLU A 2497 -6.44 -51.75 -23.55
CA GLU A 2497 -7.12 -50.77 -22.70
C GLU A 2497 -6.33 -50.51 -21.43
N ILE A 2498 -5.72 -51.56 -20.87
CA ILE A 2498 -4.88 -51.39 -19.70
C ILE A 2498 -3.72 -50.44 -20.01
N PHE A 2499 -3.08 -50.66 -21.15
CA PHE A 2499 -1.97 -49.79 -21.51
C PHE A 2499 -2.43 -48.36 -21.75
N LYS A 2500 -3.58 -48.19 -22.40
CA LYS A 2500 -4.08 -46.83 -22.64
C LYS A 2500 -4.36 -46.11 -21.34
N LEU A 2501 -5.00 -46.79 -20.39
CA LEU A 2501 -5.30 -46.17 -19.10
C LEU A 2501 -4.02 -45.85 -18.33
N ALA A 2502 -3.06 -46.79 -18.33
CA ALA A 2502 -1.81 -46.54 -17.63
C ALA A 2502 -1.06 -45.38 -18.24
N LYS A 2503 -1.01 -45.32 -19.57
CA LYS A 2503 -0.32 -44.21 -20.22
C LYS A 2503 -1.00 -42.90 -19.93
N ASP A 2504 -2.33 -42.88 -19.91
CA ASP A 2504 -3.05 -41.65 -19.61
C ASP A 2504 -2.72 -41.16 -18.21
N VAL A 2505 -2.74 -42.06 -17.23
CA VAL A 2505 -2.48 -41.62 -15.86
C VAL A 2505 -1.01 -41.22 -15.70
N LEU A 2506 -0.10 -41.94 -16.35
CA LEU A 2506 1.31 -41.57 -16.27
C LEU A 2506 1.56 -40.20 -16.86
N ILE A 2507 0.94 -39.91 -18.01
CA ILE A 2507 1.05 -38.58 -18.60
C ILE A 2507 0.50 -37.53 -17.64
N GLN A 2508 -0.66 -37.81 -17.05
CA GLN A 2508 -1.23 -36.88 -16.09
C GLN A 2508 -0.33 -36.72 -14.86
N GLY A 2509 0.57 -37.66 -14.62
CA GLY A 2509 1.46 -37.54 -13.48
C GLY A 2509 2.53 -36.49 -13.64
N LEU A 2510 2.74 -35.97 -14.85
CA LEU A 2510 3.77 -34.97 -15.07
C LEU A 2510 3.44 -33.62 -14.44
N ILE A 2511 2.23 -33.43 -13.95
CA ILE A 2511 1.83 -32.18 -13.34
C ILE A 2511 1.60 -32.34 -11.83
N ASP A 2512 2.15 -33.38 -11.24
CA ASP A 2512 1.88 -33.69 -9.84
C ASP A 2512 2.48 -32.61 -8.93
N GLU A 2513 1.81 -32.41 -7.79
CA GLU A 2513 2.18 -31.30 -6.91
C GLU A 2513 3.55 -31.53 -6.27
N ASN A 2514 3.77 -32.70 -5.70
CA ASN A 2514 5.01 -32.95 -5.00
C ASN A 2514 6.16 -32.99 -6.00
N PRO A 2515 7.18 -32.13 -5.87
CA PRO A 2515 8.25 -32.12 -6.86
C PRO A 2515 8.98 -33.44 -7.00
N GLY A 2516 9.08 -34.22 -5.93
CA GLY A 2516 9.71 -35.53 -6.06
C GLY A 2516 9.00 -36.42 -7.05
N LEU A 2517 7.67 -36.47 -6.97
CA LEU A 2517 6.91 -37.27 -7.92
C LEU A 2517 7.03 -36.75 -9.33
N GLN A 2518 6.99 -35.43 -9.50
CA GLN A 2518 7.12 -34.87 -10.83
C GLN A 2518 8.47 -35.22 -11.44
N LEU A 2519 9.54 -35.13 -10.64
CA LEU A 2519 10.87 -35.47 -11.15
C LEU A 2519 10.98 -36.95 -11.46
N ILE A 2520 10.40 -37.81 -10.62
CA ILE A 2520 10.46 -39.24 -10.88
C ILE A 2520 9.76 -39.57 -12.19
N ILE A 2521 8.57 -39.00 -12.39
CA ILE A 2521 7.82 -39.30 -13.61
C ILE A 2521 8.52 -38.71 -14.82
N ARG A 2522 9.05 -37.48 -14.71
CA ARG A 2522 9.77 -36.89 -15.83
C ARG A 2522 10.98 -37.72 -16.21
N ASN A 2523 11.76 -38.15 -15.22
CA ASN A 2523 12.91 -39.00 -15.53
C ASN A 2523 12.49 -40.38 -16.01
N PHE A 2524 11.25 -40.79 -15.73
CA PHE A 2524 10.75 -42.01 -16.32
C PHE A 2524 10.42 -41.84 -17.78
N TRP A 2525 9.81 -40.71 -18.14
CA TRP A 2525 9.41 -40.49 -19.53
C TRP A 2525 10.61 -40.23 -20.42
N SER A 2526 11.52 -39.38 -19.98
CA SER A 2526 12.61 -38.97 -20.84
C SER A 2526 13.64 -40.01 -21.02
N HIS A 2527 13.46 -41.23 -20.52
CA HIS A 2527 14.40 -42.31 -20.80
C HIS A 2527 14.37 -42.65 -22.28
N GLU A 2528 15.53 -43.00 -22.84
CA GLU A 2528 15.62 -43.21 -24.27
C GLU A 2528 14.79 -44.40 -24.74
N THR A 2529 14.35 -45.25 -23.83
CA THR A 2529 13.49 -46.36 -24.24
C THR A 2529 12.08 -45.88 -24.56
N ARG A 2530 11.64 -44.79 -23.92
CA ARG A 2530 10.25 -44.35 -23.99
C ARG A 2530 10.07 -43.04 -24.74
N LEU A 2531 11.15 -42.34 -25.03
CA LEU A 2531 11.10 -41.09 -25.78
C LEU A 2531 12.43 -40.94 -26.49
N PRO A 2532 12.46 -41.12 -27.81
CA PRO A 2532 13.75 -41.29 -28.51
C PRO A 2532 14.69 -40.12 -28.27
N SER A 2533 15.98 -40.45 -28.20
CA SER A 2533 16.99 -39.43 -27.91
C SER A 2533 17.26 -38.52 -29.09
N ASN A 2534 17.04 -39.00 -30.31
CA ASN A 2534 17.22 -38.15 -31.48
C ASN A 2534 16.29 -36.96 -31.39
N THR A 2535 16.83 -35.76 -31.62
CA THR A 2535 16.09 -34.53 -31.34
C THR A 2535 14.84 -34.43 -32.20
N LEU A 2536 14.97 -34.70 -33.51
CA LEU A 2536 13.81 -34.62 -34.38
C LEU A 2536 12.78 -35.69 -34.03
N ASP A 2537 13.24 -36.92 -33.81
CA ASP A 2537 12.32 -37.98 -33.41
C ASP A 2537 11.71 -37.69 -32.05
N ARG A 2538 12.49 -37.10 -31.14
CA ARG A 2538 11.92 -36.70 -29.87
C ARG A 2538 10.82 -35.68 -30.05
N LEU A 2539 11.05 -34.69 -30.93
CA LEU A 2539 10.03 -33.68 -31.16
C LEU A 2539 8.77 -34.28 -31.75
N LEU A 2540 8.92 -35.22 -32.68
CA LEU A 2540 7.74 -35.82 -33.30
C LEU A 2540 6.98 -36.69 -32.31
N ALA A 2541 7.69 -37.50 -31.52
CA ALA A 2541 7.03 -38.38 -30.56
C ALA A 2541 6.59 -37.66 -29.31
N LEU A 2542 7.01 -36.41 -29.13
CA LEU A 2542 6.59 -35.63 -27.97
C LEU A 2542 5.13 -35.25 -28.01
N ASN A 2543 4.51 -35.26 -29.20
CA ASN A 2543 3.10 -34.96 -29.27
C ASN A 2543 2.26 -36.08 -28.71
N SER A 2544 2.77 -37.32 -28.75
CA SER A 2544 2.04 -38.43 -28.17
C SER A 2544 2.00 -38.38 -26.65
N LEU A 2545 2.76 -37.48 -26.04
CA LEU A 2545 2.73 -37.27 -24.60
C LEU A 2545 1.76 -36.18 -24.19
N TYR A 2546 0.70 -35.96 -24.96
CA TYR A 2546 -0.26 -34.91 -24.68
C TYR A 2546 -1.60 -35.53 -24.32
N SER A 2547 -2.16 -35.10 -23.19
CA SER A 2547 -3.48 -35.50 -22.77
C SER A 2547 -4.13 -34.24 -22.23
N PRO A 2548 -5.36 -33.92 -22.63
CA PRO A 2548 -5.93 -32.60 -22.34
C PRO A 2548 -5.96 -32.23 -20.87
N LYS A 2549 -5.58 -33.14 -19.97
CA LYS A 2549 -5.50 -32.78 -18.56
C LYS A 2549 -4.26 -31.97 -18.25
N ILE A 2550 -3.19 -32.13 -19.03
CA ILE A 2550 -1.92 -31.48 -18.75
C ILE A 2550 -1.61 -30.36 -19.75
N GLU A 2551 -2.61 -29.93 -20.53
CA GLU A 2551 -2.36 -28.88 -21.50
C GLU A 2551 -2.00 -27.56 -20.83
N VAL A 2552 -2.35 -27.39 -19.56
CA VAL A 2552 -1.93 -26.20 -18.84
C VAL A 2552 -0.41 -26.16 -18.74
N HIS A 2553 0.21 -27.28 -18.43
CA HIS A 2553 1.65 -27.37 -18.26
C HIS A 2553 2.35 -27.96 -19.47
N PHE A 2554 1.65 -28.14 -20.58
CA PHE A 2554 2.35 -28.39 -21.82
C PHE A 2554 3.04 -27.10 -22.27
N LEU A 2555 4.01 -27.26 -23.18
CA LEU A 2555 4.87 -26.18 -23.64
C LEU A 2555 5.86 -25.80 -22.56
N SER A 2556 5.69 -26.33 -21.37
CA SER A 2556 6.66 -26.21 -20.30
C SER A 2556 7.30 -27.54 -19.96
N LEU A 2557 6.71 -28.63 -20.43
CA LEU A 2557 7.35 -29.94 -20.42
C LEU A 2557 7.83 -30.37 -21.79
N ALA A 2558 7.22 -29.84 -22.86
CA ALA A 2558 7.75 -30.11 -24.19
C ALA A 2558 9.15 -29.53 -24.32
N THR A 2559 9.32 -28.26 -23.95
CA THR A 2559 10.66 -27.68 -24.01
C THR A 2559 11.58 -28.28 -22.98
N ASN A 2560 11.04 -28.79 -21.88
CA ASN A 2560 11.88 -29.48 -20.91
C ASN A 2560 12.43 -30.78 -21.49
N PHE A 2561 11.60 -31.55 -22.16
CA PHE A 2561 12.08 -32.80 -22.75
C PHE A 2561 13.02 -32.51 -23.91
N LEU A 2562 12.74 -31.48 -24.71
CA LEU A 2562 13.59 -31.18 -25.86
C LEU A 2562 14.91 -30.59 -25.45
N LEU A 2563 14.91 -29.76 -24.41
CA LEU A 2563 16.04 -28.92 -24.08
C LEU A 2563 17.01 -29.57 -23.12
N GLU A 2564 16.67 -30.71 -22.54
CA GLU A 2564 17.60 -31.45 -21.71
C GLU A 2564 18.25 -32.60 -22.45
N MET A 2565 18.18 -32.58 -23.78
CA MET A 2565 19.07 -33.38 -24.61
C MET A 2565 20.36 -32.67 -24.95
N THR A 2566 20.48 -31.38 -24.60
CA THR A 2566 21.75 -30.69 -24.76
C THR A 2566 22.76 -31.18 -23.75
N SER A 2567 22.30 -31.64 -22.58
CA SER A 2567 23.23 -32.04 -21.52
C SER A 2567 24.16 -33.16 -21.97
N MET A 2568 23.70 -34.00 -22.89
CA MET A 2568 24.54 -35.08 -23.38
C MET A 2568 25.41 -34.67 -24.56
N SER A 2569 25.26 -33.45 -25.05
CA SER A 2569 26.11 -32.97 -26.13
C SER A 2569 27.48 -32.58 -25.59
N PRO A 2570 28.53 -32.74 -26.39
CA PRO A 2570 29.86 -32.31 -25.94
C PRO A 2570 30.09 -30.83 -26.17
N ASP A 2571 29.08 -30.03 -25.89
CA ASP A 2571 29.22 -28.57 -25.87
C ASP A 2571 28.46 -27.96 -24.72
N TYR A 2572 27.73 -28.75 -23.94
CA TYR A 2572 26.95 -28.22 -22.83
C TYR A 2572 27.79 -27.52 -21.78
N PRO A 2573 28.97 -28.01 -21.39
CA PRO A 2573 29.81 -27.26 -20.45
C PRO A 2573 30.86 -26.37 -21.09
N ASN A 2574 30.85 -26.19 -22.41
CA ASN A 2574 31.82 -25.31 -23.05
C ASN A 2574 31.44 -23.85 -22.80
N PRO A 2575 32.40 -22.93 -22.89
CA PRO A 2575 32.12 -21.52 -22.56
C PRO A 2575 31.50 -20.70 -23.67
N MET A 2576 31.36 -21.26 -24.88
CA MET A 2576 30.72 -20.66 -26.05
C MET A 2576 31.32 -19.32 -26.46
N PHE A 2577 32.39 -18.89 -25.79
CA PHE A 2577 33.08 -17.66 -26.16
C PHE A 2577 34.56 -17.87 -25.95
N GLU A 2578 35.33 -17.80 -27.03
CA GLU A 2578 36.73 -18.21 -26.99
C GLU A 2578 37.54 -17.33 -26.05
N ILE A 2783 32.10 -12.86 -19.83
CA ILE A 2783 31.32 -13.29 -20.98
C ILE A 2783 31.58 -14.75 -21.35
N GLN A 2784 32.62 -15.38 -20.82
CA GLN A 2784 32.84 -16.80 -21.02
C GLN A 2784 31.94 -17.53 -20.02
N ILE A 2785 30.74 -17.87 -20.46
CA ILE A 2785 29.67 -18.16 -19.49
C ILE A 2785 29.03 -19.52 -19.72
N LYS A 2786 29.77 -20.48 -20.28
CA LYS A 2786 29.44 -21.87 -20.01
C LYS A 2786 28.05 -22.31 -20.43
N HIS A 2787 27.85 -22.65 -21.72
CA HIS A 2787 26.55 -22.81 -22.37
C HIS A 2787 25.41 -23.16 -21.41
N SER A 2788 25.65 -24.08 -20.49
CA SER A 2788 24.62 -24.49 -19.55
C SER A 2788 24.15 -23.35 -18.64
N SER A 2789 24.91 -22.26 -18.56
CA SER A 2789 24.45 -21.13 -17.76
C SER A 2789 23.46 -20.26 -18.50
N LEU A 2790 23.13 -20.59 -19.74
CA LEU A 2790 22.06 -19.94 -20.48
C LEU A 2790 20.88 -20.86 -20.72
N ILE A 2791 21.12 -22.14 -20.97
CA ILE A 2791 20.04 -23.08 -21.17
C ILE A 2791 19.27 -23.29 -19.87
N THR A 2792 19.97 -23.53 -18.77
CA THR A 2792 19.30 -23.86 -17.52
C THR A 2792 18.39 -22.75 -17.02
N PRO A 2793 18.82 -21.48 -16.87
CA PRO A 2793 17.87 -20.48 -16.41
C PRO A 2793 16.76 -20.22 -17.41
N LEU A 2794 17.05 -20.30 -18.70
CA LEU A 2794 16.02 -20.08 -19.72
C LEU A 2794 14.91 -21.09 -19.59
N GLN A 2795 15.26 -22.35 -19.36
CA GLN A 2795 14.25 -23.35 -19.05
C GLN A 2795 13.63 -23.09 -17.68
N ALA A 2796 14.45 -22.64 -16.72
CA ALA A 2796 13.95 -22.47 -15.36
C ALA A 2796 12.91 -21.38 -15.26
N VAL A 2797 12.94 -20.40 -16.17
CA VAL A 2797 11.86 -19.42 -16.23
C VAL A 2797 10.75 -19.87 -17.15
N ALA A 2798 11.04 -20.77 -18.10
CA ALA A 2798 10.01 -21.22 -19.02
C ALA A 2798 8.91 -21.98 -18.31
N GLN A 2799 9.23 -22.60 -17.17
CA GLN A 2799 8.24 -23.39 -16.45
C GLN A 2799 7.56 -22.61 -15.34
N ARG A 2800 7.77 -21.30 -15.26
CA ARG A 2800 7.04 -20.46 -14.34
C ARG A 2800 6.34 -19.30 -15.02
N ASP A 2801 6.56 -19.07 -16.30
CA ASP A 2801 5.84 -18.05 -17.06
C ASP A 2801 5.34 -18.68 -18.35
N PRO A 2802 4.03 -18.84 -18.52
CA PRO A 2802 3.54 -19.52 -19.73
C PRO A 2802 3.91 -18.84 -21.03
N ILE A 2803 3.98 -17.51 -21.06
CA ILE A 2803 4.26 -16.81 -22.31
C ILE A 2803 5.70 -17.06 -22.75
N ILE A 2804 6.64 -17.06 -21.81
CA ILE A 2804 8.01 -17.41 -22.16
C ILE A 2804 8.07 -18.84 -22.67
N ALA A 2805 7.28 -19.73 -22.08
CA ALA A 2805 7.23 -21.11 -22.56
C ALA A 2805 6.72 -21.15 -23.99
N LYS A 2806 5.70 -20.37 -24.31
CA LYS A 2806 5.17 -20.33 -25.66
C LYS A 2806 6.23 -19.86 -26.64
N GLN A 2807 6.89 -18.75 -26.33
CA GLN A 2807 7.90 -18.21 -27.24
C GLN A 2807 9.06 -19.19 -27.42
N LEU A 2808 9.51 -19.80 -26.32
CA LEU A 2808 10.62 -20.73 -26.39
C LEU A 2808 10.24 -21.96 -27.22
N PHE A 2809 9.05 -22.50 -27.02
CA PHE A 2809 8.66 -23.67 -27.79
C PHE A 2809 8.51 -23.34 -29.26
N SER A 2810 7.94 -22.17 -29.58
CA SER A 2810 7.84 -21.77 -30.98
C SER A 2810 9.22 -21.66 -31.61
N SER A 2811 10.15 -21.03 -30.91
CA SER A 2811 11.49 -20.85 -31.45
C SER A 2811 12.17 -22.20 -31.67
N LEU A 2812 12.10 -23.08 -30.66
CA LEU A 2812 12.73 -24.39 -30.77
C LEU A 2812 12.13 -25.20 -31.91
N PHE A 2813 10.80 -25.23 -32.00
CA PHE A 2813 10.13 -26.03 -33.00
C PHE A 2813 10.46 -25.52 -34.40
N SER A 2814 10.37 -24.21 -34.61
CA SER A 2814 10.67 -23.66 -35.93
C SER A 2814 12.13 -23.89 -36.31
N GLY A 2815 13.05 -23.69 -35.37
CA GLY A 2815 14.45 -23.93 -35.67
C GLY A 2815 14.73 -25.38 -36.01
N ILE A 2816 14.12 -26.31 -35.27
CA ILE A 2816 14.36 -27.73 -35.52
C ILE A 2816 13.82 -28.11 -36.89
N LEU A 2817 12.61 -27.67 -37.23
CA LEU A 2817 12.10 -28.04 -38.55
C LEU A 2817 12.86 -27.35 -39.67
N LYS A 2818 13.41 -26.16 -39.42
CA LYS A 2818 14.30 -25.59 -40.43
C LYS A 2818 15.54 -26.44 -40.60
N GLU A 2819 16.08 -26.97 -39.51
CA GLU A 2819 17.34 -27.68 -39.58
C GLU A 2819 17.23 -29.10 -40.14
N MET A 2820 16.03 -29.62 -40.38
CA MET A 2820 15.98 -30.91 -41.07
C MET A 2820 16.09 -30.74 -42.57
N ASP A 2821 16.03 -29.51 -43.07
CA ASP A 2821 16.18 -29.29 -44.51
C ASP A 2821 17.54 -29.77 -44.99
N LYS A 2822 18.58 -29.49 -44.22
CA LYS A 2822 19.93 -29.95 -44.54
C LYS A 2822 20.17 -31.40 -44.13
N PHE A 2823 19.13 -32.13 -43.73
CA PHE A 2823 19.33 -33.39 -43.04
C PHE A 2823 18.52 -34.53 -43.64
N LYS A 2824 17.34 -34.26 -44.19
CA LYS A 2824 16.46 -35.30 -44.69
C LYS A 2824 16.00 -34.99 -46.12
N THR A 2825 15.59 -36.04 -46.81
CA THR A 2825 15.09 -35.94 -48.17
C THR A 2825 13.70 -35.29 -48.19
N LEU A 2826 13.23 -35.00 -49.40
CA LEU A 2826 11.96 -34.30 -49.56
C LEU A 2826 10.79 -35.16 -49.10
N SER A 2827 10.78 -36.44 -49.49
CA SER A 2827 9.67 -37.31 -49.10
C SER A 2827 9.58 -37.45 -47.59
N GLU A 2828 10.74 -37.57 -46.93
CA GLU A 2828 10.72 -37.64 -45.48
C GLU A 2828 10.17 -36.36 -44.86
N LYS A 2829 10.53 -35.21 -45.44
CA LYS A 2829 9.97 -33.96 -44.95
C LYS A 2829 8.46 -33.94 -45.10
N ASN A 2830 7.95 -34.44 -46.22
CA ASN A 2830 6.51 -34.48 -46.42
C ASN A 2830 5.83 -35.38 -45.40
N ASN A 2831 6.40 -36.55 -45.14
CA ASN A 2831 5.81 -37.43 -44.14
C ASN A 2831 5.83 -36.80 -42.75
N ILE A 2832 6.93 -36.14 -42.40
CA ILE A 2832 7.03 -35.52 -41.09
C ILE A 2832 5.99 -34.42 -40.94
N THR A 2833 5.83 -33.59 -41.97
CA THR A 2833 4.86 -32.52 -41.88
C THR A 2833 3.42 -33.04 -41.87
N GLN A 2834 3.14 -34.12 -42.60
CA GLN A 2834 1.81 -34.71 -42.53
C GLN A 2834 1.51 -35.23 -41.14
N LYS A 2835 2.48 -35.92 -40.52
CA LYS A 2835 2.26 -36.43 -39.17
C LYS A 2835 2.08 -35.29 -38.18
N LEU A 2836 2.88 -34.23 -38.32
CA LEU A 2836 2.73 -33.08 -37.43
C LEU A 2836 1.37 -32.42 -37.61
N LEU A 2837 0.89 -32.32 -38.85
CA LEU A 2837 -0.42 -31.73 -39.08
C LEU A 2837 -1.51 -32.56 -38.45
N GLN A 2838 -1.41 -33.89 -38.55
CA GLN A 2838 -2.38 -34.75 -37.88
C GLN A 2838 -2.33 -34.55 -36.37
N ASP A 2839 -1.13 -34.45 -35.81
CA ASP A 2839 -1.00 -34.21 -34.38
C ASP A 2839 -1.61 -32.89 -33.96
N PHE A 2840 -1.44 -31.83 -34.75
CA PHE A 2840 -2.02 -30.55 -34.40
C PHE A 2840 -3.54 -30.55 -34.52
N ASN A 2841 -4.08 -31.24 -35.54
CA ASN A 2841 -5.52 -31.43 -35.60
C ASN A 2841 -6.03 -32.15 -34.37
N ARG A 2842 -5.31 -33.20 -33.94
CA ARG A 2842 -5.71 -33.91 -32.74
C ARG A 2842 -5.64 -33.02 -31.50
N PHE A 2843 -4.64 -32.14 -31.44
CA PHE A 2843 -4.56 -31.20 -30.34
C PHE A 2843 -5.77 -30.30 -30.29
N LEU A 2844 -6.10 -29.66 -31.40
CA LEU A 2844 -7.15 -28.65 -31.39
C LEU A 2844 -8.53 -29.28 -31.23
N ASN A 2845 -8.76 -30.44 -31.85
CA ASN A 2845 -10.08 -31.03 -31.79
C ASN A 2845 -10.42 -31.61 -30.42
N THR A 2846 -9.41 -31.97 -29.62
CA THR A 2846 -9.68 -32.70 -28.39
C THR A 2846 -9.20 -31.95 -27.16
N THR A 2847 -9.48 -30.65 -27.08
CA THR A 2847 -9.16 -29.84 -25.93
C THR A 2847 -10.46 -29.37 -25.29
N PHE A 2848 -10.55 -29.47 -23.96
CA PHE A 2848 -11.72 -28.96 -23.27
C PHE A 2848 -11.45 -27.73 -22.43
N SER A 2849 -10.21 -27.49 -22.03
CA SER A 2849 -9.83 -26.29 -21.29
C SER A 2849 -8.91 -25.48 -22.18
N PHE A 2850 -9.50 -24.63 -23.03
CA PHE A 2850 -8.72 -23.99 -24.06
C PHE A 2850 -7.76 -22.99 -23.43
N PHE A 2851 -6.54 -23.43 -23.17
CA PHE A 2851 -5.54 -22.57 -22.58
C PHE A 2851 -5.06 -21.58 -23.62
N PRO A 2852 -5.17 -20.27 -23.40
CA PRO A 2852 -4.83 -19.31 -24.43
C PRO A 2852 -3.39 -19.46 -24.91
N PRO A 2853 -2.39 -19.51 -24.02
CA PRO A 2853 -1.02 -19.64 -24.53
C PRO A 2853 -0.81 -20.88 -25.37
N PHE A 2854 -1.40 -22.01 -24.99
CA PHE A 2854 -1.18 -23.23 -25.76
C PHE A 2854 -1.81 -23.14 -27.14
N VAL A 2855 -3.05 -22.67 -27.22
CA VAL A 2855 -3.73 -22.56 -28.51
C VAL A 2855 -3.01 -21.56 -29.40
N SER A 2856 -2.65 -20.40 -28.85
CA SER A 2856 -1.95 -19.43 -29.66
C SER A 2856 -0.58 -19.94 -30.09
N CYS A 2857 0.06 -20.78 -29.28
CA CYS A 2857 1.34 -21.36 -29.70
C CYS A 2857 1.15 -22.34 -30.84
N ILE A 2858 0.13 -23.20 -30.76
CA ILE A 2858 -0.13 -24.14 -31.84
C ILE A 2858 -0.38 -23.39 -33.14
N GLN A 2859 -1.20 -22.34 -33.08
CA GLN A 2859 -1.51 -21.64 -34.32
C GLN A 2859 -0.37 -20.76 -34.80
N ASP A 2860 0.43 -20.19 -33.90
CA ASP A 2860 1.61 -19.44 -34.33
C ASP A 2860 2.64 -20.34 -34.97
N ILE A 2861 2.80 -21.57 -34.47
CA ILE A 2861 3.67 -22.53 -35.13
C ILE A 2861 3.13 -22.89 -36.50
N SER A 2862 1.81 -23.13 -36.59
CA SER A 2862 1.23 -23.52 -37.86
C SER A 2862 1.35 -22.41 -38.89
N CYS A 2863 1.27 -21.16 -38.45
CA CYS A 2863 1.26 -20.04 -39.39
C CYS A 2863 2.55 -19.93 -40.19
N GLN A 2864 3.70 -20.17 -39.55
CA GLN A 2864 4.98 -19.82 -40.13
C GLN A 2864 5.56 -20.90 -41.03
N HIS A 2865 4.91 -22.05 -41.16
CA HIS A 2865 5.42 -23.14 -41.97
C HIS A 2865 4.46 -23.42 -43.11
N ALA A 2866 4.97 -23.48 -44.34
CA ALA A 2866 4.13 -23.54 -45.52
C ALA A 2866 3.37 -24.85 -45.64
N ALA A 2867 3.70 -25.87 -44.84
CA ALA A 2867 3.02 -27.15 -44.95
C ALA A 2867 1.97 -27.38 -43.89
N LEU A 2868 2.04 -26.66 -42.78
CA LEU A 2868 1.08 -26.83 -41.69
C LEU A 2868 -0.12 -25.91 -41.82
N LEU A 2869 -0.21 -25.14 -42.90
CA LEU A 2869 -1.33 -24.22 -43.06
C LEU A 2869 -2.65 -24.92 -43.33
N SER A 2870 -2.62 -26.21 -43.67
CA SER A 2870 -3.85 -26.96 -43.95
C SER A 2870 -4.60 -27.34 -42.70
N LEU A 2871 -4.28 -26.71 -41.58
CA LEU A 2871 -4.93 -26.99 -40.31
C LEU A 2871 -6.43 -26.74 -40.44
N ASP A 2872 -7.23 -27.57 -39.76
CA ASP A 2872 -8.68 -27.56 -39.95
C ASP A 2872 -9.28 -26.19 -39.64
N PRO A 2873 -9.99 -25.58 -40.59
CA PRO A 2873 -10.62 -24.29 -40.30
C PRO A 2873 -11.64 -24.34 -39.18
N ALA A 2874 -12.43 -25.41 -39.11
CA ALA A 2874 -13.42 -25.51 -38.03
C ALA A 2874 -12.75 -25.58 -36.67
N ALA A 2875 -11.69 -26.38 -36.57
CA ALA A 2875 -10.96 -26.49 -35.32
C ALA A 2875 -10.35 -25.15 -34.93
N VAL A 2876 -9.77 -24.45 -35.91
CA VAL A 2876 -9.17 -23.15 -35.62
C VAL A 2876 -10.23 -22.17 -35.13
N SER A 2877 -11.38 -22.13 -35.79
CA SER A 2877 -12.44 -21.22 -35.38
C SER A 2877 -12.90 -21.52 -33.96
N ALA A 2878 -13.17 -22.78 -33.66
CA ALA A 2878 -13.63 -23.14 -32.33
C ALA A 2878 -12.58 -22.80 -31.29
N GLY A 2879 -11.32 -23.12 -31.57
CA GLY A 2879 -10.26 -22.88 -30.60
C GLY A 2879 -10.05 -21.40 -30.33
N CYS A 2880 -10.08 -20.58 -31.36
CA CYS A 2880 -9.86 -19.15 -31.17
C CYS A 2880 -11.07 -18.47 -30.56
N LEU A 2881 -12.28 -18.96 -30.83
CA LEU A 2881 -13.46 -18.35 -30.22
C LEU A 2881 -13.56 -18.73 -28.75
N ALA A 2882 -13.24 -19.98 -28.40
CA ALA A 2882 -13.41 -20.41 -27.03
C ALA A 2882 -12.38 -19.82 -26.10
N SER A 2883 -11.18 -19.53 -26.60
CA SER A 2883 -10.11 -18.99 -25.78
C SER A 2883 -9.94 -17.49 -25.94
N LEU A 2884 -10.82 -16.82 -26.69
CA LEU A 2884 -10.74 -15.38 -26.92
C LEU A 2884 -9.37 -14.99 -27.48
N GLN A 2885 -8.90 -15.77 -28.45
CA GLN A 2885 -7.65 -15.49 -29.14
C GLN A 2885 -7.91 -15.30 -30.63
N GLN A 2886 -8.92 -14.48 -30.97
CA GLN A 2886 -9.29 -14.30 -32.36
C GLN A 2886 -8.13 -13.88 -33.26
N PRO A 2887 -7.30 -12.89 -32.91
CA PRO A 2887 -6.32 -12.41 -33.89
C PRO A 2887 -5.37 -13.48 -34.40
N VAL A 2888 -4.98 -14.44 -33.55
CA VAL A 2888 -4.08 -15.48 -34.02
C VAL A 2888 -4.75 -16.34 -35.07
N GLY A 2889 -6.01 -16.73 -34.83
CA GLY A 2889 -6.73 -17.49 -35.82
C GLY A 2889 -6.94 -16.71 -37.11
N ILE A 2890 -7.18 -15.40 -36.98
CA ILE A 2890 -7.34 -14.57 -38.17
C ILE A 2890 -6.06 -14.55 -38.99
N ARG A 2891 -4.91 -14.41 -38.33
CA ARG A 2891 -3.65 -14.42 -39.05
C ARG A 2891 -3.42 -15.77 -39.71
N LEU A 2892 -3.70 -16.86 -39.00
CA LEU A 2892 -3.51 -18.17 -39.61
C LEU A 2892 -4.40 -18.36 -40.83
N LEU A 2893 -5.67 -17.96 -40.73
CA LEU A 2893 -6.58 -18.17 -41.84
C LEU A 2893 -6.30 -17.23 -42.99
N GLU A 2894 -5.76 -16.04 -42.71
CA GLU A 2894 -5.36 -15.16 -43.80
C GLU A 2894 -4.12 -15.70 -44.51
N GLU A 2895 -3.19 -16.31 -43.77
CA GLU A 2895 -2.06 -16.95 -44.43
C GLU A 2895 -2.51 -18.15 -45.25
N ALA A 2896 -3.43 -18.94 -44.72
CA ALA A 2896 -3.89 -20.12 -45.44
C ALA A 2896 -4.61 -19.73 -46.72
N LEU A 2897 -5.16 -18.53 -46.79
CA LEU A 2897 -5.91 -18.10 -47.97
C LEU A 2897 -5.02 -17.49 -49.04
N LEU A 2898 -3.73 -17.31 -48.77
CA LEU A 2898 -2.81 -16.75 -49.75
C LEU A 2898 -1.97 -17.82 -50.41
N ARG A 2899 -1.20 -18.57 -49.62
CA ARG A 2899 -0.18 -19.44 -50.16
C ARG A 2899 -0.43 -20.93 -49.93
N LEU A 2900 -1.57 -21.30 -49.37
CA LEU A 2900 -1.91 -22.73 -49.35
C LEU A 2900 -2.24 -23.22 -50.75
N LEU A 2901 -3.09 -22.48 -51.46
CA LEU A 2901 -3.32 -22.72 -52.87
C LEU A 2901 -2.78 -21.53 -53.65
N PRO A 2902 -1.67 -21.68 -54.38
CA PRO A 2902 -1.06 -20.56 -55.12
C PRO A 2902 -1.89 -20.17 -56.33
N LEU A 2916 -18.34 -28.23 -50.97
CA LEU A 2916 -17.79 -26.88 -51.01
C LEU A 2916 -16.26 -26.94 -50.92
N PRO A 2917 -15.59 -26.11 -51.71
CA PRO A 2917 -14.12 -26.10 -51.74
C PRO A 2917 -13.58 -25.64 -50.40
N PRO A 2918 -12.34 -26.00 -50.07
CA PRO A 2918 -11.77 -25.55 -48.79
C PRO A 2918 -11.65 -24.03 -48.69
N ASP A 2919 -11.51 -23.33 -49.81
CA ASP A 2919 -11.36 -21.88 -49.75
C ASP A 2919 -12.62 -21.20 -49.23
N VAL A 2920 -13.79 -21.64 -49.66
CA VAL A 2920 -15.01 -21.02 -49.16
C VAL A 2920 -15.21 -21.37 -47.70
N LEU A 2921 -14.78 -22.56 -47.29
CA LEU A 2921 -14.84 -22.90 -45.87
C LEU A 2921 -13.96 -21.99 -45.04
N ARG A 2922 -12.74 -21.72 -45.52
CA ARG A 2922 -11.86 -20.81 -44.80
C ARG A 2922 -12.42 -19.41 -44.78
N TRP A 2923 -13.05 -18.98 -45.88
CA TRP A 2923 -13.68 -17.66 -45.89
C TRP A 2923 -14.81 -17.59 -44.86
N VAL A 2924 -15.63 -18.64 -44.77
CA VAL A 2924 -16.71 -18.65 -43.80
C VAL A 2924 -16.15 -18.57 -42.38
N GLU A 2925 -15.10 -19.34 -42.10
CA GLU A 2925 -14.53 -19.31 -40.76
C GLU A 2925 -13.89 -17.97 -40.45
N LEU A 2926 -13.22 -17.35 -41.41
CA LEU A 2926 -12.64 -16.04 -41.18
C LEU A 2926 -13.73 -15.01 -40.93
N ALA A 2927 -14.85 -15.11 -41.64
CA ALA A 2927 -15.99 -14.23 -41.37
C ALA A 2927 -16.51 -14.45 -39.96
N LYS A 2928 -16.58 -15.71 -39.53
CA LYS A 2928 -17.02 -15.99 -38.17
C LYS A 2928 -16.08 -15.40 -37.14
N LEU A 2929 -14.78 -15.36 -37.45
CA LEU A 2929 -13.83 -14.76 -36.50
C LEU A 2929 -13.96 -13.25 -36.45
N TYR A 2930 -14.08 -12.60 -37.60
CA TYR A 2930 -14.31 -11.15 -37.61
C TYR A 2930 -15.61 -10.76 -36.91
N ARG A 2931 -16.68 -11.53 -37.10
CA ARG A 2931 -17.94 -11.16 -36.48
C ARG A 2931 -17.83 -11.11 -34.96
N SER A 2932 -16.89 -11.85 -34.38
CA SER A 2932 -16.73 -11.87 -32.93
C SER A 2932 -15.76 -10.81 -32.42
N ILE A 2933 -14.98 -10.19 -33.30
CA ILE A 2933 -14.01 -9.19 -32.91
C ILE A 2933 -14.51 -7.78 -33.20
N GLY A 2934 -15.81 -7.62 -33.40
CA GLY A 2934 -16.35 -6.39 -33.94
C GLY A 2934 -16.23 -6.38 -35.45
N GLU A 2935 -15.63 -5.33 -36.00
CA GLU A 2935 -15.16 -5.30 -37.38
C GLU A 2935 -16.21 -5.84 -38.35
N TYR A 2936 -17.35 -5.15 -38.41
CA TYR A 2936 -18.34 -5.50 -39.41
C TYR A 2936 -17.98 -4.93 -40.78
N ASP A 2937 -17.16 -3.87 -40.82
CA ASP A 2937 -16.80 -3.25 -42.08
C ASP A 2937 -16.07 -4.23 -42.99
N VAL A 2938 -15.20 -5.06 -42.42
CA VAL A 2938 -14.48 -6.05 -43.20
C VAL A 2938 -15.25 -7.35 -43.33
N LEU A 2939 -16.15 -7.64 -42.40
CA LEU A 2939 -17.05 -8.78 -42.58
C LEU A 2939 -17.91 -8.61 -43.82
N ARG A 2940 -18.44 -7.40 -44.02
CA ARG A 2940 -19.22 -7.16 -45.24
C ARG A 2940 -18.35 -7.30 -46.47
N GLY A 2941 -17.09 -6.89 -46.39
CA GLY A 2941 -16.20 -7.03 -47.52
C GLY A 2941 -15.91 -8.47 -47.86
N ILE A 2942 -15.81 -9.33 -46.85
CA ILE A 2942 -15.69 -10.76 -47.09
C ILE A 2942 -16.95 -11.29 -47.76
N PHE A 2943 -18.12 -10.88 -47.24
CA PHE A 2943 -19.37 -11.48 -47.70
C PHE A 2943 -19.75 -11.02 -49.11
N THR A 2944 -19.36 -9.83 -49.50
CA THR A 2944 -19.78 -9.30 -50.79
C THR A 2944 -18.85 -9.66 -51.94
N SER A 2945 -17.72 -10.30 -51.66
CA SER A 2945 -16.76 -10.60 -52.71
C SER A 2945 -16.54 -12.09 -52.92
N GLU A 2946 -16.23 -12.84 -51.86
CA GLU A 2946 -15.86 -14.23 -52.03
C GLU A 2946 -16.97 -15.23 -51.72
N ILE A 2947 -17.94 -14.85 -50.90
CA ILE A 2947 -19.03 -15.75 -50.56
C ILE A 2947 -20.24 -15.43 -51.42
N GLY A 2948 -20.75 -14.20 -51.31
CA GLY A 2948 -21.87 -13.78 -52.12
C GLY A 2948 -21.59 -13.81 -53.61
N THR A 2949 -22.47 -14.45 -54.36
CA THR A 2949 -22.32 -14.55 -55.81
C THR A 2949 -23.48 -13.97 -56.60
N LYS A 2950 -24.68 -13.93 -56.02
CA LYS A 2950 -25.83 -13.37 -56.70
C LYS A 2950 -25.85 -11.86 -56.53
N GLN A 2951 -26.84 -11.21 -57.14
CA GLN A 2951 -27.00 -9.77 -56.98
C GLN A 2951 -27.93 -9.40 -55.85
N ILE A 2952 -28.79 -10.33 -55.42
CA ILE A 2952 -29.68 -10.05 -54.30
C ILE A 2952 -28.91 -10.02 -52.98
N THR A 2953 -27.69 -10.55 -52.96
CA THR A 2953 -26.81 -10.41 -51.80
C THR A 2953 -25.89 -9.21 -51.93
N GLN A 2954 -25.93 -8.50 -53.06
CA GLN A 2954 -25.26 -7.22 -53.19
C GLN A 2954 -26.21 -6.09 -52.82
N SER A 2955 -27.41 -6.12 -53.38
CA SER A 2955 -28.41 -5.10 -53.07
C SER A 2955 -28.86 -5.15 -51.62
N ALA A 2956 -28.61 -6.25 -50.93
CA ALA A 2956 -28.98 -6.35 -49.53
C ALA A 2956 -27.87 -5.88 -48.61
N LEU A 2957 -26.62 -6.22 -48.91
CA LEU A 2957 -25.52 -5.69 -48.13
C LEU A 2957 -25.40 -4.18 -48.30
N LEU A 2958 -25.65 -3.68 -49.51
CA LEU A 2958 -25.62 -2.24 -49.74
C LEU A 2958 -26.66 -1.53 -48.88
N ALA A 2959 -27.85 -2.11 -48.75
CA ALA A 2959 -28.89 -1.51 -47.94
C ALA A 2959 -28.67 -1.70 -46.45
N GLU A 2960 -27.99 -2.77 -46.04
CA GLU A 2960 -27.67 -2.94 -44.64
C GLU A 2960 -26.56 -2.02 -44.19
N ALA A 2961 -25.67 -1.64 -45.10
CA ALA A 2961 -24.60 -0.70 -44.74
C ALA A 2961 -25.14 0.69 -44.41
N ARG A 2962 -26.29 1.07 -44.96
CA ARG A 2962 -26.87 2.38 -44.74
C ARG A 2962 -27.71 2.45 -43.48
N SER A 2963 -27.71 1.40 -42.66
CA SER A 2963 -28.68 1.25 -41.57
C SER A 2963 -30.10 1.28 -42.09
N ASP A 2964 -30.30 0.82 -43.33
CA ASP A 2964 -31.62 0.67 -43.92
C ASP A 2964 -32.06 -0.79 -43.80
N TYR A 2965 -32.32 -1.19 -42.56
CA TYR A 2965 -32.53 -2.60 -42.25
C TYR A 2965 -33.82 -3.16 -42.81
N SER A 2966 -34.83 -2.32 -43.05
CA SER A 2966 -36.09 -2.81 -43.59
C SER A 2966 -35.87 -3.48 -44.94
N GLU A 2967 -35.18 -2.79 -45.85
CA GLU A 2967 -34.93 -3.34 -47.18
C GLU A 2967 -34.02 -4.55 -47.12
N ALA A 2968 -33.03 -4.53 -46.23
CA ALA A 2968 -32.13 -5.67 -46.12
C ALA A 2968 -32.90 -6.92 -45.68
N ALA A 2969 -33.72 -6.79 -44.64
CA ALA A 2969 -34.50 -7.94 -44.19
C ALA A 2969 -35.47 -8.40 -45.26
N LYS A 2970 -36.11 -7.46 -45.94
CA LYS A 2970 -37.06 -7.84 -46.99
C LYS A 2970 -36.36 -8.59 -48.12
N GLN A 2971 -35.20 -8.12 -48.54
CA GLN A 2971 -34.50 -8.76 -49.64
C GLN A 2971 -33.96 -10.13 -49.23
N TYR A 2972 -33.48 -10.26 -48.00
CA TYR A 2972 -33.05 -11.57 -47.53
C TYR A 2972 -34.20 -12.55 -47.50
N ASP A 2973 -35.36 -12.13 -46.97
CA ASP A 2973 -36.51 -13.03 -46.93
C ASP A 2973 -36.95 -13.40 -48.34
N GLU A 2974 -36.93 -12.44 -49.26
CA GLU A 2974 -37.30 -12.73 -50.64
C GLU A 2974 -36.32 -13.70 -51.29
N ALA A 2975 -35.04 -13.59 -50.97
CA ALA A 2975 -34.03 -14.43 -51.60
C ALA A 2975 -34.05 -15.85 -51.04
N LEU A 2976 -34.33 -16.00 -49.74
CA LEU A 2976 -34.29 -17.34 -49.15
C LEU A 2976 -35.29 -18.27 -49.79
N ASN A 2977 -36.51 -17.80 -50.04
CA ASN A 2977 -37.59 -18.64 -50.54
C ASN A 2977 -37.91 -18.34 -52.01
N LYS A 2978 -36.88 -18.10 -52.81
CA LYS A 2978 -37.02 -18.01 -54.25
C LYS A 2978 -36.46 -19.30 -54.85
N GLN A 2979 -37.30 -20.01 -55.62
CA GLN A 2979 -36.91 -21.32 -56.15
C GLN A 2979 -36.38 -21.28 -57.57
N ASP A 2980 -36.61 -20.20 -58.31
CA ASP A 2980 -36.16 -20.09 -59.68
C ASP A 2980 -34.92 -19.20 -59.75
N TRP A 2981 -33.96 -19.59 -60.58
CA TRP A 2981 -32.76 -18.81 -60.80
C TRP A 2981 -32.37 -18.93 -62.26
N VAL A 2982 -32.23 -17.79 -62.95
CA VAL A 2982 -31.91 -17.80 -64.37
C VAL A 2982 -30.54 -18.43 -64.61
N ASP A 2983 -29.63 -18.35 -63.64
CA ASP A 2983 -28.33 -18.97 -63.77
C ASP A 2983 -27.86 -19.46 -62.41
N GLY A 2984 -27.54 -20.75 -62.31
CA GLY A 2984 -26.98 -21.28 -61.10
C GLY A 2984 -28.00 -21.46 -59.99
N GLU A 2985 -27.46 -21.74 -58.80
CA GLU A 2985 -28.23 -21.95 -57.60
C GLU A 2985 -27.34 -21.51 -56.45
N PRO A 2986 -27.87 -20.81 -55.46
CA PRO A 2986 -27.03 -20.30 -54.38
C PRO A 2986 -26.28 -21.41 -53.66
N THR A 2987 -24.99 -21.19 -53.43
CA THR A 2987 -24.20 -22.15 -52.68
C THR A 2987 -24.63 -22.15 -51.23
N GLU A 2988 -24.31 -23.25 -50.54
CA GLU A 2988 -24.82 -23.44 -49.19
C GLU A 2988 -24.28 -22.38 -48.23
N ALA A 2989 -23.03 -21.95 -48.42
CA ALA A 2989 -22.50 -20.87 -47.60
C ALA A 2989 -23.30 -19.60 -47.77
N GLU A 2990 -23.69 -19.28 -49.00
CA GLU A 2990 -24.48 -18.09 -49.25
C GLU A 2990 -25.82 -18.16 -48.54
N LYS A 2991 -26.49 -19.31 -48.59
CA LYS A 2991 -27.79 -19.42 -47.95
C LYS A 2991 -27.68 -19.38 -46.43
N ASP A 2992 -26.62 -19.99 -45.88
CA ASP A 2992 -26.39 -19.86 -44.45
C ASP A 2992 -26.17 -18.41 -44.07
N PHE A 2993 -25.42 -17.67 -44.88
CA PHE A 2993 -25.21 -16.25 -44.61
C PHE A 2993 -26.53 -15.48 -44.67
N TRP A 2994 -27.39 -15.80 -45.63
CA TRP A 2994 -28.69 -15.13 -45.72
C TRP A 2994 -29.51 -15.37 -44.47
N GLU A 2995 -29.65 -16.63 -44.08
CA GLU A 2995 -30.51 -16.95 -42.95
C GLU A 2995 -29.86 -16.64 -41.61
N LEU A 2996 -28.60 -16.25 -41.60
CA LEU A 2996 -27.98 -15.72 -40.39
C LEU A 2996 -27.94 -14.20 -40.34
N ALA A 2997 -28.03 -13.54 -41.49
CA ALA A 2997 -28.05 -12.09 -41.51
C ALA A 2997 -29.45 -11.51 -41.45
N SER A 2998 -30.45 -12.23 -41.94
CA SER A 2998 -31.81 -11.77 -41.70
C SER A 2998 -32.15 -11.75 -40.22
N LEU A 2999 -31.53 -12.63 -39.43
CA LEU A 2999 -31.69 -12.54 -37.98
C LEU A 2999 -31.15 -11.23 -37.44
N ASP A 3000 -29.97 -10.81 -37.89
CA ASP A 3000 -29.44 -9.54 -37.44
C ASP A 3000 -30.30 -8.37 -37.90
N CYS A 3001 -30.83 -8.46 -39.11
CA CYS A 3001 -31.71 -7.39 -39.59
C CYS A 3001 -32.96 -7.29 -38.73
N TYR A 3002 -33.55 -8.42 -38.37
CA TYR A 3002 -34.71 -8.37 -37.48
C TYR A 3002 -34.32 -7.93 -36.07
N ASN A 3003 -33.08 -8.20 -35.66
CA ASN A 3003 -32.65 -7.83 -34.33
C ASN A 3003 -32.33 -6.35 -34.20
N HIS A 3004 -31.85 -5.71 -35.27
CA HIS A 3004 -31.58 -4.28 -35.21
C HIS A 3004 -32.86 -3.47 -35.28
N LEU A 3005 -33.83 -3.91 -36.07
CA LEU A 3005 -35.20 -3.52 -35.84
C LEU A 3005 -35.69 -4.12 -34.54
N ALA A 3006 -36.92 -3.82 -34.14
CA ALA A 3006 -37.45 -4.56 -33.01
C ALA A 3006 -37.95 -5.92 -33.47
N GLU A 3007 -39.02 -5.93 -34.26
CA GLU A 3007 -39.53 -7.11 -34.98
C GLU A 3007 -39.37 -8.39 -34.18
N TRP A 3008 -39.76 -8.34 -32.90
CA TRP A 3008 -39.60 -9.52 -32.06
C TRP A 3008 -40.45 -10.67 -32.55
N LYS A 3009 -41.70 -10.38 -32.95
CA LYS A 3009 -42.56 -11.44 -33.47
C LYS A 3009 -41.93 -12.10 -34.68
N SER A 3010 -41.37 -11.32 -35.60
CA SER A 3010 -40.75 -11.90 -36.77
C SER A 3010 -39.46 -12.62 -36.41
N LEU A 3011 -38.69 -12.08 -35.47
CA LEU A 3011 -37.42 -12.69 -35.12
C LEU A 3011 -37.61 -14.04 -34.46
N GLU A 3012 -38.65 -14.17 -33.63
CA GLU A 3012 -38.88 -15.41 -32.89
C GLU A 3012 -39.84 -16.34 -33.61
N TYR A 3013 -41.07 -15.88 -33.85
CA TYR A 3013 -42.13 -16.68 -34.46
C TYR A 3013 -41.63 -17.45 -35.68
N CYS A 3014 -40.69 -16.88 -36.42
CA CYS A 3014 -40.00 -17.59 -37.48
C CYS A 3014 -38.55 -17.15 -37.47
N SER A 3015 -37.77 -17.74 -38.37
CA SER A 3015 -36.40 -17.35 -38.66
C SER A 3015 -35.45 -17.69 -37.52
N THR A 3016 -35.98 -18.05 -36.36
CA THR A 3016 -35.17 -18.59 -35.28
C THR A 3016 -35.62 -19.96 -34.85
N ALA A 3017 -36.91 -20.13 -34.58
CA ALA A 3017 -37.48 -21.44 -34.34
C ALA A 3017 -37.84 -22.12 -35.66
N SER A 3018 -36.88 -22.15 -36.57
CA SER A 3018 -37.00 -22.92 -37.82
C SER A 3018 -35.80 -23.85 -37.85
N ILE A 3019 -35.93 -24.97 -37.14
CA ILE A 3019 -34.92 -26.02 -37.09
C ILE A 3019 -35.65 -27.35 -37.23
N ASP A 3020 -36.97 -27.30 -37.05
CA ASP A 3020 -37.82 -28.47 -37.13
C ASP A 3020 -38.92 -28.22 -38.16
N SER A 3021 -39.25 -29.26 -38.92
CA SER A 3021 -40.27 -29.12 -39.95
C SER A 3021 -41.64 -28.83 -39.36
N GLU A 3022 -42.00 -29.52 -38.28
CA GLU A 3022 -43.33 -29.35 -37.71
C GLU A 3022 -43.46 -27.96 -37.11
N ASN A 3023 -44.62 -27.33 -37.35
CA ASN A 3023 -44.72 -25.88 -37.17
C ASN A 3023 -44.47 -25.42 -35.74
N PRO A 3024 -45.12 -25.95 -34.71
CA PRO A 3024 -44.65 -25.69 -33.35
C PRO A 3024 -43.49 -26.60 -33.00
N PRO A 3025 -42.27 -26.07 -32.93
CA PRO A 3025 -41.10 -26.93 -32.80
C PRO A 3025 -40.83 -27.36 -31.36
N ASP A 3026 -40.43 -28.62 -31.19
CA ASP A 3026 -40.04 -29.13 -29.88
C ASP A 3026 -38.56 -28.83 -29.64
N LEU A 3027 -38.29 -27.56 -29.42
CA LEU A 3027 -36.97 -27.02 -29.23
C LEU A 3027 -36.32 -27.44 -27.92
N ASN A 3028 -36.93 -28.33 -27.13
CA ASN A 3028 -36.37 -28.65 -25.82
C ASN A 3028 -35.02 -29.34 -25.94
N LYS A 3029 -34.95 -30.40 -26.75
CA LYS A 3029 -33.74 -31.17 -26.90
C LYS A 3029 -33.19 -31.21 -28.32
N ILE A 3030 -34.07 -31.09 -29.34
CA ILE A 3030 -33.62 -30.99 -30.71
C ILE A 3030 -32.77 -29.77 -30.96
N TRP A 3031 -32.73 -28.84 -30.00
CA TRP A 3031 -32.14 -27.53 -30.21
C TRP A 3031 -30.82 -27.37 -29.47
N SER A 3032 -30.66 -28.00 -28.32
CA SER A 3032 -29.39 -28.00 -27.60
C SER A 3032 -28.47 -29.13 -28.01
N GLU A 3033 -28.91 -30.00 -28.92
CA GLU A 3033 -28.14 -31.21 -29.22
C GLU A 3033 -26.96 -30.99 -30.17
N PRO A 3034 -27.05 -30.18 -31.23
CA PRO A 3034 -25.89 -30.04 -32.12
C PRO A 3034 -24.84 -29.10 -31.53
N PHE A 3035 -23.59 -29.33 -31.91
CA PHE A 3035 -22.54 -28.37 -31.60
C PHE A 3035 -22.77 -27.05 -32.33
N TYR A 3036 -23.51 -27.09 -33.44
CA TYR A 3036 -24.05 -25.90 -34.08
C TYR A 3036 -25.27 -25.45 -33.28
N GLN A 3037 -26.09 -24.58 -33.85
CA GLN A 3037 -27.25 -24.01 -33.17
C GLN A 3037 -26.83 -23.24 -31.91
N GLU A 3038 -25.59 -22.79 -31.88
CA GLU A 3038 -25.17 -21.73 -30.97
C GLU A 3038 -25.02 -20.42 -31.71
N THR A 3039 -25.57 -20.34 -32.92
CA THR A 3039 -25.82 -19.09 -33.60
C THR A 3039 -27.31 -18.76 -33.68
N TYR A 3040 -28.17 -19.71 -33.40
CA TYR A 3040 -29.61 -19.47 -33.33
C TYR A 3040 -30.11 -19.31 -31.90
N LEU A 3041 -29.45 -19.90 -30.92
CA LEU A 3041 -29.94 -19.83 -29.55
C LEU A 3041 -30.01 -18.42 -29.01
N PRO A 3042 -28.97 -17.58 -29.10
CA PRO A 3042 -29.09 -16.23 -28.53
C PRO A 3042 -30.23 -15.43 -29.13
N TYR A 3043 -30.46 -15.55 -30.43
CA TYR A 3043 -31.57 -14.84 -31.04
C TYR A 3043 -32.92 -15.42 -30.65
N MET A 3044 -32.95 -16.64 -30.13
CA MET A 3044 -34.19 -17.18 -29.61
C MET A 3044 -34.46 -16.67 -28.20
N ILE A 3045 -33.45 -16.75 -27.33
CA ILE A 3045 -33.62 -16.30 -25.96
C ILE A 3045 -33.91 -14.80 -25.92
N ARG A 3046 -33.14 -14.01 -26.67
CA ARG A 3046 -33.35 -12.57 -26.72
C ARG A 3046 -34.76 -12.23 -27.13
N SER A 3047 -35.23 -12.82 -28.22
CA SER A 3047 -36.55 -12.49 -28.73
C SER A 3047 -37.64 -12.89 -27.76
N LYS A 3048 -37.59 -14.12 -27.24
CA LYS A 3048 -38.64 -14.57 -26.34
C LYS A 3048 -38.66 -13.73 -25.07
N LEU A 3049 -37.49 -13.43 -24.51
CA LEU A 3049 -37.44 -12.65 -23.29
C LEU A 3049 -37.95 -11.24 -23.51
N LYS A 3050 -37.60 -10.61 -24.64
CA LYS A 3050 -38.09 -9.27 -24.89
C LYS A 3050 -39.60 -9.27 -25.10
N LEU A 3051 -40.12 -10.31 -25.76
CA LEU A 3051 -41.57 -10.41 -25.91
C LEU A 3051 -42.25 -10.53 -24.56
N LEU A 3052 -41.67 -11.32 -23.65
CA LEU A 3052 -42.24 -11.40 -22.30
C LEU A 3052 -42.20 -10.04 -21.61
N LEU A 3053 -41.03 -9.39 -21.63
CA LEU A 3053 -40.88 -8.13 -20.91
C LEU A 3053 -41.81 -7.05 -21.46
N GLN A 3054 -42.13 -7.10 -22.75
CA GLN A 3054 -42.98 -6.08 -23.34
C GLN A 3054 -44.44 -6.21 -22.95
N GLY A 3055 -44.76 -7.06 -21.98
CA GLY A 3055 -46.12 -7.19 -21.50
C GLY A 3055 -46.89 -8.34 -22.11
N GLU A 3056 -46.38 -8.97 -23.16
CA GLU A 3056 -47.05 -10.15 -23.72
C GLU A 3056 -46.91 -11.33 -22.78
N ALA A 3057 -47.90 -12.21 -22.82
CA ALA A 3057 -47.99 -13.33 -21.89
C ALA A 3057 -47.82 -14.65 -22.64
N ASP A 3058 -46.94 -15.50 -22.12
CA ASP A 3058 -46.73 -16.84 -22.65
C ASP A 3058 -45.89 -17.61 -21.65
N GLN A 3059 -45.78 -18.92 -21.88
CA GLN A 3059 -45.00 -19.79 -21.02
C GLN A 3059 -43.97 -20.61 -21.78
N SER A 3060 -43.80 -20.39 -23.08
CA SER A 3060 -42.94 -21.25 -23.89
C SER A 3060 -41.47 -21.11 -23.56
N LEU A 3061 -41.08 -20.09 -22.79
CA LEU A 3061 -39.67 -19.87 -22.53
C LEU A 3061 -39.19 -20.57 -21.26
N LEU A 3062 -39.82 -20.26 -20.13
CA LEU A 3062 -39.31 -20.74 -18.85
C LEU A 3062 -39.37 -22.25 -18.73
N THR A 3063 -40.36 -22.89 -19.35
CA THR A 3063 -40.43 -24.34 -19.33
C THR A 3063 -39.18 -24.94 -19.95
N PHE A 3064 -38.84 -24.50 -21.16
CA PHE A 3064 -37.63 -24.98 -21.80
C PHE A 3064 -36.39 -24.58 -21.01
N ILE A 3065 -36.42 -23.41 -20.37
CA ILE A 3065 -35.25 -22.95 -19.61
C ILE A 3065 -34.97 -23.90 -18.45
N ASP A 3066 -35.98 -24.20 -17.65
CA ASP A 3066 -35.76 -25.09 -16.52
C ASP A 3066 -35.50 -26.52 -16.98
N LYS A 3067 -36.15 -26.94 -18.07
CA LYS A 3067 -35.91 -28.28 -18.59
C LYS A 3067 -34.45 -28.46 -19.00
N ALA A 3068 -33.88 -27.48 -19.70
CA ALA A 3068 -32.47 -27.54 -20.04
C ALA A 3068 -31.58 -27.18 -18.88
N MET A 3069 -32.14 -26.66 -17.79
CA MET A 3069 -31.38 -26.39 -16.58
C MET A 3069 -31.27 -27.61 -15.67
N HIS A 3070 -32.18 -28.58 -15.79
CA HIS A 3070 -32.12 -29.75 -14.94
C HIS A 3070 -30.83 -30.54 -15.15
N GLY A 3071 -30.44 -30.75 -16.41
CA GLY A 3071 -29.28 -31.55 -16.75
C GLY A 3071 -28.06 -30.69 -16.96
N GLU A 3072 -26.96 -31.06 -16.31
CA GLU A 3072 -25.71 -30.36 -16.51
C GLU A 3072 -25.21 -30.56 -17.94
N LEU A 3073 -24.22 -29.75 -18.32
CA LEU A 3073 -23.68 -29.61 -19.67
C LEU A 3073 -24.69 -28.96 -20.62
N GLN A 3074 -25.91 -28.70 -20.17
CA GLN A 3074 -26.88 -27.94 -20.94
C GLN A 3074 -27.25 -26.71 -20.12
N LYS A 3075 -27.26 -26.86 -18.79
CA LYS A 3075 -27.39 -25.70 -17.92
C LYS A 3075 -26.09 -24.92 -17.83
N ALA A 3076 -24.96 -25.57 -18.14
CA ALA A 3076 -23.67 -24.91 -17.99
C ALA A 3076 -23.56 -23.71 -18.91
N ILE A 3077 -23.83 -23.90 -20.21
CA ILE A 3077 -23.76 -22.78 -21.15
C ILE A 3077 -24.86 -21.77 -20.85
N LEU A 3078 -26.07 -22.26 -20.55
CA LEU A 3078 -27.19 -21.40 -20.27
C LEU A 3078 -26.97 -20.54 -19.03
N GLU A 3079 -26.02 -20.89 -18.18
CA GLU A 3079 -25.71 -20.09 -17.01
C GLU A 3079 -24.41 -19.32 -17.11
N LEU A 3080 -23.49 -19.73 -17.97
CA LEU A 3080 -22.26 -18.95 -18.15
C LEU A 3080 -22.33 -18.01 -19.34
N HIS A 3081 -23.44 -17.99 -20.07
CA HIS A 3081 -23.59 -17.09 -21.21
C HIS A 3081 -24.72 -16.10 -21.02
N TYR A 3082 -25.89 -16.55 -20.58
CA TYR A 3082 -27.09 -15.73 -20.52
C TYR A 3082 -27.56 -15.51 -19.09
N SER A 3083 -26.63 -15.20 -18.19
CA SER A 3083 -27.00 -14.98 -16.80
C SER A 3083 -27.95 -13.79 -16.66
N GLN A 3084 -27.68 -12.71 -17.38
CA GLN A 3084 -28.56 -11.54 -17.29
C GLN A 3084 -29.96 -11.88 -17.78
N GLU A 3085 -30.06 -12.63 -18.87
CA GLU A 3085 -31.37 -13.03 -19.36
C GLU A 3085 -32.08 -13.93 -18.37
N LEU A 3086 -31.32 -14.79 -17.68
CA LEU A 3086 -31.93 -15.64 -16.65
C LEU A 3086 -32.47 -14.80 -15.49
N SER A 3087 -31.71 -13.80 -15.05
CA SER A 3087 -32.20 -12.94 -13.96
C SER A 3087 -33.46 -12.21 -14.39
N LEU A 3088 -33.46 -11.67 -15.61
CA LEU A 3088 -34.65 -10.97 -16.09
C LEU A 3088 -35.82 -11.92 -16.27
N LEU A 3089 -35.54 -13.20 -16.54
CA LEU A 3089 -36.62 -14.17 -16.68
C LEU A 3089 -37.23 -14.51 -15.33
N TYR A 3090 -36.39 -14.70 -14.32
CA TYR A 3090 -36.91 -15.05 -13.00
C TYR A 3090 -37.55 -13.87 -12.30
N LEU A 3091 -37.17 -12.65 -12.64
CA LEU A 3091 -37.90 -11.50 -12.11
C LEU A 3091 -39.34 -11.46 -12.60
N LEU A 3092 -39.65 -12.14 -13.69
CA LEU A 3092 -41.04 -12.22 -14.13
C LEU A 3092 -41.86 -13.11 -13.21
N GLN A 3093 -41.30 -14.25 -12.80
CA GLN A 3093 -41.97 -15.12 -11.83
C GLN A 3093 -41.88 -14.58 -10.42
N ASP A 3094 -41.11 -13.50 -10.21
CA ASP A 3094 -41.10 -12.76 -8.95
C ASP A 3094 -40.57 -13.61 -7.79
N ASP A 3095 -39.35 -14.12 -7.97
CA ASP A 3095 -38.58 -14.74 -6.88
C ASP A 3095 -37.19 -14.14 -6.95
N VAL A 3096 -36.97 -13.07 -6.22
CA VAL A 3096 -35.78 -12.23 -6.37
C VAL A 3096 -34.53 -12.93 -5.87
N ASP A 3097 -34.68 -14.08 -5.20
CA ASP A 3097 -33.51 -14.80 -4.72
C ASP A 3097 -32.70 -15.39 -5.87
N ARG A 3098 -33.36 -16.16 -6.75
CA ARG A 3098 -32.67 -16.69 -7.92
C ARG A 3098 -32.21 -15.58 -8.84
N ALA A 3099 -33.03 -14.53 -8.98
CA ALA A 3099 -32.63 -13.41 -9.82
C ALA A 3099 -31.36 -12.76 -9.29
N LYS A 3100 -31.28 -12.55 -7.98
CA LYS A 3100 -30.07 -11.99 -7.40
C LYS A 3100 -28.87 -12.91 -7.59
N TYR A 3101 -29.06 -14.21 -7.41
CA TYR A 3101 -27.91 -15.10 -7.54
C TYR A 3101 -27.39 -15.11 -8.98
N TYR A 3102 -28.29 -15.17 -9.96
CA TYR A 3102 -27.83 -15.10 -11.35
C TYR A 3102 -27.28 -13.75 -11.73
N ILE A 3103 -27.77 -12.65 -11.15
CA ILE A 3103 -27.17 -11.36 -11.49
C ILE A 3103 -25.76 -11.26 -10.92
N GLN A 3104 -25.53 -11.82 -9.73
CA GLN A 3104 -24.17 -11.90 -9.22
C GLN A 3104 -23.30 -12.73 -10.13
N ASN A 3105 -23.81 -13.87 -10.59
CA ASN A 3105 -23.05 -14.70 -11.51
C ASN A 3105 -22.79 -13.99 -12.82
N GLY A 3106 -23.73 -13.15 -13.26
CA GLY A 3106 -23.53 -12.39 -14.48
C GLY A 3106 -22.44 -11.35 -14.34
N ILE A 3107 -22.38 -10.68 -13.18
CA ILE A 3107 -21.28 -9.75 -12.93
C ILE A 3107 -19.95 -10.50 -12.96
N GLN A 3108 -19.90 -11.66 -12.32
CA GLN A 3108 -18.67 -12.44 -12.34
C GLN A 3108 -18.28 -12.85 -13.76
N SER A 3109 -19.27 -13.26 -14.55
CA SER A 3109 -19.01 -13.64 -15.93
C SER A 3109 -18.50 -12.46 -16.74
N PHE A 3110 -19.05 -11.28 -16.51
CA PHE A 3110 -18.56 -10.09 -17.21
C PHE A 3110 -17.11 -9.81 -16.84
N MET A 3111 -16.77 -9.95 -15.57
CA MET A 3111 -15.38 -9.74 -15.17
C MET A 3111 -14.46 -10.72 -15.86
N GLN A 3112 -14.83 -12.00 -15.88
CA GLN A 3112 -13.97 -13.01 -16.48
C GLN A 3112 -13.86 -12.79 -17.99
N ASN A 3113 -14.94 -12.37 -18.63
CA ASN A 3113 -14.93 -12.19 -20.08
C ASN A 3113 -14.15 -10.95 -20.47
N TYR A 3114 -14.26 -9.88 -19.70
CA TYR A 3114 -13.58 -8.63 -20.05
C TYR A 3114 -12.09 -8.72 -19.84
N SER A 3115 -11.63 -9.58 -18.93
CA SER A 3115 -10.20 -9.66 -18.66
C SER A 3115 -9.47 -10.35 -19.80
N SER A 3116 -10.05 -11.38 -20.38
CA SER A 3116 -9.37 -12.17 -21.40
C SER A 3116 -9.19 -11.43 -22.70
N ILE A 3117 -9.87 -10.32 -22.91
CA ILE A 3117 -9.79 -9.59 -24.16
C ILE A 3117 -8.53 -8.73 -24.18
N ASP A 3118 -7.74 -8.87 -25.25
CA ASP A 3118 -6.48 -8.16 -25.34
C ASP A 3118 -6.72 -6.65 -25.43
N VAL A 3119 -5.74 -5.88 -24.93
CA VAL A 3119 -5.91 -4.44 -24.80
C VAL A 3119 -5.91 -3.71 -26.12
N LEU A 3120 -5.70 -4.41 -27.24
CA LEU A 3120 -5.74 -3.77 -28.54
C LEU A 3120 -7.02 -4.04 -29.31
N LEU A 3121 -7.86 -4.96 -28.85
CA LEU A 3121 -9.15 -5.22 -29.46
C LEU A 3121 -10.16 -4.22 -28.90
N HIS A 3122 -9.91 -2.94 -29.17
CA HIS A 3122 -10.70 -1.88 -28.56
C HIS A 3122 -12.18 -2.01 -28.92
N GLN A 3123 -12.47 -2.28 -30.18
CA GLN A 3123 -13.86 -2.43 -30.60
C GLN A 3123 -14.52 -3.62 -29.93
N SER A 3124 -13.74 -4.63 -29.56
CA SER A 3124 -14.31 -5.78 -28.87
C SER A 3124 -14.38 -5.58 -27.36
N ARG A 3125 -13.74 -4.55 -26.83
CA ARG A 3125 -13.90 -4.20 -25.42
C ARG A 3125 -15.06 -3.25 -25.23
N LEU A 3126 -15.29 -2.35 -26.19
CA LEU A 3126 -16.46 -1.49 -26.13
C LEU A 3126 -17.74 -2.31 -26.10
N THR A 3127 -17.77 -3.43 -26.82
CA THR A 3127 -18.98 -4.25 -26.84
C THR A 3127 -19.29 -4.80 -25.46
N LYS A 3128 -18.28 -5.28 -24.73
CA LYS A 3128 -18.53 -5.74 -23.37
C LYS A 3128 -18.88 -4.59 -22.45
N LEU A 3129 -18.15 -3.47 -22.57
CA LEU A 3129 -18.35 -2.38 -21.64
C LEU A 3129 -19.71 -1.71 -21.81
N GLN A 3130 -20.26 -1.72 -23.01
CA GLN A 3130 -21.57 -1.12 -23.21
C GLN A 3130 -22.65 -1.89 -22.46
N SER A 3131 -22.45 -3.18 -22.23
CA SER A 3131 -23.44 -4.04 -21.59
C SER A 3131 -23.19 -4.19 -20.10
N VAL A 3132 -22.66 -3.16 -19.45
CA VAL A 3132 -22.51 -3.17 -18.00
C VAL A 3132 -23.55 -2.34 -17.30
N GLN A 3133 -24.12 -1.33 -17.96
CA GLN A 3133 -25.18 -0.56 -17.31
C GLN A 3133 -26.46 -1.36 -17.23
N ALA A 3134 -26.80 -2.10 -18.29
CA ALA A 3134 -27.96 -2.97 -18.24
C ALA A 3134 -27.80 -4.06 -17.21
N LEU A 3135 -26.58 -4.34 -16.79
CA LEU A 3135 -26.30 -5.37 -15.79
C LEU A 3135 -26.37 -4.84 -14.37
N THR A 3136 -26.11 -3.55 -14.16
CA THR A 3136 -26.19 -2.95 -12.84
C THR A 3136 -27.38 -2.01 -12.70
N GLU A 3137 -28.32 -2.06 -13.63
CA GLU A 3137 -29.64 -1.51 -13.37
C GLU A 3137 -30.57 -2.57 -12.84
N ILE A 3138 -30.42 -3.81 -13.28
CA ILE A 3138 -31.15 -4.91 -12.67
C ILE A 3138 -30.80 -5.01 -11.19
N GLN A 3139 -29.52 -4.89 -10.86
CA GLN A 3139 -29.12 -4.99 -9.47
C GLN A 3139 -29.64 -3.81 -8.65
N GLU A 3140 -29.65 -2.62 -9.24
CA GLU A 3140 -30.22 -1.47 -8.54
C GLU A 3140 -31.70 -1.67 -8.27
N PHE A 3141 -32.42 -2.22 -9.24
CA PHE A 3141 -33.84 -2.50 -9.03
C PHE A 3141 -34.03 -3.60 -7.99
N ILE A 3142 -33.17 -4.61 -7.97
CA ILE A 3142 -33.26 -5.65 -6.95
C ILE A 3142 -33.06 -5.06 -5.57
N SER A 3143 -32.06 -4.19 -5.41
CA SER A 3143 -31.84 -3.54 -4.12
C SER A 3143 -33.02 -2.66 -3.73
N PHE A 3144 -33.61 -1.96 -4.71
CA PHE A 3144 -34.77 -1.12 -4.41
C PHE A 3144 -35.96 -1.96 -3.98
N ILE A 3145 -36.17 -3.11 -4.61
CA ILE A 3145 -37.37 -3.89 -4.36
C ILE A 3145 -37.24 -4.81 -3.16
N SER A 3146 -36.03 -5.23 -2.80
CA SER A 3146 -35.85 -6.11 -1.65
C SER A 3146 -36.20 -5.43 -0.34
N LYS A 3147 -36.33 -4.11 -0.34
CA LYS A 3147 -36.74 -3.36 0.84
C LYS A 3147 -38.18 -2.90 0.66
N GLN A 3148 -39.02 -3.14 1.66
CA GLN A 3148 -40.39 -2.66 1.63
C GLN A 3148 -40.53 -1.28 2.25
N GLY A 3149 -39.55 -0.84 3.03
CA GLY A 3149 -39.61 0.49 3.60
C GLY A 3149 -39.57 1.58 2.55
N ASN A 3150 -38.73 1.40 1.52
CA ASN A 3150 -38.56 2.40 0.47
C ASN A 3150 -39.57 2.24 -0.65
N LEU A 3151 -40.72 1.62 -0.38
CA LEU A 3151 -41.88 1.73 -1.26
C LEU A 3151 -43.07 2.06 -0.36
N SER A 3152 -43.21 3.34 0.00
CA SER A 3152 -44.37 3.78 0.75
C SER A 3152 -44.88 5.16 0.34
N SER A 3153 -44.18 5.86 -0.54
CA SER A 3153 -44.50 7.25 -0.88
C SER A 3153 -43.66 7.66 -2.07
N GLN A 3154 -43.77 8.94 -2.44
CA GLN A 3154 -43.04 9.48 -3.57
C GLN A 3154 -41.58 9.81 -3.25
N VAL A 3155 -41.19 9.74 -1.98
CA VAL A 3155 -39.83 10.14 -1.62
C VAL A 3155 -38.77 9.26 -2.25
N PRO A 3156 -38.83 7.92 -2.14
CA PRO A 3156 -37.76 7.11 -2.75
C PRO A 3156 -37.95 6.86 -4.23
N LEU A 3157 -39.20 6.71 -4.66
CA LEU A 3157 -39.47 6.42 -6.07
C LEU A 3157 -39.08 7.59 -6.95
N LYS A 3158 -39.37 8.82 -6.52
CA LYS A 3158 -38.97 9.96 -7.33
C LYS A 3158 -37.47 10.08 -7.40
N ARG A 3159 -36.76 9.74 -6.32
CA ARG A 3159 -35.31 9.74 -6.36
C ARG A 3159 -34.79 8.70 -7.36
N LEU A 3160 -35.39 7.52 -7.37
CA LEU A 3160 -34.98 6.50 -8.34
C LEU A 3160 -35.23 6.95 -9.76
N LEU A 3161 -36.39 7.56 -10.01
CA LEU A 3161 -36.68 8.05 -11.36
C LEU A 3161 -35.72 9.15 -11.76
N ASN A 3162 -35.37 10.03 -10.81
CA ASN A 3162 -34.36 11.04 -11.10
C ASN A 3162 -33.05 10.39 -11.50
N THR A 3163 -32.59 9.42 -10.73
CA THR A 3163 -31.31 8.76 -11.03
C THR A 3163 -31.35 8.09 -12.40
N TRP A 3164 -32.46 7.42 -12.71
CA TRP A 3164 -32.55 6.73 -13.99
C TRP A 3164 -32.61 7.70 -15.16
N THR A 3165 -33.49 8.70 -15.06
CA THR A 3165 -33.63 9.67 -16.16
C THR A 3165 -32.39 10.53 -16.31
N ASN A 3166 -31.51 10.57 -15.31
CA ASN A 3166 -30.28 11.34 -15.47
C ASN A 3166 -29.28 10.64 -16.37
N ARG A 3167 -29.13 9.32 -16.23
CA ARG A 3167 -28.08 8.60 -16.94
C ARG A 3167 -28.67 7.76 -18.07
N TYR A 3168 -28.84 8.37 -19.22
CA TYR A 3168 -29.07 7.69 -20.47
C TYR A 3168 -27.73 7.33 -21.10
N PRO A 3169 -27.70 6.36 -22.01
CA PRO A 3169 -26.48 6.08 -22.75
C PRO A 3169 -26.19 7.18 -23.75
N ASP A 3170 -25.02 7.08 -24.38
CA ASP A 3170 -24.63 8.10 -25.35
C ASP A 3170 -25.63 8.11 -26.50
N ALA A 3171 -26.02 9.32 -26.91
CA ALA A 3171 -27.06 9.43 -27.93
C ALA A 3171 -26.61 8.88 -29.26
N LYS A 3172 -25.36 9.09 -29.63
CA LYS A 3172 -24.87 8.74 -30.95
C LYS A 3172 -23.71 7.76 -30.96
N MET A 3173 -23.21 7.35 -29.80
CA MET A 3173 -22.01 6.54 -29.75
C MET A 3173 -22.29 5.05 -29.59
N ASP A 3174 -23.48 4.65 -29.13
CA ASP A 3174 -23.71 3.23 -28.99
C ASP A 3174 -24.96 2.80 -29.76
N PRO A 3175 -24.97 1.59 -30.31
CA PRO A 3175 -26.07 1.19 -31.17
C PRO A 3175 -27.33 0.94 -30.38
N MET A 3176 -28.39 0.47 -31.04
CA MET A 3176 -29.65 0.29 -30.34
C MET A 3176 -29.82 -1.07 -29.71
N ASN A 3177 -28.80 -1.93 -29.76
CA ASN A 3177 -28.80 -3.07 -28.84
C ASN A 3177 -28.86 -2.57 -27.41
N ILE A 3178 -28.00 -1.61 -27.07
CA ILE A 3178 -27.94 -1.10 -25.70
C ILE A 3178 -29.21 -0.35 -25.36
N TRP A 3179 -29.69 0.49 -26.28
CA TRP A 3179 -30.91 1.25 -26.00
C TRP A 3179 -32.10 0.31 -25.80
N ASP A 3180 -32.28 -0.64 -26.70
CA ASP A 3180 -33.43 -1.52 -26.58
C ASP A 3180 -33.27 -2.54 -25.48
N ASP A 3181 -32.07 -2.70 -24.94
CA ASP A 3181 -31.93 -3.45 -23.70
C ASP A 3181 -32.42 -2.64 -22.53
N ILE A 3182 -31.79 -1.48 -22.29
CA ILE A 3182 -32.04 -0.82 -21.01
C ILE A 3182 -33.39 -0.13 -20.99
N ILE A 3183 -33.89 0.37 -22.12
CA ILE A 3183 -35.18 1.03 -22.09
C ILE A 3183 -36.29 0.03 -21.78
N THR A 3184 -36.25 -1.14 -22.42
CA THR A 3184 -37.27 -2.14 -22.11
C THR A 3184 -37.09 -2.69 -20.70
N ASN A 3185 -35.85 -2.84 -20.23
CA ASN A 3185 -35.65 -3.27 -18.86
C ASN A 3185 -36.23 -2.28 -17.88
N ARG A 3186 -35.99 -0.99 -18.10
CA ARG A 3186 -36.49 0.03 -17.19
C ARG A 3186 -38.00 0.13 -17.25
N CYS A 3187 -38.58 0.03 -18.45
CA CYS A 3187 -40.04 0.04 -18.55
C CYS A 3187 -40.66 -1.16 -17.85
N PHE A 3188 -40.07 -2.35 -17.97
CA PHE A 3188 -40.56 -3.50 -17.24
C PHE A 3188 -40.38 -3.33 -15.74
N PHE A 3189 -39.27 -2.73 -15.30
CA PHE A 3189 -39.09 -2.48 -13.88
C PHE A 3189 -40.17 -1.54 -13.35
N LEU A 3190 -40.50 -0.49 -14.12
CA LEU A 3190 -41.57 0.40 -13.71
C LEU A 3190 -42.91 -0.31 -13.68
N SER A 3191 -43.17 -1.16 -14.67
CA SER A 3191 -44.40 -1.94 -14.66
C SER A 3191 -44.51 -2.79 -13.42
N LYS A 3192 -43.41 -3.44 -13.04
CA LYS A 3192 -43.42 -4.28 -11.84
C LYS A 3192 -43.50 -3.46 -10.57
N ILE A 3193 -42.90 -2.27 -10.55
CA ILE A 3193 -42.96 -1.43 -9.34
C ILE A 3193 -44.33 -0.81 -9.18
N GLU A 3194 -45.12 -0.73 -10.25
CA GLU A 3194 -46.45 -0.14 -10.13
C GLU A 3194 -47.43 -1.11 -9.48
N GLU A 3195 -47.31 -2.41 -9.77
CA GLU A 3195 -48.33 -3.34 -9.29
C GLU A 3195 -48.29 -3.49 -7.77
N LYS A 3196 -47.10 -3.59 -7.19
CA LYS A 3196 -46.97 -3.66 -5.73
C LYS A 3196 -46.67 -2.28 -5.16
N LEU A 3197 -47.58 -1.36 -5.44
CA LEU A 3197 -47.44 0.02 -4.99
C LEU A 3197 -47.98 0.18 -3.58
N ASP A 3226 -48.85 11.28 -6.52
CA ASP A 3226 -49.67 10.84 -7.63
C ASP A 3226 -48.97 9.79 -8.49
N ILE A 3227 -48.53 8.72 -7.83
CA ILE A 3227 -47.90 7.62 -8.55
C ILE A 3227 -48.92 6.97 -9.48
N SER A 3228 -48.42 6.18 -10.43
CA SER A 3228 -49.17 5.56 -11.51
C SER A 3228 -49.53 6.61 -12.55
N SER A 3229 -49.22 7.86 -12.25
CA SER A 3229 -49.11 8.92 -13.24
C SER A 3229 -47.79 9.67 -13.13
N LEU A 3230 -47.03 9.44 -12.06
CA LEU A 3230 -45.66 9.91 -12.00
C LEU A 3230 -44.73 9.02 -12.81
N ILE A 3231 -45.09 7.75 -12.99
CA ILE A 3231 -44.25 6.83 -13.75
C ILE A 3231 -44.80 6.69 -15.16
N ARG A 3232 -46.11 6.92 -15.33
CA ARG A 3232 -46.67 6.87 -16.67
C ARG A 3232 -46.21 8.03 -17.54
N SER A 3233 -45.58 9.03 -16.95
CA SER A 3233 -44.92 10.08 -17.72
C SER A 3233 -43.44 9.82 -17.89
N CYS A 3234 -42.79 9.20 -16.90
CA CYS A 3234 -41.41 8.80 -17.08
C CYS A 3234 -41.27 7.80 -18.21
N LYS A 3235 -42.21 6.85 -18.30
CA LYS A 3235 -42.19 5.88 -19.39
C LYS A 3235 -42.23 6.58 -20.74
N PHE A 3236 -43.12 7.56 -20.88
CA PHE A 3236 -43.25 8.28 -22.14
C PHE A 3236 -41.99 9.09 -22.45
N SER A 3237 -41.45 9.77 -21.44
CA SER A 3237 -40.23 10.56 -21.67
C SER A 3237 -39.09 9.66 -22.12
N MET A 3238 -38.94 8.50 -21.50
CA MET A 3238 -37.87 7.59 -21.87
C MET A 3238 -38.08 7.04 -23.28
N LYS A 3239 -39.29 6.58 -23.59
CA LYS A 3239 -39.56 6.06 -24.91
C LYS A 3239 -39.49 7.13 -25.98
N MET A 3240 -39.49 8.40 -25.60
CA MET A 3240 -39.28 9.45 -26.60
C MET A 3240 -37.82 9.85 -26.72
N LYS A 3241 -37.05 9.81 -25.63
CA LYS A 3241 -35.63 10.01 -25.75
C LYS A 3241 -35.00 8.93 -26.62
N MET A 3242 -35.48 7.69 -26.46
CA MET A 3242 -35.06 6.64 -27.37
C MET A 3242 -35.35 6.97 -28.82
N ILE A 3243 -36.51 7.52 -29.13
CA ILE A 3243 -36.86 7.81 -30.51
C ILE A 3243 -35.98 8.92 -31.06
N ASP A 3244 -35.66 9.91 -30.21
CA ASP A 3244 -34.70 10.93 -30.64
C ASP A 3244 -33.35 10.31 -30.96
N SER A 3245 -32.89 9.40 -30.10
CA SER A 3245 -31.61 8.75 -30.37
C SER A 3245 -31.66 7.96 -31.67
N ALA A 3246 -32.76 7.25 -31.93
CA ALA A 3246 -32.90 6.52 -33.17
C ALA A 3246 -32.86 7.45 -34.37
N ARG A 3247 -33.48 8.61 -34.25
CA ARG A 3247 -33.43 9.58 -35.33
C ARG A 3247 -32.00 10.03 -35.58
N LYS A 3248 -31.23 10.23 -34.52
CA LYS A 3248 -29.86 10.72 -34.69
C LYS A 3248 -28.92 9.68 -35.27
N GLN A 3249 -29.32 8.42 -35.37
CA GLN A 3249 -28.44 7.37 -35.86
C GLN A 3249 -28.91 6.76 -37.17
N ASN A 3250 -29.77 7.44 -37.90
CA ASN A 3250 -30.30 7.00 -39.18
C ASN A 3250 -31.05 5.68 -39.10
N ASN A 3251 -31.38 5.21 -37.89
CA ASN A 3251 -32.30 4.08 -37.74
C ASN A 3251 -33.72 4.58 -37.96
N PHE A 3252 -34.01 4.94 -39.20
CA PHE A 3252 -35.28 5.56 -39.54
C PHE A 3252 -36.43 4.56 -39.64
N SER A 3253 -36.19 3.29 -39.33
CA SER A 3253 -37.27 2.31 -39.28
C SER A 3253 -37.65 1.92 -37.87
N LEU A 3254 -36.66 1.67 -37.00
CA LEU A 3254 -36.97 1.46 -35.60
C LEU A 3254 -37.61 2.71 -35.00
N ALA A 3255 -37.11 3.89 -35.37
CA ALA A 3255 -37.70 5.13 -34.88
C ALA A 3255 -39.15 5.24 -35.31
N MET A 3256 -39.42 4.98 -36.59
CA MET A 3256 -40.80 5.07 -37.07
C MET A 3256 -41.70 4.08 -36.36
N LYS A 3257 -41.23 2.86 -36.17
CA LYS A 3257 -42.07 1.85 -35.51
C LYS A 3257 -42.35 2.22 -34.07
N LEU A 3258 -41.33 2.66 -33.33
CA LEU A 3258 -41.57 3.07 -31.95
C LEU A 3258 -42.52 4.25 -31.89
N LEU A 3259 -42.34 5.22 -32.78
CA LEU A 3259 -43.18 6.41 -32.78
C LEU A 3259 -44.63 6.06 -33.07
N LYS A 3260 -44.86 5.14 -34.00
CA LYS A 3260 -46.22 4.72 -34.27
C LYS A 3260 -46.77 3.87 -33.13
N GLU A 3261 -45.91 3.14 -32.42
CA GLU A 3261 -46.35 2.34 -31.29
C GLU A 3261 -46.64 3.19 -30.06
N LEU A 3262 -46.16 4.43 -30.03
CA LEU A 3262 -46.37 5.33 -28.91
C LEU A 3262 -47.57 6.25 -29.13
N HIS A 3263 -48.29 6.11 -30.23
CA HIS A 3263 -49.32 7.08 -30.57
C HIS A 3263 -50.48 7.04 -29.58
N LYS A 3264 -50.94 5.85 -29.21
CA LYS A 3264 -52.12 5.74 -28.36
C LYS A 3264 -51.85 6.28 -26.95
N GLU A 3265 -50.63 6.07 -26.44
CA GLU A 3265 -50.30 6.61 -25.13
C GLU A 3265 -50.38 8.14 -25.13
N SER A 3266 -50.13 8.76 -26.27
CA SER A 3266 -50.33 10.20 -26.41
C SER A 3266 -51.82 10.47 -26.60
N LYS A 3267 -52.15 11.70 -27.00
CA LYS A 3267 -53.52 12.18 -27.14
C LYS A 3267 -54.23 12.31 -25.79
N THR A 3268 -53.57 11.87 -24.72
CA THR A 3268 -54.20 11.85 -23.40
C THR A 3268 -53.68 12.94 -22.48
N ARG A 3269 -52.79 13.79 -22.95
CA ARG A 3269 -52.33 14.92 -22.16
C ARG A 3269 -52.30 16.23 -22.93
N ASP A 3270 -52.22 16.20 -24.26
CA ASP A 3270 -52.11 17.35 -25.15
C ASP A 3270 -50.78 18.08 -24.99
N ASP A 3271 -49.95 17.68 -24.04
CA ASP A 3271 -48.53 17.98 -24.08
C ASP A 3271 -47.79 16.86 -24.80
N TRP A 3272 -48.12 15.62 -24.43
CA TRP A 3272 -47.59 14.47 -25.15
C TRP A 3272 -48.00 14.50 -26.60
N LEU A 3273 -49.18 15.04 -26.92
CA LEU A 3273 -49.61 15.06 -28.31
C LEU A 3273 -48.70 15.96 -29.14
N VAL A 3274 -48.43 17.18 -28.67
CA VAL A 3274 -47.58 18.07 -29.45
C VAL A 3274 -46.15 17.57 -29.45
N SER A 3275 -45.69 16.98 -28.34
CA SER A 3275 -44.36 16.40 -28.33
C SER A 3275 -44.24 15.30 -29.38
N TRP A 3276 -45.25 14.44 -29.47
CA TRP A 3276 -45.22 13.36 -30.45
C TRP A 3276 -45.27 13.90 -31.86
N VAL A 3277 -46.12 14.90 -32.12
CA VAL A 3277 -46.23 15.41 -33.48
C VAL A 3277 -44.94 16.09 -33.90
N GLN A 3278 -44.32 16.86 -33.02
CA GLN A 3278 -43.10 17.55 -33.39
C GLN A 3278 -41.86 16.67 -33.25
N SER A 3279 -41.97 15.48 -32.69
CA SER A 3279 -40.91 14.50 -32.80
C SER A 3279 -41.14 13.51 -33.92
N TYR A 3280 -42.31 13.55 -34.55
CA TYR A 3280 -42.52 12.82 -35.80
C TYR A 3280 -42.18 13.67 -37.01
N CYS A 3281 -42.44 14.97 -36.95
CA CYS A 3281 -42.05 15.85 -38.04
C CYS A 3281 -40.54 15.87 -38.20
N ARG A 3282 -39.80 15.86 -37.08
CA ARG A 3282 -38.34 15.79 -37.18
C ARG A 3282 -37.90 14.51 -37.86
N LEU A 3283 -38.49 13.38 -37.47
CA LEU A 3283 -38.11 12.11 -38.07
C LEU A 3283 -38.42 12.11 -39.57
N SER A 3284 -39.56 12.65 -39.96
CA SER A 3284 -39.89 12.70 -41.37
C SER A 3284 -39.02 13.70 -42.12
N HIS A 3285 -38.49 14.71 -41.44
CA HIS A 3285 -37.50 15.58 -42.06
C HIS A 3285 -36.21 14.83 -42.33
N CYS A 3286 -35.69 14.15 -41.31
CA CYS A 3286 -34.41 13.46 -41.44
C CYS A 3286 -34.45 12.31 -42.44
N ARG A 3287 -35.62 11.88 -42.86
CA ARG A 3287 -35.73 10.83 -43.86
C ARG A 3287 -35.73 11.35 -45.28
N SER A 3288 -35.62 12.66 -45.47
CA SER A 3288 -35.68 13.26 -46.80
C SER A 3288 -34.28 13.26 -47.40
N ARG A 3289 -33.92 12.14 -48.03
CA ARG A 3289 -32.65 11.99 -48.74
C ARG A 3289 -32.89 11.36 -50.10
N SER A 3290 -33.95 11.79 -50.78
CA SER A 3290 -34.30 11.25 -52.09
C SER A 3290 -35.20 12.28 -52.77
N GLN A 3291 -34.71 12.87 -53.87
CA GLN A 3291 -35.34 14.08 -54.41
C GLN A 3291 -36.72 13.80 -54.99
N GLY A 3292 -36.95 12.61 -55.54
CA GLY A 3292 -38.25 12.33 -56.12
C GLY A 3292 -39.31 11.90 -55.15
N CYS A 3293 -38.93 11.61 -53.91
CA CYS A 3293 -39.86 11.13 -52.90
C CYS A 3293 -39.92 12.02 -51.67
N SER A 3294 -39.00 12.97 -51.51
CA SER A 3294 -39.06 13.88 -50.37
C SER A 3294 -40.31 14.73 -50.42
N GLU A 3295 -40.67 15.21 -51.61
CA GLU A 3295 -41.88 16.01 -51.77
C GLU A 3295 -43.13 15.24 -51.37
N GLN A 3296 -43.09 13.92 -51.38
CA GLN A 3296 -44.24 13.12 -50.95
C GLN A 3296 -44.19 12.74 -49.48
N VAL A 3297 -43.00 12.64 -48.90
CA VAL A 3297 -42.92 12.43 -47.46
C VAL A 3297 -43.35 13.70 -46.72
N LEU A 3298 -42.89 14.85 -47.19
CA LEU A 3298 -43.17 16.09 -46.49
C LEU A 3298 -44.60 16.55 -46.66
N THR A 3299 -45.24 16.22 -47.79
CA THR A 3299 -46.66 16.49 -47.92
C THR A 3299 -47.46 15.74 -46.86
N VAL A 3300 -47.11 14.48 -46.61
CA VAL A 3300 -47.73 13.73 -45.54
C VAL A 3300 -47.45 14.40 -44.20
N LEU A 3301 -46.20 14.82 -43.98
CA LEU A 3301 -45.86 15.51 -42.75
C LEU A 3301 -46.77 16.69 -42.49
N LYS A 3302 -46.97 17.53 -43.51
CA LYS A 3302 -47.77 18.73 -43.31
C LYS A 3302 -49.19 18.39 -42.88
N THR A 3303 -49.78 17.36 -43.50
CA THR A 3303 -51.11 16.93 -43.09
C THR A 3303 -51.12 16.40 -41.67
N VAL A 3304 -50.03 15.74 -41.23
CA VAL A 3304 -49.97 15.28 -39.85
C VAL A 3304 -50.08 16.45 -38.88
N SER A 3305 -49.32 17.53 -39.16
CA SER A 3305 -49.41 18.72 -38.32
C SER A 3305 -50.78 19.38 -38.42
N LEU A 3306 -51.53 19.11 -39.48
CA LEU A 3306 -52.87 19.66 -39.62
C LEU A 3306 -53.85 19.01 -38.65
N LEU A 3307 -53.50 17.86 -38.07
CA LEU A 3307 -54.38 17.22 -37.12
C LEU A 3307 -54.40 18.04 -35.84
N ASP A 3308 -55.37 18.95 -35.74
CA ASP A 3308 -55.51 19.87 -34.62
C ASP A 3308 -56.92 19.87 -34.09
N GLU A 3309 -57.63 18.75 -34.24
CA GLU A 3309 -59.00 18.66 -33.75
C GLU A 3309 -59.06 18.91 -32.24
N ASN A 3310 -57.98 18.61 -31.53
CA ASN A 3310 -57.82 18.98 -30.14
C ASN A 3310 -56.69 19.97 -29.92
N ASN A 3311 -55.67 19.97 -30.78
CA ASN A 3311 -54.54 20.87 -30.64
C ASN A 3311 -54.73 22.12 -31.49
N VAL A 3312 -55.86 22.81 -31.25
CA VAL A 3312 -56.13 24.07 -31.93
C VAL A 3312 -55.11 25.09 -31.44
N SER A 3313 -55.12 25.35 -30.14
CA SER A 3313 -54.10 26.17 -29.51
C SER A 3313 -53.72 25.68 -28.12
N SER A 3314 -54.33 24.61 -27.63
CA SER A 3314 -53.95 24.08 -26.32
C SER A 3314 -52.49 23.65 -26.35
N TYR A 3315 -51.72 24.17 -25.41
CA TYR A 3315 -50.26 24.06 -25.41
C TYR A 3315 -49.67 24.54 -26.73
N LEU A 3316 -50.38 25.45 -27.40
CA LEU A 3316 -49.78 26.38 -28.35
C LEU A 3316 -49.87 27.80 -27.85
N SER A 3317 -50.70 28.06 -26.83
CA SER A 3317 -50.59 29.28 -26.05
C SER A 3317 -49.38 29.27 -25.14
N LYS A 3318 -48.70 28.14 -25.00
CA LYS A 3318 -47.43 28.05 -24.30
C LYS A 3318 -46.35 28.42 -25.30
N ASN A 3319 -45.86 29.66 -25.22
CA ASN A 3319 -45.05 30.21 -26.28
C ASN A 3319 -43.77 29.40 -26.49
N ILE A 3320 -43.01 29.18 -25.44
CA ILE A 3320 -41.69 28.58 -25.59
C ILE A 3320 -41.83 27.06 -25.56
N LEU A 3321 -40.97 26.39 -26.33
CA LEU A 3321 -40.92 24.93 -26.46
C LEU A 3321 -42.14 24.34 -27.16
N ALA A 3322 -43.14 25.16 -27.49
CA ALA A 3322 -44.34 24.60 -28.09
C ALA A 3322 -44.73 25.30 -29.38
N PHE A 3323 -44.57 26.62 -29.41
CA PHE A 3323 -44.94 27.38 -30.59
C PHE A 3323 -43.74 27.65 -31.48
N ARG A 3324 -42.61 28.01 -30.89
CA ARG A 3324 -41.40 28.24 -31.67
C ARG A 3324 -40.95 26.96 -32.37
N ASP A 3325 -40.98 25.85 -31.66
CA ASP A 3325 -40.56 24.58 -32.27
C ASP A 3325 -41.50 24.18 -33.39
N GLN A 3326 -42.80 24.31 -33.17
CA GLN A 3326 -43.75 23.99 -34.22
C GLN A 3326 -43.52 24.86 -35.46
N ASN A 3327 -43.24 26.14 -35.25
CA ASN A 3327 -43.02 27.03 -36.38
C ASN A 3327 -41.74 26.68 -37.13
N ILE A 3328 -40.65 26.37 -36.41
CA ILE A 3328 -39.42 26.06 -37.13
C ILE A 3328 -39.57 24.74 -37.89
N LEU A 3329 -40.28 23.77 -37.32
CA LEU A 3329 -40.54 22.54 -38.06
C LEU A 3329 -41.37 22.79 -39.30
N LEU A 3330 -42.42 23.62 -39.20
CA LEU A 3330 -43.21 23.91 -40.37
C LEU A 3330 -42.39 24.64 -41.43
N GLY A 3331 -41.55 25.58 -41.00
CA GLY A 3331 -40.69 26.27 -41.93
C GLY A 3331 -39.74 25.34 -42.64
N THR A 3332 -39.13 24.42 -41.90
CA THR A 3332 -38.22 23.46 -42.52
C THR A 3332 -38.96 22.57 -43.51
N THR A 3333 -40.18 22.15 -43.16
CA THR A 3333 -40.99 21.36 -44.09
C THR A 3333 -41.22 22.11 -45.40
N TYR A 3334 -41.66 23.35 -45.30
CA TYR A 3334 -41.93 24.13 -46.51
C TYR A 3334 -40.65 24.33 -47.30
N ARG A 3335 -39.53 24.58 -46.62
CA ARG A 3335 -38.28 24.77 -47.31
C ARG A 3335 -37.84 23.51 -48.05
N ILE A 3336 -38.03 22.35 -47.42
CA ILE A 3336 -37.66 21.09 -48.06
C ILE A 3336 -38.50 20.87 -49.32
N ILE A 3337 -39.80 21.12 -49.23
CA ILE A 3337 -40.64 20.97 -50.43
C ILE A 3337 -40.20 21.94 -51.52
N ALA A 3338 -39.90 23.18 -51.13
CA ALA A 3338 -39.50 24.19 -52.12
C ALA A 3338 -38.20 23.80 -52.80
N ASN A 3339 -37.21 23.34 -52.02
CA ASN A 3339 -35.95 22.94 -52.61
C ASN A 3339 -36.07 21.68 -53.44
N ALA A 3340 -36.97 20.77 -53.07
CA ALA A 3340 -37.23 19.62 -53.91
C ALA A 3340 -37.80 20.03 -55.25
N LEU A 3341 -38.75 20.97 -55.24
CA LEU A 3341 -39.33 21.43 -56.50
C LEU A 3341 -38.35 22.30 -57.30
N SER A 3342 -37.38 22.92 -56.64
CA SER A 3342 -36.49 23.83 -57.34
C SER A 3342 -35.22 23.16 -57.87
N SER A 3343 -34.71 22.14 -57.18
CA SER A 3343 -33.48 21.50 -57.63
C SER A 3343 -33.65 20.92 -59.02
N GLU A 3344 -34.76 20.26 -59.28
CA GLU A 3344 -35.16 19.90 -60.62
C GLU A 3344 -36.62 20.28 -60.80
N PRO A 3345 -37.01 20.68 -62.02
CA PRO A 3345 -38.27 21.42 -62.18
C PRO A 3345 -39.52 20.61 -61.89
N ALA A 3346 -40.68 21.23 -62.11
CA ALA A 3346 -41.97 20.64 -61.81
C ALA A 3346 -42.41 19.60 -62.83
N CYS A 3347 -41.47 19.13 -63.66
CA CYS A 3347 -41.79 18.11 -64.65
C CYS A 3347 -42.33 16.84 -64.01
N LEU A 3348 -42.05 16.62 -62.73
CA LEU A 3348 -42.59 15.48 -62.00
C LEU A 3348 -44.10 15.51 -61.85
N ALA A 3349 -44.73 16.68 -62.07
CA ALA A 3349 -46.12 16.88 -61.66
C ALA A 3349 -47.05 15.81 -62.25
N GLU A 3350 -46.88 15.48 -63.52
CA GLU A 3350 -47.83 14.61 -64.21
C GLU A 3350 -47.77 13.16 -63.75
N ILE A 3351 -46.80 12.77 -62.94
CA ILE A 3351 -46.66 11.38 -62.53
C ILE A 3351 -46.58 11.27 -61.01
N GLU A 3352 -47.20 12.21 -60.30
CA GLU A 3352 -47.12 12.25 -58.85
C GLU A 3352 -48.50 12.42 -58.21
N GLU A 3353 -49.45 11.58 -58.64
CA GLU A 3353 -50.75 11.41 -58.00
C GLU A 3353 -51.42 12.75 -57.68
N ASP A 3354 -51.83 13.42 -58.76
CA ASP A 3354 -52.26 14.81 -58.78
C ASP A 3354 -53.17 15.20 -57.61
N LYS A 3355 -53.88 14.22 -57.03
CA LYS A 3355 -54.60 14.48 -55.79
C LYS A 3355 -53.66 14.96 -54.70
N ALA A 3356 -52.38 14.57 -54.77
CA ALA A 3356 -51.36 15.09 -53.87
C ALA A 3356 -50.72 16.37 -54.38
N ARG A 3357 -50.97 16.74 -55.63
CA ARG A 3357 -50.60 18.08 -56.09
C ARG A 3357 -51.63 19.13 -55.75
N ARG A 3358 -52.89 18.76 -55.58
CA ARG A 3358 -53.89 19.75 -55.18
C ARG A 3358 -53.55 20.31 -53.79
N ILE A 3359 -53.20 19.43 -52.85
CA ILE A 3359 -52.79 19.91 -51.53
C ILE A 3359 -51.50 20.70 -51.61
N LEU A 3360 -50.60 20.32 -52.51
CA LEU A 3360 -49.36 21.08 -52.69
C LEU A 3360 -49.66 22.48 -53.18
N GLU A 3361 -50.58 22.61 -54.14
CA GLU A 3361 -50.97 23.91 -54.65
C GLU A 3361 -51.64 24.75 -53.57
N LEU A 3362 -52.51 24.12 -52.77
CA LEU A 3362 -53.13 24.84 -51.66
C LEU A 3362 -52.09 25.30 -50.66
N SER A 3363 -51.12 24.44 -50.34
CA SER A 3363 -50.05 24.85 -49.44
C SER A 3363 -49.25 25.99 -50.06
N GLY A 3364 -49.22 26.09 -51.38
CA GLY A 3364 -48.61 27.22 -52.05
C GLY A 3364 -49.39 28.50 -51.83
N SER A 3365 -49.16 29.51 -52.66
CA SER A 3365 -49.81 30.80 -52.46
C SER A 3365 -50.74 31.18 -53.61
N SER A 3366 -50.25 31.21 -54.85
CA SER A 3366 -51.00 31.82 -55.94
C SER A 3366 -51.54 30.83 -56.96
N SER A 3367 -50.89 29.68 -57.12
CA SER A 3367 -51.44 28.55 -57.90
C SER A 3367 -51.62 28.91 -59.38
N GLU A 3368 -50.50 29.23 -60.04
CA GLU A 3368 -50.50 29.33 -61.50
C GLU A 3368 -49.53 28.37 -62.16
N ASP A 3369 -48.26 28.39 -61.76
CA ASP A 3369 -47.24 27.60 -62.44
C ASP A 3369 -46.07 27.38 -61.48
N SER A 3370 -45.00 26.79 -62.02
CA SER A 3370 -43.91 26.29 -61.18
C SER A 3370 -43.20 27.41 -60.43
N GLU A 3371 -42.76 28.45 -61.15
CA GLU A 3371 -41.99 29.50 -60.49
C GLU A 3371 -42.83 30.22 -59.44
N LYS A 3372 -44.09 30.52 -59.76
CA LYS A 3372 -44.93 31.22 -58.80
C LYS A 3372 -45.20 30.37 -57.57
N VAL A 3373 -45.46 29.08 -57.76
CA VAL A 3373 -45.78 28.23 -56.62
C VAL A 3373 -44.56 28.00 -55.75
N ILE A 3374 -43.37 27.86 -56.34
CA ILE A 3374 -42.18 27.71 -55.51
C ILE A 3374 -41.88 29.00 -54.78
N ALA A 3375 -42.12 30.14 -55.43
CA ALA A 3375 -41.97 31.42 -54.72
C ALA A 3375 -42.93 31.51 -53.55
N GLY A 3376 -44.17 31.06 -53.75
CA GLY A 3376 -45.13 31.08 -52.66
C GLY A 3376 -44.72 30.17 -51.52
N LEU A 3377 -44.19 28.98 -51.84
CA LEU A 3377 -43.72 28.09 -50.80
C LEU A 3377 -42.57 28.71 -50.02
N TYR A 3378 -41.63 29.34 -50.73
CA TYR A 3378 -40.54 30.02 -50.05
C TYR A 3378 -41.06 31.13 -49.15
N GLN A 3379 -42.06 31.88 -49.63
CA GLN A 3379 -42.62 32.95 -48.81
C GLN A 3379 -43.28 32.38 -47.55
N ARG A 3380 -43.99 31.27 -47.69
CA ARG A 3380 -44.62 30.65 -46.53
C ARG A 3380 -43.58 30.19 -45.51
N ALA A 3381 -42.50 29.57 -46.01
CA ALA A 3381 -41.43 29.14 -45.10
C ALA A 3381 -40.81 30.33 -44.39
N PHE A 3382 -40.58 31.41 -45.13
CA PHE A 3382 -40.02 32.61 -44.51
C PHE A 3382 -40.97 33.18 -43.45
N GLN A 3383 -42.27 33.16 -43.75
CA GLN A 3383 -43.25 33.64 -42.78
C GLN A 3383 -43.19 32.83 -41.50
N HIS A 3384 -43.18 31.50 -41.63
CA HIS A 3384 -43.19 30.67 -40.43
C HIS A 3384 -41.91 30.83 -39.64
N LEU A 3385 -40.76 30.92 -40.31
CA LEU A 3385 -39.51 31.10 -39.59
C LEU A 3385 -39.45 32.46 -38.90
N SER A 3386 -39.98 33.50 -39.56
CA SER A 3386 -40.04 34.82 -38.93
C SER A 3386 -40.93 34.80 -37.70
N GLU A 3387 -42.07 34.10 -37.78
CA GLU A 3387 -42.92 33.97 -36.60
C GLU A 3387 -42.19 33.24 -35.50
N ALA A 3388 -41.40 32.22 -35.85
CA ALA A 3388 -40.64 31.50 -34.83
C ALA A 3388 -39.65 32.41 -34.12
N VAL A 3389 -38.85 33.15 -34.88
CA VAL A 3389 -37.85 33.99 -34.24
C VAL A 3389 -38.51 35.13 -33.47
N GLN A 3390 -39.66 35.63 -33.94
CA GLN A 3390 -40.40 36.61 -33.17
C GLN A 3390 -40.86 36.03 -31.85
N ALA A 3391 -41.33 34.78 -31.86
CA ALA A 3391 -41.70 34.10 -30.62
C ALA A 3391 -40.49 33.75 -29.77
N ALA A 3392 -39.29 33.82 -30.34
CA ALA A 3392 -38.06 33.58 -29.58
C ALA A 3392 -37.54 34.81 -28.87
N GLU A 3393 -38.21 35.95 -29.02
CA GLU A 3393 -37.81 37.19 -28.37
C GLU A 3393 -38.32 37.32 -26.94
N GLU A 3394 -39.12 36.36 -26.47
CA GLU A 3394 -39.61 36.35 -25.11
C GLU A 3394 -38.66 35.51 -24.26
N GLU A 3395 -38.04 36.15 -23.27
CA GLU A 3395 -36.99 35.52 -22.50
C GLU A 3395 -36.96 36.10 -21.09
N ALA A 3396 -36.31 35.39 -20.19
CA ALA A 3396 -36.16 35.83 -18.81
C ALA A 3396 -34.70 35.72 -18.36
N PRO A 3405 -35.20 25.03 -23.29
CA PRO A 3405 -34.88 26.41 -23.68
C PRO A 3405 -33.45 26.52 -24.20
N ALA A 3406 -32.82 27.67 -23.97
CA ALA A 3406 -31.44 27.90 -24.37
C ALA A 3406 -31.18 27.54 -25.84
N ALA A 3407 -30.83 26.29 -26.08
CA ALA A 3407 -30.55 25.80 -27.43
C ALA A 3407 -31.67 26.14 -28.40
N GLY A 3408 -32.90 26.29 -27.92
CA GLY A 3408 -34.01 26.53 -28.83
C GLY A 3408 -33.89 27.84 -29.58
N VAL A 3409 -33.54 28.91 -28.87
CA VAL A 3409 -33.41 30.21 -29.52
C VAL A 3409 -32.26 30.18 -30.52
N ILE A 3410 -31.17 29.47 -30.18
CA ILE A 3410 -30.06 29.33 -31.11
C ILE A 3410 -30.51 28.61 -32.37
N ASP A 3411 -31.30 27.54 -32.20
CA ASP A 3411 -31.79 26.80 -33.36
C ASP A 3411 -32.67 27.67 -34.23
N ALA A 3412 -33.57 28.45 -33.63
CA ALA A 3412 -34.44 29.31 -34.42
C ALA A 3412 -33.63 30.35 -35.19
N TYR A 3413 -32.74 31.06 -34.49
CA TYR A 3413 -31.87 32.04 -35.13
C TYR A 3413 -31.11 31.43 -36.30
N MET A 3414 -30.47 30.30 -36.06
CA MET A 3414 -29.62 29.71 -37.10
C MET A 3414 -30.43 29.15 -38.25
N THR A 3415 -31.63 28.62 -37.99
CA THR A 3415 -32.46 28.13 -39.08
C THR A 3415 -32.89 29.29 -39.98
N LEU A 3416 -33.32 30.40 -39.38
CA LEU A 3416 -33.71 31.54 -40.19
C LEU A 3416 -32.52 32.08 -40.97
N ALA A 3417 -31.37 32.18 -40.32
CA ALA A 3417 -30.17 32.67 -41.00
C ALA A 3417 -29.78 31.75 -42.15
N ASP A 3418 -29.86 30.44 -41.94
CA ASP A 3418 -29.52 29.49 -42.99
C ASP A 3418 -30.45 29.62 -44.18
N PHE A 3419 -31.76 29.74 -43.93
CA PHE A 3419 -32.70 29.86 -45.03
C PHE A 3419 -32.43 31.12 -45.84
N CYS A 3420 -32.31 32.27 -45.16
CA CYS A 3420 -32.09 33.50 -45.90
C CYS A 3420 -30.72 33.52 -46.57
N ASP A 3421 -29.72 32.89 -45.96
CA ASP A 3421 -28.41 32.82 -46.58
C ASP A 3421 -28.44 31.96 -47.84
N GLN A 3422 -29.17 30.85 -47.81
CA GLN A 3422 -29.31 30.05 -49.01
C GLN A 3422 -30.00 30.84 -50.11
N GLN A 3423 -31.04 31.59 -49.76
CA GLN A 3423 -31.70 32.43 -50.75
C GLN A 3423 -30.72 33.44 -51.35
N LEU A 3424 -29.97 34.12 -50.48
CA LEU A 3424 -29.05 35.15 -50.96
C LEU A 3424 -27.98 34.57 -51.86
N ARG A 3425 -27.41 33.43 -51.49
CA ARG A 3425 -26.37 32.83 -52.31
C ARG A 3425 -26.91 32.29 -53.61
N LYS A 3426 -28.13 31.77 -53.61
CA LYS A 3426 -28.75 31.36 -54.87
C LYS A 3426 -28.94 32.55 -55.79
N GLU A 3427 -29.35 33.70 -55.23
CA GLU A 3427 -29.45 34.90 -56.05
C GLU A 3427 -28.10 35.33 -56.58
N GLU A 3428 -27.05 35.25 -55.76
CA GLU A 3428 -25.74 35.73 -56.16
C GLU A 3428 -25.14 34.93 -57.31
N GLU A 3429 -25.54 33.67 -57.49
CA GLU A 3429 -24.98 32.87 -58.57
C GLU A 3429 -25.55 33.29 -59.93
N ASN A 3430 -26.77 33.79 -59.96
CA ASN A 3430 -27.41 34.17 -61.22
C ASN A 3430 -27.75 35.65 -61.25
N LEU A 3439 -36.89 39.10 -52.94
CA LEU A 3439 -36.09 39.16 -51.73
C LEU A 3439 -35.36 40.50 -51.63
N GLN A 3440 -35.68 41.25 -50.58
CA GLN A 3440 -35.09 42.58 -50.41
C GLN A 3440 -34.62 42.89 -49.00
N ALA A 3441 -35.14 42.22 -47.97
CA ALA A 3441 -34.77 42.49 -46.59
C ALA A 3441 -34.02 41.32 -45.96
N TYR A 3442 -33.34 40.54 -46.77
CA TYR A 3442 -32.62 39.37 -46.29
C TYR A 3442 -31.25 39.69 -45.68
N PRO A 3443 -30.41 40.52 -46.31
CA PRO A 3443 -29.05 40.70 -45.76
C PRO A 3443 -29.03 41.22 -44.33
N ALA A 3444 -29.76 42.30 -44.05
CA ALA A 3444 -29.77 42.84 -42.70
C ALA A 3444 -30.29 41.81 -41.72
N LEU A 3445 -31.32 41.06 -42.12
CA LEU A 3445 -31.89 40.04 -41.25
C LEU A 3445 -30.85 38.97 -40.91
N VAL A 3446 -30.12 38.50 -41.94
CA VAL A 3446 -29.09 37.49 -41.71
C VAL A 3446 -28.04 38.01 -40.75
N VAL A 3447 -27.54 39.22 -41.01
CA VAL A 3447 -26.45 39.76 -40.20
C VAL A 3447 -26.89 39.89 -38.75
N GLU A 3448 -28.03 40.52 -38.52
CA GLU A 3448 -28.47 40.72 -37.14
C GLU A 3448 -28.76 39.39 -36.47
N LYS A 3449 -29.35 38.43 -37.19
CA LYS A 3449 -29.74 37.19 -36.56
C LYS A 3449 -28.51 36.38 -36.13
N MET A 3450 -27.56 36.18 -37.02
CA MET A 3450 -26.43 35.36 -36.59
C MET A 3450 -25.49 36.12 -35.67
N LEU A 3451 -25.51 37.46 -35.68
CA LEU A 3451 -24.76 38.17 -34.66
C LEU A 3451 -25.44 38.10 -33.30
N LYS A 3452 -26.77 37.99 -33.27
CA LYS A 3452 -27.44 37.62 -32.02
C LYS A 3452 -27.04 36.21 -31.61
N ALA A 3453 -26.85 35.33 -32.59
CA ALA A 3453 -26.45 33.95 -32.28
C ALA A 3453 -25.06 33.90 -31.67
N LEU A 3454 -24.13 34.75 -32.14
CA LEU A 3454 -22.79 34.72 -31.56
C LEU A 3454 -22.77 35.19 -30.12
N LYS A 3455 -23.70 36.05 -29.70
CA LYS A 3455 -23.76 36.41 -28.28
C LYS A 3455 -23.89 35.17 -27.42
N LEU A 3456 -24.75 34.24 -27.85
CA LEU A 3456 -24.75 32.91 -27.27
C LEU A 3456 -23.56 32.12 -27.78
N ASN A 3457 -23.13 31.15 -26.99
CA ASN A 3457 -22.03 30.27 -27.42
C ASN A 3457 -22.58 29.28 -28.44
N SER A 3458 -22.60 29.71 -29.69
CA SER A 3458 -23.13 28.91 -30.80
C SER A 3458 -21.99 28.58 -31.76
N ASN A 3459 -21.43 27.38 -31.62
CA ASN A 3459 -20.35 26.97 -32.51
C ASN A 3459 -20.80 26.92 -33.95
N GLU A 3460 -22.09 26.69 -34.19
CA GLU A 3460 -22.60 26.73 -35.55
C GLU A 3460 -22.47 28.11 -36.16
N ALA A 3461 -22.75 29.15 -35.35
CA ALA A 3461 -22.68 30.52 -35.86
C ALA A 3461 -21.24 30.99 -36.02
N ARG A 3462 -20.34 30.54 -35.15
CA ARG A 3462 -18.94 30.97 -35.24
C ARG A 3462 -18.30 30.50 -36.53
N LEU A 3463 -18.58 29.26 -36.94
CA LEU A 3463 -17.96 28.72 -38.14
C LEU A 3463 -18.52 29.34 -39.42
N LYS A 3464 -19.68 30.00 -39.33
CA LYS A 3464 -20.26 30.67 -40.48
C LYS A 3464 -20.01 32.17 -40.46
N PHE A 3465 -19.21 32.65 -39.51
CA PHE A 3465 -19.03 34.10 -39.37
C PHE A 3465 -18.44 34.76 -40.61
N PRO A 3466 -17.34 34.26 -41.21
CA PRO A 3466 -16.76 34.98 -42.35
C PRO A 3466 -17.69 35.12 -43.54
N ARG A 3467 -18.84 34.46 -43.52
CA ARG A 3467 -19.87 34.76 -44.51
C ARG A 3467 -20.35 36.19 -44.36
N LEU A 3468 -20.45 36.67 -43.13
CA LEU A 3468 -20.82 38.07 -42.91
C LEU A 3468 -19.83 39.02 -43.55
N LEU A 3469 -18.53 38.72 -43.45
CA LEU A 3469 -17.53 39.62 -43.98
C LEU A 3469 -17.71 39.87 -45.46
N GLN A 3470 -18.34 38.95 -46.19
CA GLN A 3470 -18.69 39.18 -47.58
C GLN A 3470 -20.16 39.54 -47.77
N ILE A 3471 -20.98 39.43 -46.72
CA ILE A 3471 -22.31 40.03 -46.76
C ILE A 3471 -22.23 41.54 -46.62
N ILE A 3472 -21.13 42.09 -46.08
CA ILE A 3472 -20.99 43.53 -45.96
C ILE A 3472 -20.17 44.15 -47.08
N GLU A 3473 -19.62 43.34 -47.99
CA GLU A 3473 -18.98 43.90 -49.19
C GLU A 3473 -19.99 44.05 -50.30
N ARG A 3474 -20.57 42.95 -50.76
CA ARG A 3474 -21.77 43.01 -51.55
C ARG A 3474 -22.94 43.30 -50.63
N TYR A 3475 -23.85 44.17 -51.08
CA TYR A 3475 -24.92 44.70 -50.25
C TYR A 3475 -24.33 45.43 -49.05
N PRO A 3476 -23.48 46.42 -49.32
CA PRO A 3476 -22.78 47.15 -48.28
C PRO A 3476 -23.66 48.11 -47.56
N GLU A 3477 -24.95 48.10 -47.88
CA GLU A 3477 -25.85 49.01 -47.21
C GLU A 3477 -25.86 48.75 -45.73
N GLU A 3478 -25.93 47.47 -45.36
CA GLU A 3478 -25.95 47.04 -43.95
C GLU A 3478 -24.59 46.92 -43.25
N THR A 3479 -23.59 47.67 -43.72
CA THR A 3479 -22.26 47.71 -43.15
C THR A 3479 -22.21 48.66 -41.99
N LEU A 3480 -23.20 49.53 -41.90
CA LEU A 3480 -23.30 50.50 -40.85
C LEU A 3480 -24.32 49.99 -39.87
N SER A 3481 -25.11 50.88 -39.29
CA SER A 3481 -26.47 50.58 -38.74
C SER A 3481 -26.69 49.21 -38.08
N LEU A 3482 -26.77 48.19 -38.93
CA LEU A 3482 -26.89 46.82 -38.55
C LEU A 3482 -25.55 46.27 -38.07
N MET A 3483 -24.67 45.93 -39.02
CA MET A 3483 -23.39 45.27 -38.72
C MET A 3483 -22.48 45.79 -37.64
N THR A 3484 -22.21 47.08 -37.66
CA THR A 3484 -21.36 47.66 -36.66
C THR A 3484 -21.97 47.65 -35.28
N LYS A 3485 -23.20 48.11 -35.17
CA LYS A 3485 -23.85 48.15 -33.89
C LYS A 3485 -23.98 46.79 -33.26
N GLU A 3486 -24.34 45.81 -34.05
CA GLU A 3486 -24.55 44.48 -33.53
C GLU A 3486 -23.31 43.83 -32.99
N ILE A 3487 -22.21 43.99 -33.68
CA ILE A 3487 -20.98 43.34 -33.31
C ILE A 3487 -20.25 43.84 -32.10
N SER A 3488 -20.59 45.03 -31.64
CA SER A 3488 -19.92 45.65 -30.51
C SER A 3488 -20.19 45.01 -29.17
N SER A 3489 -21.27 44.26 -29.11
CA SER A 3489 -21.71 43.56 -27.92
C SER A 3489 -21.32 42.09 -27.90
N VAL A 3490 -20.69 41.59 -28.95
CA VAL A 3490 -20.26 40.19 -28.97
C VAL A 3490 -18.96 40.07 -28.18
N PRO A 3491 -18.83 39.09 -27.29
CA PRO A 3491 -17.56 38.91 -26.57
C PRO A 3491 -16.44 38.65 -27.55
N CYS A 3492 -15.49 39.57 -27.63
CA CYS A 3492 -14.48 39.51 -28.68
C CYS A 3492 -13.42 38.43 -28.44
N TRP A 3493 -13.58 37.60 -27.41
CA TRP A 3493 -12.79 36.38 -27.37
C TRP A 3493 -13.32 35.34 -28.33
N GLN A 3494 -14.48 35.58 -28.93
CA GLN A 3494 -14.84 34.95 -30.19
C GLN A 3494 -13.94 35.57 -31.26
N PHE A 3495 -14.20 35.26 -32.52
CA PHE A 3495 -13.51 35.91 -33.62
C PHE A 3495 -12.02 35.58 -33.69
N ILE A 3496 -11.50 34.85 -32.71
CA ILE A 3496 -10.07 34.53 -32.72
C ILE A 3496 -9.71 33.72 -33.95
N SER A 3497 -10.45 32.64 -34.20
CA SER A 3497 -10.14 31.78 -35.33
C SER A 3497 -10.28 32.48 -36.67
N TRP A 3498 -10.94 33.64 -36.71
CA TRP A 3498 -11.11 34.40 -37.94
C TRP A 3498 -10.32 35.69 -37.93
N ILE A 3499 -9.35 35.84 -37.02
CA ILE A 3499 -8.57 37.08 -36.97
C ILE A 3499 -7.90 37.34 -38.31
N SER A 3500 -7.30 36.31 -38.89
CA SER A 3500 -6.58 36.42 -40.15
C SER A 3500 -7.46 37.01 -41.24
N HIS A 3501 -8.77 37.08 -41.00
CA HIS A 3501 -9.70 37.66 -41.98
C HIS A 3501 -9.94 39.14 -41.72
N MET A 3502 -10.17 39.52 -40.46
CA MET A 3502 -10.46 40.91 -40.17
C MET A 3502 -9.26 41.81 -40.42
N VAL A 3503 -8.08 41.39 -39.95
CA VAL A 3503 -6.88 42.18 -40.18
C VAL A 3503 -6.62 42.36 -41.67
N ALA A 3504 -7.24 41.52 -42.51
CA ALA A 3504 -7.02 41.64 -43.95
C ALA A 3504 -7.68 42.89 -44.51
N LEU A 3505 -8.89 43.22 -44.05
CA LEU A 3505 -9.64 44.32 -44.63
C LEU A 3505 -9.60 45.58 -43.77
N LEU A 3506 -8.60 45.72 -42.91
CA LEU A 3506 -8.49 46.93 -42.13
C LEU A 3506 -8.10 48.14 -42.97
N ASP A 3507 -7.73 47.95 -44.24
CA ASP A 3507 -7.40 49.04 -45.13
C ASP A 3507 -8.50 49.38 -46.11
N LYS A 3508 -9.24 48.39 -46.58
CA LYS A 3508 -10.26 48.63 -47.59
C LYS A 3508 -11.43 49.40 -46.96
N ASP A 3509 -12.45 49.63 -47.77
CA ASP A 3509 -13.68 50.21 -47.26
C ASP A 3509 -14.30 49.24 -46.27
N GLN A 3510 -15.42 49.63 -45.65
CA GLN A 3510 -16.10 48.86 -44.59
C GLN A 3510 -15.11 48.32 -43.56
N ALA A 3511 -13.99 49.03 -43.36
CA ALA A 3511 -13.09 48.69 -42.27
C ALA A 3511 -13.72 48.96 -40.92
N VAL A 3512 -14.84 49.67 -40.89
CA VAL A 3512 -15.65 49.83 -39.69
C VAL A 3512 -16.29 48.49 -39.41
N ALA A 3513 -16.89 48.34 -38.21
CA ALA A 3513 -17.59 47.14 -37.79
C ALA A 3513 -16.62 46.02 -37.45
N VAL A 3514 -15.35 46.22 -37.73
CA VAL A 3514 -14.30 45.36 -37.19
C VAL A 3514 -13.29 46.13 -36.35
N GLN A 3515 -13.23 47.45 -36.48
CA GLN A 3515 -12.22 48.23 -35.76
C GLN A 3515 -12.39 48.09 -34.26
N HIS A 3516 -13.62 48.11 -33.76
CA HIS A 3516 -13.83 47.96 -32.32
C HIS A 3516 -13.41 46.57 -31.87
N SER A 3517 -13.80 45.54 -32.61
CA SER A 3517 -13.46 44.18 -32.21
C SER A 3517 -11.95 43.94 -32.26
N VAL A 3518 -11.29 44.40 -33.32
CA VAL A 3518 -9.86 44.18 -33.43
C VAL A 3518 -9.11 45.00 -32.38
N GLU A 3519 -9.56 46.22 -32.12
CA GLU A 3519 -8.90 47.05 -31.12
C GLU A 3519 -9.16 46.56 -29.70
N GLU A 3520 -10.23 45.80 -29.49
CA GLU A 3520 -10.42 45.18 -28.18
C GLU A 3520 -9.60 43.92 -28.05
N ILE A 3521 -9.56 43.09 -29.09
CA ILE A 3521 -8.79 41.86 -29.04
C ILE A 3521 -7.30 42.17 -28.92
N THR A 3522 -6.87 43.32 -29.45
CA THR A 3522 -5.51 43.77 -29.19
C THR A 3522 -5.30 44.02 -27.71
N ASP A 3523 -6.25 44.69 -27.07
CA ASP A 3523 -6.07 45.10 -25.68
C ASP A 3523 -6.07 43.90 -24.75
N ASN A 3524 -7.04 43.00 -24.89
CA ASN A 3524 -7.22 41.96 -23.89
C ASN A 3524 -6.54 40.65 -24.23
N TYR A 3525 -6.37 40.34 -25.51
CA TYR A 3525 -5.72 39.09 -25.93
C TYR A 3525 -4.69 39.38 -27.01
N PRO A 3526 -3.60 40.05 -26.65
CA PRO A 3526 -2.49 40.15 -27.61
C PRO A 3526 -1.80 38.80 -27.72
N GLN A 3527 -0.79 38.69 -28.57
CA GLN A 3527 -0.13 37.43 -28.87
C GLN A 3527 -1.07 36.50 -29.62
N ALA A 3528 -2.31 36.94 -29.81
CA ALA A 3528 -3.27 36.26 -30.69
C ALA A 3528 -3.49 37.01 -31.98
N ILE A 3529 -3.12 38.28 -32.03
CA ILE A 3529 -3.21 39.07 -33.25
C ILE A 3529 -1.84 39.47 -33.79
N VAL A 3530 -0.78 39.35 -32.99
CA VAL A 3530 0.51 39.91 -33.37
C VAL A 3530 1.03 39.25 -34.64
N TYR A 3531 0.91 37.93 -34.73
CA TYR A 3531 1.38 37.26 -35.95
C TYR A 3531 0.50 37.56 -37.15
N PRO A 3532 -0.84 37.43 -37.08
CA PRO A 3532 -1.65 37.84 -38.24
C PRO A 3532 -1.45 39.29 -38.61
N PHE A 3533 -1.28 40.16 -37.62
CA PHE A 3533 -1.06 41.57 -37.93
C PHE A 3533 0.29 41.77 -38.63
N ILE A 3534 1.31 41.04 -38.20
CA ILE A 3534 2.60 41.16 -38.86
C ILE A 3534 2.50 40.69 -40.30
N ILE A 3535 1.81 39.58 -40.53
CA ILE A 3535 1.68 39.07 -41.90
C ILE A 3535 0.93 40.06 -42.77
N SER A 3536 -0.19 40.59 -42.27
CA SER A 3536 -1.02 41.45 -43.11
C SER A 3536 -0.41 42.82 -43.31
N SER A 3537 0.12 43.42 -42.24
CA SER A 3537 0.49 44.83 -42.25
C SER A 3537 1.56 45.16 -43.28
N GLU A 3538 2.27 44.17 -43.79
CA GLU A 3538 3.33 44.39 -44.75
C GLU A 3538 2.84 44.35 -46.19
N SER A 3539 1.54 44.19 -46.42
CA SER A 3539 1.09 43.94 -47.78
C SER A 3539 -0.11 44.78 -48.21
N TYR A 3540 -0.62 45.67 -47.35
CA TYR A 3540 -1.74 46.50 -47.75
C TYR A 3540 -1.43 47.98 -47.60
N SER A 3541 -1.98 48.75 -48.54
CA SER A 3541 -1.80 50.19 -48.62
C SER A 3541 -3.15 50.88 -48.61
N PHE A 3542 -3.18 52.11 -48.10
CA PHE A 3542 -4.42 52.86 -47.90
C PHE A 3542 -4.63 53.82 -49.06
N LYS A 3543 -4.98 53.27 -50.21
CA LYS A 3543 -5.26 54.07 -51.40
C LYS A 3543 -6.73 54.50 -51.39
N ASP A 3544 -7.08 55.28 -50.39
CA ASP A 3544 -8.41 55.87 -50.33
C ASP A 3544 -8.38 57.38 -50.23
N THR A 3545 -7.50 57.95 -49.39
CA THR A 3545 -7.27 59.39 -49.28
C THR A 3545 -8.52 60.15 -48.85
N SER A 3546 -9.62 59.45 -48.60
CA SER A 3546 -10.84 60.07 -48.07
C SER A 3546 -11.15 59.53 -46.68
N THR A 3547 -11.30 58.22 -46.54
CA THR A 3547 -11.34 57.58 -45.23
C THR A 3547 -10.11 56.73 -44.97
N GLY A 3548 -9.22 56.59 -45.95
CA GLY A 3548 -7.95 55.95 -45.70
C GLY A 3548 -7.13 56.67 -44.65
N HIS A 3549 -7.32 57.99 -44.53
CA HIS A 3549 -6.75 58.74 -43.42
C HIS A 3549 -7.40 58.36 -42.10
N LYS A 3550 -8.62 57.82 -42.13
CA LYS A 3550 -9.30 57.36 -40.93
C LYS A 3550 -9.01 55.90 -40.62
N ASN A 3551 -8.12 55.26 -41.37
CA ASN A 3551 -7.69 53.90 -41.10
C ASN A 3551 -6.19 53.75 -40.96
N LYS A 3552 -5.41 54.59 -41.64
CA LYS A 3552 -3.95 54.53 -41.49
C LYS A 3552 -3.55 54.84 -40.06
N GLU A 3553 -4.19 55.84 -39.44
CA GLU A 3553 -3.89 56.14 -38.05
C GLU A 3553 -4.33 55.01 -37.13
N PHE A 3554 -5.39 54.29 -37.49
CA PHE A 3554 -5.82 53.17 -36.65
C PHE A 3554 -4.83 52.03 -36.71
N VAL A 3555 -4.37 51.67 -37.91
CA VAL A 3555 -3.40 50.59 -38.00
C VAL A 3555 -2.08 51.02 -37.36
N ALA A 3556 -1.72 52.30 -37.46
CA ALA A 3556 -0.53 52.78 -36.76
C ALA A 3556 -0.69 52.66 -35.26
N ARG A 3557 -1.87 52.99 -34.74
CA ARG A 3557 -2.11 52.85 -33.31
C ARG A 3557 -2.02 51.40 -32.88
N ILE A 3558 -2.59 50.49 -33.66
CA ILE A 3558 -2.50 49.08 -33.31
C ILE A 3558 -1.05 48.60 -33.35
N LYS A 3559 -0.31 49.01 -34.38
CA LYS A 3559 1.09 48.60 -34.47
C LYS A 3559 1.90 49.11 -33.30
N SER A 3560 1.66 50.36 -32.89
CA SER A 3560 2.31 50.90 -31.70
C SER A 3560 1.78 50.30 -30.40
N LYS A 3561 0.65 49.59 -30.46
CA LYS A 3561 0.09 48.95 -29.29
C LYS A 3561 0.41 47.47 -29.21
N LEU A 3562 1.01 46.89 -30.24
CA LEU A 3562 1.34 45.48 -30.26
C LEU A 3562 2.80 45.20 -30.00
N ASP A 3563 3.71 46.05 -30.46
CA ASP A 3563 5.13 45.90 -30.18
C ASP A 3563 5.37 46.35 -28.75
N GLN A 3564 5.28 45.41 -27.81
CA GLN A 3564 5.45 45.74 -26.41
C GLN A 3564 6.84 46.28 -26.13
N GLY A 3565 7.86 45.54 -26.55
CA GLY A 3565 9.23 45.99 -26.41
C GLY A 3565 10.07 45.53 -27.59
N GLY A 3566 9.40 45.05 -28.63
CA GLY A 3566 10.10 44.48 -29.76
C GLY A 3566 10.56 43.06 -29.57
N VAL A 3567 10.09 42.37 -28.52
CA VAL A 3567 10.50 40.99 -28.30
C VAL A 3567 9.99 40.09 -29.42
N ILE A 3568 8.80 40.38 -29.95
CA ILE A 3568 8.27 39.58 -31.05
C ILE A 3568 9.14 39.73 -32.29
N GLN A 3569 9.49 40.97 -32.63
CA GLN A 3569 10.35 41.18 -33.78
C GLN A 3569 11.73 40.59 -33.55
N ASP A 3570 12.23 40.63 -32.32
CA ASP A 3570 13.49 39.97 -32.03
C ASP A 3570 13.40 38.47 -32.27
N PHE A 3571 12.30 37.86 -31.83
CA PHE A 3571 12.11 36.43 -32.05
C PHE A 3571 12.10 36.10 -33.53
N ILE A 3572 11.34 36.88 -34.31
CA ILE A 3572 11.22 36.61 -35.74
C ILE A 3572 12.57 36.83 -36.43
N ASN A 3573 13.31 37.85 -36.02
CA ASN A 3573 14.64 38.07 -36.59
C ASN A 3573 15.61 36.97 -36.21
N ALA A 3574 15.50 36.44 -34.99
CA ALA A 3574 16.40 35.37 -34.56
C ALA A 3574 15.99 34.02 -35.09
N LEU A 3575 14.81 33.89 -35.68
CA LEU A 3575 14.47 32.64 -36.35
C LEU A 3575 14.93 32.61 -37.80
N ASP A 3576 14.76 33.71 -38.54
CA ASP A 3576 15.13 33.68 -39.94
C ASP A 3576 16.64 33.60 -40.14
N GLN A 3577 17.44 33.77 -39.09
CA GLN A 3577 18.85 33.47 -39.19
C GLN A 3577 19.11 31.99 -39.39
N LEU A 3578 18.13 31.14 -39.10
CA LEU A 3578 18.30 29.71 -39.28
C LEU A 3578 18.22 29.31 -40.75
N SER A 3579 17.47 30.07 -41.56
CA SER A 3579 17.30 29.70 -42.95
C SER A 3579 18.62 29.76 -43.70
N ASN A 3580 18.78 28.85 -44.66
CA ASN A 3580 20.00 28.81 -45.45
C ASN A 3580 20.12 30.07 -46.29
N PRO A 3581 21.27 30.74 -46.30
CA PRO A 3581 21.41 31.91 -47.17
C PRO A 3581 21.25 31.60 -48.64
N GLU A 3582 21.72 30.44 -49.09
CA GLU A 3582 21.67 30.13 -50.51
C GLU A 3582 20.24 30.00 -51.00
N LEU A 3583 19.39 29.34 -50.21
CA LEU A 3583 17.98 29.23 -50.58
C LEU A 3583 17.31 30.59 -50.61
N LEU A 3584 17.66 31.45 -49.65
CA LEU A 3584 17.10 32.79 -49.61
C LEU A 3584 17.47 33.57 -50.88
N PHE A 3585 18.75 33.50 -51.27
CA PHE A 3585 19.14 34.22 -52.48
C PHE A 3585 18.55 33.58 -53.72
N LYS A 3586 18.39 32.26 -53.74
CA LYS A 3586 17.76 31.62 -54.89
C LYS A 3586 16.32 32.08 -55.03
N ASP A 3587 15.60 32.19 -53.92
CA ASP A 3587 14.24 32.70 -53.96
C ASP A 3587 14.21 34.15 -54.43
N TRP A 3588 15.18 34.96 -53.97
CA TRP A 3588 15.24 36.34 -54.43
C TRP A 3588 15.53 36.40 -55.94
N SER A 3589 16.42 35.55 -56.41
CA SER A 3589 16.74 35.53 -57.84
C SER A 3589 15.53 35.10 -58.67
N ASN A 3590 14.78 34.12 -58.17
CA ASN A 3590 13.56 33.74 -58.87
C ASN A 3590 12.54 34.85 -58.87
N ASP A 3591 12.44 35.58 -57.75
CA ASP A 3591 11.49 36.69 -57.67
C ASP A 3591 11.83 37.82 -58.63
N VAL A 3592 13.12 38.15 -58.76
CA VAL A 3592 13.51 39.23 -59.66
C VAL A 3592 13.52 38.75 -61.12
N ARG A 3593 13.87 37.49 -61.36
CA ARG A 3593 13.83 36.96 -62.72
C ARG A 3593 12.44 37.04 -63.31
N ALA A 3594 11.40 36.89 -62.48
CA ALA A 3594 10.02 37.00 -62.92
C ALA A 3594 9.50 38.43 -62.85
N GLU A 3595 10.39 39.42 -62.88
CA GLU A 3595 10.01 40.83 -62.91
C GLU A 3595 9.95 41.24 -64.38
N LEU A 3596 8.79 41.03 -65.00
CA LEU A 3596 8.53 41.41 -66.38
C LEU A 3596 9.59 40.82 -67.32
N ALA A 3597 9.59 39.48 -67.38
CA ALA A 3597 10.56 38.79 -68.21
C ALA A 3597 10.26 38.99 -69.69
N LYS A 3598 9.01 38.80 -70.10
CA LYS A 3598 8.61 38.86 -71.50
C LYS A 3598 8.18 40.25 -71.95
N THR A 3599 8.11 41.21 -71.04
CA THR A 3599 7.70 42.57 -71.35
C THR A 3599 8.69 43.54 -70.72
N PRO A 3600 8.88 44.72 -71.32
CA PRO A 3600 9.84 45.68 -70.75
C PRO A 3600 9.51 46.00 -69.30
N VAL A 3601 10.55 45.97 -68.46
CA VAL A 3601 10.37 46.15 -67.02
C VAL A 3601 10.11 47.62 -66.76
N ASN A 3602 8.84 47.95 -66.50
CA ASN A 3602 8.44 49.31 -66.19
C ASN A 3602 8.45 49.60 -64.70
N LYS A 3603 8.89 48.64 -63.89
CA LYS A 3603 8.85 48.76 -62.43
C LYS A 3603 10.27 48.98 -61.92
N LYS A 3604 10.46 50.09 -61.19
CA LYS A 3604 11.69 50.34 -60.46
C LYS A 3604 11.47 50.74 -59.01
N ASN A 3605 10.29 51.26 -58.66
CA ASN A 3605 9.95 51.45 -57.26
C ASN A 3605 9.86 50.11 -56.52
N ILE A 3606 9.32 49.09 -57.17
CA ILE A 3606 9.26 47.76 -56.57
C ILE A 3606 10.61 47.08 -56.51
N GLU A 3607 11.62 47.65 -57.16
CA GLU A 3607 12.97 47.09 -57.09
C GLU A 3607 13.62 47.29 -55.75
N LYS A 3608 12.85 47.78 -54.78
CA LYS A 3608 13.33 47.85 -53.40
C LYS A 3608 13.59 46.47 -52.82
N MET A 3609 13.01 45.42 -53.42
CA MET A 3609 13.20 44.07 -52.90
C MET A 3609 14.68 43.72 -52.78
N TYR A 3610 15.52 44.30 -53.64
CA TYR A 3610 16.95 44.04 -53.56
C TYR A 3610 17.49 44.40 -52.18
N GLU A 3611 17.13 45.57 -51.66
CA GLU A 3611 17.61 45.92 -50.34
C GLU A 3611 17.07 44.96 -49.29
N ARG A 3612 15.87 44.41 -49.51
CA ARG A 3612 15.38 43.37 -48.62
C ARG A 3612 16.32 42.17 -48.64
N MET A 3613 16.81 41.81 -49.81
CA MET A 3613 17.88 40.82 -49.87
C MET A 3613 19.14 41.36 -49.21
N TYR A 3614 19.47 42.63 -49.46
CA TYR A 3614 20.71 43.18 -48.93
C TYR A 3614 20.67 43.28 -47.41
N ALA A 3615 19.55 43.70 -46.85
CA ALA A 3615 19.43 43.79 -45.40
C ALA A 3615 19.59 42.43 -44.74
N ALA A 3616 19.40 41.34 -45.48
CA ALA A 3616 19.61 40.00 -44.97
C ALA A 3616 20.91 39.38 -45.46
N LEU A 3617 21.42 39.81 -46.62
CA LEU A 3617 22.66 39.31 -47.17
C LEU A 3617 23.52 40.51 -47.57
N GLY A 3618 24.63 40.69 -46.89
CA GLY A 3618 25.34 41.95 -46.86
C GLY A 3618 25.08 42.68 -45.55
N ASP A 3619 25.74 43.84 -45.42
CA ASP A 3619 25.57 44.67 -44.23
C ASP A 3619 25.96 43.86 -42.98
N PRO A 3620 27.25 43.63 -42.74
CA PRO A 3620 27.67 42.70 -41.69
C PRO A 3620 27.20 43.08 -40.28
N LYS A 3621 26.50 44.19 -40.15
CA LYS A 3621 25.85 44.56 -38.90
C LYS A 3621 24.36 44.29 -39.02
N ALA A 3622 23.79 43.68 -37.99
CA ALA A 3622 22.38 43.29 -38.00
C ALA A 3622 21.91 43.15 -36.57
N PRO A 3623 20.59 43.21 -36.33
CA PRO A 3623 20.11 43.11 -34.94
C PRO A 3623 20.51 41.82 -34.24
N GLY A 3624 20.55 40.69 -34.95
CA GLY A 3624 20.85 39.44 -34.30
C GLY A 3624 21.69 38.48 -35.11
N LEU A 3625 22.51 39.02 -36.01
CA LEU A 3625 23.29 38.17 -36.91
C LEU A 3625 24.26 37.29 -36.13
N GLY A 3626 24.33 36.01 -36.50
CA GLY A 3626 25.19 35.06 -35.85
C GLY A 3626 26.28 34.55 -36.76
N ALA A 3627 27.01 33.55 -36.25
CA ALA A 3627 28.22 33.09 -36.93
C ALA A 3627 27.91 32.49 -38.30
N PHE A 3628 26.82 31.73 -38.41
CA PHE A 3628 26.53 31.00 -39.64
C PHE A 3628 26.39 31.93 -40.84
N ARG A 3629 25.65 33.03 -40.69
CA ARG A 3629 25.48 33.93 -41.81
C ARG A 3629 26.46 35.09 -41.79
N ARG A 3630 27.10 35.38 -40.65
CA ARG A 3630 28.21 36.33 -40.68
C ARG A 3630 29.38 35.77 -41.45
N LYS A 3631 29.55 34.44 -41.42
CA LYS A 3631 30.53 33.80 -42.28
C LYS A 3631 30.19 34.02 -43.74
N PHE A 3632 28.91 33.90 -44.09
CA PHE A 3632 28.48 34.06 -45.46
C PHE A 3632 28.66 35.50 -45.94
N ILE A 3633 28.25 36.47 -45.13
CA ILE A 3633 28.29 37.87 -45.55
C ILE A 3633 29.72 38.27 -45.86
N GLN A 3634 30.67 37.85 -45.02
CA GLN A 3634 32.07 38.18 -45.24
C GLN A 3634 32.59 37.61 -46.55
N THR A 3635 31.96 36.56 -47.08
CA THR A 3635 32.44 35.88 -48.28
C THR A 3635 31.74 36.36 -49.55
N PHE A 3636 30.42 36.21 -49.62
CA PHE A 3636 29.66 36.54 -50.81
C PHE A 3636 29.07 37.94 -50.75
N GLY A 3637 28.38 38.28 -49.68
CA GLY A 3637 27.82 39.60 -49.55
C GLY A 3637 28.85 40.69 -49.32
N LYS A 3638 30.13 40.32 -49.20
CA LYS A 3638 31.19 41.30 -49.06
C LYS A 3638 31.18 42.29 -50.22
N GLU A 3639 31.40 41.80 -51.43
CA GLU A 3639 31.34 42.63 -52.62
C GLU A 3639 30.56 42.01 -53.77
N PHE A 3640 30.45 40.68 -53.83
CA PHE A 3640 29.88 40.05 -55.03
C PHE A 3640 28.47 40.54 -55.30
N ASP A 3641 27.64 40.65 -54.26
CA ASP A 3641 26.31 41.20 -54.43
C ASP A 3641 26.38 42.66 -54.84
N LYS A 3642 27.33 43.40 -54.27
CA LYS A 3642 27.52 44.79 -54.67
C LYS A 3642 28.21 44.89 -56.02
N HIS A 3643 29.15 43.99 -56.29
CA HIS A 3643 29.83 43.99 -57.58
C HIS A 3643 28.87 43.67 -58.72
N PHE A 3644 27.97 42.71 -58.49
CA PHE A 3644 27.01 42.25 -59.49
C PHE A 3644 25.65 42.85 -59.14
N GLY A 3645 25.36 44.02 -59.67
CA GLY A 3645 24.11 44.67 -59.34
C GLY A 3645 24.24 45.62 -58.17
N LYS A 3646 25.16 46.58 -58.28
CA LYS A 3646 25.38 47.57 -57.23
C LYS A 3646 24.07 48.19 -56.77
N GLY A 3647 23.89 48.25 -55.45
CA GLY A 3647 22.66 48.75 -54.88
C GLY A 3647 22.36 50.19 -55.21
N GLY A 3648 23.35 50.92 -55.69
CA GLY A 3648 23.14 52.29 -56.13
C GLY A 3648 22.71 52.40 -57.57
N SER A 3649 23.51 51.85 -58.49
CA SER A 3649 23.25 51.99 -59.92
C SER A 3649 22.94 50.67 -60.60
N LYS A 3650 23.83 49.68 -60.51
CA LYS A 3650 23.69 48.49 -61.34
C LYS A 3650 22.51 47.62 -60.93
N LEU A 3651 21.90 47.87 -59.77
CA LEU A 3651 20.74 47.09 -59.36
C LEU A 3651 19.58 47.26 -60.32
N LEU A 3652 19.59 48.30 -61.15
CA LEU A 3652 18.48 48.64 -62.03
C LEU A 3652 18.81 48.36 -63.49
N ARG A 3653 19.57 47.30 -63.76
CA ARG A 3653 19.91 46.89 -65.11
C ARG A 3653 18.94 45.84 -65.61
N MET A 3654 18.52 45.97 -66.87
CA MET A 3654 17.55 45.07 -67.48
C MET A 3654 18.25 44.23 -68.54
N LYS A 3655 18.64 43.01 -68.17
CA LYS A 3655 19.21 42.06 -69.11
C LYS A 3655 18.36 40.80 -69.25
N LEU A 3656 18.05 40.13 -68.14
CA LEU A 3656 17.24 38.92 -68.10
C LEU A 3656 17.89 37.77 -68.84
N SER A 3657 19.08 38.01 -69.40
CA SER A 3657 19.93 36.98 -69.96
C SER A 3657 21.31 36.98 -69.33
N ASP A 3658 21.89 38.15 -69.10
CA ASP A 3658 23.07 38.26 -68.26
C ASP A 3658 22.75 37.92 -66.81
N PHE A 3659 21.53 38.23 -66.38
CA PHE A 3659 21.14 37.98 -64.99
C PHE A 3659 21.20 36.48 -64.68
N ASN A 3660 20.68 35.65 -65.58
CA ASN A 3660 20.65 34.22 -65.32
C ASN A 3660 22.06 33.65 -65.21
N ASP A 3661 22.95 34.03 -66.14
CA ASP A 3661 24.29 33.45 -66.14
C ASP A 3661 25.11 33.98 -64.97
N ILE A 3662 24.91 35.25 -64.59
CA ILE A 3662 25.64 35.75 -63.43
C ILE A 3662 25.13 35.10 -62.15
N THR A 3663 23.82 34.85 -62.05
CA THR A 3663 23.27 34.31 -60.82
C THR A 3663 23.62 32.84 -60.64
N ASN A 3664 23.54 32.06 -61.71
CA ASN A 3664 23.77 30.62 -61.56
C ASN A 3664 25.20 30.32 -61.12
N MET A 3665 26.16 31.15 -61.53
CA MET A 3665 27.54 30.89 -61.10
C MET A 3665 27.73 31.22 -59.62
N LEU A 3666 27.10 32.29 -59.12
CA LEU A 3666 27.09 32.49 -57.67
C LEU A 3666 26.45 31.30 -56.96
N LEU A 3667 25.33 30.80 -57.48
CA LEU A 3667 24.64 29.69 -56.81
C LEU A 3667 25.50 28.44 -56.77
N LEU A 3668 26.14 28.10 -57.89
CA LEU A 3668 27.02 26.94 -57.91
C LEU A 3668 28.30 27.18 -57.12
N LYS A 3669 28.65 28.43 -56.85
CA LYS A 3669 29.73 28.71 -55.91
C LYS A 3669 29.27 28.48 -54.47
N MET A 3670 28.06 28.92 -54.13
CA MET A 3670 27.59 28.85 -52.75
C MET A 3670 27.33 27.40 -52.33
N ASN A 3671 26.60 26.65 -53.16
CA ASN A 3671 26.13 25.34 -52.68
C ASN A 3671 27.30 24.42 -52.37
N LYS A 3672 28.47 24.66 -52.96
CA LYS A 3672 29.66 23.90 -52.63
C LYS A 3672 30.12 24.19 -51.20
N ASP A 3673 30.07 25.45 -50.80
CA ASP A 3673 30.61 25.89 -49.51
C ASP A 3673 29.54 26.63 -48.71
N SER A 3674 28.35 26.05 -48.63
CA SER A 3674 27.26 26.60 -47.84
C SER A 3674 27.20 25.99 -46.45
N LYS A 3675 28.35 25.60 -45.90
CA LYS A 3675 28.44 24.89 -44.63
C LYS A 3675 27.55 23.65 -44.68
N PRO A 3676 27.95 22.61 -45.40
CA PRO A 3676 27.11 21.41 -45.51
C PRO A 3676 26.73 20.84 -44.15
N PRO A 3677 27.63 20.85 -43.16
CA PRO A 3677 27.15 20.65 -41.78
C PRO A 3677 26.26 21.81 -41.41
N GLY A 3678 25.03 21.51 -41.00
CA GLY A 3678 24.05 22.56 -40.82
C GLY A 3678 24.47 23.59 -39.80
N ASN A 3679 24.42 23.24 -38.51
CA ASN A 3679 24.72 24.17 -37.42
C ASN A 3679 24.69 23.52 -36.05
N LEU A 3680 25.01 24.34 -35.04
CA LEU A 3680 24.62 24.14 -33.66
C LEU A 3680 24.10 25.47 -33.14
N LYS A 3681 23.22 25.40 -32.15
CA LYS A 3681 22.46 26.58 -31.75
C LYS A 3681 23.36 27.74 -31.29
N GLU A 3682 24.54 27.43 -30.76
CA GLU A 3682 25.38 28.48 -30.20
C GLU A 3682 25.90 29.47 -31.24
N CYS A 3683 25.79 29.16 -32.53
CA CYS A 3683 26.43 29.98 -33.55
C CYS A 3683 25.46 30.73 -34.45
N SER A 3684 24.32 30.14 -34.82
CA SER A 3684 23.47 30.83 -35.79
C SER A 3684 22.66 31.97 -35.17
N PRO A 3685 21.78 31.73 -34.19
CA PRO A 3685 21.01 32.85 -33.62
C PRO A 3685 21.61 33.40 -32.34
N TRP A 3686 20.90 34.34 -31.71
CA TRP A 3686 21.11 34.68 -30.32
C TRP A 3686 20.24 33.88 -29.38
N MET A 3687 19.39 32.97 -29.90
CA MET A 3687 18.49 32.23 -29.04
C MET A 3687 19.23 31.35 -28.04
N SER A 3688 20.49 31.02 -28.30
CA SER A 3688 21.28 30.27 -27.33
C SER A 3688 21.56 31.07 -26.07
N ASP A 3689 21.33 32.37 -26.09
CA ASP A 3689 21.50 33.24 -24.94
C ASP A 3689 20.17 33.81 -24.47
N PHE A 3690 19.13 33.00 -24.52
CA PHE A 3690 17.77 33.44 -24.17
C PHE A 3690 17.47 32.96 -22.75
N LYS A 3691 17.47 33.90 -21.82
CA LYS A 3691 17.03 33.65 -20.45
C LYS A 3691 15.78 34.49 -20.20
N VAL A 3692 14.76 33.86 -19.64
CA VAL A 3692 13.50 34.56 -19.43
C VAL A 3692 13.65 35.47 -18.21
N GLU A 3693 14.07 36.70 -18.44
CA GLU A 3693 14.42 37.58 -17.34
C GLU A 3693 13.17 38.12 -16.66
N PHE A 3694 13.39 39.08 -15.76
CA PHE A 3694 12.45 39.40 -14.70
C PHE A 3694 11.56 40.58 -15.07
N LEU A 3695 10.29 40.48 -14.70
CA LEU A 3695 9.25 41.52 -14.73
C LEU A 3695 8.71 41.77 -16.14
N ARG A 3696 9.33 41.27 -17.19
CA ARG A 3696 8.82 41.44 -18.56
C ARG A 3696 9.61 40.48 -19.45
N ASN A 3697 9.50 40.67 -20.77
CA ASN A 3697 10.00 39.73 -21.77
C ASN A 3697 9.22 38.43 -21.68
N GLU A 3698 7.91 38.54 -21.90
CA GLU A 3698 7.02 37.39 -21.85
C GLU A 3698 6.64 36.99 -23.27
N LEU A 3699 6.98 35.77 -23.64
CA LEU A 3699 6.75 35.23 -24.96
C LEU A 3699 6.08 33.87 -24.81
N GLU A 3700 5.27 33.48 -25.79
CA GLU A 3700 4.59 32.20 -25.69
C GLU A 3700 4.68 31.47 -27.01
N ILE A 3701 4.62 30.14 -26.91
CA ILE A 3701 4.76 29.27 -28.09
C ILE A 3701 3.67 29.62 -29.09
N PRO A 3702 4.02 29.89 -30.35
CA PRO A 3702 3.02 30.38 -31.30
C PRO A 3702 1.91 29.38 -31.56
N GLY A 3703 0.73 29.91 -31.84
CA GLY A 3703 -0.38 29.10 -32.28
C GLY A 3703 -1.17 28.39 -31.20
N GLN A 3704 -1.16 28.93 -29.98
CA GLN A 3704 -1.92 28.32 -28.90
C GLN A 3704 -3.35 28.82 -28.81
N TYR A 3705 -3.70 29.86 -29.56
CA TYR A 3705 -5.03 30.46 -29.49
C TYR A 3705 -5.92 29.82 -30.54
N ASP A 3706 -6.82 28.95 -30.10
CA ASP A 3706 -7.86 28.40 -30.95
C ASP A 3706 -9.18 29.08 -30.59
N GLY A 3707 -9.91 29.51 -31.61
CA GLY A 3707 -11.13 30.27 -31.36
C GLY A 3707 -12.20 29.49 -30.63
N ARG A 3708 -12.12 28.16 -30.63
CA ARG A 3708 -13.14 27.34 -30.02
C ARG A 3708 -13.11 27.47 -28.50
N GLY A 3709 -14.02 26.76 -27.85
CA GLY A 3709 -13.99 26.64 -26.41
C GLY A 3709 -14.25 27.94 -25.68
N LYS A 3710 -13.84 27.96 -24.43
CA LYS A 3710 -14.13 29.05 -23.50
C LYS A 3710 -13.32 30.28 -23.89
N PRO A 3711 -13.53 31.41 -23.21
CA PRO A 3711 -12.58 32.53 -23.37
C PRO A 3711 -11.19 32.09 -22.96
N LEU A 3712 -10.20 32.61 -23.66
CA LEU A 3712 -8.88 32.01 -23.62
C LEU A 3712 -8.18 32.37 -22.33
N PRO A 3713 -7.84 31.41 -21.48
CA PRO A 3713 -7.05 31.71 -20.29
C PRO A 3713 -5.57 31.69 -20.61
N GLU A 3714 -4.83 32.51 -19.87
CA GLU A 3714 -3.38 32.61 -20.07
C GLU A 3714 -2.63 31.69 -19.11
N TYR A 3715 -2.94 30.40 -19.23
CA TYR A 3715 -2.06 29.33 -18.80
C TYR A 3715 -1.23 28.81 -19.97
N HIS A 3716 -1.09 29.62 -21.01
CA HIS A 3716 -0.41 29.19 -22.22
C HIS A 3716 1.07 28.96 -21.94
N VAL A 3717 1.64 27.95 -22.60
CA VAL A 3717 3.05 27.65 -22.41
C VAL A 3717 3.88 28.80 -22.93
N ARG A 3718 4.83 29.26 -22.11
CA ARG A 3718 5.69 30.38 -22.45
C ARG A 3718 7.08 29.88 -22.79
N ILE A 3719 7.69 30.52 -23.79
CA ILE A 3719 9.04 30.13 -24.19
C ILE A 3719 9.99 30.43 -23.03
N ALA A 3720 10.72 29.42 -22.60
CA ALA A 3720 11.69 29.54 -21.51
C ALA A 3720 13.06 29.04 -21.95
N GLY A 3721 13.43 29.33 -23.18
CA GLY A 3721 14.71 28.91 -23.69
C GLY A 3721 14.57 27.79 -24.70
N PHE A 3722 15.48 27.78 -25.66
CA PHE A 3722 15.49 26.80 -26.73
C PHE A 3722 16.62 25.81 -26.50
N ASP A 3723 16.41 24.58 -26.96
CA ASP A 3723 17.43 23.56 -26.80
C ASP A 3723 18.64 23.88 -27.67
N GLU A 3724 19.78 23.30 -27.30
CA GLU A 3724 21.05 23.58 -27.96
C GLU A 3724 21.36 22.55 -29.04
N ARG A 3725 20.42 22.32 -29.96
CA ARG A 3725 20.61 21.31 -31.00
C ARG A 3725 19.70 21.62 -32.17
N VAL A 3726 20.29 21.97 -33.31
CA VAL A 3726 19.56 22.19 -34.55
C VAL A 3726 19.86 21.02 -35.48
N THR A 3727 18.83 20.28 -35.86
CA THR A 3727 18.96 19.14 -36.76
C THR A 3727 18.32 19.49 -38.08
N VAL A 3728 19.16 19.72 -39.04
CA VAL A 3728 18.71 20.08 -40.32
C VAL A 3728 18.45 18.81 -41.06
N MET A 3729 17.19 18.49 -41.32
CA MET A 3729 16.82 17.27 -42.01
C MET A 3729 17.28 17.23 -43.47
N ALA A 3730 17.64 16.04 -43.94
CA ALA A 3730 18.07 15.86 -45.32
C ALA A 3730 16.88 16.09 -46.26
N SER A 3731 16.83 17.28 -46.84
CA SER A 3731 15.74 17.65 -47.74
C SER A 3731 16.22 18.60 -48.83
N LEU A 3732 15.28 19.33 -49.42
CA LEU A 3732 15.61 20.27 -50.49
C LEU A 3732 15.73 21.70 -49.96
N ARG A 3733 14.82 22.06 -49.05
CA ARG A 3733 14.82 23.39 -48.46
C ARG A 3733 15.64 23.43 -47.17
N ARG A 3734 16.15 22.26 -46.78
CA ARG A 3734 16.96 22.12 -45.57
C ARG A 3734 16.32 22.77 -44.36
N PRO A 3735 15.09 22.36 -44.03
CA PRO A 3735 14.35 22.89 -42.89
C PRO A 3735 14.96 22.43 -41.57
N LYS A 3736 15.12 23.34 -40.62
CA LYS A 3736 15.70 23.00 -39.34
C LYS A 3736 14.62 22.59 -38.34
N ARG A 3737 15.05 21.87 -37.31
CA ARG A 3737 14.13 21.33 -36.31
C ARG A 3737 14.62 21.74 -34.92
N ILE A 3738 14.05 22.79 -34.37
CA ILE A 3738 14.44 23.28 -33.06
C ILE A 3738 13.56 22.63 -32.01
N ILE A 3739 13.99 22.71 -30.76
CA ILE A 3739 13.21 22.24 -29.62
C ILE A 3739 13.02 23.40 -28.66
N ILE A 3740 11.78 23.83 -28.50
CA ILE A 3740 11.45 24.97 -27.65
C ILE A 3740 11.07 24.43 -26.28
N ARG A 3741 11.73 24.91 -25.24
CA ARG A 3741 11.51 24.41 -23.88
C ARG A 3741 10.56 25.37 -23.18
N GLY A 3742 9.33 24.93 -22.97
CA GLY A 3742 8.34 25.77 -22.35
C GLY A 3742 8.49 25.84 -20.85
N HIS A 3743 7.77 26.79 -20.25
CA HIS A 3743 7.83 26.98 -18.81
C HIS A 3743 7.01 25.95 -18.04
N ASP A 3744 6.22 25.13 -18.72
CA ASP A 3744 5.45 24.09 -18.06
C ASP A 3744 6.22 22.79 -17.93
N GLU A 3745 7.55 22.84 -18.01
CA GLU A 3745 8.42 21.68 -17.85
C GLU A 3745 8.13 20.61 -18.91
N ARG A 3746 8.28 21.01 -20.16
CA ARG A 3746 8.15 20.09 -21.29
C ARG A 3746 8.95 20.63 -22.46
N GLU A 3747 9.22 19.76 -23.43
CA GLU A 3747 9.95 20.13 -24.63
C GLU A 3747 9.01 19.97 -25.82
N HIS A 3748 8.79 21.06 -26.55
CA HIS A 3748 7.95 21.03 -27.74
C HIS A 3748 8.84 21.18 -28.97
N PRO A 3749 9.01 20.14 -29.78
CA PRO A 3749 9.77 20.32 -31.02
C PRO A 3749 8.97 21.15 -32.00
N PHE A 3750 9.69 21.86 -32.86
CA PHE A 3750 9.08 22.65 -33.90
C PHE A 3750 9.99 22.62 -35.10
N LEU A 3751 9.42 22.83 -36.28
CA LEU A 3751 10.16 22.73 -37.52
C LEU A 3751 10.03 24.07 -38.22
N VAL A 3752 11.16 24.72 -38.50
CA VAL A 3752 11.17 26.01 -39.17
C VAL A 3752 11.30 25.82 -40.69
N LYS A 3753 10.70 26.73 -41.45
CA LYS A 3753 10.75 26.66 -42.90
C LYS A 3753 12.01 27.34 -43.44
N GLY A 3754 12.13 27.39 -44.76
CA GLY A 3754 13.27 28.02 -45.41
C GLY A 3754 12.89 29.19 -46.28
N GLY A 3755 11.65 29.66 -46.12
CA GLY A 3755 11.17 30.79 -46.89
C GLY A 3755 9.83 30.55 -47.56
N GLU A 3756 9.03 29.63 -47.03
CA GLU A 3756 7.73 29.34 -47.60
C GLU A 3756 6.65 30.20 -46.93
N ASP A 3757 5.55 30.36 -47.65
CA ASP A 3757 4.38 31.09 -47.16
C ASP A 3757 3.38 30.04 -46.66
N LEU A 3758 3.27 29.92 -45.35
CA LEU A 3758 2.45 28.87 -44.74
C LEU A 3758 1.02 29.31 -44.48
N ARG A 3759 0.53 30.33 -45.18
CA ARG A 3759 -0.87 30.73 -44.99
C ARG A 3759 -1.81 29.69 -45.57
N GLN A 3760 -1.54 29.23 -46.79
CA GLN A 3760 -2.40 28.23 -47.41
C GLN A 3760 -2.44 26.95 -46.58
N ASP A 3761 -1.30 26.55 -46.05
CA ASP A 3761 -1.27 25.35 -45.22
C ASP A 3761 -2.11 25.53 -43.96
N GLN A 3762 -2.05 26.71 -43.34
CA GLN A 3762 -2.85 26.94 -42.14
C GLN A 3762 -4.34 26.94 -42.46
N ARG A 3763 -4.72 27.52 -43.59
CA ARG A 3763 -6.14 27.49 -43.96
C ARG A 3763 -6.60 26.06 -44.23
N VAL A 3764 -5.77 25.27 -44.90
CA VAL A 3764 -6.16 23.88 -45.14
C VAL A 3764 -6.28 23.13 -43.81
N GLU A 3765 -5.43 23.46 -42.84
CA GLU A 3765 -5.58 22.83 -41.54
C GLU A 3765 -6.86 23.25 -40.84
N GLN A 3766 -7.27 24.50 -41.01
CA GLN A 3766 -8.58 24.90 -40.47
C GLN A 3766 -9.71 24.13 -41.15
N LEU A 3767 -9.58 23.91 -42.45
CA LEU A 3767 -10.56 23.07 -43.14
C LEU A 3767 -10.61 21.67 -42.55
N PHE A 3768 -9.45 21.10 -42.25
CA PHE A 3768 -9.42 19.78 -41.64
C PHE A 3768 -10.03 19.80 -40.25
N GLN A 3769 -9.89 20.90 -39.52
CA GLN A 3769 -10.56 21.00 -38.23
C GLN A 3769 -12.07 21.01 -38.40
N VAL A 3770 -12.57 21.73 -39.40
CA VAL A 3770 -14.00 21.73 -39.68
C VAL A 3770 -14.48 20.33 -40.05
N MET A 3771 -13.74 19.62 -40.89
CA MET A 3771 -14.12 18.26 -41.23
C MET A 3771 -14.05 17.33 -40.04
N ASN A 3772 -13.11 17.54 -39.13
CA ASN A 3772 -13.10 16.77 -37.90
C ASN A 3772 -14.37 17.01 -37.10
N GLY A 3773 -14.82 18.25 -37.04
CA GLY A 3773 -16.08 18.54 -36.39
C GLY A 3773 -17.24 17.80 -37.03
N ILE A 3774 -17.32 17.84 -38.36
CA ILE A 3774 -18.42 17.17 -39.06
C ILE A 3774 -18.37 15.67 -38.80
N LEU A 3775 -17.19 15.07 -38.87
CA LEU A 3775 -17.08 13.63 -38.63
C LEU A 3775 -17.46 13.27 -37.20
N ALA A 3776 -17.07 14.08 -36.22
CA ALA A 3776 -17.45 13.78 -34.85
C ALA A 3776 -18.91 14.04 -34.57
N GLN A 3777 -19.60 14.82 -35.41
CA GLN A 3777 -21.03 15.04 -35.23
C GLN A 3777 -21.90 13.99 -35.90
N ASP A 3778 -21.30 12.99 -36.54
CA ASP A 3778 -22.04 11.93 -37.20
C ASP A 3778 -21.95 10.65 -36.40
N SER A 3779 -23.04 9.87 -36.40
CA SER A 3779 -23.09 8.66 -35.57
C SER A 3779 -22.16 7.59 -36.11
N ALA A 3780 -22.38 7.17 -37.36
CA ALA A 3780 -21.62 6.05 -37.93
C ALA A 3780 -20.14 6.38 -38.05
N CYS A 3781 -19.81 7.65 -38.26
CA CYS A 3781 -18.41 8.06 -38.34
C CYS A 3781 -17.83 8.36 -36.97
N SER A 3782 -18.62 8.31 -35.91
CA SER A 3782 -18.10 8.42 -34.56
C SER A 3782 -17.93 7.08 -33.88
N GLN A 3783 -18.74 6.09 -34.26
CA GLN A 3783 -18.55 4.76 -33.69
C GLN A 3783 -17.25 4.13 -34.17
N ARG A 3784 -16.79 4.50 -35.36
CA ARG A 3784 -15.48 4.08 -35.83
C ARG A 3784 -14.35 4.95 -35.31
N ALA A 3785 -14.67 6.03 -34.60
CA ALA A 3785 -13.69 7.02 -34.14
C ALA A 3785 -12.87 7.55 -35.30
N LEU A 3786 -13.58 8.02 -36.34
CA LEU A 3786 -12.92 8.58 -37.51
C LEU A 3786 -12.55 10.03 -37.24
N GLN A 3787 -11.26 10.34 -37.31
CA GLN A 3787 -10.80 11.69 -37.10
C GLN A 3787 -9.59 11.94 -37.98
N LEU A 3788 -9.62 13.02 -38.74
CA LEU A 3788 -8.44 13.44 -39.49
C LEU A 3788 -7.37 13.92 -38.52
N ARG A 3789 -6.13 13.53 -38.75
CA ARG A 3789 -5.03 13.88 -37.88
C ARG A 3789 -4.41 15.18 -38.36
N THR A 3790 -4.42 16.20 -37.50
CA THR A 3790 -3.98 17.53 -37.86
C THR A 3790 -2.81 17.96 -36.98
N TYR A 3791 -1.96 18.82 -37.53
CA TYR A 3791 -0.78 19.30 -36.84
C TYR A 3791 -0.73 20.82 -36.93
N SER A 3792 -0.40 21.47 -35.81
CA SER A 3792 -0.43 22.92 -35.75
C SER A 3792 0.55 23.54 -36.72
N VAL A 3793 0.10 24.55 -37.45
CA VAL A 3793 0.94 25.33 -38.34
C VAL A 3793 0.76 26.80 -38.00
N VAL A 3794 1.85 27.53 -37.85
CA VAL A 3794 1.80 28.92 -37.47
C VAL A 3794 2.65 29.74 -38.41
N PRO A 3795 2.07 30.50 -39.33
CA PRO A 3795 2.86 31.44 -40.13
C PRO A 3795 3.10 32.70 -39.32
N MET A 3796 4.37 33.11 -39.24
CA MET A 3796 4.71 34.33 -38.51
C MET A 3796 5.09 35.49 -39.41
N THR A 3797 5.41 35.20 -40.67
CA THR A 3797 5.80 36.24 -41.61
C THR A 3797 5.50 35.69 -43.00
N SER A 3798 5.51 36.56 -43.99
CA SER A 3798 5.22 36.11 -45.35
C SER A 3798 6.27 35.12 -45.85
N ARG A 3799 7.42 35.02 -45.19
CA ARG A 3799 8.49 34.13 -45.61
C ARG A 3799 9.04 33.29 -44.45
N LEU A 3800 8.20 32.95 -43.48
CA LEU A 3800 8.66 32.18 -42.34
C LEU A 3800 7.48 31.54 -41.66
N GLY A 3801 7.72 30.43 -40.95
CA GLY A 3801 6.67 29.77 -40.23
C GLY A 3801 7.19 28.60 -39.44
N LEU A 3802 6.40 28.21 -38.44
CA LEU A 3802 6.72 27.06 -37.58
C LEU A 3802 5.63 26.02 -37.76
N ILE A 3803 6.00 24.81 -38.12
CA ILE A 3803 5.06 23.70 -38.16
C ILE A 3803 5.42 22.72 -37.06
N GLU A 3804 4.41 22.24 -36.35
CA GLU A 3804 4.60 21.28 -35.26
C GLU A 3804 5.33 20.04 -35.78
N TRP A 3805 6.39 19.65 -35.08
CA TRP A 3805 7.17 18.49 -35.47
C TRP A 3805 6.60 17.21 -34.85
N LEU A 3806 5.82 16.50 -35.67
CA LEU A 3806 5.19 15.26 -35.25
C LEU A 3806 6.27 14.25 -34.90
N GLU A 3807 6.33 13.89 -33.63
CA GLU A 3807 7.33 12.96 -33.16
C GLU A 3807 7.01 11.50 -33.48
N ASN A 3808 8.07 10.71 -33.55
CA ASN A 3808 8.05 9.27 -33.77
C ASN A 3808 7.32 8.92 -35.07
N THR A 3809 7.57 9.68 -36.13
CA THR A 3809 6.95 9.44 -37.42
C THR A 3809 8.02 9.37 -38.50
N VAL A 3810 7.74 8.57 -39.53
CA VAL A 3810 8.64 8.44 -40.67
C VAL A 3810 7.85 8.63 -41.95
N THR A 3811 8.43 9.33 -42.90
CA THR A 3811 7.76 9.50 -44.19
C THR A 3811 7.60 8.14 -44.85
N LEU A 3812 6.54 8.02 -45.65
CA LEU A 3812 6.16 6.71 -46.16
C LEU A 3812 7.25 6.13 -47.06
N LYS A 3813 7.89 6.97 -47.87
CA LYS A 3813 8.94 6.47 -48.75
C LYS A 3813 10.08 5.87 -47.94
N ASP A 3814 10.47 6.52 -46.85
CA ASP A 3814 11.54 5.99 -46.02
C ASP A 3814 11.13 4.67 -45.38
N LEU A 3815 9.89 4.57 -44.93
CA LEU A 3815 9.41 3.31 -44.35
C LEU A 3815 9.44 2.19 -45.38
N LEU A 3816 9.01 2.47 -46.61
CA LEU A 3816 9.04 1.45 -47.64
C LEU A 3816 10.46 1.04 -47.98
N LEU A 3817 11.37 2.01 -48.11
CA LEU A 3817 12.73 1.67 -48.51
C LEU A 3817 13.49 0.96 -47.41
N ASN A 3818 13.23 1.28 -46.15
CA ASN A 3818 13.98 0.68 -45.06
C ASN A 3818 13.77 -0.83 -45.00
N THR A 3819 12.55 -1.29 -45.23
CA THR A 3819 12.26 -2.71 -45.14
C THR A 3819 12.70 -3.50 -46.35
N MET A 3820 13.14 -2.83 -47.41
CA MET A 3820 13.78 -3.55 -48.51
C MET A 3820 15.09 -4.15 -48.03
N SER A 3821 15.39 -5.34 -48.53
CA SER A 3821 16.69 -5.93 -48.24
C SER A 3821 17.78 -5.14 -48.93
N GLN A 3822 19.01 -5.29 -48.43
CA GLN A 3822 20.10 -4.42 -48.87
C GLN A 3822 20.36 -4.58 -50.37
N GLU A 3823 20.57 -5.81 -50.82
CA GLU A 3823 20.75 -6.02 -52.26
C GLU A 3823 19.49 -5.70 -53.03
N GLU A 3824 18.33 -5.96 -52.43
CA GLU A 3824 17.06 -5.68 -53.09
C GLU A 3824 16.86 -4.18 -53.25
N LYS A 3825 17.18 -3.41 -52.20
CA LYS A 3825 17.12 -1.97 -52.29
C LYS A 3825 18.11 -1.44 -53.32
N ALA A 3826 19.31 -2.01 -53.36
CA ALA A 3826 20.30 -1.59 -54.36
C ALA A 3826 19.79 -1.86 -55.76
N ALA A 3827 19.17 -3.01 -55.97
CA ALA A 3827 18.60 -3.31 -57.28
C ALA A 3827 17.50 -2.34 -57.65
N TYR A 3828 16.63 -1.99 -56.70
CA TYR A 3828 15.56 -1.05 -57.01
C TYR A 3828 16.10 0.32 -57.33
N LEU A 3829 17.15 0.76 -56.62
CA LEU A 3829 17.61 2.14 -56.79
C LEU A 3829 18.45 2.31 -58.05
N SER A 3830 19.40 1.41 -58.31
CA SER A 3830 20.38 1.57 -59.39
C SER A 3830 20.42 0.30 -60.23
N ASP A 3831 19.55 0.22 -61.24
CA ASP A 3831 19.53 -0.89 -62.18
C ASP A 3831 18.66 -0.53 -63.38
N PRO A 3832 19.13 -0.71 -64.61
CA PRO A 3832 18.28 -0.42 -65.76
C PRO A 3832 17.01 -1.24 -65.82
N ARG A 3833 16.96 -2.39 -65.14
CA ARG A 3833 15.73 -3.15 -65.00
C ARG A 3833 14.83 -2.62 -63.90
N ALA A 3834 15.34 -1.73 -63.04
CA ALA A 3834 14.51 -1.19 -61.97
C ALA A 3834 13.46 -0.23 -62.53
N PRO A 3835 12.31 -0.16 -61.90
CA PRO A 3835 11.23 0.71 -62.39
C PRO A 3835 11.65 2.16 -62.54
N PRO A 3836 12.42 2.75 -61.61
CA PRO A 3836 12.72 4.18 -61.76
C PRO A 3836 13.39 4.53 -63.07
N CYS A 3837 14.26 3.67 -63.59
CA CYS A 3837 14.89 3.91 -64.87
C CYS A 3837 14.18 3.22 -66.02
N GLU A 3838 13.53 2.09 -65.77
CA GLU A 3838 12.75 1.44 -66.82
C GLU A 3838 11.61 2.33 -67.29
N TYR A 3839 11.02 3.12 -66.39
CA TYR A 3839 9.94 4.01 -66.79
C TYR A 3839 10.44 5.10 -67.72
N LYS A 3840 11.59 5.70 -67.40
CA LYS A 3840 12.17 6.68 -68.31
C LYS A 3840 12.53 6.04 -69.64
N ASP A 3841 13.06 4.81 -69.60
CA ASP A 3841 13.38 4.10 -70.83
C ASP A 3841 12.14 3.91 -71.70
N TRP A 3842 11.06 3.44 -71.09
CA TRP A 3842 9.83 3.22 -71.84
C TRP A 3842 9.24 4.53 -72.36
N LEU A 3843 9.37 5.61 -71.57
CA LEU A 3843 8.85 6.90 -72.00
C LEU A 3843 9.59 7.40 -73.23
N THR A 3844 10.93 7.38 -73.17
CA THR A 3844 11.70 7.86 -74.31
C THR A 3844 11.67 6.88 -75.47
N LYS A 3845 11.31 5.63 -75.22
CA LYS A 3845 11.18 4.66 -76.30
C LYS A 3845 10.00 4.97 -77.20
N MET A 3846 8.84 5.24 -76.59
CA MET A 3846 7.62 5.45 -77.33
C MET A 3846 7.40 6.91 -77.70
N SER A 3847 8.37 7.77 -77.40
CA SER A 3847 8.37 9.16 -77.84
C SER A 3847 9.77 9.74 -77.65
N GLY A 3848 10.30 10.40 -78.67
CA GLY A 3848 11.64 10.94 -78.60
C GLY A 3848 11.78 12.10 -77.63
N LYS A 3849 12.86 12.86 -77.78
CA LYS A 3849 13.16 14.05 -76.98
C LYS A 3849 12.83 13.83 -75.51
N HIS A 3850 13.56 12.89 -74.90
CA HIS A 3850 13.40 12.57 -73.49
C HIS A 3850 13.42 13.83 -72.65
N ASP A 3851 12.29 14.13 -72.01
CA ASP A 3851 12.05 15.40 -71.35
C ASP A 3851 10.68 15.33 -70.71
N VAL A 3852 10.35 16.36 -69.91
CA VAL A 3852 8.99 16.48 -69.40
C VAL A 3852 7.97 16.73 -70.50
N GLY A 3853 8.42 17.06 -71.70
CA GLY A 3853 7.55 17.15 -72.85
C GLY A 3853 7.32 15.85 -73.58
N ALA A 3854 7.94 14.76 -73.13
CA ALA A 3854 7.73 13.47 -73.77
C ALA A 3854 6.34 12.92 -73.46
N TYR A 3855 5.78 13.27 -72.30
CA TYR A 3855 4.44 12.84 -71.97
C TYR A 3855 3.42 13.39 -72.96
N MET A 3856 3.70 14.57 -73.52
CA MET A 3856 2.77 15.18 -74.46
C MET A 3856 2.53 14.24 -75.64
N LEU A 3857 3.61 13.66 -76.17
CA LEU A 3857 3.49 12.71 -77.27
C LEU A 3857 3.03 11.35 -76.77
N MET A 3858 3.47 10.96 -75.58
CA MET A 3858 3.15 9.63 -75.06
C MET A 3858 1.64 9.46 -74.89
N TYR A 3859 0.96 10.51 -74.43
CA TYR A 3859 -0.49 10.41 -74.25
C TYR A 3859 -1.19 10.15 -75.57
N LYS A 3860 -0.75 10.81 -76.63
CA LYS A 3860 -1.36 10.64 -77.94
C LYS A 3860 -0.71 9.57 -78.79
N GLY A 3861 0.34 8.93 -78.29
CA GLY A 3861 1.02 7.88 -79.04
C GLY A 3861 0.71 6.49 -78.53
N ALA A 3862 0.58 6.36 -77.21
CA ALA A 3862 0.34 5.08 -76.58
C ALA A 3862 -1.10 4.64 -76.78
N ASN A 3863 -1.37 3.39 -76.43
CA ASN A 3863 -2.70 2.81 -76.50
C ASN A 3863 -2.97 2.02 -75.23
N ARG A 3864 -4.27 1.85 -74.94
CA ARG A 3864 -4.71 1.34 -73.65
C ARG A 3864 -4.30 -0.12 -73.43
N THR A 3865 -3.83 -0.81 -74.45
CA THR A 3865 -3.39 -2.20 -74.28
C THR A 3865 -1.92 -2.29 -73.90
N GLU A 3866 -1.04 -1.68 -74.72
CA GLU A 3866 0.38 -1.78 -74.45
C GLU A 3866 0.78 -0.98 -73.22
N THR A 3867 0.09 0.12 -72.93
CA THR A 3867 0.40 0.88 -71.72
C THR A 3867 0.15 0.04 -70.48
N VAL A 3868 -1.00 -0.63 -70.42
CA VAL A 3868 -1.30 -1.47 -69.28
C VAL A 3868 -0.37 -2.67 -69.23
N THR A 3869 -0.04 -3.24 -70.39
CA THR A 3869 0.91 -4.35 -70.41
C THR A 3869 2.24 -3.93 -69.80
N SER A 3870 2.77 -2.79 -70.25
CA SER A 3870 4.03 -2.30 -69.74
C SER A 3870 3.96 -1.98 -68.26
N PHE A 3871 2.85 -1.39 -67.81
CA PHE A 3871 2.71 -1.06 -66.40
C PHE A 3871 2.70 -2.32 -65.54
N ARG A 3872 1.91 -3.32 -65.94
CA ARG A 3872 1.87 -4.55 -65.17
C ARG A 3872 3.22 -5.26 -65.20
N LYS A 3873 3.97 -5.12 -66.30
CA LYS A 3873 5.30 -5.71 -66.37
C LYS A 3873 6.25 -5.04 -65.38
N ARG A 3874 6.30 -3.71 -65.40
CA ARG A 3874 7.23 -3.01 -64.53
C ARG A 3874 6.77 -3.00 -63.08
N GLU A 3875 5.50 -3.31 -62.82
CA GLU A 3875 5.01 -3.35 -61.45
C GLU A 3875 5.62 -4.51 -60.68
N SER A 3876 5.81 -5.65 -61.33
CA SER A 3876 6.30 -6.83 -60.65
C SER A 3876 7.73 -6.67 -60.16
N LYS A 3877 8.47 -5.70 -60.70
CA LYS A 3877 9.85 -5.50 -60.28
C LYS A 3877 9.95 -5.18 -58.80
N VAL A 3878 9.12 -4.23 -58.34
CA VAL A 3878 9.09 -3.84 -56.93
C VAL A 3878 8.55 -5.03 -56.15
N PRO A 3879 8.94 -5.23 -54.89
CA PRO A 3879 8.42 -6.37 -54.14
C PRO A 3879 6.91 -6.33 -54.02
N ALA A 3880 6.31 -7.51 -53.94
CA ALA A 3880 4.86 -7.61 -53.91
C ALA A 3880 4.28 -6.99 -52.65
N ASP A 3881 4.86 -7.29 -51.49
CA ASP A 3881 4.33 -6.87 -50.20
C ASP A 3881 5.44 -6.21 -49.39
N LEU A 3882 5.65 -4.91 -49.63
CA LEU A 3882 6.63 -4.19 -48.83
C LEU A 3882 6.02 -3.67 -47.55
N LEU A 3883 4.79 -3.17 -47.62
CA LEU A 3883 4.18 -2.56 -46.46
C LEU A 3883 3.77 -3.59 -45.43
N LYS A 3884 3.33 -4.77 -45.86
CA LYS A 3884 3.02 -5.82 -44.91
C LYS A 3884 4.28 -6.30 -44.21
N ARG A 3885 5.40 -6.38 -44.93
CA ARG A 3885 6.67 -6.71 -44.27
C ARG A 3885 7.06 -5.62 -43.30
N ALA A 3886 6.80 -4.35 -43.65
CA ALA A 3886 7.09 -3.26 -42.72
C ALA A 3886 6.29 -3.40 -41.44
N PHE A 3887 5.00 -3.73 -41.56
CA PHE A 3887 4.16 -3.80 -40.37
C PHE A 3887 4.44 -5.05 -39.54
N VAL A 3888 4.79 -6.16 -40.19
CA VAL A 3888 5.03 -7.39 -39.45
C VAL A 3888 6.37 -7.38 -38.75
N ARG A 3889 7.26 -6.44 -39.08
CA ARG A 3889 8.54 -6.34 -38.40
C ARG A 3889 8.46 -5.54 -37.12
N MET A 3890 7.74 -4.41 -37.12
CA MET A 3890 7.62 -3.59 -35.93
C MET A 3890 6.41 -3.95 -35.09
N SER A 3891 5.95 -5.20 -35.16
CA SER A 3891 4.86 -5.67 -34.33
C SER A 3891 5.29 -6.96 -33.66
N THR A 3892 5.09 -7.04 -32.34
CA THR A 3892 5.51 -8.21 -31.59
C THR A 3892 4.58 -9.39 -31.88
N SER A 3893 3.31 -9.24 -31.57
CA SER A 3893 2.34 -10.30 -31.66
C SER A 3893 1.27 -9.98 -32.69
N PRO A 3894 0.65 -11.00 -33.29
CA PRO A 3894 -0.38 -10.72 -34.32
C PRO A 3894 -1.53 -9.89 -33.80
N GLU A 3895 -1.82 -9.98 -32.50
CA GLU A 3895 -2.85 -9.13 -31.91
C GLU A 3895 -2.52 -7.66 -32.07
N ALA A 3896 -1.25 -7.33 -32.28
CA ALA A 3896 -0.82 -5.96 -32.53
C ALA A 3896 -0.65 -5.65 -34.01
N PHE A 3897 -0.16 -6.60 -34.80
CA PHE A 3897 -0.04 -6.35 -36.23
C PHE A 3897 -1.40 -6.11 -36.85
N LEU A 3898 -2.41 -6.85 -36.41
CA LEU A 3898 -3.74 -6.64 -36.97
C LEU A 3898 -4.28 -5.27 -36.61
N ALA A 3899 -4.03 -4.81 -35.38
CA ALA A 3899 -4.48 -3.48 -35.00
C ALA A 3899 -3.76 -2.41 -35.80
N LEU A 3900 -2.45 -2.57 -36.01
CA LEU A 3900 -1.71 -1.62 -36.84
C LEU A 3900 -2.28 -1.58 -38.25
N ARG A 3901 -2.55 -2.75 -38.83
CA ARG A 3901 -3.07 -2.77 -40.20
C ARG A 3901 -4.43 -2.10 -40.27
N SER A 3902 -5.31 -2.40 -39.32
CA SER A 3902 -6.65 -1.82 -39.36
C SER A 3902 -6.59 -0.30 -39.20
N HIS A 3903 -5.78 0.18 -38.26
CA HIS A 3903 -5.69 1.62 -38.06
C HIS A 3903 -5.08 2.32 -39.28
N PHE A 3904 -4.05 1.72 -39.87
CA PHE A 3904 -3.47 2.31 -41.07
C PHE A 3904 -4.51 2.40 -42.17
N ALA A 3905 -5.23 1.30 -42.43
CA ALA A 3905 -6.20 1.31 -43.52
C ALA A 3905 -7.30 2.32 -43.26
N SER A 3906 -7.81 2.39 -42.03
CA SER A 3906 -8.86 3.34 -41.72
C SER A 3906 -8.40 4.78 -41.93
N SER A 3907 -7.26 5.14 -41.34
CA SER A 3907 -6.80 6.52 -41.45
C SER A 3907 -6.47 6.89 -42.88
N HIS A 3908 -5.86 5.97 -43.63
CA HIS A 3908 -5.52 6.28 -45.01
C HIS A 3908 -6.76 6.43 -45.87
N ALA A 3909 -7.77 5.59 -45.65
CA ALA A 3909 -9.01 5.78 -46.40
C ALA A 3909 -9.63 7.13 -46.08
N LEU A 3910 -9.60 7.52 -44.81
CA LEU A 3910 -10.18 8.80 -44.43
C LEU A 3910 -9.46 9.96 -45.12
N ILE A 3911 -8.12 9.93 -45.15
CA ILE A 3911 -7.45 11.05 -45.79
C ILE A 3911 -7.64 10.98 -47.30
N CYS A 3912 -7.77 9.77 -47.85
CA CYS A 3912 -8.00 9.66 -49.28
C CYS A 3912 -9.34 10.28 -49.68
N ILE A 3913 -10.33 10.19 -48.82
CA ILE A 3913 -11.63 10.79 -49.13
C ILE A 3913 -11.73 12.26 -48.72
N SER A 3914 -10.86 12.74 -47.83
CA SER A 3914 -10.86 14.17 -47.56
C SER A 3914 -10.08 14.93 -48.62
N HIS A 3915 -8.89 14.44 -48.97
CA HIS A 3915 -8.05 15.12 -49.94
C HIS A 3915 -8.62 15.07 -51.34
N TRP A 3916 -9.63 14.25 -51.59
CA TRP A 3916 -10.31 14.34 -52.88
C TRP A 3916 -11.32 15.48 -52.89
N ILE A 3917 -12.10 15.60 -51.82
CA ILE A 3917 -13.09 16.67 -51.74
C ILE A 3917 -12.40 18.02 -51.79
N LEU A 3918 -11.32 18.17 -51.01
CA LEU A 3918 -10.58 19.42 -51.10
C LEU A 3918 -9.84 19.58 -52.43
N GLY A 3919 -9.76 18.54 -53.23
CA GLY A 3919 -9.05 18.64 -54.49
C GLY A 3919 -7.55 18.62 -54.39
N ILE A 3920 -6.99 18.28 -53.22
CA ILE A 3920 -5.55 18.21 -53.09
C ILE A 3920 -5.01 17.15 -54.03
N GLY A 3921 -4.02 17.52 -54.83
CA GLY A 3921 -3.70 16.72 -55.99
C GLY A 3921 -2.36 16.05 -56.04
N ASP A 3922 -1.34 16.64 -55.43
CA ASP A 3922 0.02 16.11 -55.47
C ASP A 3922 0.24 15.27 -54.23
N ARG A 3923 0.29 13.94 -54.40
CA ARG A 3923 0.55 13.02 -53.31
C ARG A 3923 1.63 12.04 -53.75
N HIS A 3924 2.88 12.44 -53.60
CA HIS A 3924 3.95 11.49 -53.77
C HIS A 3924 4.24 10.80 -52.45
N LEU A 3925 5.15 9.82 -52.49
CA LEU A 3925 5.29 8.92 -51.36
C LEU A 3925 5.73 9.64 -50.10
N ASN A 3926 6.65 10.58 -50.22
CA ASN A 3926 7.15 11.26 -49.03
C ASN A 3926 6.27 12.44 -48.61
N ASN A 3927 5.01 12.46 -49.04
CA ASN A 3927 4.02 13.39 -48.50
C ASN A 3927 3.05 12.71 -47.56
N PHE A 3928 3.33 11.46 -47.21
CA PHE A 3928 2.49 10.69 -46.30
C PHE A 3928 3.27 10.32 -45.05
N MET A 3929 2.92 10.95 -43.94
CA MET A 3929 3.60 10.69 -42.67
C MET A 3929 2.98 9.51 -41.92
N VAL A 3930 3.80 8.54 -41.55
CA VAL A 3930 3.32 7.37 -40.82
C VAL A 3930 3.83 7.41 -39.38
N ALA A 3931 2.91 7.27 -38.43
CA ALA A 3931 3.27 7.31 -37.02
C ALA A 3931 3.53 5.88 -36.58
N MET A 3932 4.80 5.52 -36.43
CA MET A 3932 5.17 4.14 -36.22
C MET A 3932 4.63 3.56 -34.93
N GLU A 3933 4.31 4.40 -33.95
CA GLU A 3933 3.82 3.87 -32.68
C GLU A 3933 2.42 3.30 -32.80
N THR A 3934 1.59 3.85 -33.69
CA THR A 3934 0.22 3.36 -33.87
C THR A 3934 -0.14 3.03 -35.31
N GLY A 3935 0.69 3.36 -36.29
CA GLY A 3935 0.40 3.02 -37.66
C GLY A 3935 -0.51 3.98 -38.39
N GLY A 3936 -0.93 5.07 -37.75
CA GLY A 3936 -1.77 6.03 -38.43
C GLY A 3936 -1.00 6.81 -39.48
N VAL A 3937 -1.73 7.48 -40.36
CA VAL A 3937 -1.14 8.18 -41.48
C VAL A 3937 -1.53 9.66 -41.39
N ILE A 3938 -0.58 10.53 -41.70
CA ILE A 3938 -0.78 11.97 -41.68
C ILE A 3938 -0.38 12.54 -43.03
N GLY A 3939 -1.17 13.47 -43.54
CA GLY A 3939 -0.91 14.10 -44.81
C GLY A 3939 -0.30 15.48 -44.60
N ILE A 3940 0.75 15.79 -45.35
CA ILE A 3940 1.41 17.07 -45.21
C ILE A 3940 1.73 17.73 -46.55
N ASP A 3941 2.34 18.92 -46.47
CA ASP A 3941 2.73 19.69 -47.65
C ASP A 3941 1.56 19.84 -48.63
N PHE A 3942 0.53 20.54 -48.18
CA PHE A 3942 -0.65 20.79 -49.00
C PHE A 3942 -0.38 21.97 -49.96
N GLY A 3943 0.44 21.69 -50.95
CA GLY A 3943 0.75 22.70 -51.95
C GLY A 3943 -0.39 22.98 -52.89
N HIS A 3944 -0.80 21.97 -53.66
CA HIS A 3944 -1.86 22.12 -54.64
C HIS A 3944 -3.20 21.84 -53.97
N ALA A 3945 -4.12 22.78 -54.08
CA ALA A 3945 -5.45 22.62 -53.52
C ALA A 3945 -6.49 22.99 -54.55
N PHE A 3946 -7.64 22.33 -54.48
CA PHE A 3946 -8.77 22.59 -55.38
C PHE A 3946 -8.39 22.36 -56.83
N GLY A 3947 -7.84 21.19 -57.10
CA GLY A 3947 -7.59 20.78 -58.47
C GLY A 3947 -6.52 21.55 -59.19
N SER A 3948 -5.66 22.27 -58.47
CA SER A 3948 -4.55 22.95 -59.13
C SER A 3948 -3.61 21.94 -59.77
N ALA A 3949 -3.55 20.73 -59.24
CA ALA A 3949 -2.67 19.71 -59.81
C ALA A 3949 -3.18 19.25 -61.17
N THR A 3950 -4.47 18.93 -61.27
CA THR A 3950 -5.03 18.46 -62.52
C THR A 3950 -5.04 19.55 -63.59
N GLN A 3951 -4.99 20.81 -63.20
CA GLN A 3951 -5.25 21.90 -64.11
C GLN A 3951 -4.00 22.68 -64.50
N PHE A 3952 -3.27 23.21 -63.53
CA PHE A 3952 -2.06 24.00 -63.82
C PHE A 3952 -0.80 23.16 -63.65
N LEU A 3953 -0.67 22.15 -64.49
CA LEU A 3953 0.50 21.30 -64.46
C LEU A 3953 0.71 20.69 -65.84
N PRO A 3954 1.94 20.72 -66.36
CA PRO A 3954 2.29 19.76 -67.40
C PRO A 3954 2.30 18.36 -66.78
N VAL A 3955 1.81 17.39 -67.54
CA VAL A 3955 1.64 16.02 -67.06
C VAL A 3955 0.65 16.09 -65.89
N PRO A 3956 -0.63 16.30 -66.15
CA PRO A 3956 -1.58 16.49 -65.05
C PRO A 3956 -1.76 15.23 -64.24
N GLU A 3957 -2.06 15.43 -62.95
CA GLU A 3957 -2.38 14.32 -62.06
C GLU A 3957 -3.86 14.00 -62.24
N LEU A 3958 -4.14 12.87 -62.87
CA LEU A 3958 -5.52 12.49 -63.16
C LEU A 3958 -6.15 11.65 -62.06
N MET A 3959 -5.35 10.93 -61.29
CA MET A 3959 -5.91 10.13 -60.22
C MET A 3959 -6.34 11.03 -59.06
N PRO A 3960 -7.42 10.71 -58.38
CA PRO A 3960 -7.90 11.58 -57.30
C PRO A 3960 -7.14 11.43 -56.00
N PHE A 3961 -6.72 10.21 -55.67
CA PHE A 3961 -5.94 10.01 -54.46
C PHE A 3961 -4.97 8.86 -54.68
N ARG A 3962 -4.26 8.49 -53.62
CA ARG A 3962 -3.13 7.58 -53.70
C ARG A 3962 -3.57 6.18 -53.29
N LEU A 3963 -3.80 5.31 -54.27
CA LEU A 3963 -4.03 3.88 -54.03
C LEU A 3963 -3.22 3.11 -55.06
N THR A 3964 -1.95 2.84 -54.74
CA THR A 3964 -1.11 2.05 -55.61
C THR A 3964 -1.10 0.61 -55.14
N ARG A 3965 -0.22 -0.22 -55.72
CA ARG A 3965 -0.24 -1.64 -55.41
C ARG A 3965 0.19 -1.90 -53.97
N GLN A 3966 1.12 -1.12 -53.45
CA GLN A 3966 1.56 -1.34 -52.08
C GLN A 3966 0.47 -1.07 -51.06
N PHE A 3967 -0.60 -0.37 -51.45
CA PHE A 3967 -1.68 -0.07 -50.53
C PHE A 3967 -2.79 -1.10 -50.57
N ILE A 3968 -3.00 -1.74 -51.73
CA ILE A 3968 -4.01 -2.79 -51.82
C ILE A 3968 -3.41 -4.17 -51.59
N ASN A 3969 -2.09 -4.29 -51.54
CA ASN A 3969 -1.44 -5.54 -51.15
C ASN A 3969 -1.23 -5.65 -49.66
N LEU A 3970 -1.48 -4.57 -48.91
CA LEU A 3970 -1.44 -4.67 -47.45
C LEU A 3970 -2.63 -5.45 -46.93
N MET A 3971 -3.82 -5.14 -47.42
CA MET A 3971 -5.02 -5.91 -47.11
C MET A 3971 -5.29 -6.91 -48.23
N LEU A 3972 -4.41 -7.91 -48.34
CA LEU A 3972 -4.41 -8.71 -49.56
C LEU A 3972 -5.48 -9.80 -49.61
N PRO A 3973 -5.67 -10.62 -48.57
CA PRO A 3973 -6.69 -11.68 -48.69
C PRO A 3973 -8.06 -11.12 -49.01
N MET A 3974 -8.43 -10.00 -48.40
CA MET A 3974 -9.62 -9.27 -48.80
C MET A 3974 -9.30 -8.39 -50.00
N LYS A 3975 -10.33 -8.06 -50.77
CA LYS A 3975 -10.15 -7.13 -51.88
C LYS A 3975 -10.14 -5.71 -51.34
N GLU A 3976 -10.20 -4.72 -52.23
CA GLU A 3976 -10.21 -3.33 -51.79
C GLU A 3976 -11.61 -2.84 -51.43
N THR A 3977 -12.63 -3.68 -51.58
CA THR A 3977 -14.00 -3.34 -51.22
C THR A 3977 -14.33 -3.69 -49.78
N GLY A 3978 -13.33 -3.77 -48.91
CA GLY A 3978 -13.54 -4.18 -47.54
C GLY A 3978 -13.59 -3.02 -46.59
N LEU A 3979 -12.47 -2.75 -45.92
CA LEU A 3979 -12.43 -1.66 -44.94
C LEU A 3979 -12.20 -0.30 -45.61
N MET A 3980 -11.29 -0.25 -46.59
CA MET A 3980 -11.01 1.01 -47.26
C MET A 3980 -12.21 1.56 -48.02
N TYR A 3981 -13.17 0.71 -48.36
CA TYR A 3981 -14.37 1.19 -49.02
C TYR A 3981 -15.45 1.56 -48.02
N SER A 3982 -15.64 0.73 -47.00
CA SER A 3982 -16.67 1.03 -46.02
C SER A 3982 -16.30 2.17 -45.09
N ILE A 3983 -15.05 2.64 -45.12
CA ILE A 3983 -14.73 3.86 -44.40
C ILE A 3983 -14.90 5.09 -45.29
N MET A 3984 -14.49 4.98 -46.56
CA MET A 3984 -14.69 6.10 -47.47
C MET A 3984 -16.17 6.38 -47.67
N VAL A 3985 -17.00 5.35 -47.75
CA VAL A 3985 -18.42 5.58 -47.93
C VAL A 3985 -19.01 6.31 -46.74
N HIS A 3986 -18.65 5.88 -45.53
CA HIS A 3986 -19.17 6.55 -44.33
C HIS A 3986 -18.72 8.00 -44.27
N ALA A 3987 -17.45 8.25 -44.53
CA ALA A 3987 -16.96 9.62 -44.48
C ALA A 3987 -17.63 10.49 -45.54
N LEU A 3988 -17.78 9.97 -46.75
CA LEU A 3988 -18.41 10.74 -47.80
C LEU A 3988 -19.87 11.03 -47.48
N ARG A 3989 -20.57 10.05 -46.90
CA ARG A 3989 -21.96 10.30 -46.51
C ARG A 3989 -22.03 11.36 -45.43
N ALA A 3990 -21.10 11.33 -44.47
CA ALA A 3990 -21.10 12.34 -43.43
C ALA A 3990 -20.87 13.72 -44.00
N PHE A 3991 -19.96 13.84 -44.97
CA PHE A 3991 -19.73 15.15 -45.58
C PHE A 3991 -20.94 15.61 -46.40
N ARG A 3992 -21.56 14.69 -47.13
CA ARG A 3992 -22.68 15.07 -47.98
C ARG A 3992 -23.97 15.32 -47.21
N SER A 3993 -24.06 14.85 -45.97
CA SER A 3993 -25.30 15.02 -45.21
C SER A 3993 -25.62 16.48 -45.00
N ASP A 3994 -24.67 17.24 -44.48
CA ASP A 3994 -24.80 18.69 -44.31
C ASP A 3994 -23.58 19.37 -44.91
N PRO A 3995 -23.61 19.68 -46.20
CA PRO A 3995 -22.49 20.36 -46.85
C PRO A 3995 -22.52 21.88 -46.74
N GLY A 3996 -23.55 22.46 -46.12
CA GLY A 3996 -23.61 23.90 -46.03
C GLY A 3996 -22.44 24.49 -45.27
N LEU A 3997 -22.13 23.92 -44.11
CA LEU A 3997 -21.02 24.41 -43.31
C LEU A 3997 -19.70 24.20 -44.04
N LEU A 3998 -19.49 23.01 -44.59
CA LEU A 3998 -18.24 22.72 -45.28
C LEU A 3998 -18.09 23.60 -46.52
N THR A 3999 -19.16 23.79 -47.27
CA THR A 3999 -19.07 24.62 -48.46
C THR A 3999 -18.85 26.09 -48.11
N ASN A 4000 -19.44 26.58 -47.02
CA ASN A 4000 -19.14 27.94 -46.61
C ASN A 4000 -17.68 28.10 -46.19
N THR A 4001 -17.16 27.13 -45.45
CA THR A 4001 -15.78 27.23 -45.00
C THR A 4001 -14.80 27.12 -46.16
N MET A 4002 -15.16 26.36 -47.20
CA MET A 4002 -14.33 26.30 -48.39
C MET A 4002 -14.48 27.56 -49.25
N ASP A 4003 -15.68 28.13 -49.28
CA ASP A 4003 -15.92 29.35 -50.03
C ASP A 4003 -15.10 30.51 -49.47
N VAL A 4004 -15.12 30.69 -48.15
CA VAL A 4004 -14.30 31.75 -47.55
C VAL A 4004 -12.82 31.48 -47.73
N PHE A 4005 -12.43 30.24 -48.05
CA PHE A 4005 -11.05 29.97 -48.40
C PHE A 4005 -10.74 30.47 -49.81
N VAL A 4006 -11.46 29.96 -50.81
CA VAL A 4006 -11.08 30.26 -52.19
C VAL A 4006 -11.23 31.74 -52.51
N LYS A 4007 -12.17 32.42 -51.87
CA LYS A 4007 -12.35 33.85 -52.13
C LYS A 4007 -11.30 34.71 -51.46
N GLU A 4008 -10.38 34.12 -50.70
CA GLU A 4008 -9.37 34.90 -50.02
C GLU A 4008 -8.51 35.65 -51.03
N PRO A 4009 -8.22 36.94 -50.81
CA PRO A 4009 -7.35 37.67 -51.74
C PRO A 4009 -5.90 37.24 -51.66
N SER A 4010 -5.53 36.48 -50.64
CA SER A 4010 -4.13 36.05 -50.52
C SER A 4010 -3.74 35.11 -51.66
N PHE A 4011 -4.63 34.22 -52.06
CA PHE A 4011 -4.27 33.14 -52.98
C PHE A 4011 -4.60 33.51 -54.42
N ASP A 4012 -3.96 34.57 -54.90
CA ASP A 4012 -4.06 34.94 -56.29
C ASP A 4012 -3.12 34.07 -57.12
N TRP A 4013 -3.13 34.29 -58.44
CA TRP A 4013 -2.29 33.48 -59.32
C TRP A 4013 -0.82 33.68 -59.03
N LYS A 4014 -0.41 34.92 -58.78
CA LYS A 4014 1.00 35.21 -58.56
C LYS A 4014 1.53 34.48 -57.34
N ASN A 4015 0.74 34.44 -56.26
CA ASN A 4015 1.17 33.73 -55.06
C ASN A 4015 1.38 32.25 -55.34
N PHE A 4016 0.44 31.63 -56.06
CA PHE A 4016 0.58 30.22 -56.37
C PHE A 4016 1.79 29.96 -57.25
N GLU A 4017 2.02 30.81 -58.24
CA GLU A 4017 3.16 30.60 -59.13
C GLU A 4017 4.47 30.74 -58.38
N GLN A 4018 4.61 31.79 -57.57
CA GLN A 4018 5.83 31.97 -56.81
C GLN A 4018 5.98 30.89 -55.75
N LYS A 4019 4.90 30.24 -55.35
CA LYS A 4019 5.02 29.06 -54.50
C LYS A 4019 5.56 27.87 -55.29
N MET A 4020 5.04 27.67 -56.50
CA MET A 4020 5.52 26.56 -57.32
C MET A 4020 6.98 26.71 -57.68
N LEU A 4021 7.46 27.96 -57.85
CA LEU A 4021 8.85 28.16 -58.22
C LEU A 4021 9.81 27.64 -57.16
N LYS A 4022 9.54 27.94 -55.89
CA LYS A 4022 10.36 27.43 -54.80
C LYS A 4022 9.85 26.07 -54.31
N LYS A 4023 9.70 25.15 -55.25
CA LYS A 4023 9.22 23.81 -54.95
C LYS A 4023 9.60 22.83 -56.05
N GLY A 4024 9.78 21.57 -55.68
CA GLY A 4024 10.13 20.54 -56.65
C GLY A 4024 9.10 20.51 -57.76
N GLY A 4025 7.83 20.46 -57.38
CA GLY A 4025 6.73 20.69 -58.30
C GLY A 4025 6.77 19.78 -59.52
N SER A 4026 6.50 20.35 -60.69
CA SER A 4026 6.50 19.58 -61.92
C SER A 4026 6.67 20.49 -63.14
N TRP A 4027 7.04 21.74 -62.92
CA TRP A 4027 7.22 22.68 -64.02
C TRP A 4027 8.18 23.78 -63.55
N ILE A 4028 9.47 23.57 -63.82
CA ILE A 4028 10.49 24.56 -63.53
C ILE A 4028 10.80 25.42 -64.74
N GLN A 4029 10.78 24.80 -65.94
CA GLN A 4029 11.04 25.53 -67.18
C GLN A 4029 9.96 26.55 -67.49
N GLU A 4030 8.75 26.36 -66.98
CA GLU A 4030 7.60 27.18 -67.36
C GLU A 4030 7.49 28.38 -66.43
N ILE A 4031 7.88 29.55 -66.94
CA ILE A 4031 7.66 30.82 -66.23
C ILE A 4031 6.95 31.71 -67.25
N ASN A 4032 6.13 31.10 -68.09
CA ASN A 4032 5.59 31.79 -69.26
C ASN A 4032 4.46 32.74 -68.84
N VAL A 4033 3.73 33.25 -69.84
CA VAL A 4033 2.74 34.30 -69.60
C VAL A 4033 1.73 33.87 -68.55
N ALA A 4034 1.31 34.81 -67.71
CA ALA A 4034 0.41 34.57 -66.59
C ALA A 4034 -1.05 34.80 -66.96
N GLU A 4035 -1.41 34.60 -68.21
CA GLU A 4035 -2.78 34.70 -68.68
C GLU A 4035 -3.65 33.52 -68.27
N LYS A 4036 -3.14 32.64 -67.40
CA LYS A 4036 -3.84 31.40 -67.08
C LYS A 4036 -5.19 31.70 -66.44
N ASN A 4037 -6.19 30.88 -66.79
CA ASN A 4037 -7.56 31.07 -66.34
C ASN A 4037 -7.69 30.58 -64.90
N TRP A 4038 -7.19 31.39 -63.98
CA TRP A 4038 -7.31 31.11 -62.56
C TRP A 4038 -8.61 31.75 -62.07
N TYR A 4039 -9.54 30.92 -61.61
CA TYR A 4039 -10.82 31.47 -61.22
C TYR A 4039 -11.18 31.06 -59.80
N PRO A 4040 -11.83 31.94 -59.04
CA PRO A 4040 -12.24 31.58 -57.69
C PRO A 4040 -13.69 31.10 -57.64
N ARG A 4041 -14.38 31.15 -58.78
CA ARG A 4041 -15.74 30.64 -58.86
C ARG A 4041 -15.76 29.18 -59.29
N GLN A 4042 -15.13 28.88 -60.42
CA GLN A 4042 -15.06 27.51 -60.93
C GLN A 4042 -14.10 26.65 -60.15
N LYS A 4043 -13.61 27.13 -59.01
CA LYS A 4043 -12.92 26.30 -58.05
C LYS A 4043 -13.85 25.81 -56.95
N ILE A 4044 -14.87 26.59 -56.62
CA ILE A 4044 -15.84 26.16 -55.61
C ILE A 4044 -17.07 25.51 -56.25
N CYS A 4045 -17.38 25.86 -57.50
CA CYS A 4045 -18.48 25.18 -58.18
C CYS A 4045 -18.20 23.70 -58.37
N TYR A 4046 -16.96 23.37 -58.75
CA TYR A 4046 -16.61 21.97 -58.90
C TYR A 4046 -16.67 21.22 -57.58
N ALA A 4047 -16.17 21.83 -56.51
CA ALA A 4047 -16.16 21.16 -55.21
C ALA A 4047 -17.53 21.15 -54.56
N LYS A 4048 -18.47 21.96 -55.04
CA LYS A 4048 -19.86 21.79 -54.64
C LYS A 4048 -20.53 20.70 -55.46
N ARG A 4049 -20.13 20.53 -56.72
CA ARG A 4049 -20.63 19.42 -57.51
C ARG A 4049 -20.17 18.09 -56.93
N LYS A 4050 -18.93 18.02 -56.45
CA LYS A 4050 -18.45 16.79 -55.83
C LYS A 4050 -19.30 16.39 -54.64
N LEU A 4051 -19.88 17.36 -53.95
CA LEU A 4051 -20.73 17.10 -52.79
C LEU A 4051 -22.21 17.01 -53.14
N ALA A 4052 -22.54 16.99 -54.42
CA ALA A 4052 -23.92 16.82 -54.84
C ALA A 4052 -24.15 15.53 -55.61
N GLY A 4053 -23.10 14.79 -55.94
CA GLY A 4053 -23.26 13.54 -56.65
C GLY A 4053 -22.67 13.54 -58.04
N ALA A 4054 -21.57 14.27 -58.23
CA ALA A 4054 -20.94 14.34 -59.54
C ALA A 4054 -19.99 13.16 -59.74
N ASN A 4055 -20.03 12.61 -60.94
CA ASN A 4055 -19.12 11.53 -61.30
C ASN A 4055 -17.69 12.05 -61.31
N PRO A 4056 -16.78 11.45 -60.55
CA PRO A 4056 -15.41 11.99 -60.50
C PRO A 4056 -14.74 12.07 -61.87
N ALA A 4057 -15.01 11.12 -62.76
CA ALA A 4057 -14.45 11.19 -64.10
C ALA A 4057 -15.01 12.36 -64.90
N VAL A 4058 -16.08 12.99 -64.44
CA VAL A 4058 -16.56 14.21 -65.08
C VAL A 4058 -15.86 15.44 -64.52
N ILE A 4059 -15.65 15.48 -63.21
CA ILE A 4059 -14.94 16.61 -62.61
C ILE A 4059 -13.51 16.65 -63.12
N THR A 4060 -12.84 15.50 -63.16
CA THR A 4060 -11.44 15.49 -63.57
C THR A 4060 -11.28 15.59 -65.07
N CYS A 4061 -12.36 15.59 -65.84
CA CYS A 4061 -12.32 15.93 -67.25
C CYS A 4061 -12.65 17.39 -67.49
N ASP A 4062 -13.60 17.95 -66.74
CA ASP A 4062 -13.87 19.37 -66.83
C ASP A 4062 -12.69 20.21 -66.36
N GLU A 4063 -11.96 19.75 -65.34
CA GLU A 4063 -10.75 20.48 -64.95
C GLU A 4063 -9.71 20.46 -66.07
N LEU A 4064 -9.52 19.32 -66.72
CA LEU A 4064 -8.59 19.27 -67.85
C LEU A 4064 -9.04 20.20 -68.97
N LEU A 4065 -10.34 20.22 -69.25
CA LEU A 4065 -10.87 21.15 -70.24
C LEU A 4065 -10.59 22.59 -69.86
N LEU A 4066 -10.65 22.90 -68.56
CA LEU A 4066 -10.40 24.25 -68.09
C LEU A 4066 -8.92 24.61 -68.15
N GLY A 4067 -8.03 23.63 -68.01
CA GLY A 4067 -6.62 23.93 -67.93
C GLY A 4067 -5.81 23.69 -69.18
N HIS A 4068 -5.99 22.53 -69.82
CA HIS A 4068 -5.22 22.14 -70.99
C HIS A 4068 -6.07 22.14 -72.26
N GLU A 4069 -6.93 23.15 -72.41
CA GLU A 4069 -7.82 23.18 -73.56
C GLU A 4069 -7.04 23.26 -74.87
N LYS A 4070 -5.97 24.04 -74.88
CA LYS A 4070 -5.20 24.27 -76.10
C LYS A 4070 -4.05 23.29 -76.28
N ALA A 4071 -3.85 22.38 -75.33
CA ALA A 4071 -2.79 21.40 -75.48
C ALA A 4071 -3.10 20.44 -76.64
N PRO A 4072 -2.06 19.92 -77.30
CA PRO A 4072 -2.32 19.03 -78.45
C PRO A 4072 -2.76 17.64 -78.04
N ALA A 4073 -2.54 17.22 -76.80
CA ALA A 4073 -2.94 15.92 -76.33
C ALA A 4073 -4.16 15.97 -75.42
N PHE A 4074 -4.93 17.07 -75.49
CA PHE A 4074 -6.09 17.22 -74.61
C PHE A 4074 -7.14 16.16 -74.88
N ARG A 4075 -7.37 15.83 -76.15
CA ARG A 4075 -8.37 14.82 -76.48
C ARG A 4075 -8.03 13.50 -75.83
N ASP A 4076 -6.76 13.10 -75.85
CA ASP A 4076 -6.35 11.87 -75.22
C ASP A 4076 -6.13 12.02 -73.72
N TYR A 4077 -6.16 13.25 -73.20
CA TYR A 4077 -6.34 13.43 -71.76
C TYR A 4077 -7.76 13.07 -71.35
N VAL A 4078 -8.74 13.57 -72.10
CA VAL A 4078 -10.14 13.28 -71.78
C VAL A 4078 -10.42 11.80 -71.98
N ALA A 4079 -9.97 11.23 -73.09
CA ALA A 4079 -10.25 9.83 -73.37
C ALA A 4079 -9.62 8.90 -72.35
N VAL A 4080 -8.64 9.37 -71.59
CA VAL A 4080 -8.00 8.56 -70.57
C VAL A 4080 -8.64 8.78 -69.20
N ALA A 4081 -8.88 10.03 -68.83
CA ALA A 4081 -9.53 10.30 -67.56
C ALA A 4081 -10.94 9.72 -67.51
N ARG A 4082 -11.70 9.88 -68.60
CA ARG A 4082 -13.05 9.36 -68.64
C ARG A 4082 -13.07 7.84 -68.53
N GLY A 4083 -12.15 7.17 -69.21
CA GLY A 4083 -12.06 5.72 -69.15
C GLY A 4083 -12.88 5.05 -70.23
N SER A 4084 -12.64 3.75 -70.38
CA SER A 4084 -13.31 2.95 -71.38
C SER A 4084 -14.65 2.45 -70.86
N LYS A 4085 -15.54 2.13 -71.80
CA LYS A 4085 -16.88 1.70 -71.42
C LYS A 4085 -16.90 0.26 -70.93
N ASP A 4086 -16.02 -0.58 -71.46
CA ASP A 4086 -16.07 -2.00 -71.18
C ASP A 4086 -15.22 -2.44 -70.01
N HIS A 4087 -14.29 -1.60 -69.55
CA HIS A 4087 -13.34 -1.99 -68.53
C HIS A 4087 -13.53 -1.21 -67.23
N ASN A 4088 -13.45 0.11 -67.27
CA ASN A 4088 -13.50 0.91 -66.07
C ASN A 4088 -14.94 1.24 -65.71
N ILE A 4089 -15.30 1.06 -64.44
CA ILE A 4089 -16.63 1.49 -64.03
C ILE A 4089 -16.53 2.94 -63.61
N ARG A 4090 -16.45 3.82 -64.60
CA ARG A 4090 -16.85 5.21 -64.43
C ARG A 4090 -17.51 5.75 -65.69
N ALA A 4091 -17.41 5.05 -66.81
CA ALA A 4091 -18.17 5.38 -68.01
C ALA A 4091 -19.52 4.70 -68.05
N GLN A 4092 -19.78 3.75 -67.14
CA GLN A 4092 -21.07 3.08 -67.05
C GLN A 4092 -21.96 3.71 -66.00
N GLU A 4093 -21.79 4.99 -65.75
CA GLU A 4093 -22.52 5.72 -64.71
C GLU A 4093 -23.08 7.00 -65.28
N PRO A 4094 -24.13 7.54 -64.67
CA PRO A 4094 -24.67 8.83 -65.12
C PRO A 4094 -23.65 9.94 -64.94
N GLU A 4095 -23.92 11.07 -65.60
CA GLU A 4095 -23.02 12.21 -65.48
C GLU A 4095 -22.97 12.74 -64.06
N SER A 4096 -24.11 12.78 -63.38
CA SER A 4096 -24.19 13.31 -62.03
C SER A 4096 -25.32 12.61 -61.30
N GLY A 4097 -25.64 13.10 -60.11
CA GLY A 4097 -26.71 12.54 -59.31
C GLY A 4097 -26.43 11.13 -58.82
N LEU A 4098 -25.19 10.85 -58.43
CA LEU A 4098 -24.85 9.52 -57.95
C LEU A 4098 -25.18 9.39 -56.46
N SER A 4099 -25.07 8.16 -55.97
CA SER A 4099 -25.22 7.88 -54.55
C SER A 4099 -23.84 7.78 -53.90
N GLU A 4100 -23.83 7.73 -52.57
CA GLU A 4100 -22.58 7.73 -51.85
C GLU A 4100 -21.75 6.48 -52.07
N GLU A 4101 -22.35 5.39 -52.57
CA GLU A 4101 -21.60 4.17 -52.84
C GLU A 4101 -21.03 4.14 -54.24
N THR A 4102 -21.82 4.52 -55.24
CA THR A 4102 -21.31 4.54 -56.60
C THR A 4102 -20.23 5.60 -56.77
N GLN A 4103 -20.32 6.69 -56.02
CA GLN A 4103 -19.32 7.74 -56.08
C GLN A 4103 -18.00 7.31 -55.46
N VAL A 4104 -17.96 6.18 -54.75
CA VAL A 4104 -16.71 5.68 -54.20
C VAL A 4104 -16.23 4.52 -55.07
N LYS A 4105 -17.18 3.78 -55.65
CA LYS A 4105 -16.78 2.79 -56.64
C LYS A 4105 -16.07 3.45 -57.81
N CYS A 4106 -16.61 4.57 -58.30
CA CYS A 4106 -15.95 5.30 -59.37
C CYS A 4106 -14.60 5.83 -58.92
N LEU A 4107 -14.51 6.30 -57.67
CA LEU A 4107 -13.24 6.81 -57.17
C LEU A 4107 -12.16 5.73 -57.20
N MET A 4108 -12.45 4.57 -56.61
CA MET A 4108 -11.42 3.54 -56.57
C MET A 4108 -11.19 2.89 -57.92
N ASP A 4109 -12.13 2.99 -58.85
CA ASP A 4109 -11.80 2.52 -60.19
C ASP A 4109 -10.92 3.52 -60.91
N GLN A 4110 -11.08 4.81 -60.63
CA GLN A 4110 -10.22 5.82 -61.22
C GLN A 4110 -8.85 5.86 -60.56
N ALA A 4111 -8.80 5.67 -59.24
CA ALA A 4111 -7.55 5.82 -58.52
C ALA A 4111 -6.60 4.66 -58.74
N THR A 4112 -7.09 3.50 -59.20
CA THR A 4112 -6.24 2.34 -59.42
C THR A 4112 -6.30 1.85 -60.86
N ASP A 4113 -6.71 2.69 -61.79
CA ASP A 4113 -6.78 2.28 -63.17
C ASP A 4113 -5.36 2.19 -63.74
N PRO A 4114 -4.92 1.02 -64.20
CA PRO A 4114 -3.56 0.94 -64.77
C PRO A 4114 -3.36 1.84 -65.97
N ASN A 4115 -4.42 2.10 -66.74
CA ASN A 4115 -4.28 3.00 -67.87
C ASN A 4115 -3.89 4.40 -67.44
N ILE A 4116 -4.23 4.79 -66.22
CA ILE A 4116 -3.84 6.08 -65.68
C ILE A 4116 -2.46 6.02 -65.04
N LEU A 4117 -2.26 5.06 -64.13
CA LEU A 4117 -0.98 4.97 -63.43
C LEU A 4117 0.17 4.69 -64.36
N GLY A 4118 -0.09 4.13 -65.54
CA GLY A 4118 0.99 3.87 -66.47
C GLY A 4118 1.52 5.08 -67.18
N ARG A 4119 0.83 6.21 -67.08
CA ARG A 4119 1.23 7.45 -67.72
C ARG A 4119 1.16 8.61 -66.73
N THR A 4120 1.67 8.38 -65.53
CA THR A 4120 1.71 9.36 -64.47
C THR A 4120 3.12 9.96 -64.38
N TRP A 4121 3.19 11.14 -63.78
CA TRP A 4121 4.48 11.81 -63.62
C TRP A 4121 5.45 10.89 -62.89
N GLU A 4122 6.70 10.87 -63.37
CA GLU A 4122 7.70 9.95 -62.85
C GLU A 4122 7.93 10.15 -61.36
N GLY A 4123 8.01 11.41 -60.93
CA GLY A 4123 8.27 11.70 -59.52
C GLY A 4123 7.14 11.28 -58.59
N TRP A 4124 5.95 11.10 -59.13
CA TRP A 4124 4.83 10.61 -58.32
C TRP A 4124 5.02 9.16 -57.90
N GLU A 4125 5.91 8.42 -58.56
CA GLU A 4125 6.19 7.02 -58.28
C GLU A 4125 4.92 6.18 -58.28
N PRO A 4126 4.31 5.94 -59.44
CA PRO A 4126 3.05 5.18 -59.46
C PRO A 4126 3.22 3.69 -59.24
N TRP A 4127 4.40 3.12 -59.47
CA TRP A 4127 4.54 1.67 -59.34
C TRP A 4127 4.39 1.24 -57.88
N MET A 4128 5.28 1.71 -57.02
CA MET A 4128 5.26 1.32 -55.61
C MET A 4128 4.38 2.26 -54.83
N UNK A 4129 16.58 9.82 28.11
CA UNK A 4129 16.49 8.54 27.42
C UNK A 4129 15.24 8.45 26.57
N UNK A 4130 14.10 8.81 27.16
CA UNK A 4130 12.82 8.78 26.46
C UNK A 4130 11.90 9.82 27.10
N UNK A 4131 11.35 10.70 26.28
CA UNK A 4131 10.52 11.77 26.81
C UNK A 4131 9.26 11.25 27.49
N UNK A 4132 8.87 10.00 27.23
CA UNK A 4132 7.77 9.38 27.96
C UNK A 4132 8.25 8.57 29.16
N UNK A 4133 9.53 8.22 29.22
CA UNK A 4133 10.08 7.59 30.41
C UNK A 4133 10.58 8.61 31.42
N UNK A 4134 10.63 9.88 31.07
CA UNK A 4134 10.96 10.92 32.03
C UNK A 4134 9.70 11.51 32.63
N UNK A 4135 8.61 11.56 31.87
CA UNK A 4135 7.35 12.02 32.43
C UNK A 4135 6.84 11.05 33.49
N UNK A 4136 7.25 9.79 33.42
CA UNK A 4136 6.94 8.87 34.51
C UNK A 4136 7.80 9.14 35.72
N UNK A 4137 9.08 9.45 35.52
CA UNK A 4137 9.97 9.72 36.63
C UNK A 4137 9.71 11.07 37.27
N UNK A 4138 8.96 11.95 36.60
CA UNK A 4138 8.55 13.20 37.24
C UNK A 4138 7.25 13.06 38.01
N UNK A 4139 6.52 11.96 37.80
CA UNK A 4139 5.36 11.69 38.64
C UNK A 4139 5.76 10.92 39.89
N UNK A 4140 6.76 10.04 39.77
CA UNK A 4140 7.24 9.33 40.94
C UNK A 4140 8.01 10.23 41.90
N UNK A 4141 8.40 11.43 41.45
CA UNK A 4141 8.98 12.41 42.36
C UNK A 4141 7.93 13.40 42.87
N UNK A 4142 6.80 13.51 42.17
CA UNK A 4142 5.71 14.34 42.68
C UNK A 4142 5.01 13.65 43.85
N UNK A 4143 4.62 12.40 43.65
CA UNK A 4143 3.94 11.64 44.70
C UNK A 4143 4.91 10.97 45.66
N UNK A 4144 6.18 10.87 45.29
CA UNK A 4144 7.22 10.27 46.13
C UNK A 4144 6.86 8.84 46.54
N UNK A 4145 6.24 8.09 45.64
CA UNK A 4145 5.93 6.67 45.85
C UNK A 4145 6.28 5.94 44.56
N UNK A 4146 7.53 5.49 44.46
CA UNK A 4146 7.99 4.82 43.25
C UNK A 4146 7.12 3.60 42.96
N UNK A 4147 6.75 3.44 41.70
CA UNK A 4147 5.86 2.36 41.28
C UNK A 4147 6.45 1.63 40.09
N UNK A 4148 6.29 0.31 40.08
CA UNK A 4148 6.79 -0.51 38.99
C UNK A 4148 5.96 -1.79 38.85
#